data_5I08
#
_entry.id   5I08
#
_cell.length_a   1.000
_cell.length_b   1.000
_cell.length_c   1.000
_cell.angle_alpha   90.00
_cell.angle_beta   90.00
_cell.angle_gamma   90.00
#
_symmetry.space_group_name_H-M   'P 1'
#
_entity_poly.entity_id   1
_entity_poly.type   'polypeptide(L)'
_entity_poly.pdbx_seq_one_letter_code
;VIGDFNCTNSFINDYNKTIPRISEDVVDVSLGLGTYYVLNRVYLNTTLLFTGYFPKSGANFRDLALKGSIYLSTLWYKPP
FLSDFNNGIFSKVKNTKLYVNNTLYSEFSTIVIGSVFVNTSYTIVVQPHNGILEITACQYTMCEYPHTVCKSKGSIRNES
WHIDSSEPLCLFKKNFTYNVSADWLYFHFYQERGVFYAYYADVGMPTTFLFSLYLGTILSHYYVMPLTCNAISSNTDNET
LEYWVTPLSRRQYLLNFDEHGVITNAVDCSSSFLSEIQCKTQSFAPNTGVYDLSGFTVKPVATVYRRIPNLPDCDIDNWL
NNVSVPSPLNWERRIFSNCNFNLSTLLRLVHVDSFSCNNLDKSKIFGSCFNSITVDKFAIPNRRRDDLQLGSSGFLQSSN
YKIDISSSSCQLYYSLPLVNVTINNFNPSSWNRRYGFGSFNLSSYDVVYSDHCFSVNSDFCPCADPSVVNSCAKSKPPSA
ICPAGTKYRHCDLDTTLYVKNWCRCSCLPDPISTYSPNTCPQKKVVVGIGEHCPGLGINEEKCGTQLNHSSCFCSPDAFL
GWSFDSCISNNRCNIFSNFIFNGINSGTTCSNDLLYSNTEISTGVCVNYDLYGITGQGIFKEVSAAYYNNWQNLLYDSNG
NIIGFKDFLTNKTYTILPCYSGRVSAAFYQNSSSPALLYRNLKCSYVLNNISFISQPFYFDSYLGCVLNAVNLTSYSVSS
CDLRMGSGFCIDYALPSSGGSGSGISSPYRFVTFEPFNVSFVNDSVETVGGLFEIQIPTNFTIAGHEEFIQTSSPKVTID
CSAFVCSNYAACHDLLSEYGTFCDNINSILNEVNDLLDITQLQVANALMQGVTLSSNLNTNLHSDVDNIDFKSLLGCLGS
QCGSSSRSLLEDLLFNKVKLSDVGFVEAYNNCTGGSEIRDLLCVQSFNGIKVLPPILSETQISGYTTAATVAAMFPPWSA
AAGVPFSLNVQYRINGLGVTMDVLNKNQKLIANAFNKALLSIQNGFTATNSALAKIQSVVNANAQALNSLLQQLFNKFGA
ISSSLQEILSRLDNLEAQVQIDRLINGRLTALNAYVSQQLSDITLIKAGASRAIEKVNECVKSQSPRINFCGNGNHILSL
VQNAPYGLLFIHFSYKPTSFKTVLVSPGLCLSGDRGIAPKQGYFIKQNDSWMFTGSSYYYPEPISDKNVVFMNSCSVNFT
KAPFIYLNNSIPNLSDFEAELSLWFKNHTSIAPNLTFNSHINATFLDLYYEMNVIQESIKSLNGSGYIPEAPRDGQAYVR
KDGEWVLLSTFLGLEVLFQ
;
_entity_poly.pdbx_strand_id   A,B,C
#
# COMPACT_ATOMS: atom_id res chain seq x y z
N ILE A 2 -25.54 -47.45 14.50
CA ILE A 2 -25.16 -46.70 13.31
C ILE A 2 -26.43 -46.18 12.64
N GLY A 3 -26.89 -46.84 11.57
CA GLY A 3 -28.09 -46.40 10.86
C GLY A 3 -29.33 -46.62 11.71
N ASP A 4 -30.39 -45.88 11.44
CA ASP A 4 -31.56 -46.09 12.27
C ASP A 4 -32.47 -47.21 11.79
N PHE A 5 -32.07 -48.46 12.03
CA PHE A 5 -32.96 -49.57 11.75
C PHE A 5 -32.55 -50.76 12.63
N ASN A 6 -33.47 -51.64 13.02
CA ASN A 6 -33.02 -52.75 13.85
C ASN A 6 -32.28 -53.82 13.06
N CYS A 7 -32.89 -54.23 11.96
CA CYS A 7 -32.39 -55.22 11.00
C CYS A 7 -32.00 -56.55 11.62
N THR A 8 -32.56 -56.90 12.77
CA THR A 8 -32.18 -58.17 13.35
C THR A 8 -33.29 -58.93 14.00
N ASN A 9 -33.06 -60.22 14.14
CA ASN A 9 -33.91 -61.04 14.98
C ASN A 9 -33.07 -61.89 15.93
N SER A 10 -31.76 -62.00 15.66
CA SER A 10 -30.89 -62.85 16.46
C SER A 10 -29.41 -62.45 16.46
N PHE A 11 -28.68 -63.06 17.40
CA PHE A 11 -27.23 -62.99 17.57
C PHE A 11 -26.60 -61.63 17.84
N ILE A 12 -27.35 -60.74 18.46
CA ILE A 12 -26.78 -59.50 18.94
C ILE A 12 -26.36 -59.72 20.38
N ASN A 13 -25.17 -59.30 20.80
CA ASN A 13 -24.84 -59.61 22.19
C ASN A 13 -24.05 -58.53 22.93
N ASP A 14 -23.77 -58.86 24.19
CA ASP A 14 -23.07 -58.01 25.14
C ASP A 14 -21.54 -58.16 25.14
N TYR A 15 -20.95 -58.84 24.14
CA TYR A 15 -19.51 -59.06 24.17
C TYR A 15 -18.76 -57.74 24.28
N ASN A 16 -17.70 -57.74 25.08
CA ASN A 16 -17.03 -56.51 25.39
C ASN A 16 -15.52 -56.59 25.61
N LYS A 17 -14.96 -55.41 25.88
CA LYS A 17 -13.55 -55.20 26.23
C LYS A 17 -12.54 -55.52 25.14
N THR A 18 -12.89 -55.24 23.90
CA THR A 18 -11.95 -55.42 22.80
C THR A 18 -11.67 -54.10 22.12
N ILE A 19 -11.06 -53.18 22.86
CA ILE A 19 -10.69 -51.88 22.36
C ILE A 19 -9.64 -52.08 21.28
N PRO A 20 -9.71 -51.37 20.16
CA PRO A 20 -8.81 -51.53 19.04
C PRO A 20 -7.38 -51.25 19.44
N ARG A 21 -6.48 -52.00 18.82
CA ARG A 21 -5.06 -51.90 19.07
C ARG A 21 -4.45 -50.64 18.55
N ILE A 22 -3.44 -50.14 19.23
CA ILE A 22 -2.66 -49.10 18.61
C ILE A 22 -1.54 -49.81 17.89
N SER A 23 -1.49 -49.67 16.58
CA SER A 23 -0.43 -50.34 15.85
C SER A 23 0.91 -49.72 16.19
N GLU A 24 1.95 -50.53 16.19
CA GLU A 24 3.27 -49.98 16.45
C GLU A 24 3.86 -49.60 15.13
N ASP A 25 3.39 -48.48 14.61
CA ASP A 25 3.82 -48.01 13.31
C ASP A 25 3.76 -46.50 13.24
N VAL A 26 4.88 -45.87 13.53
CA VAL A 26 4.99 -44.43 13.41
C VAL A 26 4.93 -44.11 11.93
N VAL A 27 4.29 -43.02 11.54
CA VAL A 27 4.29 -42.80 10.11
C VAL A 27 5.65 -42.32 9.63
N ASP A 28 6.18 -43.03 8.64
CA ASP A 28 7.43 -42.65 8.00
C ASP A 28 7.18 -41.86 6.76
N VAL A 29 6.97 -40.57 6.92
CA VAL A 29 6.65 -39.71 5.81
C VAL A 29 7.72 -39.64 4.72
N SER A 30 8.97 -40.00 5.03
CA SER A 30 10.03 -39.81 4.03
C SER A 30 9.81 -40.54 2.73
N LEU A 31 9.10 -41.65 2.75
CA LEU A 31 8.88 -42.41 1.53
C LEU A 31 7.44 -42.84 1.34
N GLY A 32 6.62 -42.00 0.74
CA GLY A 32 5.25 -42.43 0.54
C GLY A 32 4.53 -42.40 1.85
N LEU A 33 3.52 -43.24 2.00
CA LEU A 33 2.83 -43.36 3.28
C LEU A 33 2.14 -42.07 3.67
N GLY A 34 1.15 -41.71 2.89
CA GLY A 34 0.42 -40.49 3.08
C GLY A 34 0.94 -39.33 2.26
N THR A 35 2.04 -39.52 1.52
CA THR A 35 2.42 -38.44 0.61
C THR A 35 1.36 -38.40 -0.47
N TYR A 36 1.23 -37.24 -1.05
CA TYR A 36 0.11 -36.95 -1.91
C TYR A 36 0.43 -36.51 -3.34
N TYR A 37 0.08 -37.31 -4.36
CA TYR A 37 0.18 -36.74 -5.71
C TYR A 37 -0.84 -35.64 -5.85
N VAL A 38 -0.52 -34.59 -6.57
CA VAL A 38 -1.52 -33.55 -6.71
C VAL A 38 -2.31 -33.66 -7.99
N LEU A 39 -3.59 -33.98 -7.83
CA LEU A 39 -4.57 -34.02 -8.90
C LEU A 39 -4.05 -34.73 -10.14
N ASN A 40 -4.22 -34.08 -11.28
CA ASN A 40 -3.78 -34.52 -12.59
C ASN A 40 -2.51 -33.80 -13.04
N ARG A 41 -1.80 -33.20 -12.11
CA ARG A 41 -0.68 -32.35 -12.46
C ARG A 41 0.67 -33.02 -12.21
N VAL A 42 1.69 -32.76 -13.04
CA VAL A 42 3.00 -33.37 -12.77
C VAL A 42 4.10 -32.36 -12.76
N TYR A 43 5.21 -32.76 -12.16
CA TYR A 43 6.41 -31.95 -12.12
C TYR A 43 7.58 -32.84 -12.46
N LEU A 44 8.62 -32.29 -13.07
CA LEU A 44 9.77 -33.14 -13.37
C LEU A 44 11.07 -32.57 -12.82
N ASN A 45 11.88 -33.42 -12.20
CA ASN A 45 13.22 -33.06 -11.75
C ASN A 45 13.21 -31.83 -10.87
N THR A 46 12.30 -31.77 -9.92
CA THR A 46 12.17 -30.57 -9.14
C THR A 46 11.93 -30.81 -7.68
N THR A 47 12.05 -29.75 -6.90
CA THR A 47 11.64 -29.89 -5.52
C THR A 47 10.47 -28.92 -5.34
N LEU A 48 9.49 -29.36 -4.57
CA LEU A 48 8.24 -28.64 -4.39
C LEU A 48 7.75 -28.56 -2.97
N LEU A 49 7.24 -27.42 -2.53
CA LEU A 49 6.57 -27.51 -1.25
C LEU A 49 5.20 -26.95 -1.35
N PHE A 50 4.27 -27.56 -0.62
CA PHE A 50 2.93 -27.03 -0.62
C PHE A 50 2.17 -27.38 0.64
N THR A 51 1.09 -26.65 0.89
CA THR A 51 0.19 -26.95 1.98
C THR A 51 -0.86 -27.97 1.54
N GLY A 52 -1.14 -28.96 2.36
CA GLY A 52 -2.16 -29.93 1.99
C GLY A 52 -2.42 -30.90 3.10
N TYR A 53 -3.31 -31.85 2.90
CA TYR A 53 -3.62 -32.73 4.01
C TYR A 53 -2.69 -33.91 4.10
N PHE A 54 -2.07 -34.03 5.25
CA PHE A 54 -1.13 -35.10 5.51
C PHE A 54 -1.20 -35.57 6.95
N PRO A 55 -0.79 -36.79 7.21
CA PRO A 55 -0.61 -37.34 8.53
C PRO A 55 0.53 -36.60 9.19
N LYS A 56 0.49 -36.47 10.51
CA LYS A 56 1.63 -35.89 11.20
C LYS A 56 2.78 -36.87 11.13
N SER A 57 4.01 -36.40 10.94
CA SER A 57 5.07 -37.38 10.96
C SER A 57 5.18 -37.99 12.34
N GLY A 58 5.44 -39.29 12.37
CA GLY A 58 5.62 -40.02 13.61
C GLY A 58 4.30 -40.39 14.28
N ALA A 59 3.17 -40.11 13.62
CA ALA A 59 1.86 -40.48 14.14
C ALA A 59 1.74 -41.98 14.27
N ASN A 60 0.97 -42.47 15.24
CA ASN A 60 0.82 -43.91 15.35
C ASN A 60 -0.51 -44.37 14.77
N PHE A 61 -0.45 -45.36 13.91
CA PHE A 61 -1.66 -45.95 13.35
C PHE A 61 -2.54 -46.63 14.36
N ARG A 62 -3.85 -46.55 14.13
CA ARG A 62 -4.79 -47.23 14.98
C ARG A 62 -5.48 -48.36 14.23
N ASP A 63 -5.51 -49.54 14.83
CA ASP A 63 -6.09 -50.69 14.16
C ASP A 63 -7.58 -50.81 14.31
N LEU A 64 -8.31 -50.05 13.51
CA LEU A 64 -9.77 -50.08 13.57
C LEU A 64 -10.45 -51.34 13.05
N ALA A 65 -9.72 -52.25 12.40
CA ALA A 65 -10.40 -53.42 11.86
C ALA A 65 -11.22 -54.18 12.89
N LEU A 66 -12.37 -54.67 12.43
CA LEU A 66 -13.28 -55.42 13.27
C LEU A 66 -13.78 -56.70 12.59
N LYS A 67 -13.78 -57.80 13.33
CA LYS A 67 -14.23 -59.08 12.82
C LYS A 67 -15.02 -59.87 13.84
N GLY A 68 -15.82 -60.81 13.36
CA GLY A 68 -16.52 -61.72 14.26
C GLY A 68 -17.26 -62.78 13.47
N SER A 69 -17.91 -63.72 14.16
CA SER A 69 -18.59 -64.77 13.42
C SER A 69 -20.08 -64.93 13.73
N ILE A 70 -20.37 -65.67 14.79
CA ILE A 70 -21.74 -65.95 15.18
C ILE A 70 -22.55 -64.74 15.61
N TYR A 71 -21.87 -63.76 16.21
CA TYR A 71 -22.59 -62.64 16.82
C TYR A 71 -22.01 -61.29 16.48
N LEU A 72 -22.83 -60.27 16.68
CA LEU A 72 -22.36 -58.90 16.59
C LEU A 72 -22.63 -58.25 17.93
N SER A 73 -21.59 -57.80 18.61
CA SER A 73 -21.83 -57.09 19.85
C SER A 73 -22.42 -55.74 19.58
N THR A 74 -23.29 -55.28 20.48
CA THR A 74 -23.82 -53.93 20.31
C THR A 74 -22.73 -52.90 20.51
N LEU A 75 -21.68 -53.29 21.24
CA LEU A 75 -20.61 -52.38 21.53
C LEU A 75 -19.75 -52.10 20.34
N TRP A 76 -19.84 -52.95 19.33
CA TRP A 76 -19.08 -52.74 18.13
C TRP A 76 -19.48 -51.48 17.39
N TYR A 77 -20.66 -50.95 17.68
CA TYR A 77 -21.12 -49.77 16.99
C TYR A 77 -20.95 -48.52 17.85
N LYS A 78 -20.29 -48.69 19.00
CA LYS A 78 -19.95 -47.62 19.93
C LYS A 78 -18.76 -46.82 19.45
N PRO A 79 -18.60 -45.58 19.95
CA PRO A 79 -17.55 -44.62 19.63
C PRO A 79 -16.10 -45.10 19.76
N PRO A 80 -15.73 -46.11 20.53
CA PRO A 80 -14.42 -46.72 20.41
C PRO A 80 -14.20 -47.29 19.01
N PHE A 81 -15.28 -47.74 18.35
CA PHE A 81 -15.18 -48.26 16.99
C PHE A 81 -15.77 -47.32 15.94
N LEU A 82 -16.33 -46.22 16.40
CA LEU A 82 -16.93 -45.21 15.53
C LEU A 82 -16.30 -43.89 15.80
N SER A 83 -15.85 -43.17 14.80
CA SER A 83 -15.19 -41.95 15.22
C SER A 83 -15.34 -40.78 14.33
N ASP A 84 -15.02 -39.66 14.93
CA ASP A 84 -15.13 -38.37 14.31
C ASP A 84 -14.21 -38.21 13.12
N PHE A 85 -14.76 -37.66 12.07
CA PHE A 85 -14.00 -37.31 10.90
C PHE A 85 -13.73 -35.84 11.04
N ASN A 86 -12.47 -35.46 11.15
CA ASN A 86 -12.24 -34.03 11.37
C ASN A 86 -11.81 -33.32 10.11
N ASN A 87 -10.56 -33.51 9.73
CA ASN A 87 -10.09 -32.90 8.51
C ASN A 87 -10.16 -33.94 7.44
N GLY A 88 -9.61 -35.08 7.80
CA GLY A 88 -9.62 -36.23 6.95
C GLY A 88 -8.90 -37.37 7.65
N ILE A 89 -8.84 -38.50 6.98
CA ILE A 89 -8.12 -39.64 7.48
C ILE A 89 -7.20 -40.24 6.44
N PHE A 90 -6.14 -40.86 6.90
CA PHE A 90 -5.27 -41.61 6.03
C PHE A 90 -5.42 -43.04 6.40
N SER A 91 -5.50 -43.92 5.42
CA SER A 91 -5.66 -45.30 5.77
C SER A 91 -4.67 -46.20 5.10
N LYS A 92 -4.35 -47.26 5.83
CA LYS A 92 -3.48 -48.31 5.38
C LYS A 92 -4.25 -49.60 5.56
N VAL A 93 -4.35 -50.41 4.52
CA VAL A 93 -5.18 -51.60 4.65
C VAL A 93 -4.47 -52.83 4.21
N LYS A 94 -4.60 -53.89 4.98
CA LYS A 94 -3.95 -55.10 4.53
C LYS A 94 -4.84 -55.84 3.57
N ASN A 95 -4.31 -56.09 2.41
CA ASN A 95 -4.95 -56.89 1.38
C ASN A 95 -4.90 -58.34 1.80
N THR A 96 -5.84 -59.14 1.35
CA THR A 96 -5.77 -60.54 1.68
C THR A 96 -5.86 -61.31 0.39
N LYS A 97 -5.45 -62.55 0.43
CA LYS A 97 -5.47 -63.40 -0.76
C LYS A 97 -6.01 -64.75 -0.37
N LEU A 98 -7.30 -64.82 -0.10
CA LEU A 98 -7.84 -66.08 0.32
C LEU A 98 -7.73 -67.06 -0.84
N TYR A 99 -7.41 -68.32 -0.56
CA TYR A 99 -7.24 -69.27 -1.64
C TYR A 99 -8.25 -70.39 -1.58
N VAL A 100 -9.50 -70.09 -1.90
CA VAL A 100 -10.54 -71.11 -1.91
C VAL A 100 -10.69 -71.78 -3.27
N ASN A 101 -10.54 -73.09 -3.32
CA ASN A 101 -10.76 -73.83 -4.57
C ASN A 101 -9.93 -73.31 -5.73
N ASN A 102 -8.63 -73.12 -5.52
CA ASN A 102 -7.68 -72.66 -6.55
C ASN A 102 -7.70 -71.14 -6.75
N THR A 103 -8.87 -70.60 -7.09
CA THR A 103 -9.04 -69.18 -7.30
C THR A 103 -8.78 -68.39 -6.03
N LEU A 104 -8.38 -67.14 -6.19
CA LEU A 104 -8.09 -66.35 -5.02
C LEU A 104 -8.96 -65.13 -4.91
N TYR A 105 -9.24 -64.76 -3.67
CA TYR A 105 -10.05 -63.61 -3.38
C TYR A 105 -9.28 -62.50 -2.73
N SER A 106 -9.23 -61.36 -3.41
CA SER A 106 -8.65 -60.18 -2.80
C SER A 106 -9.77 -59.40 -2.19
N GLU A 107 -9.95 -59.58 -0.89
CA GLU A 107 -11.05 -58.92 -0.23
C GLU A 107 -10.67 -58.37 1.14
N PHE A 108 -11.36 -57.31 1.51
CA PHE A 108 -11.08 -56.57 2.72
C PHE A 108 -12.32 -55.91 3.30
N SER A 109 -12.16 -55.41 4.52
CA SER A 109 -13.21 -54.72 5.27
C SER A 109 -13.66 -53.47 4.53
N THR A 110 -14.82 -52.95 4.86
CA THR A 110 -15.34 -51.83 4.11
C THR A 110 -15.74 -50.70 5.01
N ILE A 111 -15.86 -49.52 4.42
CA ILE A 111 -16.06 -48.33 5.20
C ILE A 111 -17.15 -47.43 4.73
N VAL A 112 -17.82 -46.82 5.70
CA VAL A 112 -18.82 -45.84 5.38
C VAL A 112 -18.48 -44.56 6.09
N ILE A 113 -18.75 -43.46 5.42
CA ILE A 113 -18.51 -42.16 5.98
C ILE A 113 -19.74 -41.32 5.75
N GLY A 114 -20.08 -40.49 6.72
CA GLY A 114 -21.33 -39.77 6.59
C GLY A 114 -21.59 -38.87 7.77
N SER A 115 -22.77 -38.29 7.80
CA SER A 115 -23.12 -37.46 8.92
C SER A 115 -23.99 -38.26 9.88
N VAL A 116 -25.29 -37.98 9.87
CA VAL A 116 -26.22 -38.68 10.73
C VAL A 116 -26.43 -40.17 10.40
N PHE A 117 -26.27 -40.53 9.12
CA PHE A 117 -26.49 -41.89 8.58
C PHE A 117 -27.96 -42.29 8.55
N VAL A 118 -28.76 -41.42 7.97
CA VAL A 118 -30.21 -41.56 7.76
C VAL A 118 -30.58 -41.21 6.35
N ASN A 119 -31.80 -41.52 5.95
CA ASN A 119 -32.24 -41.29 4.59
C ASN A 119 -32.38 -39.82 4.17
N THR A 120 -32.11 -38.88 5.09
CA THR A 120 -32.15 -37.49 4.75
C THR A 120 -30.77 -36.95 4.40
N SER A 121 -29.74 -37.79 4.48
CA SER A 121 -28.41 -37.29 4.15
C SER A 121 -27.61 -38.26 3.34
N TYR A 122 -26.76 -37.70 2.49
CA TYR A 122 -25.88 -38.51 1.68
C TYR A 122 -24.81 -39.16 2.52
N THR A 123 -24.44 -40.37 2.16
CA THR A 123 -23.34 -41.05 2.79
C THR A 123 -22.46 -41.60 1.71
N ILE A 124 -21.24 -41.95 2.05
CA ILE A 124 -20.36 -42.48 1.04
C ILE A 124 -19.85 -43.82 1.47
N VAL A 125 -19.89 -44.78 0.56
CA VAL A 125 -19.45 -46.10 0.89
C VAL A 125 -18.44 -46.62 -0.07
N VAL A 126 -17.31 -47.03 0.46
CA VAL A 126 -16.30 -47.63 -0.36
C VAL A 126 -16.44 -49.13 -0.18
N GLN A 127 -16.79 -49.83 -1.24
CA GLN A 127 -17.01 -51.26 -1.15
C GLN A 127 -16.11 -52.10 -2.03
N PRO A 128 -15.36 -53.04 -1.47
CA PRO A 128 -14.55 -54.02 -2.17
C PRO A 128 -15.34 -55.05 -2.95
N HIS A 129 -14.70 -55.53 -4.00
CA HIS A 129 -15.15 -56.63 -4.84
C HIS A 129 -13.87 -57.33 -5.23
N ASN A 130 -13.94 -58.54 -5.75
CA ASN A 130 -12.67 -59.19 -6.00
C ASN A 130 -12.05 -58.58 -7.25
N GLY A 131 -11.07 -57.69 -6.99
CA GLY A 131 -10.30 -56.94 -7.98
C GLY A 131 -11.02 -55.70 -8.50
N ILE A 132 -12.17 -55.37 -7.91
CA ILE A 132 -12.94 -54.19 -8.29
C ILE A 132 -13.35 -53.40 -7.07
N LEU A 133 -13.24 -52.09 -7.14
CA LEU A 133 -13.68 -51.30 -6.02
C LEU A 133 -14.87 -50.48 -6.43
N GLU A 134 -15.89 -50.44 -5.61
CA GLU A 134 -17.05 -49.65 -5.97
C GLU A 134 -17.25 -48.55 -4.98
N ILE A 135 -17.50 -47.35 -5.47
CA ILE A 135 -17.72 -46.26 -4.55
C ILE A 135 -18.97 -45.51 -4.88
N THR A 136 -19.80 -45.30 -3.89
CA THR A 136 -20.99 -44.52 -4.16
C THR A 136 -21.25 -43.45 -3.12
N ALA A 137 -22.06 -42.48 -3.50
CA ALA A 137 -22.52 -41.42 -2.63
C ALA A 137 -24.03 -41.38 -2.68
N CYS A 138 -24.68 -41.96 -1.67
CA CYS A 138 -26.13 -42.07 -1.71
C CYS A 138 -26.80 -41.91 -0.38
N GLN A 139 -28.12 -41.76 -0.40
CA GLN A 139 -28.85 -41.67 0.85
C GLN A 139 -29.36 -43.04 1.21
N TYR A 140 -28.43 -43.93 1.52
CA TYR A 140 -28.77 -45.30 1.84
C TYR A 140 -29.54 -45.44 3.13
N THR A 141 -30.49 -46.35 3.13
CA THR A 141 -31.13 -46.70 4.37
C THR A 141 -30.13 -47.57 5.09
N MET A 142 -29.96 -47.41 6.39
CA MET A 142 -28.98 -48.26 7.02
C MET A 142 -29.39 -48.85 8.34
N CYS A 143 -28.82 -50.01 8.60
CA CYS A 143 -28.98 -50.74 9.85
C CYS A 143 -28.18 -50.14 10.97
N GLU A 144 -28.72 -50.21 12.18
CA GLU A 144 -27.96 -49.86 13.37
C GLU A 144 -26.79 -50.78 13.62
N TYR A 145 -26.87 -52.01 13.08
CA TYR A 145 -25.80 -52.98 13.25
C TYR A 145 -25.31 -53.48 11.90
N PRO A 146 -24.65 -52.65 11.10
CA PRO A 146 -24.14 -52.97 9.80
C PRO A 146 -23.06 -54.02 9.88
N HIS A 147 -23.00 -54.84 8.86
CA HIS A 147 -22.00 -55.87 8.74
C HIS A 147 -21.73 -56.17 7.29
N THR A 148 -20.62 -56.82 7.01
CA THR A 148 -20.37 -57.28 5.65
C THR A 148 -19.85 -58.69 5.66
N VAL A 149 -19.95 -59.33 4.50
CA VAL A 149 -19.53 -60.70 4.31
C VAL A 149 -18.72 -60.86 3.02
N CYS A 150 -17.66 -61.65 3.09
CA CYS A 150 -16.79 -61.97 1.96
C CYS A 150 -17.52 -62.85 0.94
N LYS A 151 -17.06 -62.80 -0.30
CA LYS A 151 -17.70 -63.56 -1.38
C LYS A 151 -17.28 -65.03 -1.51
N SER A 152 -16.37 -65.50 -0.66
CA SER A 152 -15.93 -66.90 -0.77
C SER A 152 -16.74 -67.82 0.15
N LYS A 153 -16.36 -67.91 1.43
CA LYS A 153 -17.11 -68.72 2.37
C LYS A 153 -17.30 -67.97 3.67
N GLY A 154 -18.39 -68.24 4.37
CA GLY A 154 -18.66 -67.50 5.59
C GLY A 154 -19.97 -67.89 6.25
N SER A 155 -20.30 -67.14 7.29
CA SER A 155 -21.51 -67.31 8.09
C SER A 155 -22.76 -67.03 7.30
N ILE A 156 -23.85 -67.52 7.84
CA ILE A 156 -25.20 -67.30 7.34
C ILE A 156 -25.61 -65.82 7.11
N ARG A 157 -24.90 -64.83 7.69
CA ARG A 157 -25.37 -63.45 7.56
C ARG A 157 -25.48 -63.02 6.11
N ASN A 158 -26.50 -62.22 5.84
CA ASN A 158 -26.82 -61.79 4.50
C ASN A 158 -26.38 -60.38 4.09
N GLU A 159 -25.51 -59.72 4.88
CA GLU A 159 -25.10 -58.34 4.55
C GLU A 159 -26.29 -57.42 4.49
N SER A 160 -27.07 -57.42 5.55
CA SER A 160 -28.32 -56.69 5.59
C SER A 160 -28.19 -55.21 5.90
N TRP A 161 -26.96 -54.69 6.01
CA TRP A 161 -26.74 -53.28 6.38
C TRP A 161 -27.47 -52.28 5.50
N HIS A 162 -27.78 -52.66 4.26
CA HIS A 162 -28.53 -51.82 3.36
C HIS A 162 -29.94 -52.31 3.32
N ILE A 163 -30.61 -52.21 4.45
CA ILE A 163 -31.95 -52.72 4.57
C ILE A 163 -32.93 -52.02 3.67
N ASP A 164 -33.81 -52.81 3.08
CA ASP A 164 -34.87 -52.32 2.21
C ASP A 164 -34.35 -51.55 1.04
N SER A 165 -33.33 -52.06 0.37
CA SER A 165 -32.83 -51.33 -0.77
C SER A 165 -33.89 -51.21 -1.84
N SER A 166 -33.93 -50.05 -2.48
CA SER A 166 -34.82 -49.81 -3.60
C SER A 166 -34.01 -49.14 -4.69
N GLU A 167 -34.23 -47.84 -4.83
CA GLU A 167 -33.47 -47.02 -5.75
C GLU A 167 -33.16 -45.70 -5.05
N PRO A 168 -32.20 -45.69 -4.14
CA PRO A 168 -31.82 -44.56 -3.33
C PRO A 168 -31.27 -43.44 -4.18
N LEU A 169 -31.46 -42.23 -3.70
CA LEU A 169 -30.93 -41.08 -4.39
C LEU A 169 -29.43 -41.08 -4.29
N CYS A 170 -28.75 -40.64 -5.34
CA CYS A 170 -27.31 -40.58 -5.24
C CYS A 170 -26.72 -39.40 -5.95
N LEU A 171 -25.47 -39.12 -5.63
CA LEU A 171 -24.70 -38.12 -6.32
C LEU A 171 -23.69 -38.76 -7.21
N PHE A 172 -23.12 -39.85 -6.72
CA PHE A 172 -22.02 -40.46 -7.43
C PHE A 172 -21.98 -41.97 -7.40
N LYS A 173 -21.77 -42.61 -8.55
CA LYS A 173 -21.48 -44.04 -8.53
C LYS A 173 -20.34 -44.36 -9.50
N LYS A 174 -19.27 -45.01 -9.03
CA LYS A 174 -18.26 -45.51 -9.96
C LYS A 174 -17.63 -46.83 -9.57
N ASN A 175 -17.10 -47.53 -10.57
CA ASN A 175 -16.34 -48.74 -10.33
C ASN A 175 -14.89 -48.50 -10.73
N PHE A 176 -13.95 -48.90 -9.90
CA PHE A 176 -12.55 -48.73 -10.21
C PHE A 176 -11.81 -50.04 -10.01
N THR A 177 -11.17 -50.56 -11.03
CA THR A 177 -10.43 -51.80 -10.84
C THR A 177 -9.15 -51.57 -10.07
N TYR A 178 -8.60 -52.64 -9.49
CA TYR A 178 -7.32 -52.51 -8.82
C TYR A 178 -6.45 -53.75 -8.94
N ASN A 179 -5.15 -53.58 -8.72
CA ASN A 179 -4.22 -54.68 -8.83
C ASN A 179 -4.17 -55.50 -7.55
N VAL A 180 -4.82 -56.66 -7.59
CA VAL A 180 -4.94 -57.54 -6.46
C VAL A 180 -3.64 -58.05 -5.87
N SER A 181 -2.56 -58.07 -6.65
CA SER A 181 -1.31 -58.59 -6.13
C SER A 181 -0.74 -57.80 -4.96
N ALA A 182 -1.09 -56.52 -4.82
CA ALA A 182 -0.54 -55.73 -3.71
C ALA A 182 -0.93 -56.32 -2.37
N ASP A 183 -0.05 -56.26 -1.37
CA ASP A 183 -0.49 -56.71 -0.06
C ASP A 183 -1.00 -55.56 0.81
N TRP A 184 -0.97 -54.35 0.28
CA TRP A 184 -1.47 -53.21 1.02
C TRP A 184 -2.24 -52.24 0.15
N LEU A 185 -3.15 -51.51 0.74
CA LEU A 185 -3.82 -50.45 0.04
C LEU A 185 -3.67 -49.17 0.80
N TYR A 186 -3.63 -48.04 0.10
CA TYR A 186 -3.54 -46.81 0.85
C TYR A 186 -4.57 -45.83 0.36
N PHE A 187 -5.10 -45.04 1.29
CA PHE A 187 -6.11 -44.08 0.91
C PHE A 187 -6.04 -42.76 1.64
N HIS A 188 -6.57 -41.74 1.02
CA HIS A 188 -6.80 -40.53 1.78
C HIS A 188 -8.22 -40.16 1.58
N PHE A 189 -8.85 -39.69 2.63
CA PHE A 189 -10.16 -39.14 2.45
C PHE A 189 -10.19 -37.84 3.19
N TYR A 190 -10.50 -36.76 2.52
CA TYR A 190 -10.59 -35.56 3.32
C TYR A 190 -11.59 -34.61 2.80
N GLN A 191 -11.99 -33.70 3.65
CA GLN A 191 -12.94 -32.71 3.26
C GLN A 191 -12.39 -31.33 3.38
N GLU A 192 -12.61 -30.54 2.34
CA GLU A 192 -12.20 -29.16 2.38
C GLU A 192 -13.22 -28.30 1.71
N ARG A 193 -13.57 -27.17 2.31
CA ARG A 193 -14.49 -26.22 1.68
C ARG A 193 -15.78 -26.84 1.14
N GLY A 194 -16.33 -27.83 1.84
CA GLY A 194 -17.57 -28.45 1.42
C GLY A 194 -17.43 -29.51 0.32
N VAL A 195 -16.21 -29.91 -0.05
CA VAL A 195 -16.09 -30.97 -1.03
C VAL A 195 -15.26 -32.10 -0.49
N PHE A 196 -15.45 -33.27 -1.05
CA PHE A 196 -14.78 -34.45 -0.60
C PHE A 196 -13.77 -34.96 -1.60
N TYR A 197 -12.61 -35.33 -1.11
CA TYR A 197 -11.60 -35.87 -1.98
C TYR A 197 -11.24 -37.28 -1.63
N ALA A 198 -11.14 -38.13 -2.64
CA ALA A 198 -10.67 -39.48 -2.41
C ALA A 198 -9.39 -39.74 -3.17
N TYR A 199 -8.45 -40.38 -2.49
CA TYR A 199 -7.16 -40.79 -3.05
C TYR A 199 -6.91 -42.25 -2.77
N TYR A 200 -6.17 -42.87 -3.67
CA TYR A 200 -5.96 -44.31 -3.66
C TYR A 200 -4.57 -44.79 -4.07
N ALA A 201 -4.13 -45.91 -3.49
CA ALA A 201 -2.91 -46.51 -4.01
C ALA A 201 -2.91 -48.02 -3.95
N ASP A 202 -2.22 -48.57 -4.94
CA ASP A 202 -1.95 -50.00 -5.18
C ASP A 202 -0.58 -50.40 -4.62
N VAL A 203 -0.07 -49.57 -3.71
CA VAL A 203 1.29 -49.57 -3.20
C VAL A 203 2.21 -48.94 -4.21
N GLY A 204 1.74 -47.82 -4.76
CA GLY A 204 2.55 -46.92 -5.54
C GLY A 204 3.27 -45.95 -4.59
N MET A 205 3.01 -46.13 -3.28
CA MET A 205 3.51 -45.43 -2.11
C MET A 205 2.85 -44.06 -1.91
N PRO A 206 3.05 -43.07 -2.78
CA PRO A 206 2.17 -41.91 -2.80
C PRO A 206 0.80 -42.34 -3.24
N THR A 207 -0.25 -41.68 -2.77
CA THR A 207 -1.57 -42.00 -3.29
C THR A 207 -1.84 -41.20 -4.53
N THR A 208 -2.88 -41.56 -5.26
CA THR A 208 -3.19 -40.83 -6.47
C THR A 208 -4.64 -40.44 -6.47
N PHE A 209 -4.98 -39.44 -7.27
CA PHE A 209 -6.33 -38.95 -7.28
C PHE A 209 -7.31 -40.00 -7.70
N LEU A 210 -8.42 -40.10 -7.00
CA LEU A 210 -9.42 -41.02 -7.47
C LEU A 210 -10.63 -40.27 -7.99
N PHE A 211 -11.28 -39.51 -7.11
CA PHE A 211 -12.41 -38.66 -7.54
C PHE A 211 -12.63 -37.52 -6.56
N SER A 212 -13.43 -36.53 -6.95
CA SER A 212 -13.85 -35.53 -5.99
C SER A 212 -15.33 -35.22 -6.14
N LEU A 213 -16.01 -35.02 -5.01
CA LEU A 213 -17.44 -34.74 -5.00
C LEU A 213 -17.86 -33.61 -4.07
N TYR A 214 -18.63 -32.66 -4.55
CA TYR A 214 -19.18 -31.67 -3.63
C TYR A 214 -20.22 -32.28 -2.74
N LEU A 215 -20.15 -32.04 -1.44
CA LEU A 215 -21.22 -32.51 -0.57
C LEU A 215 -22.07 -31.37 -0.05
N GLY A 216 -21.41 -30.29 0.34
CA GLY A 216 -22.03 -29.09 0.86
C GLY A 216 -22.42 -29.19 2.34
N THR A 217 -22.04 -30.29 2.99
CA THR A 217 -22.27 -30.46 4.41
C THR A 217 -21.00 -30.99 5.01
N ILE A 218 -20.86 -30.91 6.31
CA ILE A 218 -19.69 -31.46 6.96
C ILE A 218 -19.89 -32.92 7.34
N LEU A 219 -19.02 -33.80 6.87
CA LEU A 219 -19.11 -35.19 7.29
C LEU A 219 -18.78 -35.27 8.76
N SER A 220 -19.48 -36.09 9.54
CA SER A 220 -19.12 -36.09 10.95
C SER A 220 -18.44 -37.33 11.45
N HIS A 221 -18.71 -38.45 10.80
CA HIS A 221 -18.16 -39.72 11.29
C HIS A 221 -17.82 -40.70 10.22
N TYR A 222 -17.04 -41.68 10.59
CA TYR A 222 -16.83 -42.79 9.70
C TYR A 222 -16.75 -44.06 10.50
N TYR A 223 -17.10 -45.16 9.85
CA TYR A 223 -17.12 -46.44 10.52
C TYR A 223 -16.64 -47.57 9.63
N VAL A 224 -15.81 -48.43 10.18
CA VAL A 224 -15.42 -49.60 9.42
C VAL A 224 -16.36 -50.72 9.78
N MET A 225 -17.06 -51.26 8.79
CA MET A 225 -17.98 -52.35 9.10
C MET A 225 -17.21 -53.61 9.48
N PRO A 226 -17.76 -54.42 10.38
CA PRO A 226 -17.25 -55.71 10.78
C PRO A 226 -17.32 -56.67 9.63
N LEU A 227 -16.42 -57.63 9.60
CA LEU A 227 -16.48 -58.63 8.56
C LEU A 227 -16.66 -60.01 9.14
N THR A 228 -17.62 -60.73 8.58
CA THR A 228 -17.88 -62.08 8.98
C THR A 228 -17.79 -63.10 7.88
N CYS A 229 -16.72 -63.86 7.95
CA CYS A 229 -16.41 -64.98 7.09
C CYS A 229 -15.60 -66.02 7.80
N ASN A 230 -15.40 -67.15 7.14
CA ASN A 230 -14.56 -68.15 7.76
C ASN A 230 -13.10 -67.98 7.30
N ALA A 231 -12.84 -66.88 6.55
CA ALA A 231 -11.51 -66.42 6.14
C ALA A 231 -10.71 -65.79 7.29
N ILE A 232 -11.42 -65.51 8.38
CA ILE A 232 -10.88 -64.89 9.59
C ILE A 232 -9.79 -65.72 10.22
N SER A 233 -8.87 -65.04 10.90
CA SER A 233 -7.71 -65.66 11.52
C SER A 233 -8.12 -66.77 12.49
N SER A 234 -7.16 -67.67 12.76
CA SER A 234 -7.37 -68.94 13.48
C SER A 234 -8.11 -69.92 12.57
N ASN A 235 -7.77 -69.83 11.29
CA ASN A 235 -8.22 -70.67 10.19
C ASN A 235 -7.00 -70.86 9.32
N THR A 236 -7.13 -71.59 8.21
CA THR A 236 -5.94 -71.91 7.45
C THR A 236 -5.18 -70.67 7.01
N ASP A 237 -3.87 -70.77 7.21
CA ASP A 237 -2.83 -69.78 6.95
C ASP A 237 -2.98 -68.47 7.72
N ASN A 238 -3.82 -68.44 8.77
CA ASN A 238 -3.92 -67.30 9.67
C ASN A 238 -4.14 -65.97 8.95
N GLU A 239 -5.06 -65.92 8.00
CA GLU A 239 -5.29 -64.67 7.28
C GLU A 239 -5.81 -63.61 8.23
N THR A 240 -5.43 -62.36 8.00
CA THR A 240 -5.87 -61.30 8.91
C THR A 240 -6.45 -60.13 8.16
N LEU A 241 -7.18 -59.33 8.92
CA LEU A 241 -7.94 -58.20 8.42
C LEU A 241 -7.46 -56.82 8.81
N GLU A 242 -6.15 -56.61 8.94
CA GLU A 242 -5.74 -55.33 9.52
C GLU A 242 -6.26 -54.13 8.75
N TYR A 243 -6.66 -53.10 9.50
CA TYR A 243 -7.11 -51.86 8.91
C TYR A 243 -6.61 -50.78 9.81
N TRP A 244 -5.73 -49.93 9.29
CA TRP A 244 -5.11 -48.94 10.14
C TRP A 244 -5.42 -47.51 9.71
N VAL A 245 -5.63 -46.62 10.68
CA VAL A 245 -5.84 -45.22 10.31
C VAL A 245 -5.04 -44.23 11.11
N THR A 246 -4.83 -43.07 10.52
CA THR A 246 -4.31 -41.94 11.26
C THR A 246 -5.07 -40.68 10.81
N PRO A 247 -5.09 -39.62 11.61
CA PRO A 247 -5.64 -38.30 11.32
C PRO A 247 -4.87 -37.52 10.26
N LEU A 248 -5.57 -36.63 9.57
CA LEU A 248 -4.95 -35.69 8.63
C LEU A 248 -5.10 -34.26 9.11
N SER A 249 -4.15 -33.43 8.75
CA SER A 249 -4.22 -32.01 9.05
C SER A 249 -3.60 -31.24 7.91
N ARG A 250 -3.92 -29.96 7.76
CA ARG A 250 -3.21 -29.25 6.72
C ARG A 250 -1.79 -29.14 7.18
N ARG A 251 -0.83 -29.38 6.29
CA ARG A 251 0.54 -29.26 6.72
C ARG A 251 1.43 -28.79 5.60
N GLN A 252 2.56 -28.19 5.94
CA GLN A 252 3.52 -27.90 4.90
C GLN A 252 4.43 -29.09 4.69
N TYR A 253 4.62 -29.46 3.44
CA TYR A 253 5.53 -30.54 3.06
C TYR A 253 6.44 -30.17 1.95
N LEU A 254 7.59 -30.81 1.97
CA LEU A 254 8.57 -30.60 0.93
C LEU A 254 8.71 -31.89 0.19
N LEU A 255 8.64 -31.85 -1.13
CA LEU A 255 8.69 -33.04 -1.94
C LEU A 255 9.73 -33.00 -3.02
N ASN A 256 10.33 -34.13 -3.31
CA ASN A 256 11.23 -34.20 -4.43
C ASN A 256 10.66 -35.07 -5.54
N PHE A 257 10.71 -34.56 -6.76
CA PHE A 257 10.27 -35.27 -7.95
C PHE A 257 11.46 -35.59 -8.83
N ASP A 258 11.61 -36.85 -9.20
CA ASP A 258 12.71 -37.23 -10.08
C ASP A 258 12.35 -36.82 -11.50
N GLU A 259 13.25 -37.06 -12.44
CA GLU A 259 13.00 -36.66 -13.83
C GLU A 259 11.83 -37.38 -14.51
N HIS A 260 11.31 -38.43 -13.90
CA HIS A 260 10.15 -39.11 -14.44
C HIS A 260 8.88 -38.66 -13.74
N GLY A 261 9.00 -37.69 -12.85
CA GLY A 261 7.89 -37.14 -12.11
C GLY A 261 7.50 -38.01 -10.93
N VAL A 262 8.30 -39.02 -10.63
CA VAL A 262 7.98 -39.88 -9.51
C VAL A 262 8.31 -39.20 -8.21
N ILE A 263 7.40 -39.25 -7.25
CA ILE A 263 7.76 -38.69 -5.96
C ILE A 263 8.79 -39.58 -5.30
N THR A 264 9.83 -38.98 -4.78
CA THR A 264 10.90 -39.72 -4.18
C THR A 264 10.88 -39.54 -2.68
N ASN A 265 11.45 -38.43 -2.25
CA ASN A 265 11.52 -38.12 -0.84
C ASN A 265 10.60 -36.97 -0.50
N ALA A 266 9.97 -37.07 0.64
CA ALA A 266 9.14 -35.97 1.06
C ALA A 266 9.15 -35.86 2.56
N VAL A 267 9.00 -34.67 3.08
CA VAL A 267 9.06 -34.58 4.51
C VAL A 267 8.04 -33.66 5.14
N ASP A 268 7.62 -34.02 6.34
CA ASP A 268 6.81 -33.15 7.17
C ASP A 268 7.82 -32.24 7.76
N CYS A 269 8.17 -31.22 7.01
CA CYS A 269 9.30 -30.44 7.40
C CYS A 269 9.12 -29.70 8.72
N SER A 270 7.87 -29.56 9.18
CA SER A 270 7.63 -28.93 10.46
C SER A 270 7.79 -29.88 11.65
N SER A 271 8.09 -31.15 11.41
CA SER A 271 8.19 -32.10 12.52
C SER A 271 9.51 -32.14 13.27
N SER A 272 10.57 -31.57 12.72
CA SER A 272 11.82 -31.56 13.48
C SER A 272 12.68 -30.39 13.11
N PHE A 273 13.66 -30.06 13.96
CA PHE A 273 14.55 -28.97 13.63
C PHE A 273 15.41 -29.32 12.43
N LEU A 274 15.75 -30.59 12.33
CA LEU A 274 16.53 -31.06 11.21
C LEU A 274 15.80 -30.87 9.91
N SER A 275 14.50 -31.12 9.94
CA SER A 275 13.71 -30.90 8.77
C SER A 275 13.23 -29.46 8.65
N GLU A 276 13.25 -28.70 9.74
CA GLU A 276 12.79 -27.34 9.65
C GLU A 276 13.69 -26.53 8.77
N ILE A 277 14.99 -26.77 8.86
CA ILE A 277 15.86 -26.09 7.94
C ILE A 277 15.62 -26.48 6.51
N GLN A 278 15.16 -27.70 6.28
CA GLN A 278 14.84 -28.10 4.94
C GLN A 278 13.68 -27.30 4.41
N CYS A 279 12.70 -26.96 5.29
CA CYS A 279 11.56 -26.15 4.85
C CYS A 279 12.07 -24.82 4.36
N LYS A 280 12.97 -24.26 5.17
CA LYS A 280 13.53 -22.95 4.93
C LYS A 280 14.38 -22.84 3.68
N THR A 281 15.14 -23.89 3.40
CA THR A 281 15.98 -23.88 2.22
C THR A 281 15.34 -24.52 1.02
N GLN A 282 14.16 -25.13 1.21
CA GLN A 282 13.45 -25.82 0.15
C GLN A 282 14.30 -26.90 -0.45
N SER A 283 15.08 -27.55 0.39
CA SER A 283 15.97 -28.60 -0.08
C SER A 283 16.17 -29.65 0.95
N PHE A 284 16.61 -30.81 0.52
CA PHE A 284 16.88 -31.88 1.45
C PHE A 284 18.36 -31.94 1.83
N ALA A 285 19.15 -30.95 1.39
CA ALA A 285 20.57 -30.93 1.72
C ALA A 285 21.15 -29.52 1.81
N PRO A 286 20.90 -28.76 2.89
CA PRO A 286 21.38 -27.41 3.14
C PRO A 286 22.90 -27.37 3.21
N ASN A 287 23.47 -26.23 2.83
CA ASN A 287 24.92 -26.11 2.82
C ASN A 287 25.49 -25.63 4.13
N THR A 288 25.64 -26.55 5.08
CA THR A 288 26.17 -26.22 6.40
C THR A 288 25.50 -24.94 6.91
N GLY A 289 26.29 -24.01 7.45
CA GLY A 289 25.78 -22.72 7.87
C GLY A 289 25.19 -22.66 9.26
N VAL A 290 24.66 -21.49 9.58
CA VAL A 290 24.01 -21.22 10.85
C VAL A 290 22.68 -20.59 10.55
N TYR A 291 21.64 -21.00 11.27
CA TYR A 291 20.33 -20.49 10.95
C TYR A 291 19.51 -20.16 12.16
N ASP A 292 18.56 -19.27 12.00
CA ASP A 292 17.63 -19.00 13.06
C ASP A 292 16.25 -19.53 12.70
N LEU A 293 15.63 -20.20 13.66
CA LEU A 293 14.32 -20.78 13.46
C LEU A 293 13.30 -20.27 14.46
N SER A 294 12.06 -20.16 14.02
CA SER A 294 11.00 -19.68 14.90
C SER A 294 10.13 -20.84 15.37
N THR A 303 -4.83 -20.99 32.73
CA THR A 303 -5.55 -19.79 32.32
C THR A 303 -6.33 -19.22 33.48
N VAL A 304 -6.60 -17.93 33.48
CA VAL A 304 -7.40 -17.38 34.58
C VAL A 304 -8.56 -16.58 34.04
N TYR A 305 -9.59 -16.47 34.87
CA TYR A 305 -10.77 -15.76 34.45
C TYR A 305 -11.40 -15.00 35.59
N ARG A 306 -11.86 -13.78 35.33
CA ARG A 306 -12.56 -13.10 36.39
C ARG A 306 -13.72 -12.22 35.94
N ARG A 307 -14.76 -12.20 36.76
CA ARG A 307 -15.93 -11.35 36.61
C ARG A 307 -16.41 -10.92 37.97
N ILE A 308 -17.18 -9.84 38.01
CA ILE A 308 -17.67 -9.40 39.30
C ILE A 308 -18.77 -10.36 39.77
N PRO A 309 -18.65 -10.90 40.99
CA PRO A 309 -19.57 -11.80 41.64
C PRO A 309 -20.88 -11.13 42.03
N ASN A 310 -21.93 -11.95 42.08
CA ASN A 310 -23.24 -11.55 42.58
C ASN A 310 -23.85 -10.34 41.92
N LEU A 311 -23.79 -10.27 40.60
CA LEU A 311 -24.45 -9.16 39.94
C LEU A 311 -25.94 -9.31 40.14
N PRO A 312 -26.68 -8.21 40.28
CA PRO A 312 -28.13 -8.10 40.48
C PRO A 312 -28.92 -8.69 39.32
N ASP A 313 -28.25 -8.82 38.18
CA ASP A 313 -28.76 -9.32 36.92
C ASP A 313 -29.62 -8.26 36.29
N CYS A 314 -30.07 -8.52 35.09
CA CYS A 314 -30.99 -7.62 34.44
C CYS A 314 -31.95 -8.34 33.55
N ASP A 315 -32.98 -7.64 33.12
CA ASP A 315 -33.99 -8.27 32.34
C ASP A 315 -34.48 -7.41 31.19
N ILE A 316 -33.74 -7.46 30.10
CA ILE A 316 -34.10 -6.77 28.89
C ILE A 316 -35.41 -7.28 28.33
N ASP A 317 -35.65 -8.57 28.53
CA ASP A 317 -36.82 -9.25 27.99
C ASP A 317 -38.14 -8.67 28.40
N ASN A 318 -38.28 -8.30 29.67
CA ASN A 318 -39.56 -7.80 30.08
C ASN A 318 -39.87 -6.48 29.43
N TRP A 319 -38.86 -5.64 29.29
CA TRP A 319 -39.11 -4.41 28.60
C TRP A 319 -39.51 -4.68 27.15
N LEU A 320 -38.87 -5.66 26.53
CA LEU A 320 -39.22 -6.05 25.17
C LEU A 320 -40.61 -6.64 25.07
N ASN A 321 -41.03 -7.29 26.14
CA ASN A 321 -42.33 -7.90 26.23
C ASN A 321 -43.35 -7.06 26.97
N ASN A 322 -43.08 -5.78 27.17
CA ASN A 322 -44.08 -4.99 27.86
C ASN A 322 -45.28 -4.96 26.97
N VAL A 323 -46.46 -5.10 27.55
CA VAL A 323 -47.67 -5.18 26.76
C VAL A 323 -47.88 -3.99 25.86
N SER A 324 -47.53 -2.80 26.31
CA SER A 324 -47.66 -1.65 25.44
C SER A 324 -46.55 -1.58 24.43
N VAL A 325 -46.90 -1.24 23.20
CA VAL A 325 -45.89 -1.02 22.20
C VAL A 325 -46.11 0.35 21.63
N PRO A 326 -45.21 1.28 21.80
CA PRO A 326 -45.31 2.59 21.25
C PRO A 326 -45.22 2.56 19.75
N SER A 327 -45.92 3.49 19.14
CA SER A 327 -45.79 3.81 17.75
C SER A 327 -44.44 4.45 17.60
N PRO A 328 -43.77 4.37 16.45
CA PRO A 328 -42.54 5.04 16.17
C PRO A 328 -42.70 6.53 16.44
N LEU A 329 -43.93 7.05 16.32
CA LEU A 329 -44.19 8.43 16.63
C LEU A 329 -43.80 8.81 18.07
N ASN A 330 -44.00 7.88 18.99
CA ASN A 330 -43.67 8.04 20.40
C ASN A 330 -42.65 7.02 20.86
N TRP A 331 -41.69 6.65 20.00
CA TRP A 331 -40.77 5.54 20.29
C TRP A 331 -40.01 5.71 21.60
N GLU A 332 -39.76 4.59 22.27
CA GLU A 332 -39.18 4.59 23.62
C GLU A 332 -37.78 4.03 23.75
N ARG A 333 -37.02 4.65 24.65
CA ARG A 333 -35.69 4.22 25.00
C ARG A 333 -35.57 3.75 26.44
N ARG A 334 -34.77 2.72 26.65
CA ARG A 334 -34.47 2.27 27.99
C ARG A 334 -33.02 1.83 28.05
N ILE A 335 -32.38 1.95 29.20
CA ILE A 335 -30.99 1.52 29.24
C ILE A 335 -30.74 0.55 30.35
N PHE A 336 -29.66 -0.21 30.24
CA PHE A 336 -29.31 -1.16 31.26
C PHE A 336 -27.84 -1.08 31.60
N SER A 337 -27.52 -1.22 32.88
CA SER A 337 -26.13 -1.16 33.31
C SER A 337 -25.89 -2.01 34.55
N ASN A 338 -24.62 -2.29 34.83
CA ASN A 338 -24.21 -3.04 36.01
C ASN A 338 -24.92 -4.37 36.11
N CYS A 339 -24.97 -5.13 35.03
CA CYS A 339 -25.72 -6.36 35.14
C CYS A 339 -25.22 -7.55 34.37
N ASN A 340 -25.83 -8.66 34.67
CA ASN A 340 -25.55 -9.94 34.08
C ASN A 340 -26.66 -10.36 33.14
N PHE A 341 -26.29 -10.78 31.93
CA PHE A 341 -27.32 -11.23 30.98
C PHE A 341 -26.84 -12.34 30.07
N ASN A 342 -27.78 -13.04 29.46
CA ASN A 342 -27.42 -14.07 28.50
C ASN A 342 -28.13 -13.82 27.20
N LEU A 343 -27.36 -13.45 26.18
CA LEU A 343 -27.96 -13.14 24.89
C LEU A 343 -28.71 -14.26 24.23
N SER A 344 -28.19 -15.47 24.28
CA SER A 344 -28.91 -16.52 23.61
C SER A 344 -30.25 -16.77 24.26
N THR A 345 -30.32 -16.55 25.57
CA THR A 345 -31.57 -16.72 26.26
C THR A 345 -32.53 -15.66 25.87
N LEU A 346 -32.02 -14.44 25.74
CA LEU A 346 -32.86 -13.35 25.35
C LEU A 346 -33.47 -13.58 24.00
N LEU A 347 -32.67 -14.09 23.08
CA LEU A 347 -33.19 -14.39 21.78
C LEU A 347 -34.21 -15.51 21.79
N ARG A 348 -33.98 -16.53 22.63
CA ARG A 348 -34.92 -17.62 22.73
C ARG A 348 -36.27 -17.20 23.26
N LEU A 349 -36.27 -16.23 24.17
CA LEU A 349 -37.47 -15.75 24.80
C LEU A 349 -38.44 -15.01 23.90
N VAL A 350 -38.02 -14.58 22.72
CA VAL A 350 -38.95 -13.88 21.87
C VAL A 350 -38.99 -14.49 20.49
N HIS A 351 -40.06 -14.22 19.77
CA HIS A 351 -40.17 -14.75 18.44
C HIS A 351 -39.37 -13.91 17.48
N VAL A 352 -38.08 -14.22 17.35
CA VAL A 352 -37.24 -13.43 16.48
C VAL A 352 -37.47 -13.78 15.02
N ASP A 353 -37.79 -12.79 14.18
CA ASP A 353 -37.83 -13.09 12.76
C ASP A 353 -36.54 -12.71 12.05
N SER A 354 -35.71 -11.88 12.68
CA SER A 354 -34.40 -11.57 12.13
C SER A 354 -33.45 -11.02 13.16
N PHE A 355 -32.16 -11.23 12.95
CA PHE A 355 -31.18 -10.60 13.81
C PHE A 355 -29.96 -10.19 13.00
N SER A 356 -29.50 -8.97 13.17
CA SER A 356 -28.28 -8.55 12.47
C SER A 356 -27.60 -7.49 13.26
N CYS A 357 -26.35 -7.20 12.97
CA CYS A 357 -25.69 -6.15 13.74
C CYS A 357 -24.79 -5.28 12.88
N ASN A 358 -24.37 -4.16 13.47
CA ASN A 358 -23.49 -3.21 12.83
C ASN A 358 -22.19 -3.05 13.61
N ASN A 359 -21.11 -3.41 12.95
CA ASN A 359 -19.74 -3.33 13.47
C ASN A 359 -19.45 -4.27 14.62
N LEU A 360 -20.27 -5.30 14.81
CA LEU A 360 -19.97 -6.32 15.80
C LEU A 360 -20.14 -7.68 15.20
N ASP A 361 -19.19 -8.57 15.40
CA ASP A 361 -19.51 -9.91 14.98
C ASP A 361 -20.44 -10.48 16.04
N LYS A 362 -21.54 -11.08 15.61
CA LYS A 362 -22.48 -11.64 16.58
C LYS A 362 -21.84 -12.62 17.53
N SER A 363 -20.84 -13.38 17.07
CA SER A 363 -20.18 -14.33 17.94
C SER A 363 -19.44 -13.67 19.09
N LYS A 364 -19.01 -12.43 18.87
CA LYS A 364 -18.25 -11.77 19.90
C LYS A 364 -19.09 -11.14 20.92
N ILE A 365 -20.35 -10.89 20.58
CA ILE A 365 -21.23 -10.33 21.57
C ILE A 365 -21.38 -11.26 22.75
N PHE A 366 -21.35 -12.57 22.50
CA PHE A 366 -21.50 -13.52 23.57
C PHE A 366 -20.38 -13.51 24.59
N GLY A 367 -19.14 -13.24 24.16
CA GLY A 367 -18.06 -13.14 25.13
C GLY A 367 -17.83 -11.70 25.63
N SER A 368 -18.42 -10.74 24.94
CA SER A 368 -18.31 -9.33 25.26
C SER A 368 -18.98 -8.90 26.55
N CYS A 369 -18.45 -7.85 27.13
CA CYS A 369 -19.06 -7.28 28.30
C CYS A 369 -19.58 -5.87 28.05
N PHE A 370 -18.88 -5.14 27.22
CA PHE A 370 -19.23 -3.76 26.88
C PHE A 370 -19.26 -2.92 28.16
N ASN A 371 -20.18 -1.96 28.17
CA ASN A 371 -20.50 -1.08 29.28
C ASN A 371 -22.00 -1.13 29.30
N SER A 372 -22.64 -0.03 29.67
CA SER A 372 -24.08 0.01 29.62
C SER A 372 -24.57 -0.19 28.19
N ILE A 373 -25.79 -0.70 28.08
CA ILE A 373 -26.41 -1.00 26.81
C ILE A 373 -27.68 -0.21 26.67
N THR A 374 -27.98 0.26 25.48
CA THR A 374 -29.18 1.03 25.32
C THR A 374 -30.08 0.34 24.32
N VAL A 375 -31.38 0.46 24.52
CA VAL A 375 -32.27 -0.14 23.55
C VAL A 375 -33.46 0.74 23.22
N ASP A 376 -33.80 0.80 21.94
CA ASP A 376 -34.95 1.56 21.49
C ASP A 376 -35.99 0.66 20.83
N LYS A 377 -37.28 0.87 21.09
CA LYS A 377 -38.22 0.04 20.34
C LYS A 377 -39.44 0.78 19.83
N PHE A 378 -39.95 0.27 18.71
CA PHE A 378 -41.22 0.73 18.17
C PHE A 378 -41.92 -0.29 17.28
N ALA A 379 -43.24 -0.16 17.18
CA ALA A 379 -44.02 -0.99 16.27
C ALA A 379 -43.63 -0.73 14.83
N ILE A 380 -43.64 -1.76 14.00
CA ILE A 380 -43.41 -1.57 12.56
C ILE A 380 -44.65 -1.63 11.70
N PRO A 381 -45.01 -0.53 11.01
CA PRO A 381 -46.06 -0.46 10.02
C PRO A 381 -45.66 -1.35 8.88
N ASN A 382 -46.59 -1.99 8.21
CA ASN A 382 -46.15 -2.84 7.12
C ASN A 382 -45.65 -2.07 5.90
N ARG A 383 -46.37 -1.01 5.54
CA ARG A 383 -46.09 -0.25 4.35
C ARG A 383 -44.69 0.34 4.20
N ARG A 384 -44.11 0.82 5.29
CA ARG A 384 -42.80 1.45 5.21
C ARG A 384 -41.67 0.68 5.83
N ARG A 385 -41.83 -0.63 6.05
CA ARG A 385 -40.80 -1.43 6.69
C ARG A 385 -39.40 -1.33 6.06
N ASP A 386 -39.31 -0.92 4.81
CA ASP A 386 -38.02 -0.87 4.14
C ASP A 386 -37.20 0.37 4.46
N ASP A 387 -37.67 1.21 5.38
CA ASP A 387 -36.84 2.33 5.78
C ASP A 387 -35.90 1.93 6.93
N LEU A 388 -35.90 0.65 7.31
CA LEU A 388 -35.06 0.16 8.39
C LEU A 388 -33.69 -0.33 7.92
N GLN A 389 -33.34 -0.03 6.69
CA GLN A 389 -32.13 -0.50 6.03
C GLN A 389 -30.79 0.06 6.50
N LEU A 390 -30.76 0.94 7.51
CA LEU A 390 -29.48 1.47 8.06
C LEU A 390 -28.77 2.48 7.20
N GLY A 391 -29.27 3.72 7.27
CA GLY A 391 -28.75 4.84 6.50
C GLY A 391 -29.52 5.06 5.21
N SER A 392 -30.46 4.19 4.95
CA SER A 392 -31.36 4.40 3.85
C SER A 392 -32.24 5.59 4.15
N SER A 393 -32.75 6.18 3.10
CA SER A 393 -33.65 7.32 3.18
C SER A 393 -35.06 6.87 3.56
N GLY A 394 -36.01 7.79 3.46
CA GLY A 394 -37.40 7.54 3.79
C GLY A 394 -37.84 8.08 5.14
N PHE A 395 -39.13 7.95 5.40
CA PHE A 395 -39.73 8.57 6.56
C PHE A 395 -39.21 8.11 7.90
N LEU A 396 -38.93 6.84 8.06
CA LEU A 396 -38.49 6.44 9.37
C LEU A 396 -37.11 6.94 9.70
N GLN A 397 -36.32 7.19 8.67
CA GLN A 397 -34.99 7.68 8.83
C GLN A 397 -34.88 9.18 8.77
N SER A 398 -36.00 9.85 8.59
CA SER A 398 -35.96 11.29 8.44
C SER A 398 -36.95 11.96 9.34
N SER A 399 -38.23 11.70 9.11
CA SER A 399 -39.24 12.33 9.91
C SER A 399 -39.55 11.59 11.19
N ASN A 400 -38.85 10.52 11.51
CA ASN A 400 -39.22 9.86 12.73
C ASN A 400 -38.09 9.38 13.64
N TYR A 401 -37.40 8.30 13.28
CA TYR A 401 -36.41 7.77 14.19
C TYR A 401 -35.00 8.24 13.91
N LYS A 402 -34.59 8.28 12.64
CA LYS A 402 -33.27 8.79 12.30
C LYS A 402 -32.15 7.97 12.94
N ILE A 403 -32.11 6.67 12.64
CA ILE A 403 -31.14 5.80 13.30
C ILE A 403 -29.72 6.20 13.01
N ASP A 404 -28.90 6.16 14.04
CA ASP A 404 -27.50 6.50 13.92
C ASP A 404 -26.70 5.39 13.27
N ILE A 405 -26.06 5.69 12.16
CA ILE A 405 -25.20 4.74 11.49
C ILE A 405 -23.93 4.40 12.28
N SER A 406 -23.38 5.40 12.95
CA SER A 406 -22.10 5.28 13.65
C SER A 406 -22.11 4.41 14.89
N SER A 407 -20.92 3.92 15.20
CA SER A 407 -20.58 3.08 16.35
C SER A 407 -21.16 1.69 16.26
N SER A 408 -20.99 0.93 17.32
CA SER A 408 -21.57 -0.39 17.32
C SER A 408 -23.05 -0.31 17.60
N SER A 409 -23.79 -1.15 16.94
CA SER A 409 -25.21 -1.26 17.20
C SER A 409 -25.68 -2.61 16.77
N CYS A 410 -26.87 -2.96 17.14
CA CYS A 410 -27.38 -4.18 16.60
C CYS A 410 -28.88 -4.04 16.42
N GLN A 411 -29.51 -4.92 15.66
CA GLN A 411 -30.93 -4.77 15.47
C GLN A 411 -31.66 -6.06 15.56
N LEU A 412 -32.89 -5.95 16.03
CA LEU A 412 -33.71 -7.09 16.23
C LEU A 412 -35.09 -6.93 15.63
N TYR A 413 -35.51 -7.94 14.92
CA TYR A 413 -36.86 -7.96 14.43
C TYR A 413 -37.53 -9.11 15.13
N TYR A 414 -38.57 -8.80 15.88
CA TYR A 414 -39.23 -9.88 16.58
C TYR A 414 -40.67 -9.53 16.61
N SER A 415 -41.51 -10.47 16.96
CA SER A 415 -42.90 -10.11 17.00
C SER A 415 -43.61 -10.70 18.17
N LEU A 416 -44.73 -10.08 18.53
CA LEU A 416 -45.51 -10.54 19.65
C LEU A 416 -46.93 -10.85 19.26
N PRO A 417 -47.56 -11.79 19.94
CA PRO A 417 -48.91 -12.25 19.73
C PRO A 417 -49.98 -11.19 19.91
N LEU A 418 -51.04 -11.39 19.15
CA LEU A 418 -52.28 -10.66 19.20
C LEU A 418 -52.97 -10.92 20.53
N VAL A 419 -53.82 -9.99 20.96
CA VAL A 419 -54.54 -10.04 22.24
C VAL A 419 -53.71 -9.56 23.41
N ASN A 420 -52.53 -10.12 23.57
CA ASN A 420 -51.68 -9.77 24.68
C ASN A 420 -50.88 -8.48 24.48
N VAL A 421 -51.12 -7.73 23.38
CA VAL A 421 -50.45 -6.45 23.19
C VAL A 421 -51.40 -5.31 22.88
N THR A 422 -50.94 -4.08 23.14
CA THR A 422 -51.66 -2.86 22.82
C THR A 422 -50.71 -1.83 22.25
N ILE A 423 -51.23 -0.77 21.65
CA ILE A 423 -50.37 0.26 21.07
C ILE A 423 -50.58 1.63 21.70
N ASN A 424 -49.47 2.33 21.93
CA ASN A 424 -49.48 3.66 22.54
C ASN A 424 -49.02 4.70 21.53
N ASN A 425 -49.66 5.87 21.55
CA ASN A 425 -49.45 6.89 20.53
C ASN A 425 -49.22 8.30 21.11
N PHE A 426 -49.65 9.32 20.35
CA PHE A 426 -49.62 10.75 20.70
C PHE A 426 -48.24 11.38 20.53
N ASN A 427 -47.69 11.97 21.60
CA ASN A 427 -46.39 12.67 21.56
C ASN A 427 -46.25 13.80 20.54
N PRO A 428 -47.24 14.68 20.44
CA PRO A 428 -47.24 15.87 19.60
C PRO A 428 -46.21 16.86 20.07
N SER A 429 -45.69 17.70 19.16
CA SER A 429 -44.83 18.78 19.63
C SER A 429 -45.62 19.71 20.57
N SER A 430 -46.92 19.86 20.32
CA SER A 430 -47.82 20.52 21.24
C SER A 430 -49.22 19.95 21.11
N TRP A 431 -49.90 19.83 22.23
CA TRP A 431 -51.27 19.36 22.27
C TRP A 431 -52.28 20.46 22.52
N ASN A 432 -51.83 21.71 22.56
CA ASN A 432 -52.70 22.80 23.01
C ASN A 432 -53.55 23.38 21.91
N ARG A 433 -53.62 22.68 20.80
CA ARG A 433 -54.47 22.99 19.70
C ARG A 433 -55.61 21.97 19.66
N ARG A 434 -55.84 21.29 20.80
CA ARG A 434 -56.87 20.26 21.00
C ARG A 434 -56.56 18.96 20.27
N TYR A 435 -55.30 18.57 20.36
CA TYR A 435 -54.74 17.36 19.78
C TYR A 435 -55.23 16.02 20.36
N GLY A 436 -55.29 15.01 19.50
CA GLY A 436 -55.56 13.62 19.89
C GLY A 436 -56.31 12.81 18.83
N PHE A 437 -55.74 11.63 18.54
CA PHE A 437 -56.25 10.70 17.54
C PHE A 437 -57.58 10.06 17.88
N GLY A 438 -58.42 9.86 16.86
CA GLY A 438 -59.63 9.05 17.03
C GLY A 438 -59.35 7.59 16.63
N SER A 439 -58.12 7.32 16.20
CA SER A 439 -57.64 6.03 15.73
C SER A 439 -57.58 4.91 16.77
N PHE A 440 -57.80 3.68 16.32
CA PHE A 440 -57.82 2.50 17.20
C PHE A 440 -57.48 1.17 16.49
N ASN A 441 -57.33 0.12 17.31
CA ASN A 441 -57.16 -1.28 16.85
C ASN A 441 -55.99 -1.78 16.01
N LEU A 442 -54.77 -1.66 16.52
CA LEU A 442 -53.59 -2.30 15.92
C LEU A 442 -53.00 -1.66 14.68
N SER A 443 -52.75 -0.36 14.77
CA SER A 443 -52.13 0.36 13.68
C SER A 443 -51.14 1.34 14.27
N SER A 444 -50.21 1.82 13.46
CA SER A 444 -49.16 2.68 13.95
C SER A 444 -48.80 3.79 12.99
N TYR A 445 -48.23 4.86 13.51
CA TYR A 445 -47.97 6.04 12.69
C TYR A 445 -46.56 6.11 12.21
N ASP A 446 -46.39 6.27 10.92
CA ASP A 446 -45.05 6.43 10.38
C ASP A 446 -44.65 7.90 10.24
N VAL A 447 -45.50 8.80 10.76
CA VAL A 447 -45.29 10.25 10.87
C VAL A 447 -45.49 11.03 9.59
N VAL A 448 -44.75 10.63 8.56
CA VAL A 448 -44.77 11.21 7.22
C VAL A 448 -44.04 12.55 7.28
N TYR A 449 -44.77 13.66 7.41
CA TYR A 449 -44.12 14.95 7.55
C TYR A 449 -43.75 15.29 8.99
N SER A 450 -42.56 15.87 9.16
CA SER A 450 -42.07 16.33 10.46
C SER A 450 -42.88 17.50 11.01
N ASP A 451 -42.99 17.58 12.34
CA ASP A 451 -43.68 18.72 12.97
C ASP A 451 -42.95 20.03 12.68
N HIS A 452 -43.71 21.05 12.35
CA HIS A 452 -43.16 22.35 12.04
C HIS A 452 -43.28 23.39 13.17
N CYS A 453 -43.60 22.94 14.39
CA CYS A 453 -43.81 23.88 15.50
C CYS A 453 -42.56 24.67 15.89
N PHE A 454 -42.81 25.91 16.30
CA PHE A 454 -41.80 26.88 16.71
C PHE A 454 -42.40 27.71 17.83
N SER A 455 -41.56 28.45 18.57
CA SER A 455 -42.07 29.18 19.73
C SER A 455 -43.14 30.22 19.35
N VAL A 456 -44.12 30.37 20.24
CA VAL A 456 -45.27 31.25 20.06
C VAL A 456 -45.98 31.03 18.72
N ASN A 457 -46.20 29.77 18.36
CA ASN A 457 -46.91 29.45 17.14
C ASN A 457 -48.41 29.47 17.37
N SER A 458 -49.10 30.43 16.78
CA SER A 458 -50.54 30.51 16.92
C SER A 458 -51.17 31.17 15.72
N ASP A 459 -52.49 31.07 15.64
CA ASP A 459 -53.22 31.82 14.63
C ASP A 459 -53.25 33.27 15.10
N PHE A 460 -53.80 34.18 14.30
CA PHE A 460 -53.76 35.58 14.70
C PHE A 460 -55.08 36.24 15.06
N CYS A 461 -54.96 37.31 15.84
CA CYS A 461 -56.07 38.09 16.37
C CYS A 461 -56.85 38.81 15.27
N PRO A 462 -58.18 38.93 15.42
CA PRO A 462 -59.13 39.59 14.53
C PRO A 462 -58.84 41.07 14.33
N CYS A 463 -59.23 41.58 13.18
CA CYS A 463 -59.05 42.98 12.83
C CYS A 463 -60.38 43.60 12.42
N PHE A 559 -55.51 17.95 11.72
CA PHE A 559 -54.05 17.88 11.78
C PHE A 559 -53.46 17.22 10.54
N LEU A 560 -52.91 18.06 9.69
CA LEU A 560 -52.24 17.74 8.43
C LEU A 560 -50.93 16.97 8.51
N GLY A 561 -50.64 16.23 7.43
CA GLY A 561 -49.33 15.59 7.25
C GLY A 561 -48.98 14.25 7.89
N TRP A 562 -49.91 13.52 8.49
CA TRP A 562 -49.51 12.24 9.06
C TRP A 562 -50.32 11.07 8.56
N SER A 563 -49.73 9.88 8.66
CA SER A 563 -50.36 8.64 8.22
C SER A 563 -49.95 7.44 9.04
N PHE A 564 -50.69 6.36 8.86
CA PHE A 564 -50.51 5.16 9.62
C PHE A 564 -50.79 3.91 8.82
N ASP A 565 -50.34 2.80 9.35
CA ASP A 565 -50.61 1.50 8.74
C ASP A 565 -50.72 0.44 9.80
N SER A 566 -51.37 -0.65 9.45
CA SER A 566 -51.52 -1.77 10.35
C SER A 566 -50.20 -2.43 10.64
N CYS A 567 -50.13 -3.07 11.79
CA CYS A 567 -48.96 -3.84 12.19
C CYS A 567 -49.28 -5.28 12.37
N ILE A 568 -49.71 -5.93 11.33
CA ILE A 568 -50.02 -7.32 11.50
C ILE A 568 -49.51 -8.21 10.40
N SER A 569 -49.04 -9.38 10.82
CA SER A 569 -48.74 -10.46 9.91
C SER A 569 -49.08 -11.69 10.70
N ASN A 570 -49.52 -12.74 10.04
CA ASN A 570 -49.91 -13.93 10.77
C ASN A 570 -50.78 -13.56 12.00
N ASN A 571 -50.41 -14.08 13.15
CA ASN A 571 -51.01 -13.80 14.45
C ASN A 571 -50.14 -12.86 15.28
N ARG A 572 -49.25 -12.13 14.61
CA ARG A 572 -48.22 -11.35 15.26
C ARG A 572 -48.08 -9.88 14.82
N CYS A 573 -47.51 -9.06 15.69
CA CYS A 573 -47.17 -7.68 15.35
C CYS A 573 -45.67 -7.49 15.41
N ASN A 574 -45.12 -7.02 14.30
CA ASN A 574 -43.69 -6.83 14.19
C ASN A 574 -43.21 -5.69 15.03
N ILE A 575 -42.10 -5.91 15.71
CA ILE A 575 -41.49 -4.91 16.53
C ILE A 575 -40.05 -4.76 16.17
N PHE A 576 -39.63 -3.53 16.02
CA PHE A 576 -38.25 -3.27 15.73
C PHE A 576 -37.53 -2.82 16.95
N SER A 577 -36.37 -3.39 17.18
CA SER A 577 -35.59 -2.94 18.28
C SER A 577 -34.18 -2.62 17.86
N ASN A 578 -33.62 -1.60 18.48
CA ASN A 578 -32.26 -1.21 18.19
C ASN A 578 -31.43 -1.26 19.43
N PHE A 579 -30.32 -1.96 19.37
CA PHE A 579 -29.44 -2.01 20.51
C PHE A 579 -28.23 -1.16 20.24
N ILE A 580 -27.76 -0.47 21.25
CA ILE A 580 -26.57 0.32 21.11
C ILE A 580 -25.63 -0.05 22.20
N PHE A 581 -24.37 -0.24 21.85
CA PHE A 581 -23.45 -0.63 22.88
C PHE A 581 -22.58 0.55 23.21
N ASN A 582 -22.63 0.97 24.46
CA ASN A 582 -21.93 2.19 24.84
C ASN A 582 -20.49 1.91 25.16
N GLY A 583 -19.73 1.70 24.11
CA GLY A 583 -18.34 1.36 24.17
C GLY A 583 -18.25 -0.14 24.17
N ILE A 584 -17.05 -0.65 24.10
CA ILE A 584 -16.83 -2.09 24.07
C ILE A 584 -15.78 -2.46 25.08
N ASN A 585 -16.01 -3.56 25.79
CA ASN A 585 -15.15 -4.03 26.86
C ASN A 585 -15.02 -3.00 27.99
N SER A 586 -14.17 -3.32 28.96
CA SER A 586 -13.89 -2.43 30.09
C SER A 586 -15.10 -1.92 30.89
N GLY A 587 -15.93 -2.82 31.42
CA GLY A 587 -17.07 -2.36 32.23
C GLY A 587 -17.74 -3.46 33.06
N THR A 588 -18.71 -3.07 33.90
CA THR A 588 -19.32 -3.99 34.85
C THR A 588 -20.49 -4.83 34.35
N THR A 589 -21.05 -4.49 33.22
CA THR A 589 -22.10 -5.31 32.65
C THR A 589 -21.48 -6.36 31.81
N CYS A 590 -21.92 -7.61 31.89
CA CYS A 590 -21.35 -8.55 30.94
C CYS A 590 -22.25 -9.70 30.58
N SER A 591 -21.91 -10.37 29.48
CA SER A 591 -22.55 -11.63 29.14
C SER A 591 -22.17 -12.70 30.14
N ASN A 592 -23.09 -13.59 30.46
CA ASN A 592 -22.76 -14.70 31.33
C ASN A 592 -22.53 -15.99 30.59
N ASP A 593 -22.38 -15.94 29.28
CA ASP A 593 -22.27 -17.20 28.57
C ASP A 593 -20.96 -17.91 28.85
N LEU A 594 -21.05 -19.12 29.42
CA LEU A 594 -19.90 -19.97 29.65
C LEU A 594 -18.78 -19.32 30.47
N LEU A 595 -19.13 -18.64 31.56
CA LEU A 595 -18.15 -17.89 32.34
C LEU A 595 -17.00 -18.67 32.96
N TYR A 596 -17.11 -19.98 33.11
CA TYR A 596 -16.06 -20.78 33.74
C TYR A 596 -15.84 -20.37 35.20
N SER A 597 -16.86 -19.79 35.84
CA SER A 597 -16.75 -19.27 37.20
C SER A 597 -15.66 -18.21 37.33
N ASN A 598 -15.23 -17.98 38.55
CA ASN A 598 -14.14 -17.05 38.83
C ASN A 598 -12.96 -17.82 39.33
N THR A 599 -11.75 -17.40 38.96
CA THR A 599 -10.63 -18.16 39.46
C THR A 599 -9.58 -17.28 40.08
N GLU A 600 -8.76 -17.91 40.89
CA GLU A 600 -7.64 -17.30 41.56
C GLU A 600 -6.53 -16.87 40.61
N ILE A 601 -5.90 -15.76 40.90
CA ILE A 601 -4.73 -15.33 40.14
C ILE A 601 -3.56 -16.24 40.47
N SER A 602 -2.83 -16.61 39.45
CA SER A 602 -1.69 -17.50 39.59
C SER A 602 -0.64 -16.99 38.65
N THR A 603 0.59 -17.48 38.75
CA THR A 603 1.62 -16.88 37.93
C THR A 603 1.98 -17.82 36.79
N GLY A 604 2.90 -18.74 37.01
CA GLY A 604 3.18 -19.67 35.92
C GLY A 604 3.88 -18.92 34.81
N VAL A 605 3.71 -19.42 33.58
CA VAL A 605 4.26 -18.73 32.41
C VAL A 605 3.25 -18.61 31.27
N CYS A 606 3.13 -17.40 30.71
CA CYS A 606 2.27 -17.12 29.55
C CYS A 606 0.84 -17.54 29.73
N VAL A 607 0.25 -17.13 30.83
CA VAL A 607 -1.11 -17.48 31.11
C VAL A 607 -2.09 -16.68 30.26
N ASN A 608 -3.01 -17.37 29.61
CA ASN A 608 -4.05 -16.68 28.88
C ASN A 608 -5.01 -16.13 29.89
N TYR A 609 -5.50 -14.92 29.67
CA TYR A 609 -6.45 -14.44 30.64
C TYR A 609 -7.55 -13.58 30.10
N ASP A 610 -8.57 -13.51 30.91
CA ASP A 610 -9.72 -12.67 30.71
C ASP A 610 -10.19 -12.24 32.06
N LEU A 611 -9.80 -11.03 32.44
CA LEU A 611 -10.15 -10.55 33.74
C LEU A 611 -10.95 -9.32 33.61
N TYR A 612 -12.13 -9.35 34.18
CA TYR A 612 -12.97 -8.19 34.15
C TYR A 612 -13.17 -7.84 32.68
N GLY A 613 -13.07 -6.57 32.35
CA GLY A 613 -13.29 -6.15 30.98
C GLY A 613 -12.11 -6.32 30.00
N ILE A 614 -10.98 -6.92 30.41
CA ILE A 614 -9.83 -7.02 29.48
C ILE A 614 -9.31 -8.43 29.28
N THR A 615 -8.61 -8.64 28.15
CA THR A 615 -8.01 -9.94 27.87
C THR A 615 -6.58 -9.80 27.40
N GLY A 616 -5.81 -10.88 27.47
CA GLY A 616 -4.43 -10.86 27.03
C GLY A 616 -3.74 -12.17 27.35
N GLN A 617 -2.43 -12.20 27.14
CA GLN A 617 -1.63 -13.33 27.59
C GLN A 617 -0.35 -12.82 28.22
N GLY A 618 0.06 -13.42 29.34
CA GLY A 618 1.30 -12.98 29.95
C GLY A 618 1.64 -13.69 31.26
N ILE A 619 2.72 -13.28 31.88
CA ILE A 619 3.12 -13.84 33.15
C ILE A 619 2.65 -12.97 34.29
N PHE A 620 1.68 -13.45 35.05
CA PHE A 620 1.28 -12.66 36.19
C PHE A 620 2.37 -12.59 37.21
N LYS A 621 2.51 -11.45 37.84
CA LYS A 621 3.41 -11.32 38.94
C LYS A 621 2.75 -10.62 40.09
N GLU A 622 2.78 -11.21 41.27
CA GLU A 622 2.27 -10.47 42.40
C GLU A 622 3.18 -9.31 42.69
N VAL A 623 2.62 -8.18 43.04
CA VAL A 623 3.47 -7.08 43.43
C VAL A 623 2.91 -6.41 44.64
N SER A 624 3.75 -5.91 45.52
CA SER A 624 3.20 -5.11 46.59
C SER A 624 3.55 -3.68 46.29
N ALA A 625 2.53 -2.87 46.07
CA ALA A 625 2.73 -1.47 45.80
C ALA A 625 1.47 -0.71 46.08
N ALA A 626 1.60 0.59 46.26
CA ALA A 626 0.39 1.38 46.34
C ALA A 626 0.60 2.66 45.59
N TYR A 627 -0.41 3.02 44.83
CA TYR A 627 -0.41 4.23 44.03
C TYR A 627 -1.75 4.46 43.40
N TYR A 628 -2.50 3.38 43.15
CA TYR A 628 -3.78 3.54 42.51
C TYR A 628 -4.74 4.29 43.39
N ASN A 629 -5.47 5.21 42.78
CA ASN A 629 -6.60 5.82 43.44
C ASN A 629 -7.69 4.80 43.41
N ASN A 630 -8.58 4.80 44.37
CA ASN A 630 -9.61 3.76 44.38
C ASN A 630 -10.69 3.89 43.31
N TRP A 631 -10.59 4.89 42.45
CA TRP A 631 -11.44 5.02 41.29
C TRP A 631 -10.72 4.59 40.01
N GLN A 632 -9.53 4.00 40.14
CA GLN A 632 -8.76 3.67 38.95
C GLN A 632 -8.51 2.16 38.74
N ASN A 633 -7.46 1.65 39.37
CA ASN A 633 -7.05 0.25 39.36
C ASN A 633 -6.51 -0.34 38.04
N LEU A 634 -6.09 0.49 37.08
CA LEU A 634 -5.41 -0.04 35.88
C LEU A 634 -4.12 0.72 35.57
N LEU A 635 -3.07 0.02 35.15
CA LEU A 635 -1.77 0.60 34.83
C LEU A 635 -1.28 0.29 33.43
N TYR A 636 -0.82 1.32 32.71
CA TYR A 636 -0.35 1.14 31.34
C TYR A 636 0.99 1.77 31.00
N ASP A 637 1.67 1.19 30.02
CA ASP A 637 2.81 1.83 29.37
C ASP A 637 2.28 3.06 28.64
N SER A 638 3.09 4.11 28.52
CA SER A 638 2.64 5.34 27.86
C SER A 638 2.08 5.13 26.43
N ASN A 639 2.47 4.05 25.78
CA ASN A 639 2.02 3.69 24.44
C ASN A 639 0.87 2.66 24.43
N GLY A 640 0.12 2.51 25.53
CA GLY A 640 -0.88 1.45 25.62
C GLY A 640 -0.14 0.25 26.15
N ASN A 641 -0.44 -0.98 25.73
CA ASN A 641 0.36 -2.07 26.30
C ASN A 641 0.20 -2.18 27.82
N ILE A 642 -1.02 -2.45 28.29
CA ILE A 642 -1.30 -2.44 29.73
C ILE A 642 -0.37 -3.33 30.51
N ILE A 643 0.08 -2.79 31.64
CA ILE A 643 1.02 -3.43 32.54
C ILE A 643 0.45 -4.12 33.74
N GLY A 644 -0.56 -3.56 34.35
CA GLY A 644 -1.04 -4.23 35.55
C GLY A 644 -2.31 -3.63 36.11
N PHE A 645 -2.77 -4.23 37.20
CA PHE A 645 -4.04 -3.84 37.76
C PHE A 645 -4.17 -4.08 39.24
N LYS A 646 -5.18 -3.45 39.81
CA LYS A 646 -5.56 -3.73 41.18
C LYS A 646 -6.85 -4.53 41.09
N ASP A 647 -6.94 -5.61 41.84
CA ASP A 647 -8.09 -6.47 41.75
C ASP A 647 -9.30 -5.80 42.33
N PHE A 648 -10.35 -5.69 41.54
CA PHE A 648 -11.55 -5.08 42.06
C PHE A 648 -12.15 -5.91 43.19
N LEU A 649 -11.98 -7.23 43.12
CA LEU A 649 -12.52 -8.09 44.13
C LEU A 649 -11.79 -8.13 45.47
N THR A 650 -10.45 -8.23 45.44
CA THR A 650 -9.68 -8.37 46.67
C THR A 650 -8.78 -7.21 47.02
N ASN A 651 -8.63 -6.29 46.11
CA ASN A 651 -7.74 -5.14 46.24
C ASN A 651 -6.26 -5.55 46.24
N LYS A 652 -5.95 -6.76 45.78
CA LYS A 652 -4.58 -7.22 45.57
C LYS A 652 -4.03 -6.61 44.32
N THR A 653 -2.72 -6.50 44.19
CA THR A 653 -2.27 -5.96 42.92
C THR A 653 -1.27 -6.87 42.24
N TYR A 654 -1.24 -6.72 40.92
CA TYR A 654 -0.40 -7.53 40.06
C TYR A 654 0.14 -6.75 38.90
N THR A 655 1.18 -7.29 38.29
CA THR A 655 1.67 -6.75 37.04
C THR A 655 1.83 -7.92 36.11
N ILE A 656 1.91 -7.66 34.82
CA ILE A 656 2.05 -8.76 33.92
C ILE A 656 3.28 -8.65 33.04
N LEU A 657 4.23 -9.54 33.25
CA LEU A 657 5.40 -9.59 32.41
C LEU A 657 5.00 -10.16 31.06
N PRO A 658 5.63 -9.74 29.98
CA PRO A 658 5.38 -10.19 28.65
C PRO A 658 5.73 -11.66 28.48
N CYS A 659 5.00 -12.29 27.58
CA CYS A 659 5.14 -13.68 27.17
C CYS A 659 6.24 -13.88 26.14
N TYR A 660 6.75 -15.12 26.05
CA TYR A 660 7.73 -15.64 25.07
C TYR A 660 9.14 -15.83 25.61
N SER A 661 9.98 -16.32 24.70
CA SER A 661 11.38 -16.61 24.89
C SER A 661 12.04 -16.34 23.55
N GLY A 662 13.37 -16.28 23.53
CA GLY A 662 14.10 -15.96 22.30
C GLY A 662 14.01 -17.02 21.20
N ARG A 663 14.24 -16.54 19.97
CA ARG A 663 14.27 -17.34 18.75
C ARG A 663 15.39 -18.37 18.77
N VAL A 664 15.14 -19.52 18.16
CA VAL A 664 16.12 -20.60 18.10
C VAL A 664 17.28 -20.29 17.18
N SER A 665 18.50 -20.61 17.59
CA SER A 665 19.61 -20.50 16.67
C SER A 665 20.13 -21.89 16.46
N ALA A 666 20.71 -22.16 15.33
CA ALA A 666 21.17 -23.51 15.11
C ALA A 666 22.37 -23.57 14.21
N ALA A 667 23.15 -24.61 14.38
CA ALA A 667 24.29 -24.79 13.51
C ALA A 667 24.07 -26.04 12.74
N PHE A 668 24.52 -26.04 11.51
CA PHE A 668 24.31 -27.20 10.71
C PHE A 668 25.52 -27.52 9.89
N TYR A 669 25.69 -28.80 9.66
CA TYR A 669 26.79 -29.29 8.89
C TYR A 669 26.25 -30.36 8.01
N GLN A 670 26.78 -30.46 6.81
CA GLN A 670 26.26 -31.40 5.85
C GLN A 670 26.39 -32.81 6.37
N ASN A 671 25.40 -33.63 6.06
CA ASN A 671 25.37 -35.01 6.50
C ASN A 671 25.62 -35.10 8.01
N PRO A 675 22.45 -30.58 13.44
CA PRO A 675 21.48 -29.56 13.82
C PRO A 675 21.65 -29.15 15.26
N ALA A 676 22.83 -28.60 15.58
CA ALA A 676 23.06 -28.15 16.94
C ALA A 676 22.07 -27.08 17.28
N LEU A 677 21.62 -27.01 18.52
CA LEU A 677 20.69 -25.96 18.88
C LEU A 677 21.19 -25.08 19.99
N LEU A 678 20.90 -23.79 19.85
CA LEU A 678 21.24 -22.77 20.82
C LEU A 678 20.07 -21.89 21.19
N TYR A 679 19.87 -21.69 22.48
CA TYR A 679 18.88 -20.75 22.91
C TYR A 679 19.59 -19.57 23.48
N ARG A 680 19.50 -18.46 22.77
CA ARG A 680 20.25 -17.31 23.19
C ARG A 680 19.78 -16.84 24.53
N ASN A 681 20.74 -16.51 25.37
CA ASN A 681 20.52 -15.90 26.65
C ASN A 681 19.54 -16.66 27.54
N LEU A 682 19.53 -17.99 27.50
CA LEU A 682 18.66 -18.68 28.44
C LEU A 682 19.38 -19.71 29.25
N LYS A 683 18.99 -19.83 30.52
CA LYS A 683 19.53 -20.85 31.38
C LYS A 683 19.01 -22.19 30.90
N CYS A 684 19.82 -23.23 30.98
CA CYS A 684 19.28 -24.50 30.52
C CYS A 684 18.13 -25.00 31.34
N SER A 685 18.08 -24.65 32.62
CA SER A 685 16.93 -25.06 33.40
C SER A 685 15.68 -24.39 32.92
N TYR A 686 15.83 -23.17 32.41
CA TYR A 686 14.71 -22.47 31.86
C TYR A 686 14.19 -23.18 30.64
N VAL A 687 15.12 -23.61 29.79
CA VAL A 687 14.76 -24.29 28.58
C VAL A 687 14.10 -25.58 28.87
N LEU A 688 14.64 -26.28 29.85
CA LEU A 688 14.09 -27.54 30.25
C LEU A 688 12.70 -27.45 30.83
N ASN A 689 12.44 -26.45 31.66
CA ASN A 689 11.13 -26.43 32.27
C ASN A 689 10.12 -25.54 31.59
N ASN A 690 10.48 -24.92 30.47
CA ASN A 690 9.47 -24.22 29.70
C ASN A 690 9.12 -24.97 28.43
N ILE A 691 9.57 -26.23 28.33
CA ILE A 691 9.32 -27.06 27.17
C ILE A 691 8.93 -28.47 27.59
N PHE A 698 22.00 -33.29 25.87
CA PHE A 698 23.18 -32.87 26.62
C PHE A 698 23.06 -31.42 26.96
N TYR A 699 22.17 -31.07 27.88
CA TYR A 699 22.00 -29.65 28.11
C TYR A 699 23.30 -29.09 28.61
N PHE A 700 23.69 -27.97 28.04
CA PHE A 700 24.88 -27.30 28.48
C PHE A 700 24.70 -25.82 28.60
N ASP A 701 24.85 -25.32 29.81
CA ASP A 701 24.80 -23.89 30.03
C ASP A 701 26.15 -23.33 29.66
N SER A 702 26.21 -22.38 28.74
CA SER A 702 27.53 -21.86 28.43
C SER A 702 27.65 -20.41 28.81
N TYR A 703 27.83 -19.55 27.83
CA TYR A 703 27.87 -18.13 28.09
C TYR A 703 26.81 -17.44 27.29
N LEU A 704 26.85 -17.73 26.00
CA LEU A 704 25.97 -17.17 25.03
C LEU A 704 24.52 -17.56 25.23
N GLY A 705 24.33 -18.78 25.70
CA GLY A 705 23.03 -19.34 25.91
C GLY A 705 23.13 -20.81 26.29
N CYS A 706 21.97 -21.45 26.35
CA CYS A 706 21.88 -22.89 26.56
C CYS A 706 21.98 -23.65 25.25
N VAL A 707 22.68 -24.78 25.22
CA VAL A 707 22.69 -25.56 23.99
C VAL A 707 22.28 -26.99 24.26
N LEU A 708 21.81 -27.69 23.22
CA LEU A 708 21.32 -29.03 23.50
C LEU A 708 22.18 -30.22 23.12
N ASN A 709 22.81 -30.26 21.94
CA ASN A 709 23.67 -31.41 21.71
C ASN A 709 25.15 -31.07 21.64
N ALA A 710 25.51 -29.84 21.94
CA ALA A 710 26.91 -29.48 21.88
C ALA A 710 27.75 -30.16 22.94
N VAL A 711 28.97 -30.50 22.58
CA VAL A 711 29.96 -30.94 23.54
C VAL A 711 30.71 -29.76 24.13
N ASN A 712 30.85 -29.72 25.43
CA ASN A 712 31.63 -28.63 25.97
C ASN A 712 33.10 -28.93 25.89
N LEU A 713 33.73 -28.42 24.85
CA LEU A 713 35.16 -28.55 24.79
C LEU A 713 35.79 -27.24 25.18
N THR A 714 35.46 -26.19 24.44
CA THR A 714 35.89 -24.80 24.69
C THR A 714 37.30 -24.64 25.24
N SER A 715 38.25 -25.41 24.73
CA SER A 715 39.65 -25.26 25.13
C SER A 715 40.47 -24.93 23.92
N TYR A 716 40.34 -25.81 22.95
CA TYR A 716 40.97 -25.70 21.65
C TYR A 716 40.39 -24.55 20.87
N SER A 717 41.19 -24.00 19.99
CA SER A 717 40.69 -22.94 19.15
C SER A 717 40.95 -23.27 17.72
N VAL A 718 40.13 -22.74 16.85
CA VAL A 718 40.30 -22.95 15.43
C VAL A 718 40.20 -21.64 14.69
N SER A 719 41.21 -21.30 13.88
CA SER A 719 41.13 -20.05 13.16
C SER A 719 40.31 -20.16 11.87
N SER A 720 40.14 -21.38 11.38
CA SER A 720 39.37 -21.66 10.17
C SER A 720 37.90 -22.00 10.34
N CYS A 721 37.37 -21.95 11.55
CA CYS A 721 36.01 -22.44 11.73
C CYS A 721 34.95 -21.54 11.12
N ASP A 722 34.06 -22.16 10.33
CA ASP A 722 32.97 -21.47 9.65
C ASP A 722 31.58 -21.49 10.28
N LEU A 723 31.46 -22.01 11.47
CA LEU A 723 30.16 -22.06 12.15
C LEU A 723 30.10 -21.10 13.30
N ARG A 724 30.74 -19.95 13.15
CA ARG A 724 30.87 -19.01 14.25
C ARG A 724 29.51 -18.63 14.77
N MET A 725 29.42 -18.51 16.08
CA MET A 725 28.14 -18.22 16.71
C MET A 725 28.10 -16.86 17.38
N GLY A 726 28.40 -16.83 18.67
CA GLY A 726 28.48 -15.60 19.40
C GLY A 726 29.90 -15.12 19.42
N SER A 727 30.18 -14.11 20.23
CA SER A 727 31.54 -13.63 20.23
C SER A 727 32.47 -14.66 20.78
N GLY A 728 33.58 -14.87 20.09
CA GLY A 728 34.68 -15.71 20.52
C GLY A 728 34.45 -17.22 20.36
N PHE A 729 33.37 -17.66 19.72
CA PHE A 729 33.13 -19.11 19.63
C PHE A 729 32.54 -19.55 18.32
N CYS A 730 32.74 -20.84 18.02
CA CYS A 730 32.06 -21.40 16.86
C CYS A 730 31.76 -22.86 17.11
N ILE A 731 30.93 -23.43 16.25
CA ILE A 731 30.66 -24.86 16.33
C ILE A 731 31.62 -25.69 15.48
N ASP A 732 32.24 -26.69 16.07
CA ASP A 732 33.12 -27.55 15.33
C ASP A 732 32.52 -28.93 15.08
N TYR A 733 32.64 -29.39 13.84
CA TYR A 733 32.13 -30.71 13.47
C TYR A 733 32.50 -31.05 12.04
N PRO A 748 29.39 -35.84 17.88
CA PRO A 748 28.46 -34.75 17.61
C PRO A 748 29.17 -33.41 17.61
N TYR A 749 28.39 -32.36 17.43
CA TYR A 749 28.89 -30.99 17.36
C TYR A 749 29.51 -30.56 18.67
N ARG A 750 30.57 -29.74 18.60
CA ARG A 750 31.18 -29.26 19.84
C ARG A 750 31.63 -27.82 19.80
N PHE A 751 31.59 -27.13 20.92
CA PHE A 751 32.15 -25.79 20.93
C PHE A 751 33.64 -25.76 20.87
N VAL A 752 34.17 -24.83 20.10
CA VAL A 752 35.58 -24.51 20.19
C VAL A 752 35.68 -23.01 20.23
N THR A 753 36.79 -22.49 20.70
CA THR A 753 36.90 -21.05 20.64
C THR A 753 37.32 -20.66 19.22
N PHE A 754 37.06 -19.42 18.84
CA PHE A 754 37.48 -18.99 17.51
C PHE A 754 38.37 -17.79 17.52
N GLU A 755 39.63 -17.97 17.16
CA GLU A 755 40.50 -16.80 17.04
C GLU A 755 41.64 -16.93 16.03
N PRO A 756 41.98 -15.82 15.34
CA PRO A 756 43.22 -15.53 14.63
C PRO A 756 44.35 -15.42 15.65
N PHE A 757 45.59 -15.72 15.28
CA PHE A 757 46.67 -15.59 16.26
C PHE A 757 47.98 -15.17 15.65
N ASN A 758 48.88 -14.70 16.51
CA ASN A 758 50.22 -14.29 16.10
C ASN A 758 50.93 -15.39 15.33
N ASN A 780 67.03 -17.73 4.04
CA ASN A 780 66.09 -18.42 3.17
C ASN A 780 65.94 -17.70 1.85
N PHE A 781 65.55 -16.42 1.90
CA PHE A 781 65.35 -15.59 0.71
C PHE A 781 64.23 -16.16 -0.16
N THR A 782 63.26 -16.80 0.47
CA THR A 782 62.13 -17.42 -0.19
C THR A 782 61.21 -16.44 -0.91
N ILE A 783 60.61 -16.92 -1.99
CA ILE A 783 59.67 -16.13 -2.78
C ILE A 783 58.37 -16.89 -2.98
N ALA A 784 57.23 -16.25 -2.76
CA ALA A 784 55.97 -16.93 -3.00
C ALA A 784 54.85 -16.00 -3.43
N GLY A 785 53.92 -16.58 -4.18
CA GLY A 785 52.75 -15.91 -4.72
C GLY A 785 51.65 -15.52 -3.73
N HIS A 786 50.88 -14.50 -4.10
CA HIS A 786 49.65 -14.11 -3.41
C HIS A 786 48.67 -13.64 -4.47
N GLU A 787 47.38 -13.59 -4.14
CA GLU A 787 46.40 -13.15 -5.12
C GLU A 787 45.20 -12.41 -4.54
N GLU A 788 44.58 -11.53 -5.34
CA GLU A 788 43.36 -10.88 -4.86
C GLU A 788 42.29 -10.70 -5.94
N PHE A 789 41.03 -11.02 -5.59
CA PHE A 789 39.87 -10.84 -6.49
C PHE A 789 39.36 -9.45 -6.87
N ILE A 790 39.45 -8.48 -5.97
CA ILE A 790 39.01 -7.08 -6.20
C ILE A 790 37.51 -6.77 -6.42
N GLN A 791 36.85 -7.40 -7.38
CA GLN A 791 35.45 -7.13 -7.75
C GLN A 791 35.15 -5.69 -8.16
N THR A 792 35.87 -5.18 -9.15
CA THR A 792 35.69 -3.82 -9.65
C THR A 792 34.31 -3.51 -10.27
N SER A 793 33.59 -4.53 -10.72
CA SER A 793 32.32 -4.31 -11.40
C SER A 793 31.32 -5.41 -11.14
N SER A 794 30.09 -5.19 -11.57
CA SER A 794 29.00 -6.12 -11.37
C SER A 794 28.16 -6.13 -12.63
N PRO A 795 27.26 -7.09 -12.80
CA PRO A 795 26.38 -7.22 -13.92
C PRO A 795 25.51 -6.00 -14.00
N LYS A 796 25.10 -5.65 -15.20
CA LYS A 796 24.23 -4.52 -15.38
C LYS A 796 22.85 -5.05 -15.60
N VAL A 797 21.88 -4.42 -14.99
CA VAL A 797 20.54 -4.90 -15.11
C VAL A 797 19.58 -3.81 -15.48
N THR A 798 18.58 -4.16 -16.26
CA THR A 798 17.54 -3.22 -16.54
C THR A 798 16.23 -3.93 -16.38
N ILE A 799 15.20 -3.16 -16.14
CA ILE A 799 13.88 -3.73 -15.99
C ILE A 799 12.88 -2.98 -16.80
N ASP A 800 12.09 -3.71 -17.56
CA ASP A 800 11.07 -3.05 -18.32
C ASP A 800 9.89 -2.79 -17.43
N CYS A 801 9.91 -1.63 -16.78
CA CYS A 801 8.83 -1.31 -15.90
C CYS A 801 7.55 -1.27 -16.67
N SER A 802 6.56 -1.85 -16.04
CA SER A 802 5.19 -2.08 -16.45
C SER A 802 5.07 -3.41 -17.15
N ALA A 803 6.12 -3.84 -17.88
CA ALA A 803 6.06 -5.18 -18.44
C ALA A 803 6.29 -6.17 -17.33
N PHE A 804 7.17 -5.79 -16.41
CA PHE A 804 7.40 -6.61 -15.26
C PHE A 804 6.18 -6.69 -14.40
N VAL A 805 5.51 -5.56 -14.25
CA VAL A 805 4.34 -5.52 -13.43
C VAL A 805 3.23 -6.31 -14.04
N CYS A 806 3.06 -6.17 -15.34
CA CYS A 806 2.00 -6.92 -15.97
C CYS A 806 2.34 -7.34 -17.40
N SER A 807 2.05 -8.60 -17.70
CA SER A 807 2.14 -9.11 -19.07
C SER A 807 1.10 -8.34 -19.86
N ASN A 808 1.21 -8.23 -21.17
CA ASN A 808 0.26 -7.32 -21.78
C ASN A 808 -1.14 -7.89 -21.88
N TYR A 809 -1.92 -7.48 -20.89
CA TYR A 809 -3.33 -7.73 -20.71
C TYR A 809 -4.19 -6.54 -20.99
N ALA A 810 -3.74 -5.62 -21.84
CA ALA A 810 -4.58 -4.50 -22.22
C ALA A 810 -4.87 -3.63 -21.01
N ALA A 811 -6.12 -3.59 -20.57
CA ALA A 811 -6.53 -2.72 -19.49
C ALA A 811 -5.71 -2.88 -18.22
N CYS A 812 -5.01 -3.99 -18.05
CA CYS A 812 -4.09 -4.07 -16.94
C CYS A 812 -3.05 -2.95 -17.03
N HIS A 813 -2.52 -2.72 -18.23
CA HIS A 813 -1.60 -1.63 -18.45
C HIS A 813 -2.27 -0.29 -18.35
N ASP A 814 -3.55 -0.25 -18.68
CA ASP A 814 -4.25 1.01 -18.57
C ASP A 814 -4.36 1.43 -17.13
N LEU A 815 -4.52 0.47 -16.23
CA LEU A 815 -4.54 0.81 -14.82
C LEU A 815 -3.21 1.37 -14.40
N LEU A 816 -2.13 0.86 -14.97
CA LEU A 816 -0.84 1.43 -14.65
C LEU A 816 -0.71 2.87 -15.10
N SER A 817 -1.26 3.20 -16.27
CA SER A 817 -1.21 4.59 -16.68
C SER A 817 -2.06 5.45 -15.78
N GLU A 818 -3.12 4.86 -15.23
CA GLU A 818 -3.97 5.57 -14.30
C GLU A 818 -3.22 5.84 -13.03
N TYR A 819 -2.39 4.88 -12.64
CA TYR A 819 -1.53 4.99 -11.47
C TYR A 819 -0.54 6.13 -11.61
N GLY A 820 -0.15 6.42 -12.85
CA GLY A 820 0.76 7.52 -13.11
C GLY A 820 2.26 7.18 -13.29
N THR A 821 3.04 8.27 -13.42
CA THR A 821 4.45 8.29 -13.85
C THR A 821 5.44 7.64 -12.92
N PHE A 822 4.98 7.16 -11.79
CA PHE A 822 5.81 6.51 -10.81
C PHE A 822 6.63 5.37 -11.42
N CYS A 823 6.08 4.71 -12.44
CA CYS A 823 6.81 3.64 -13.14
C CYS A 823 8.16 4.07 -13.72
N ASP A 824 8.28 5.33 -14.15
CA ASP A 824 9.54 5.71 -14.73
C ASP A 824 10.56 6.21 -13.75
N ASN A 825 10.24 6.17 -12.47
CA ASN A 825 11.25 6.55 -11.51
C ASN A 825 12.20 5.39 -11.38
N ILE A 826 11.62 4.20 -11.52
CA ILE A 826 12.35 2.97 -11.49
C ILE A 826 13.30 2.93 -12.64
N ASN A 827 12.81 3.36 -13.79
CA ASN A 827 13.64 3.37 -14.96
C ASN A 827 14.76 4.37 -14.87
N SER A 828 14.45 5.58 -14.40
CA SER A 828 15.48 6.58 -14.29
C SER A 828 16.60 6.22 -13.35
N ILE A 829 16.26 5.58 -12.24
CA ILE A 829 17.30 5.23 -11.31
C ILE A 829 18.20 4.17 -11.84
N LEU A 830 17.62 3.16 -12.48
CA LEU A 830 18.45 2.11 -13.01
C LEU A 830 19.37 2.63 -14.08
N ASN A 831 18.95 3.66 -14.81
CA ASN A 831 19.82 4.20 -15.80
C ASN A 831 21.01 4.86 -15.17
N GLU A 832 20.76 5.62 -14.09
CA GLU A 832 21.86 6.25 -13.39
C GLU A 832 22.84 5.26 -12.83
N VAL A 833 22.33 4.18 -12.27
CA VAL A 833 23.18 3.15 -11.71
C VAL A 833 24.05 2.52 -12.74
N ASN A 834 23.50 2.29 -13.91
CA ASN A 834 24.26 1.64 -14.93
C ASN A 834 25.32 2.57 -15.45
N ASP A 835 25.01 3.85 -15.55
CA ASP A 835 26.01 4.78 -16.02
C ASP A 835 27.14 4.96 -15.04
N LEU A 836 26.82 4.90 -13.74
CA LEU A 836 27.88 4.99 -12.77
C LEU A 836 28.83 3.84 -12.90
N LEU A 837 28.29 2.65 -13.10
CA LEU A 837 29.17 1.53 -13.24
C LEU A 837 30.02 1.65 -14.48
N ASP A 838 29.43 2.17 -15.55
CA ASP A 838 30.15 2.33 -16.78
C ASP A 838 31.34 3.23 -16.69
N ILE A 839 31.20 4.36 -16.00
CA ILE A 839 32.35 5.20 -15.91
C ILE A 839 33.47 4.57 -15.13
N THR A 840 33.15 3.70 -14.17
CA THR A 840 34.28 3.10 -13.47
C THR A 840 35.01 2.11 -14.34
N GLN A 841 34.32 1.48 -15.31
CA GLN A 841 35.05 0.61 -16.19
C GLN A 841 36.03 1.41 -17.00
N LEU A 842 35.55 2.55 -17.48
CA LEU A 842 36.38 3.42 -18.25
C LEU A 842 37.49 4.01 -17.46
N GLN A 843 37.24 4.28 -16.18
CA GLN A 843 38.25 4.85 -15.33
C GLN A 843 39.42 3.93 -15.19
N VAL A 844 39.13 2.64 -15.06
CA VAL A 844 40.20 1.68 -14.97
C VAL A 844 40.93 1.57 -16.25
N ALA A 845 40.20 1.56 -17.36
CA ALA A 845 40.84 1.43 -18.64
C ALA A 845 41.78 2.57 -18.93
N ASN A 846 41.40 3.78 -18.54
CA ASN A 846 42.27 4.89 -18.79
C ASN A 846 43.46 4.91 -17.89
N ALA A 847 43.24 4.59 -16.62
CA ALA A 847 44.35 4.58 -15.70
C ALA A 847 45.36 3.53 -16.08
N LEU A 848 44.86 2.39 -16.51
CA LEU A 848 45.71 1.30 -16.91
C LEU A 848 46.50 1.61 -18.17
N MET A 849 45.83 2.18 -19.17
CA MET A 849 46.48 2.53 -20.42
C MET A 849 47.40 3.73 -20.37
N GLN A 850 47.26 4.58 -19.37
CA GLN A 850 48.13 5.73 -19.39
C GLN A 850 49.58 5.34 -19.20
N GLY A 851 50.43 5.94 -20.02
CA GLY A 851 51.87 5.79 -19.92
C GLY A 851 52.40 4.48 -20.50
N VAL A 852 51.56 3.68 -21.17
CA VAL A 852 52.08 2.40 -21.66
C VAL A 852 53.21 2.47 -22.69
N THR A 853 53.03 3.31 -23.72
CA THR A 853 54.05 3.59 -24.73
C THR A 853 54.97 2.42 -25.14
N LEU A 854 54.44 1.21 -25.27
CA LEU A 854 55.24 0.06 -25.69
C LEU A 854 55.68 0.20 -27.15
N SER A 855 56.84 -0.37 -27.50
CA SER A 855 57.32 -0.28 -28.87
C SER A 855 56.46 -0.97 -29.89
N SER A 856 56.36 -0.35 -31.06
CA SER A 856 55.62 -0.89 -32.19
C SER A 856 56.14 -2.21 -32.72
N ASN A 857 57.41 -2.50 -32.46
CA ASN A 857 58.00 -3.72 -32.99
C ASN A 857 58.02 -4.89 -32.02
N LEU A 858 57.31 -4.79 -30.90
CA LEU A 858 57.32 -5.91 -29.98
C LEU A 858 56.63 -7.13 -30.57
N ASN A 859 57.15 -8.29 -30.23
CA ASN A 859 56.63 -9.55 -30.72
C ASN A 859 56.82 -10.65 -29.70
N THR A 860 56.36 -11.85 -30.02
CA THR A 860 56.49 -12.99 -29.13
C THR A 860 56.22 -14.30 -29.86
N LEU A 889 46.78 -17.50 -21.65
CA LEU A 889 47.47 -17.98 -20.46
C LEU A 889 46.46 -18.28 -19.36
N LEU A 890 46.91 -18.15 -18.11
CA LEU A 890 46.08 -18.30 -16.93
C LEU A 890 44.90 -17.35 -17.00
N GLU A 891 45.14 -16.23 -17.67
CA GLU A 891 44.14 -15.22 -17.87
C GLU A 891 42.88 -15.73 -18.55
N ASP A 892 42.96 -16.78 -19.38
CA ASP A 892 41.71 -17.28 -19.91
C ASP A 892 41.21 -18.44 -19.10
N LEU A 893 42.05 -19.00 -18.22
CA LEU A 893 41.58 -20.04 -17.33
C LEU A 893 40.51 -19.51 -16.41
N LEU A 894 40.64 -18.25 -16.06
CA LEU A 894 39.68 -17.57 -15.22
C LEU A 894 38.28 -17.55 -15.78
N PHE A 895 38.14 -17.57 -17.09
CA PHE A 895 36.83 -17.51 -17.66
C PHE A 895 36.31 -18.88 -18.02
N ASN A 896 37.04 -19.93 -17.65
CA ASN A 896 36.58 -21.26 -17.91
C ASN A 896 35.98 -21.92 -16.68
N LYS A 897 35.80 -21.16 -15.61
CA LYS A 897 35.24 -21.76 -14.41
C LYS A 897 33.86 -21.24 -14.08
N VAL A 898 33.73 -19.93 -14.20
CA VAL A 898 32.49 -19.23 -13.90
C VAL A 898 31.30 -19.56 -14.79
N LYS A 899 31.59 -19.98 -16.02
CA LYS A 899 30.62 -20.29 -17.07
C LYS A 899 29.74 -19.10 -17.51
N LEU A 900 30.03 -17.89 -17.01
CA LEU A 900 29.38 -16.68 -17.42
C LEU A 900 30.41 -15.61 -17.67
N SER A 901 30.18 -14.83 -18.70
CA SER A 901 31.03 -13.73 -19.07
C SER A 901 30.15 -12.79 -19.78
N ASP A 902 30.61 -11.58 -20.06
CA ASP A 902 29.77 -10.70 -20.85
C ASP A 902 29.30 -11.44 -22.10
N VAL A 903 30.21 -12.17 -22.74
CA VAL A 903 29.88 -13.01 -23.87
C VAL A 903 28.97 -14.16 -23.53
N GLY A 904 29.18 -14.78 -22.38
CA GLY A 904 28.34 -15.90 -22.00
C GLY A 904 26.90 -15.49 -21.82
N PHE A 905 26.66 -14.29 -21.32
CA PHE A 905 25.28 -13.84 -21.23
C PHE A 905 24.70 -13.61 -22.59
N VAL A 906 25.54 -13.14 -23.53
CA VAL A 906 25.04 -12.96 -24.88
C VAL A 906 24.63 -14.26 -25.47
N GLU A 907 25.45 -15.29 -25.25
CA GLU A 907 25.12 -16.59 -25.77
C GLU A 907 23.88 -17.17 -25.15
N ALA A 908 23.71 -16.97 -23.85
CA ALA A 908 22.53 -17.48 -23.21
C ALA A 908 21.30 -16.85 -23.77
N TYR A 909 21.38 -15.54 -24.00
CA TYR A 909 20.26 -14.87 -24.60
C TYR A 909 20.05 -15.28 -26.04
N ASN A 910 21.11 -15.71 -26.74
CA ASN A 910 20.91 -16.10 -28.11
C ASN A 910 20.28 -17.46 -28.19
N ASN A 911 20.29 -18.20 -27.09
CA ASN A 911 19.65 -19.49 -27.13
C ASN A 911 18.22 -19.39 -26.68
N CYS A 912 17.71 -18.16 -26.49
CA CYS A 912 16.30 -18.00 -26.21
C CYS A 912 15.53 -18.14 -27.52
N THR A 913 16.24 -18.04 -28.66
CA THR A 913 15.61 -18.24 -29.95
C THR A 913 15.91 -19.63 -30.49
N GLY A 914 16.71 -20.37 -29.73
CA GLY A 914 17.13 -21.72 -30.11
C GLY A 914 15.96 -22.69 -30.08
N GLY A 915 16.09 -23.76 -30.83
CA GLY A 915 15.07 -24.80 -30.86
C GLY A 915 14.94 -25.54 -29.53
N SER A 916 15.94 -25.44 -28.64
CA SER A 916 15.86 -26.11 -27.37
C SER A 916 14.76 -25.55 -26.50
N GLU A 917 14.13 -26.45 -25.78
CA GLU A 917 13.08 -26.12 -24.84
C GLU A 917 13.57 -25.90 -23.42
N ILE A 918 14.88 -26.10 -23.20
CA ILE A 918 15.41 -26.07 -21.85
C ILE A 918 15.24 -24.75 -21.11
N ARG A 919 15.39 -23.61 -21.80
CA ARG A 919 15.19 -22.25 -21.27
C ARG A 919 16.20 -21.73 -20.23
N ASP A 920 16.89 -22.63 -19.52
CA ASP A 920 17.71 -22.28 -18.39
C ASP A 920 16.87 -21.39 -17.49
N LEU A 921 17.48 -20.49 -16.75
CA LEU A 921 16.67 -19.57 -16.01
C LEU A 921 16.59 -18.26 -16.76
N LEU A 922 17.68 -17.95 -17.46
CA LEU A 922 17.81 -16.70 -18.15
C LEU A 922 16.80 -16.43 -19.21
N CYS A 923 16.35 -17.45 -19.96
CA CYS A 923 15.39 -17.10 -20.97
C CYS A 923 14.02 -16.88 -20.39
N VAL A 924 13.78 -17.33 -19.16
CA VAL A 924 12.51 -17.08 -18.57
C VAL A 924 12.49 -15.62 -18.24
N GLN A 925 13.60 -15.20 -17.67
CA GLN A 925 13.76 -13.82 -17.33
C GLN A 925 13.78 -12.95 -18.56
N SER A 926 14.37 -13.43 -19.65
CA SER A 926 14.42 -12.63 -20.86
C SER A 926 13.07 -12.30 -21.43
N PHE A 927 12.11 -13.22 -21.38
CA PHE A 927 10.79 -12.87 -21.87
C PHE A 927 10.10 -11.90 -20.91
N ASN A 928 10.47 -12.01 -19.65
CA ASN A 928 10.10 -11.09 -18.59
C ASN A 928 10.85 -9.79 -18.76
N GLY A 929 10.33 -8.70 -18.22
CA GLY A 929 10.99 -7.42 -18.39
C GLY A 929 12.45 -7.32 -17.86
N ILE A 930 12.93 -8.29 -17.10
CA ILE A 930 14.29 -8.23 -16.57
C ILE A 930 15.36 -8.69 -17.56
N LYS A 931 16.38 -7.86 -17.82
CA LYS A 931 17.47 -8.34 -18.65
C LYS A 931 18.86 -7.88 -18.23
N VAL A 932 19.84 -8.76 -18.41
CA VAL A 932 21.24 -8.39 -18.21
C VAL A 932 21.80 -7.64 -19.41
N LEU A 933 22.52 -6.55 -19.16
CA LEU A 933 23.12 -5.78 -20.23
C LEU A 933 24.63 -5.81 -20.16
N PRO A 934 25.31 -5.81 -21.29
CA PRO A 934 26.74 -5.80 -21.47
C PRO A 934 27.40 -4.49 -21.01
N PRO A 935 28.66 -4.58 -20.58
CA PRO A 935 29.61 -3.52 -20.22
C PRO A 935 30.00 -2.71 -21.45
N ILE A 936 30.41 -1.46 -21.28
CA ILE A 936 30.84 -0.70 -22.45
C ILE A 936 31.98 -1.33 -23.20
N LEU A 937 32.91 -1.95 -22.49
CA LEU A 937 34.00 -2.59 -23.17
C LEU A 937 33.94 -4.07 -22.96
N SER A 938 34.24 -4.80 -24.01
CA SER A 938 34.26 -6.25 -23.94
C SER A 938 35.43 -6.70 -23.15
N GLU A 939 35.33 -7.91 -22.65
CA GLU A 939 36.44 -8.53 -21.98
C GLU A 939 37.72 -8.43 -22.77
N THR A 940 37.64 -8.54 -24.09
CA THR A 940 38.84 -8.50 -24.89
C THR A 940 39.50 -7.13 -24.95
N GLN A 941 38.78 -6.04 -24.72
CA GLN A 941 39.51 -4.79 -24.66
C GLN A 941 40.20 -4.68 -23.36
N ILE A 942 39.60 -5.25 -22.34
CA ILE A 942 40.20 -5.14 -21.06
C ILE A 942 41.43 -5.99 -20.96
N SER A 943 41.34 -7.22 -21.48
CA SER A 943 42.51 -8.06 -21.47
C SER A 943 43.60 -7.49 -22.32
N GLY A 944 43.25 -6.85 -23.43
CA GLY A 944 44.27 -6.25 -24.24
C GLY A 944 44.95 -5.09 -23.54
N TYR A 945 44.18 -4.30 -22.79
CA TYR A 945 44.78 -3.20 -22.08
C TYR A 945 45.69 -3.70 -21.01
N THR A 946 45.27 -4.79 -20.37
CA THR A 946 46.02 -5.39 -19.31
C THR A 946 47.31 -5.97 -19.81
N THR A 947 47.22 -6.60 -20.96
CA THR A 947 48.38 -7.20 -21.54
C THR A 947 49.37 -6.16 -21.94
N ALA A 948 48.87 -5.04 -22.45
CA ALA A 948 49.75 -3.98 -22.86
C ALA A 948 50.54 -3.44 -21.70
N ALA A 949 49.89 -3.31 -20.55
CA ALA A 949 50.60 -2.83 -19.40
C ALA A 949 51.69 -3.79 -18.97
N THR A 950 51.38 -5.09 -19.00
CA THR A 950 52.37 -6.07 -18.61
C THR A 950 53.52 -6.15 -19.58
N VAL A 951 53.19 -6.08 -20.86
CA VAL A 951 54.20 -6.13 -21.88
C VAL A 951 55.09 -4.96 -21.85
N ALA A 952 54.53 -3.80 -21.60
CA ALA A 952 55.37 -2.64 -21.54
C ALA A 952 56.39 -2.78 -20.44
N ALA A 953 55.95 -3.28 -19.27
CA ALA A 953 56.89 -3.50 -18.18
C ALA A 953 57.92 -4.58 -18.50
N MET A 954 57.50 -5.54 -19.32
CA MET A 954 58.38 -6.61 -19.76
C MET A 954 59.53 -6.20 -20.65
N PHE A 955 59.46 -5.04 -21.29
CA PHE A 955 60.55 -4.68 -22.19
C PHE A 955 61.33 -3.44 -21.78
N PRO A 956 62.61 -3.64 -21.40
CA PRO A 956 63.62 -2.69 -20.99
C PRO A 956 64.06 -1.58 -21.92
N PRO A 957 63.97 -1.69 -23.28
CA PRO A 957 64.46 -0.67 -24.20
C PRO A 957 63.86 0.67 -23.89
N TRP A 958 62.61 0.68 -23.43
CA TRP A 958 62.07 1.92 -22.93
C TRP A 958 61.45 1.74 -21.54
N SER A 959 61.26 0.48 -21.10
CA SER A 959 60.78 0.10 -19.76
C SER A 959 59.33 0.45 -19.42
N ALA A 960 58.95 1.71 -19.61
CA ALA A 960 57.61 2.22 -19.40
C ALA A 960 57.14 2.03 -17.95
N ALA A 961 58.07 2.06 -17.02
CA ALA A 961 57.72 1.97 -15.62
C ALA A 961 58.88 2.47 -14.77
N ALA A 962 59.74 1.55 -14.32
CA ALA A 962 60.90 1.93 -13.52
C ALA A 962 62.01 2.62 -14.32
N GLY A 963 61.99 2.50 -15.65
CA GLY A 963 63.00 3.09 -16.51
C GLY A 963 64.27 2.22 -16.56
N VAL A 964 64.20 1.02 -15.99
CA VAL A 964 65.31 0.08 -15.94
C VAL A 964 64.77 -1.25 -16.41
N PRO A 965 65.65 -2.20 -16.72
CA PRO A 965 65.29 -3.53 -17.13
C PRO A 965 64.52 -4.22 -16.01
N PHE A 966 63.62 -5.11 -16.41
CA PHE A 966 62.74 -5.75 -15.46
C PHE A 966 63.42 -6.56 -14.37
N SER A 967 64.41 -7.38 -14.72
CA SER A 967 65.07 -8.13 -13.68
C SER A 967 65.89 -7.24 -12.77
N LEU A 968 66.39 -6.15 -13.36
CA LEU A 968 67.15 -5.19 -12.60
C LEU A 968 66.28 -4.50 -11.59
N ASN A 969 65.04 -4.25 -12.00
CA ASN A 969 64.08 -3.62 -11.14
C ASN A 969 63.75 -4.49 -9.97
N VAL A 970 63.59 -5.79 -10.24
CA VAL A 970 63.30 -6.69 -9.14
C VAL A 970 64.42 -6.70 -8.15
N GLN A 971 65.65 -6.71 -8.65
CA GLN A 971 66.76 -6.66 -7.73
C GLN A 971 66.79 -5.38 -6.95
N TYR A 972 66.48 -4.26 -7.60
CA TYR A 972 66.50 -3.02 -6.85
C TYR A 972 65.48 -3.00 -5.76
N ARG A 973 64.34 -3.62 -6.00
CA ARG A 973 63.34 -3.67 -4.96
C ARG A 973 63.82 -4.48 -3.80
N ILE A 974 64.43 -5.62 -4.12
CA ILE A 974 64.98 -6.49 -3.11
C ILE A 974 66.10 -5.84 -2.37
N ASN A 975 66.85 -4.99 -3.05
CA ASN A 975 68.03 -4.44 -2.45
C ASN A 975 67.75 -3.27 -1.53
N GLY A 976 66.48 -2.93 -1.34
CA GLY A 976 66.17 -1.96 -0.32
C GLY A 976 66.02 -2.65 1.04
N LEU A 977 66.04 -3.99 1.03
CA LEU A 977 65.88 -4.78 2.23
C LEU A 977 66.99 -5.79 2.39
N GLY A 978 67.38 -6.09 3.62
CA GLY A 978 68.32 -7.19 3.75
C GLY A 978 69.64 -6.90 3.06
N VAL A 979 69.99 -7.82 2.17
CA VAL A 979 71.23 -7.84 1.42
C VAL A 979 71.46 -6.65 0.52
N THR A 980 72.71 -6.21 0.49
CA THR A 980 73.11 -5.13 -0.39
C THR A 980 74.17 -5.60 -1.38
N MET A 981 73.75 -5.82 -2.62
CA MET A 981 74.64 -6.20 -3.72
C MET A 981 75.45 -7.46 -3.49
N ASP A 982 74.98 -8.36 -2.64
CA ASP A 982 75.74 -9.57 -2.40
C ASP A 982 75.11 -10.75 -3.11
N VAL A 983 74.52 -11.68 -2.35
CA VAL A 983 73.92 -12.88 -2.89
C VAL A 983 72.83 -12.58 -3.89
N LEU A 984 72.22 -11.40 -3.78
CA LEU A 984 71.21 -10.99 -4.73
C LEU A 984 71.73 -10.99 -6.15
N ASN A 985 72.97 -10.56 -6.35
CA ASN A 985 73.52 -10.61 -7.68
C ASN A 985 74.08 -11.97 -7.97
N LYS A 986 74.62 -12.60 -6.93
CA LYS A 986 75.26 -13.89 -7.08
C LYS A 986 74.34 -14.99 -7.53
N ASN A 987 73.05 -14.88 -7.23
CA ASN A 987 72.19 -15.96 -7.65
C ASN A 987 71.50 -15.74 -8.98
N GLN A 988 71.82 -14.65 -9.68
CA GLN A 988 71.30 -14.38 -11.01
C GLN A 988 69.83 -14.82 -11.20
N LYS A 989 69.56 -15.49 -12.33
CA LYS A 989 68.26 -16.01 -12.73
C LYS A 989 67.63 -17.00 -11.76
N LEU A 990 68.42 -17.60 -10.87
CA LEU A 990 67.86 -18.59 -9.95
C LEU A 990 66.76 -17.97 -9.12
N ILE A 991 66.88 -16.67 -8.89
CA ILE A 991 65.87 -15.96 -8.18
C ILE A 991 64.60 -15.95 -9.00
N ALA A 992 64.76 -15.72 -10.31
CA ALA A 992 63.63 -15.73 -11.23
C ALA A 992 63.06 -17.12 -11.39
N ASN A 993 63.84 -18.14 -11.07
CA ASN A 993 63.30 -19.47 -11.12
C ASN A 993 62.35 -19.65 -9.97
N ALA A 994 62.67 -19.05 -8.82
CA ALA A 994 61.72 -19.08 -7.72
C ALA A 994 60.45 -18.33 -8.11
N PHE A 995 60.59 -17.26 -8.90
CA PHE A 995 59.40 -16.57 -9.40
C PHE A 995 58.60 -17.45 -10.33
N ASN A 996 59.28 -18.31 -11.06
CA ASN A 996 58.57 -19.19 -11.95
C ASN A 996 57.84 -20.23 -11.17
N LYS A 997 58.43 -20.70 -10.09
CA LYS A 997 57.75 -21.67 -9.27
C LYS A 997 56.50 -21.09 -8.68
N ALA A 998 56.57 -19.81 -8.31
CA ALA A 998 55.41 -19.16 -7.79
C ALA A 998 54.32 -19.04 -8.84
N LEU A 999 54.73 -18.76 -10.08
CA LEU A 999 53.75 -18.69 -11.14
C LEU A 999 53.07 -20.00 -11.38
N LEU A 1000 53.83 -21.07 -11.27
CA LEU A 1000 53.21 -22.35 -11.48
C LEU A 1000 52.20 -22.66 -10.41
N SER A 1001 52.51 -22.30 -9.16
CA SER A 1001 51.57 -22.58 -8.11
C SER A 1001 50.28 -21.78 -8.23
N ILE A 1002 50.36 -20.55 -8.74
CA ILE A 1002 49.11 -19.84 -8.92
C ILE A 1002 48.34 -20.39 -10.09
N GLN A 1003 49.05 -20.96 -11.08
CA GLN A 1003 48.35 -21.58 -12.18
C GLN A 1003 47.60 -22.80 -11.75
N ASN A 1004 48.16 -23.53 -10.78
CA ASN A 1004 47.43 -24.69 -10.28
C ASN A 1004 46.66 -24.39 -9.02
N GLY A 1005 46.62 -23.11 -8.62
CA GLY A 1005 45.84 -22.73 -7.47
C GLY A 1005 44.35 -22.79 -7.79
N PHE A 1006 44.02 -22.84 -9.08
CA PHE A 1006 42.65 -22.87 -9.49
C PHE A 1006 42.16 -24.28 -9.70
N THR A 1007 42.97 -25.27 -9.32
CA THR A 1007 42.54 -26.66 -9.46
C THR A 1007 41.73 -27.12 -8.26
N ALA A 1008 41.68 -26.29 -7.21
CA ALA A 1008 40.88 -26.64 -6.05
C ALA A 1008 40.24 -25.37 -5.50
N THR A 1009 40.67 -24.94 -4.31
CA THR A 1009 40.12 -23.71 -3.73
C THR A 1009 41.22 -22.72 -3.41
N ASN A 1010 41.30 -21.64 -4.18
CA ASN A 1010 42.25 -20.58 -3.90
C ASN A 1010 41.58 -19.42 -3.18
N SER A 1011 40.37 -19.63 -2.68
CA SER A 1011 39.52 -18.64 -2.03
C SER A 1011 38.97 -17.58 -2.99
N ALA A 1012 39.83 -16.94 -3.76
CA ALA A 1012 39.39 -15.92 -4.70
C ALA A 1012 38.44 -16.46 -5.76
N LEU A 1013 38.59 -17.72 -6.22
CA LEU A 1013 37.61 -18.20 -7.18
C LEU A 1013 36.26 -18.29 -6.55
N ALA A 1014 36.23 -18.68 -5.27
CA ALA A 1014 34.98 -18.78 -4.59
C ALA A 1014 34.38 -17.41 -4.45
N LYS A 1015 35.23 -16.40 -4.27
CA LYS A 1015 34.71 -15.06 -4.19
C LYS A 1015 34.09 -14.63 -5.47
N ILE A 1016 34.67 -15.05 -6.59
CA ILE A 1016 34.11 -14.70 -7.87
C ILE A 1016 32.78 -15.34 -8.05
N GLN A 1017 32.70 -16.60 -7.65
CA GLN A 1017 31.45 -17.30 -7.77
C GLN A 1017 30.41 -16.71 -6.88
N SER A 1018 30.79 -16.28 -5.67
CA SER A 1018 29.81 -15.70 -4.79
C SER A 1018 29.25 -14.43 -5.36
N VAL A 1019 30.05 -13.71 -6.14
CA VAL A 1019 29.53 -12.53 -6.78
C VAL A 1019 28.51 -12.87 -7.82
N VAL A 1020 28.84 -13.85 -8.65
CA VAL A 1020 27.92 -14.26 -9.67
C VAL A 1020 26.66 -14.86 -9.12
N ASN A 1021 26.81 -15.65 -8.07
CA ASN A 1021 25.69 -16.32 -7.49
C ASN A 1021 24.79 -15.38 -6.77
N ALA A 1022 25.36 -14.44 -6.03
CA ALA A 1022 24.53 -13.50 -5.33
C ALA A 1022 23.74 -12.65 -6.27
N ASN A 1023 24.34 -12.32 -7.41
CA ASN A 1023 23.65 -11.49 -8.34
C ASN A 1023 22.53 -12.24 -9.03
N ALA A 1024 22.81 -13.49 -9.39
CA ALA A 1024 21.78 -14.29 -9.99
C ALA A 1024 20.67 -14.52 -9.01
N GLN A 1025 21.04 -14.72 -7.75
CA GLN A 1025 20.05 -14.95 -6.74
C GLN A 1025 19.17 -13.77 -6.50
N ALA A 1026 19.73 -12.57 -6.57
CA ALA A 1026 18.89 -11.42 -6.38
C ALA A 1026 17.85 -11.34 -7.46
N LEU A 1027 18.27 -11.63 -8.69
CA LEU A 1027 17.34 -11.62 -9.78
C LEU A 1027 16.32 -12.70 -9.69
N ASN A 1028 16.71 -13.83 -9.11
CA ASN A 1028 15.76 -14.91 -8.99
C ASN A 1028 14.72 -14.58 -7.99
N SER A 1029 15.13 -14.00 -6.86
CA SER A 1029 14.14 -13.65 -5.89
C SER A 1029 13.20 -12.60 -6.41
N LEU A 1030 13.70 -11.72 -7.28
CA LEU A 1030 12.82 -10.74 -7.87
C LEU A 1030 11.82 -11.39 -8.75
N LEU A 1031 12.29 -12.36 -9.54
CA LEU A 1031 11.41 -13.07 -10.43
C LEU A 1031 10.30 -13.79 -9.71
N GLN A 1032 10.61 -14.32 -8.54
CA GLN A 1032 9.59 -15.08 -7.85
C GLN A 1032 8.59 -14.22 -7.14
N GLN A 1033 8.82 -12.90 -7.08
CA GLN A 1033 7.82 -12.06 -6.45
C GLN A 1033 6.59 -11.99 -7.30
N LEU A 1034 6.71 -12.35 -8.57
CA LEU A 1034 5.57 -12.33 -9.45
C LEU A 1034 4.51 -13.30 -9.02
N PHE A 1035 4.90 -14.34 -8.30
CA PHE A 1035 3.91 -15.31 -7.96
C PHE A 1035 3.34 -15.15 -6.57
N ASN A 1036 3.77 -14.12 -5.83
CA ASN A 1036 3.16 -13.88 -4.54
C ASN A 1036 1.81 -13.26 -4.74
N LYS A 1037 0.81 -13.71 -4.00
CA LYS A 1037 -0.49 -13.09 -4.16
C LYS A 1037 -0.55 -11.65 -3.69
N PHE A 1038 0.20 -11.31 -2.64
CA PHE A 1038 0.15 -9.97 -2.09
C PHE A 1038 -1.27 -9.61 -1.70
N GLY A 1039 -2.09 -10.59 -1.34
CA GLY A 1039 -3.49 -10.26 -1.27
C GLY A 1039 -4.34 -11.34 -1.86
N ALA A 1040 -5.31 -10.90 -2.66
CA ALA A 1040 -6.32 -11.70 -3.30
C ALA A 1040 -5.79 -12.86 -4.13
N ILE A 1041 -6.64 -13.85 -4.23
CA ILE A 1041 -6.44 -15.15 -4.82
C ILE A 1041 -6.06 -15.11 -6.27
N SER A 1042 -5.24 -16.10 -6.66
CA SER A 1042 -4.71 -16.21 -8.02
C SER A 1042 -3.72 -15.14 -8.29
N SER A 1043 -2.54 -15.31 -7.72
CA SER A 1043 -1.49 -14.32 -7.77
C SER A 1043 -1.15 -13.77 -9.13
N SER A 1044 -1.54 -14.39 -10.24
CA SER A 1044 -1.23 -13.68 -11.45
C SER A 1044 -2.18 -13.73 -12.64
N LEU A 1045 -2.03 -12.66 -13.41
CA LEU A 1045 -2.56 -12.41 -14.73
C LEU A 1045 -4.03 -12.74 -14.98
N GLN A 1046 -4.25 -13.49 -16.07
CA GLN A 1046 -5.55 -13.81 -16.58
C GLN A 1046 -6.35 -14.67 -15.67
N GLU A 1047 -5.75 -15.28 -14.65
CA GLU A 1047 -6.56 -16.12 -13.82
C GLU A 1047 -7.64 -15.30 -13.14
N ILE A 1048 -7.29 -14.07 -12.74
CA ILE A 1048 -8.25 -13.20 -12.11
C ILE A 1048 -9.23 -12.71 -13.13
N LEU A 1049 -8.68 -12.32 -14.27
CA LEU A 1049 -9.52 -11.80 -15.32
C LEU A 1049 -10.51 -12.80 -15.82
N SER A 1050 -10.11 -14.06 -15.90
CA SER A 1050 -11.00 -15.07 -16.39
C SER A 1050 -12.21 -15.24 -15.52
N ARG A 1051 -12.05 -15.15 -14.21
CA ARG A 1051 -13.23 -15.23 -13.39
C ARG A 1051 -14.11 -14.00 -13.38
N LEU A 1052 -13.51 -12.82 -13.45
CA LEU A 1052 -14.34 -11.64 -13.36
C LEU A 1052 -14.33 -10.67 -14.54
N ASP A 1053 -13.16 -10.16 -14.92
CA ASP A 1053 -13.08 -9.21 -16.04
C ASP A 1053 -13.99 -7.99 -15.84
N ASN A 1054 -13.99 -7.42 -14.65
CA ASN A 1054 -14.88 -6.31 -14.33
C ASN A 1054 -14.24 -5.39 -13.31
N LEU A 1055 -14.97 -4.36 -12.91
CA LEU A 1055 -14.45 -3.40 -11.96
C LEU A 1055 -13.94 -4.03 -10.67
N GLU A 1056 -14.61 -5.09 -10.20
CA GLU A 1056 -14.11 -5.76 -9.02
C GLU A 1056 -12.73 -6.35 -9.26
N ALA A 1057 -12.54 -6.92 -10.45
CA ALA A 1057 -11.26 -7.48 -10.79
C ALA A 1057 -10.21 -6.42 -10.84
N GLN A 1058 -10.59 -5.22 -11.30
CA GLN A 1058 -9.64 -4.14 -11.38
C GLN A 1058 -9.13 -3.78 -10.02
N VAL A 1059 -9.99 -3.87 -9.00
CA VAL A 1059 -9.53 -3.62 -7.66
C VAL A 1059 -8.53 -4.65 -7.21
N GLN A 1060 -8.80 -5.91 -7.55
CA GLN A 1060 -7.87 -6.94 -7.13
C GLN A 1060 -6.55 -6.80 -7.84
N ILE A 1061 -6.62 -6.36 -9.10
CA ILE A 1061 -5.44 -6.11 -9.89
C ILE A 1061 -4.63 -5.01 -9.30
N ASP A 1062 -5.30 -3.99 -8.79
CA ASP A 1062 -4.61 -2.89 -8.20
C ASP A 1062 -3.78 -3.35 -7.03
N ARG A 1063 -4.34 -4.26 -6.24
CA ARG A 1063 -3.58 -4.77 -5.14
C ARG A 1063 -2.33 -5.48 -5.61
N LEU A 1064 -2.49 -6.23 -6.70
CA LEU A 1064 -1.36 -6.95 -7.27
C LEU A 1064 -0.31 -6.01 -7.76
N ILE A 1065 -0.75 -4.91 -8.37
CA ILE A 1065 0.16 -3.91 -8.87
C ILE A 1065 0.96 -3.28 -7.78
N ASN A 1066 0.33 -3.07 -6.64
CA ASN A 1066 1.04 -2.44 -5.57
C ASN A 1066 2.12 -3.34 -5.05
N GLY A 1067 1.82 -4.62 -4.92
CA GLY A 1067 2.85 -5.50 -4.44
C GLY A 1067 4.00 -5.64 -5.41
N ARG A 1068 3.70 -5.65 -6.71
CA ARG A 1068 4.78 -5.79 -7.66
C ARG A 1068 5.64 -4.55 -7.74
N LEU A 1069 5.02 -3.38 -7.64
CA LEU A 1069 5.81 -2.19 -7.64
C LEU A 1069 6.66 -2.10 -6.42
N THR A 1070 6.13 -2.57 -5.29
CA THR A 1070 6.89 -2.52 -4.07
C THR A 1070 8.11 -3.38 -4.15
N ALA A 1071 7.99 -4.54 -4.80
CA ALA A 1071 9.14 -5.39 -4.96
C ALA A 1071 10.19 -4.72 -5.79
N LEU A 1072 9.76 -4.04 -6.85
CA LEU A 1072 10.69 -3.33 -7.68
C LEU A 1072 11.39 -2.21 -6.97
N ASN A 1073 10.69 -1.56 -6.07
CA ASN A 1073 11.28 -0.46 -5.37
C ASN A 1073 12.36 -0.93 -4.46
N ALA A 1074 12.09 -2.03 -3.77
CA ALA A 1074 13.08 -2.58 -2.90
C ALA A 1074 14.30 -3.02 -3.67
N TYR A 1075 14.07 -3.65 -4.82
CA TYR A 1075 15.17 -4.10 -5.62
C TYR A 1075 16.06 -3.01 -6.10
N VAL A 1076 15.46 -1.92 -6.53
CA VAL A 1076 16.24 -0.83 -7.02
C VAL A 1076 17.05 -0.19 -5.94
N SER A 1077 16.45 0.03 -4.77
CA SER A 1077 17.22 0.65 -3.73
C SER A 1077 18.37 -0.21 -3.29
N GLN A 1078 18.20 -1.53 -3.37
CA GLN A 1078 19.28 -2.40 -3.02
C GLN A 1078 20.42 -2.24 -3.98
N GLN A 1079 20.11 -2.17 -5.27
CA GLN A 1079 21.15 -2.02 -6.25
C GLN A 1079 21.87 -0.73 -6.16
N LEU A 1080 21.15 0.32 -5.79
CA LEU A 1080 21.81 1.58 -5.63
C LEU A 1080 22.80 1.53 -4.51
N SER A 1081 22.42 0.91 -3.41
CA SER A 1081 23.36 0.79 -2.33
C SER A 1081 24.54 -0.10 -2.68
N ASP A 1082 24.27 -1.15 -3.47
CA ASP A 1082 25.33 -2.06 -3.80
C ASP A 1082 26.37 -1.46 -4.68
N ILE A 1083 25.94 -0.68 -5.67
CA ILE A 1083 26.93 -0.05 -6.50
C ILE A 1083 27.75 0.94 -5.75
N THR A 1084 27.19 1.56 -4.71
CA THR A 1084 28.02 2.48 -3.96
C THR A 1084 29.15 1.76 -3.27
N LEU A 1085 28.86 0.56 -2.76
CA LEU A 1085 29.90 -0.22 -2.14
C LEU A 1085 30.95 -0.63 -3.13
N ILE A 1086 30.49 -1.01 -4.33
CA ILE A 1086 31.38 -1.41 -5.38
C ILE A 1086 32.28 -0.30 -5.82
N LYS A 1087 31.72 0.90 -5.88
CA LYS A 1087 32.47 2.04 -6.28
C LYS A 1087 33.62 2.30 -5.34
N ALA A 1088 33.38 2.10 -4.04
CA ALA A 1088 34.46 2.28 -3.11
C ALA A 1088 35.57 1.28 -3.34
N GLY A 1089 35.18 0.02 -3.59
CA GLY A 1089 36.19 -0.98 -3.86
C GLY A 1089 36.93 -0.71 -5.14
N ALA A 1090 36.22 -0.15 -6.12
CA ALA A 1090 36.84 0.15 -7.37
C ALA A 1090 37.93 1.16 -7.21
N SER A 1091 37.69 2.18 -6.39
CA SER A 1091 38.73 3.17 -6.21
C SER A 1091 39.96 2.60 -5.55
N ARG A 1092 39.77 1.63 -4.67
CA ARG A 1092 40.94 1.03 -4.05
C ARG A 1092 41.76 0.27 -5.06
N ALA A 1093 41.07 -0.43 -5.95
CA ALA A 1093 41.75 -1.18 -6.98
C ALA A 1093 42.52 -0.29 -7.90
N ILE A 1094 41.95 0.86 -8.20
CA ILE A 1094 42.59 1.80 -9.08
C ILE A 1094 43.85 2.34 -8.48
N GLU A 1095 43.78 2.70 -7.21
CA GLU A 1095 44.97 3.21 -6.62
C GLU A 1095 46.05 2.14 -6.53
N LYS A 1096 45.66 0.90 -6.22
CA LYS A 1096 46.65 -0.16 -6.13
C LYS A 1096 47.36 -0.45 -7.42
N VAL A 1097 46.62 -0.50 -8.54
CA VAL A 1097 47.29 -0.72 -9.82
C VAL A 1097 48.21 0.42 -10.17
N ASN A 1098 47.89 1.63 -9.69
CA ASN A 1098 48.76 2.74 -10.00
C ASN A 1098 49.81 2.95 -8.96
N GLU A 1099 49.90 2.04 -8.00
CA GLU A 1099 50.93 2.17 -7.02
C GLU A 1099 51.73 0.92 -6.91
N CYS A 1100 51.11 -0.13 -6.37
CA CYS A 1100 51.83 -1.36 -6.14
C CYS A 1100 52.28 -2.01 -7.46
N VAL A 1101 51.54 -1.79 -8.55
CA VAL A 1101 51.97 -2.40 -9.79
C VAL A 1101 52.80 -1.51 -10.69
N LYS A 1102 52.26 -0.34 -11.05
CA LYS A 1102 52.97 0.56 -11.94
C LYS A 1102 54.23 1.23 -11.45
N SER A 1103 54.46 1.31 -10.14
CA SER A 1103 55.64 2.04 -9.70
C SER A 1103 56.22 1.55 -8.39
N GLN A 1104 57.40 2.04 -8.06
CA GLN A 1104 57.97 1.72 -6.77
C GLN A 1104 57.08 2.33 -5.72
N SER A 1105 56.98 1.70 -4.56
CA SER A 1105 56.18 2.31 -3.52
C SER A 1105 57.00 2.82 -2.36
N PRO A 1106 56.92 4.11 -2.08
CA PRO A 1106 57.41 4.70 -0.85
C PRO A 1106 56.59 4.21 0.31
N ARG A 1107 55.32 3.87 0.03
CA ARG A 1107 54.44 3.38 1.06
C ARG A 1107 54.98 2.07 1.52
N ILE A 1108 54.82 1.77 2.80
CA ILE A 1108 55.34 0.52 3.31
C ILE A 1108 54.29 -0.55 3.41
N ASN A 1109 53.19 -0.29 4.08
CA ASN A 1109 52.17 -1.30 4.14
C ASN A 1109 51.02 -1.05 3.18
N PHE A 1110 51.13 -0.04 2.32
CA PHE A 1110 50.13 0.05 1.28
C PHE A 1110 50.42 -1.18 0.51
N CYS A 1111 49.41 -1.88 0.02
CA CYS A 1111 49.69 -3.14 -0.67
C CYS A 1111 50.30 -4.01 0.44
N GLY A 1112 49.48 -4.27 1.45
CA GLY A 1112 49.87 -4.90 2.72
C GLY A 1112 50.07 -6.41 2.71
N ASN A 1113 49.98 -7.00 3.90
CA ASN A 1113 50.26 -8.41 4.12
C ASN A 1113 51.70 -8.76 3.78
N GLY A 1114 52.62 -7.96 4.32
CA GLY A 1114 54.05 -8.14 4.15
C GLY A 1114 54.62 -7.33 3.00
N ASN A 1115 55.94 -7.44 2.83
CA ASN A 1115 56.69 -6.74 1.81
C ASN A 1115 56.37 -7.25 0.43
N HIS A 1116 56.30 -6.36 -0.57
CA HIS A 1116 56.09 -6.85 -1.92
C HIS A 1116 57.29 -6.56 -2.77
N ILE A 1117 57.78 -7.60 -3.40
CA ILE A 1117 58.88 -7.45 -4.29
C ILE A 1117 58.34 -7.09 -5.65
N LEU A 1118 57.36 -7.85 -6.07
CA LEU A 1118 56.74 -7.66 -7.36
C LEU A 1118 55.24 -7.73 -7.31
N SER A 1119 54.56 -6.87 -8.05
CA SER A 1119 53.12 -7.05 -8.17
C SER A 1119 52.69 -6.92 -9.61
N LEU A 1120 51.73 -7.77 -9.98
CA LEU A 1120 51.17 -7.83 -11.32
C LEU A 1120 49.64 -7.78 -11.29
N VAL A 1121 49.04 -7.37 -12.39
CA VAL A 1121 47.59 -7.33 -12.45
C VAL A 1121 47.07 -8.09 -13.66
N GLN A 1122 45.88 -8.66 -13.55
CA GLN A 1122 45.32 -9.43 -14.64
C GLN A 1122 43.80 -9.27 -14.75
N ASN A 1123 43.27 -9.43 -15.94
CA ASN A 1123 41.84 -9.36 -16.16
C ASN A 1123 41.12 -10.57 -15.55
N ALA A 1124 39.96 -10.33 -14.95
CA ALA A 1124 39.14 -11.39 -14.37
C ALA A 1124 37.72 -10.95 -14.51
N PRO A 1125 36.72 -11.84 -14.42
CA PRO A 1125 35.36 -11.45 -14.61
C PRO A 1125 35.08 -10.47 -13.51
N TYR A 1126 34.32 -9.43 -13.83
CA TYR A 1126 33.88 -8.48 -12.84
C TYR A 1126 35.00 -7.83 -12.04
N GLY A 1127 36.24 -7.86 -12.51
CA GLY A 1127 37.27 -7.29 -11.67
C GLY A 1127 38.67 -7.40 -12.19
N LEU A 1128 39.59 -7.01 -11.35
CA LEU A 1128 41.00 -7.10 -11.63
C LEU A 1128 41.58 -8.13 -10.70
N LEU A 1129 42.58 -8.82 -11.14
CA LEU A 1129 43.17 -9.79 -10.28
C LEU A 1129 44.60 -9.42 -10.04
N PHE A 1130 45.02 -9.48 -8.80
CA PHE A 1130 46.39 -9.14 -8.54
C PHE A 1130 47.22 -10.32 -8.16
N ILE A 1131 48.50 -10.22 -8.45
CA ILE A 1131 49.47 -11.24 -8.15
C ILE A 1131 50.59 -10.60 -7.38
N HIS A 1132 51.09 -11.26 -6.36
CA HIS A 1132 52.19 -10.65 -5.65
C HIS A 1132 53.26 -11.63 -5.37
N PHE A 1133 54.47 -11.14 -5.20
CA PHE A 1133 55.59 -11.98 -4.89
C PHE A 1133 56.36 -11.41 -3.73
N SER A 1134 56.72 -12.28 -2.78
CA SER A 1134 57.48 -11.84 -1.63
C SER A 1134 58.23 -12.97 -0.96
N ILE B 2 -36.69 29.37 30.09
CA ILE B 2 -36.02 28.08 30.09
C ILE B 2 -37.05 26.98 29.81
N GLY B 3 -37.52 26.29 30.85
CA GLY B 3 -38.50 25.23 30.68
C GLY B 3 -39.85 25.79 30.28
N ASP B 4 -40.69 24.99 29.65
CA ASP B 4 -41.97 25.56 29.26
C ASP B 4 -43.03 25.49 30.35
N PHE B 5 -42.94 26.35 31.34
CA PHE B 5 -44.01 26.45 32.32
C PHE B 5 -43.97 27.86 32.94
N ASN B 6 -45.10 28.40 33.39
CA ASN B 6 -45.00 29.74 33.99
C ASN B 6 -44.42 29.72 35.40
N CYS B 7 -44.97 28.84 36.22
CA CYS B 7 -44.59 28.58 37.61
C CYS B 7 -44.57 29.82 38.48
N THR B 8 -45.32 30.86 38.15
CA THR B 8 -45.29 32.03 38.99
C THR B 8 -46.61 32.71 39.17
N ASN B 9 -46.69 33.49 40.23
CA ASN B 9 -47.78 34.41 40.41
C ASN B 9 -47.27 35.81 40.78
N SER B 10 -45.99 35.89 41.17
CA SER B 10 -45.42 37.17 41.60
C SER B 10 -43.90 37.29 41.46
N PHE B 11 -43.44 38.53 41.60
CA PHE B 11 -42.04 38.94 41.65
C PHE B 11 -41.17 38.68 40.42
N ILE B 12 -41.77 38.63 39.25
CA ILE B 12 -41.01 38.57 38.03
C ILE B 12 -40.82 40.01 37.55
N ASN B 13 -39.63 40.42 37.14
CA ASN B 13 -39.54 41.83 36.75
C ASN B 13 -38.64 42.13 35.55
N ASP B 14 -38.58 43.41 35.23
CA ASP B 14 -37.83 43.98 34.14
C ASP B 14 -36.38 44.36 34.45
N TYR B 15 -35.84 43.95 35.61
CA TYR B 15 -34.49 44.39 35.97
C TYR B 15 -33.49 44.01 34.89
N ASN B 16 -32.56 44.92 34.63
CA ASN B 16 -31.68 44.75 33.49
C ASN B 16 -30.26 45.29 33.65
N LYS B 17 -29.49 45.08 32.58
CA LYS B 17 -28.13 45.58 32.41
C LYS B 17 -27.09 45.01 33.35
N THR B 18 -27.22 43.72 33.69
CA THR B 18 -26.22 43.07 34.52
C THR B 18 -25.58 41.92 33.76
N ILE B 19 -24.87 42.27 32.68
CA ILE B 19 -24.18 41.30 31.87
C ILE B 19 -23.08 40.68 32.72
N PRO B 20 -22.86 39.37 32.66
CA PRO B 20 -21.89 38.68 33.47
C PRO B 20 -20.49 39.19 33.22
N ARG B 21 -19.71 39.20 34.28
CA ARG B 21 -18.34 39.66 34.25
C ARG B 21 -17.41 38.75 33.51
N ILE B 22 -16.40 39.31 32.88
CA ILE B 22 -15.35 38.45 32.39
C ILE B 22 -14.34 38.41 33.51
N SER B 23 -14.10 37.23 34.05
CA SER B 23 -13.13 37.14 35.12
C SER B 23 -11.74 37.42 34.60
N GLU B 24 -10.90 38.02 35.43
CA GLU B 24 -9.54 38.25 35.00
C GLU B 24 -8.72 37.06 35.42
N ASP B 25 -8.88 36.00 34.66
CA ASP B 25 -8.21 34.76 34.96
C ASP B 25 -7.94 33.97 33.69
N VAL B 26 -6.75 34.16 33.14
CA VAL B 26 -6.31 33.40 31.99
C VAL B 26 -6.13 31.97 32.44
N VAL B 27 -6.47 30.99 31.63
CA VAL B 27 -6.25 29.65 32.15
C VAL B 27 -4.77 29.30 32.16
N ASP B 28 -4.29 28.90 33.33
CA ASP B 28 -2.93 28.44 33.49
C ASP B 28 -2.85 26.94 33.39
N VAL B 29 -2.80 26.44 32.19
CA VAL B 29 -2.79 25.01 31.97
C VAL B 29 -1.61 24.27 32.59
N SER B 30 -0.51 24.96 32.90
CA SER B 30 0.67 24.24 33.36
C SER B 30 0.46 23.42 34.62
N LEU B 31 -0.48 23.82 35.46
CA LEU B 31 -0.71 23.07 36.70
C LEU B 31 -2.17 22.82 36.97
N GLY B 32 -2.71 21.73 36.45
CA GLY B 32 -4.11 21.47 36.74
C GLY B 32 -4.96 22.43 35.96
N LEU B 33 -6.14 22.75 36.49
CA LEU B 33 -6.97 23.75 35.86
C LEU B 33 -7.42 23.34 34.47
N GLY B 34 -8.20 22.30 34.43
CA GLY B 34 -8.67 21.74 33.18
C GLY B 34 -7.82 20.60 32.67
N THR B 35 -6.71 20.28 33.35
CA THR B 35 -6.01 19.08 32.93
C THR B 35 -6.89 17.91 33.29
N TYR B 36 -6.70 16.84 32.57
CA TYR B 36 -7.62 15.72 32.60
C TYR B 36 -7.04 14.37 32.99
N TYR B 37 -7.44 13.79 34.14
CA TYR B 37 -7.06 12.39 34.34
C TYR B 37 -7.80 11.54 33.34
N VAL B 38 -7.17 10.49 32.83
CA VAL B 38 -7.90 9.67 31.89
C VAL B 38 -8.54 8.46 32.52
N LEU B 39 -9.87 8.48 32.55
CA LEU B 39 -10.70 7.38 33.00
C LEU B 39 -10.20 6.75 34.29
N ASN B 40 -10.09 5.43 34.27
CA ASN B 40 -9.61 4.62 35.36
C ASN B 40 -8.16 4.16 35.15
N ARG B 41 -7.46 4.81 34.26
CA ARG B 41 -6.15 4.36 33.84
C ARG B 41 -5.01 5.17 34.47
N VAL B 42 -3.87 4.54 34.79
CA VAL B 42 -2.77 5.33 35.35
C VAL B 42 -1.48 5.10 34.61
N TYR B 43 -0.56 6.04 34.81
CA TYR B 43 0.77 5.94 34.25
C TYR B 43 1.75 6.31 35.33
N LEU B 44 2.95 5.74 35.30
CA LEU B 44 3.92 6.12 36.32
C LEU B 44 5.23 6.60 35.73
N ASN B 45 5.77 7.71 36.26
CA ASN B 45 7.09 8.21 35.89
C ASN B 45 7.24 8.39 34.40
N THR B 46 6.26 8.97 33.76
CA THR B 46 6.29 9.06 32.32
C THR B 46 5.84 10.37 31.76
N THR B 47 6.09 10.57 30.48
CA THR B 47 5.50 11.73 29.86
C THR B 47 4.56 11.18 28.79
N LEU B 48 3.42 11.84 28.64
CA LEU B 48 2.34 11.41 27.79
C LEU B 48 1.72 12.48 26.95
N LEU B 49 1.42 12.21 25.68
CA LEU B 49 0.60 13.21 25.04
C LEU B 49 -0.60 12.57 24.42
N PHE B 50 -1.71 13.29 24.46
CA PHE B 50 -2.91 12.77 23.83
C PHE B 50 -3.86 13.86 23.41
N THR B 51 -4.79 13.50 22.52
CA THR B 51 -5.86 14.39 22.12
C THR B 51 -7.03 14.26 23.07
N GLY B 52 -7.62 15.37 23.47
CA GLY B 52 -8.77 15.30 24.36
C GLY B 52 -9.37 16.66 24.59
N TYR B 53 -10.41 16.75 25.41
CA TYR B 53 -11.03 18.05 25.56
C TYR B 53 -10.39 18.86 26.64
N PHE B 54 -9.95 20.05 26.25
CA PHE B 54 -9.30 20.97 27.16
C PHE B 54 -9.65 22.39 26.83
N PRO B 55 -9.54 23.29 27.79
CA PRO B 55 -9.64 24.72 27.62
C PRO B 55 -8.45 25.18 26.82
N LYS B 56 -8.62 26.24 26.05
CA LYS B 56 -7.48 26.79 25.35
C LYS B 56 -6.56 27.43 26.36
N SER B 57 -5.24 27.30 26.21
CA SER B 57 -4.43 28.01 27.19
C SER B 57 -4.62 29.50 27.03
N GLY B 58 -4.65 30.19 28.17
CA GLY B 58 -4.78 31.64 28.20
C GLY B 58 -6.22 32.12 28.00
N ALA B 59 -7.18 31.18 27.95
CA ALA B 59 -8.58 31.52 27.83
C ALA B 59 -9.05 32.32 29.04
N ASN B 60 -10.00 33.22 28.87
CA ASN B 60 -10.48 33.95 30.04
C ASN B 60 -11.79 33.40 30.54
N PHE B 61 -11.85 33.14 31.84
CA PHE B 61 -13.08 32.68 32.46
C PHE B 61 -14.20 33.67 32.42
N ARG B 62 -15.42 33.16 32.31
CA ARG B 62 -16.59 34.02 32.33
C ARG B 62 -17.40 33.76 33.59
N ASP B 63 -17.76 34.82 34.30
CA ASP B 63 -18.49 34.66 35.54
C ASP B 63 -19.98 34.54 35.38
N LEU B 64 -20.43 33.35 35.04
CA LEU B 64 -21.86 33.10 34.84
C LEU B 64 -22.72 33.11 36.09
N ALA B 65 -22.14 33.13 37.28
CA ALA B 65 -22.99 33.07 38.48
C ALA B 65 -24.06 34.14 38.51
N LEU B 66 -25.23 33.74 39.01
CA LEU B 66 -26.38 34.62 39.11
C LEU B 66 -27.06 34.54 40.48
N LYS B 67 -27.38 35.69 41.06
CA LYS B 67 -28.03 35.74 42.36
C LYS B 67 -29.08 36.83 42.41
N GLY B 68 -30.01 36.69 43.35
CA GLY B 68 -30.99 37.75 43.60
C GLY B 68 -31.85 37.42 44.80
N SER B 69 -32.75 38.31 45.18
CA SER B 69 -33.56 38.02 46.36
C SER B 69 -35.06 38.06 46.15
N ILE B 70 -35.63 39.26 46.21
CA ILE B 70 -37.07 39.43 46.09
C ILE B 70 -37.64 39.07 44.73
N TYR B 71 -36.85 39.26 43.67
CA TYR B 71 -37.37 39.10 42.32
C TYR B 71 -36.48 38.31 41.41
N LEU B 72 -37.08 37.83 40.33
CA LEU B 72 -36.32 37.21 39.26
C LEU B 72 -36.60 37.99 37.99
N SER B 73 -35.57 38.59 37.40
CA SER B 73 -35.80 39.26 36.14
C SER B 73 -36.06 38.27 35.05
N THR B 74 -36.90 38.64 34.09
CA THR B 74 -37.11 37.76 32.95
C THR B 74 -35.85 37.68 32.11
N LEU B 75 -35.01 38.70 32.22
CA LEU B 75 -33.81 38.74 31.42
C LEU B 75 -32.77 37.78 31.90
N TRP B 76 -32.92 37.29 33.11
CA TRP B 76 -32.00 36.32 33.63
C TRP B 76 -32.02 35.01 32.88
N TYR B 77 -33.09 34.76 32.12
CA TYR B 77 -33.20 33.53 31.40
C TYR B 77 -32.86 33.71 29.91
N LYS B 78 -32.40 34.91 29.57
CA LYS B 78 -31.95 35.28 28.24
C LYS B 78 -30.57 34.74 27.94
N PRO B 79 -30.20 34.62 26.66
CA PRO B 79 -28.95 34.11 26.13
C PRO B 79 -27.66 34.75 26.67
N PRO B 80 -27.60 35.97 27.20
CA PRO B 80 -26.46 36.43 27.94
C PRO B 80 -26.19 35.54 29.16
N PHE B 81 -27.26 34.96 29.74
CA PHE B 81 -27.12 34.05 30.87
C PHE B 81 -27.36 32.60 30.51
N LEU B 82 -27.72 32.35 29.27
CA LEU B 82 -27.98 31.00 28.77
C LEU B 82 -27.12 30.76 27.58
N SER B 83 -26.41 29.65 27.52
CA SER B 83 -25.55 29.58 26.36
C SER B 83 -25.35 28.23 25.78
N ASP B 84 -24.86 28.27 24.56
CA ASP B 84 -24.62 27.12 23.75
C ASP B 84 -23.56 26.22 24.32
N PHE B 85 -23.85 24.94 24.31
CA PHE B 85 -22.90 23.94 24.69
C PHE B 85 -22.33 23.43 23.40
N ASN B 86 -21.04 23.60 23.17
CA ASN B 86 -20.54 23.16 21.89
C ASN B 86 -19.81 21.85 21.94
N ASN B 87 -18.61 21.87 22.47
CA ASN B 87 -17.87 20.64 22.62
C ASN B 87 -18.04 20.18 24.02
N GLY B 88 -17.79 21.14 24.91
CA GLY B 88 -17.94 20.96 26.31
C GLY B 88 -17.58 22.24 27.03
N ILE B 89 -17.69 22.20 28.34
CA ILE B 89 -17.30 23.33 29.16
C ILE B 89 -16.40 22.91 30.31
N PHE B 90 -15.56 23.81 30.74
CA PHE B 90 -14.78 23.60 31.94
C PHE B 90 -15.28 24.56 32.96
N SER B 91 -15.43 24.10 34.19
CA SER B 91 -15.92 25.03 35.17
C SER B 91 -15.08 25.09 36.41
N LYS B 92 -15.08 26.27 37.00
CA LYS B 92 -14.41 26.56 38.24
C LYS B 92 -15.46 27.16 39.15
N VAL B 93 -15.60 26.63 40.35
CA VAL B 93 -16.68 27.12 41.19
C VAL B 93 -16.21 27.47 42.55
N LYS B 94 -16.65 28.60 43.07
CA LYS B 94 -16.23 28.93 44.40
C LYS B 94 -17.14 28.27 45.40
N ASN B 95 -16.53 27.49 46.29
CA ASN B 95 -17.22 26.86 47.39
C ASN B 95 -17.52 27.91 48.43
N THR B 96 -18.55 27.68 49.22
CA THR B 96 -18.83 28.65 50.25
C THR B 96 -18.93 27.89 51.55
N LYS B 97 -18.80 28.59 52.65
CA LYS B 97 -18.87 27.97 53.96
C LYS B 97 -19.72 28.82 54.86
N LEU B 98 -21.02 28.81 54.62
CA LEU B 98 -21.86 29.65 55.43
C LEU B 98 -21.83 29.14 56.85
N TYR B 99 -21.82 30.04 57.83
CA TYR B 99 -21.74 29.60 59.21
C TYR B 99 -22.96 29.97 60.01
N VAL B 100 -24.08 29.28 59.75
CA VAL B 100 -25.30 29.54 60.50
C VAL B 100 -25.43 28.65 61.71
N ASN B 101 -25.56 29.25 62.89
CA ASN B 101 -25.79 28.48 64.11
C ASN B 101 -24.73 27.41 64.36
N ASN B 102 -23.45 27.78 64.26
CA ASN B 102 -22.31 26.88 64.51
C ASN B 102 -21.98 25.99 63.31
N THR B 103 -22.95 25.21 62.86
CA THR B 103 -22.79 24.32 61.73
C THR B 103 -22.52 25.09 60.45
N LEU B 104 -21.84 24.45 59.52
CA LEU B 104 -21.53 25.14 58.28
C LEU B 104 -22.12 24.48 57.07
N TYR B 105 -22.46 25.31 56.10
CA TYR B 105 -23.04 24.86 54.87
C TYR B 105 -22.13 25.05 53.69
N SER B 106 -21.76 23.94 53.06
CA SER B 106 -21.01 24.04 51.83
C SER B 106 -22.00 23.96 50.71
N GLU B 107 -22.37 25.12 50.19
CA GLU B 107 -23.37 25.14 49.14
C GLU B 107 -23.04 26.13 48.04
N PHE B 108 -23.53 25.82 46.86
CA PHE B 108 -23.24 26.57 45.66
C PHE B 108 -24.37 26.50 44.64
N SER B 109 -24.25 27.34 43.62
CA SER B 109 -25.21 27.45 42.52
C SER B 109 -25.28 26.14 41.76
N THR B 110 -26.34 25.93 41.00
CA THR B 110 -26.51 24.65 40.35
C THR B 110 -26.77 24.80 38.88
N ILE B 111 -26.56 23.72 38.16
CA ILE B 111 -26.58 23.79 36.71
C ILE B 111 -27.40 22.73 36.04
N VAL B 112 -28.03 23.14 34.94
CA VAL B 112 -28.75 22.20 34.14
C VAL B 112 -28.23 22.27 32.73
N ILE B 113 -28.17 21.13 32.09
CA ILE B 113 -27.72 21.05 30.73
C ILE B 113 -28.71 20.20 29.95
N GLY B 114 -28.98 20.57 28.73
CA GLY B 114 -30.02 19.86 28.00
C GLY B 114 -30.21 20.40 26.61
N SER B 115 -31.24 19.91 25.95
CA SER B 115 -31.53 20.41 24.63
C SER B 115 -32.66 21.42 24.73
N VAL B 116 -33.86 21.01 24.32
CA VAL B 116 -35.01 21.88 24.38
C VAL B 116 -35.50 22.26 25.79
N PHE B 117 -35.27 21.36 26.76
CA PHE B 117 -35.71 21.48 28.16
C PHE B 117 -37.22 21.34 28.33
N VAL B 118 -37.74 20.26 27.77
CA VAL B 118 -39.15 19.85 27.81
C VAL B 118 -39.26 18.40 28.16
N ASN B 119 -40.47 17.95 28.47
CA ASN B 119 -40.68 16.57 28.91
C ASN B 119 -40.45 15.51 27.84
N THR B 120 -40.10 15.91 26.61
CA THR B 120 -39.80 14.95 25.58
C THR B 120 -38.30 14.69 25.47
N SER B 121 -37.49 15.36 26.29
CA SER B 121 -36.05 15.12 26.18
C SER B 121 -35.39 15.05 27.53
N TYR B 122 -34.35 14.24 27.58
CA TYR B 122 -33.58 14.11 28.80
C TYR B 122 -32.78 15.36 29.06
N THR B 123 -32.64 15.68 30.34
CA THR B 123 -31.80 16.79 30.74
C THR B 123 -30.93 16.30 31.87
N ILE B 124 -29.86 17.01 32.16
CA ILE B 124 -29.01 16.58 33.23
C ILE B 124 -28.85 17.69 34.23
N VAL B 125 -28.98 17.34 35.49
CA VAL B 125 -28.89 18.34 36.53
C VAL B 125 -27.90 17.96 37.57
N VAL B 126 -26.96 18.85 37.81
CA VAL B 126 -26.01 18.64 38.87
C VAL B 126 -26.49 19.47 40.04
N GLN B 127 -26.85 18.82 41.13
CA GLN B 127 -27.39 19.52 42.28
C GLN B 127 -26.59 19.35 43.56
N PRO B 128 -26.14 20.42 44.18
CA PRO B 128 -25.48 20.45 45.47
C PRO B 128 -26.37 20.11 46.64
N HIS B 129 -25.73 19.56 47.65
CA HIS B 129 -26.30 19.26 48.96
C HIS B 129 -25.17 19.52 49.92
N ASN B 130 -25.43 19.63 51.21
CA ASN B 130 -24.31 19.98 52.06
C ASN B 130 -23.43 18.75 52.23
N GLY B 131 -22.33 18.77 51.48
CA GLY B 131 -21.30 17.73 51.42
C GLY B 131 -21.67 16.54 50.52
N ILE B 132 -22.78 16.66 49.80
CA ILE B 132 -23.23 15.62 48.88
C ILE B 132 -23.60 16.21 47.54
N LEU B 133 -23.20 15.56 46.47
CA LEU B 133 -23.59 16.06 45.17
C LEU B 133 -24.53 15.07 44.53
N GLU B 134 -25.60 15.54 43.95
CA GLU B 134 -26.51 14.62 43.30
C GLU B 134 -26.58 14.91 41.84
N ILE B 135 -26.51 13.87 41.02
CA ILE B 135 -26.60 14.11 39.60
C ILE B 135 -27.61 13.21 38.97
N THR B 136 -28.49 13.78 38.18
CA THR B 136 -29.44 12.94 37.50
C THR B 136 -29.58 13.28 36.03
N ALA B 137 -30.12 12.32 35.29
CA ALA B 137 -30.44 12.48 33.87
C ALA B 137 -31.89 12.11 33.68
N CYS B 138 -32.76 13.10 33.58
CA CYS B 138 -34.18 12.81 33.51
C CYS B 138 -34.96 13.74 32.62
N GLN B 139 -36.20 13.38 32.33
CA GLN B 139 -37.04 14.26 31.53
C GLN B 139 -37.87 15.10 32.47
N TYR B 140 -37.19 15.98 33.19
CA TYR B 140 -37.86 16.83 34.16
C TYR B 140 -38.79 17.83 33.53
N THR B 141 -39.90 18.06 34.19
CA THR B 141 -40.75 19.16 33.79
C THR B 141 -40.05 20.39 34.31
N MET B 142 -40.01 21.47 33.55
CA MET B 142 -39.31 22.61 34.07
C MET B 142 -39.99 23.95 33.87
N CYS B 143 -39.72 24.84 34.81
CA CYS B 143 -40.18 26.21 34.78
C CYS B 143 -39.41 27.06 33.82
N GLU B 144 -40.09 28.01 33.19
CA GLU B 144 -39.42 29.03 32.40
C GLU B 144 -38.51 29.92 33.23
N TYR B 145 -38.79 30.02 34.52
CA TYR B 145 -37.98 30.84 35.42
C TYR B 145 -37.46 30.02 36.58
N PRO B 146 -36.54 29.09 36.36
CA PRO B 146 -35.97 28.22 37.36
C PRO B 146 -35.15 29.01 38.35
N HIS B 147 -35.15 28.53 39.56
CA HIS B 147 -34.39 29.12 40.63
C HIS B 147 -34.02 28.08 41.65
N THR B 148 -33.05 28.37 42.49
CA THR B 148 -32.75 27.48 43.60
C THR B 148 -32.54 28.25 44.87
N VAL B 149 -32.65 27.54 45.98
CA VAL B 149 -32.51 28.10 47.31
C VAL B 149 -31.60 27.24 48.19
N CYS B 150 -30.76 27.89 48.97
CA CYS B 150 -29.85 27.25 49.92
C CYS B 150 -30.63 26.65 51.09
N LYS B 151 -30.02 25.65 51.73
CA LYS B 151 -30.68 24.95 52.83
C LYS B 151 -30.57 25.62 54.20
N SER B 152 -29.90 26.76 54.31
CA SER B 152 -29.75 27.41 55.61
C SER B 152 -30.84 28.46 55.84
N LYS B 153 -30.64 29.67 55.33
CA LYS B 153 -31.66 30.71 55.45
C LYS B 153 -31.83 31.44 54.14
N GLY B 154 -33.04 31.93 53.88
CA GLY B 154 -33.28 32.57 52.60
C GLY B 154 -34.71 33.05 52.44
N SER B 155 -34.99 33.53 51.23
CA SER B 155 -36.30 34.03 50.81
C SER B 155 -37.36 32.97 50.82
N ILE B 156 -38.59 33.43 50.81
CA ILE B 156 -39.78 32.62 50.71
C ILE B 156 -39.84 31.64 49.50
N ARG B 157 -39.00 31.83 48.46
CA ARG B 157 -39.15 30.97 47.29
C ARG B 157 -38.99 29.49 47.62
N ASN B 158 -39.78 28.68 46.94
CA ASN B 158 -39.83 27.25 47.20
C ASN B 158 -39.05 26.34 46.25
N GLU B 159 -38.17 26.89 45.41
CA GLU B 159 -37.43 26.04 44.45
C GLU B 159 -38.38 25.31 43.53
N SER B 160 -39.26 26.05 42.91
CA SER B 160 -40.32 25.49 42.09
C SER B 160 -39.91 25.09 40.69
N TRP B 161 -38.62 25.19 40.34
CA TRP B 161 -38.15 24.89 38.98
C TRP B 161 -38.53 23.51 38.48
N HIS B 162 -38.77 22.57 39.38
CA HIS B 162 -39.21 21.24 39.00
C HIS B 162 -40.68 21.13 39.27
N ILE B 163 -41.44 21.92 38.53
CA ILE B 163 -42.86 21.99 38.73
C ILE B 163 -43.55 20.68 38.47
N ASP B 164 -44.51 20.37 39.33
CA ASP B 164 -45.33 19.17 39.21
C ASP B 164 -44.52 17.90 39.19
N SER B 165 -43.56 17.78 40.10
CA SER B 165 -42.78 16.57 40.10
C SER B 165 -43.66 15.37 40.40
N SER B 166 -43.37 14.28 39.72
CA SER B 166 -44.05 13.01 39.96
C SER B 166 -42.99 11.94 40.04
N GLU B 167 -42.90 11.15 38.97
CA GLU B 167 -41.89 10.13 38.81
C GLU B 167 -41.38 10.18 37.39
N PRO B 168 -40.55 11.16 37.04
CA PRO B 168 -40.04 11.42 35.72
C PRO B 168 -39.17 10.27 35.26
N LEU B 169 -39.15 10.07 33.96
CA LEU B 169 -38.31 9.05 33.37
C LEU B 169 -36.86 9.45 33.52
N CYS B 170 -35.98 8.49 33.76
CA CYS B 170 -34.59 8.84 33.85
C CYS B 170 -33.68 7.81 33.26
N LEU B 171 -32.44 8.21 33.03
CA LEU B 171 -31.40 7.30 32.61
C LEU B 171 -30.45 7.06 33.75
N PHE B 172 -30.19 8.10 34.50
CA PHE B 172 -29.17 8.01 35.52
C PHE B 172 -29.47 8.75 36.80
N LYS B 173 -29.27 8.11 37.95
CA LYS B 173 -29.29 8.85 39.20
C LYS B 173 -28.15 8.42 40.11
N LYS B 174 -27.30 9.35 40.57
CA LYS B 174 -26.31 8.99 41.59
C LYS B 174 -26.04 10.08 42.62
N ASN B 175 -25.56 9.66 43.78
CA ASN B 175 -25.12 10.61 44.79
C ASN B 175 -23.61 10.44 44.98
N PHE B 176 -22.88 11.55 45.02
CA PHE B 176 -21.44 11.49 45.21
C PHE B 176 -21.04 12.43 46.33
N THR B 177 -20.41 11.94 47.37
CA THR B 177 -19.97 12.84 48.44
C THR B 177 -18.78 13.66 48.01
N TYR B 178 -18.55 14.77 48.71
CA TYR B 178 -17.35 15.55 48.43
C TYR B 178 -16.77 16.21 49.67
N ASN B 179 -15.50 16.59 49.58
CA ASN B 179 -14.81 17.21 50.70
C ASN B 179 -15.10 18.69 50.76
N VAL B 180 -15.96 19.07 51.68
CA VAL B 180 -16.42 20.44 51.87
C VAL B 180 -15.33 21.45 52.17
N SER B 181 -14.20 21.02 52.72
CA SER B 181 -13.16 21.97 53.07
C SER B 181 -12.57 22.72 51.88
N ALA B 182 -12.65 22.16 50.67
CA ALA B 182 -12.08 22.86 49.52
C ALA B 182 -12.75 24.21 49.29
N ASP B 183 -11.99 25.22 48.86
CA ASP B 183 -12.68 26.46 48.52
C ASP B 183 -13.03 26.56 47.05
N TRP B 184 -12.68 25.55 46.28
CA TRP B 184 -13.01 25.55 44.87
C TRP B 184 -13.43 24.19 44.38
N LEU B 185 -14.23 24.16 43.34
CA LEU B 185 -14.57 22.91 42.69
C LEU B 185 -14.24 23.00 41.23
N TYR B 186 -13.88 21.88 40.62
CA TYR B 186 -13.61 21.95 39.20
C TYR B 186 -14.34 20.87 38.48
N PHE B 187 -14.79 21.18 37.27
CA PHE B 187 -15.52 20.19 36.51
C PHE B 187 -15.25 20.22 35.03
N HIS B 188 -15.47 19.10 34.38
CA HIS B 188 -15.53 19.12 32.94
C HIS B 188 -16.80 18.49 32.54
N PHE B 189 -17.43 19.03 31.53
CA PHE B 189 -18.56 18.35 30.98
C PHE B 189 -18.40 18.37 29.50
N TYR B 190 -18.39 17.21 28.87
CA TYR B 190 -18.31 17.33 27.43
C TYR B 190 -19.02 16.22 26.74
N GLN B 191 -19.31 16.45 25.48
CA GLN B 191 -19.97 15.45 24.71
C GLN B 191 -19.16 15.01 23.55
N GLU B 192 -19.08 13.71 23.36
CA GLU B 192 -18.38 13.18 22.21
C GLU B 192 -19.11 11.98 21.68
N ARG B 193 -19.28 11.90 20.37
CA ARG B 193 -19.89 10.72 19.74
C ARG B 193 -21.21 10.29 20.37
N GLY B 194 -22.04 11.23 20.79
CA GLY B 194 -23.32 10.90 21.39
C GLY B 194 -23.29 10.49 22.86
N VAL B 195 -22.15 10.61 23.55
CA VAL B 195 -22.15 10.29 24.97
C VAL B 195 -21.64 11.46 25.77
N PHE B 196 -22.01 11.48 27.02
CA PHE B 196 -21.67 12.56 27.89
C PHE B 196 -20.68 12.15 28.96
N TYR B 197 -19.69 13.00 29.18
CA TYR B 197 -18.73 12.71 30.21
C TYR B 197 -18.73 13.75 31.29
N ALA B 198 -18.69 13.30 32.54
CA ALA B 198 -18.55 14.23 33.63
C ALA B 198 -17.28 13.97 34.39
N TYR B 199 -16.59 15.05 34.73
CA TYR B 199 -15.36 15.02 35.54
C TYR B 199 -15.47 16.00 36.67
N TYR B 200 -14.78 15.68 37.75
CA TYR B 200 -14.88 16.41 39.00
C TYR B 200 -13.59 16.58 39.80
N ALA B 201 -13.47 17.69 40.53
CA ALA B 201 -12.36 17.78 41.45
C ALA B 201 -12.69 18.55 42.72
N ASP B 202 -12.03 18.10 43.78
CA ASP B 202 -12.04 18.62 45.16
C ASP B 202 -10.86 19.57 45.39
N VAL B 203 -10.30 20.07 44.29
CA VAL B 203 -9.04 20.79 44.23
C VAL B 203 -7.89 19.82 44.30
N GLY B 204 -8.05 18.73 43.56
CA GLY B 204 -6.97 17.80 43.28
C GLY B 204 -6.18 18.31 42.06
N MET B 205 -6.63 19.47 41.54
CA MET B 205 -6.13 20.25 40.41
C MET B 205 -6.49 19.63 39.05
N PRO B 206 -5.99 18.47 38.66
CA PRO B 206 -6.59 17.72 37.57
C PRO B 206 -7.95 17.26 37.98
N THR B 207 -8.88 17.13 37.05
CA THR B 207 -10.18 16.56 37.40
C THR B 207 -10.12 15.06 37.30
N THR B 208 -11.12 14.39 37.85
CA THR B 208 -11.12 12.94 37.79
C THR B 208 -12.44 12.46 37.26
N PHE B 209 -12.45 11.23 36.77
CA PHE B 209 -13.66 10.72 36.17
C PHE B 209 -14.79 10.65 37.16
N LEU B 210 -15.97 11.06 36.75
CA LEU B 210 -17.08 10.88 37.64
C LEU B 210 -18.02 9.82 37.10
N PHE B 211 -18.60 10.09 35.93
CA PHE B 211 -19.45 9.08 35.28
C PHE B 211 -19.55 9.34 33.78
N SER B 212 -20.06 8.37 33.03
CA SER B 212 -20.37 8.65 31.63
C SER B 212 -21.72 8.06 31.25
N LEU B 213 -22.47 8.80 30.43
CA LEU B 213 -23.79 8.38 30.00
C LEU B 213 -24.06 8.55 28.51
N TYR B 214 -24.55 7.52 27.83
CA TYR B 214 -24.98 7.74 26.45
C TYR B 214 -26.23 8.57 26.41
N LEU B 215 -26.26 9.58 25.54
CA LEU B 215 -27.50 10.33 25.39
C LEU B 215 -28.15 10.08 24.04
N GLY B 216 -27.32 10.03 23.01
CA GLY B 216 -27.72 9.79 21.63
C GLY B 216 -28.29 11.02 20.94
N THR B 217 -28.24 12.17 21.60
CA THR B 217 -28.67 13.42 21.01
C THR B 217 -27.63 14.46 21.33
N ILE B 218 -27.62 15.57 20.62
CA ILE B 218 -26.68 16.62 20.92
C ILE B 218 -27.23 17.59 21.94
N LEU B 219 -26.53 17.79 23.05
CA LEU B 219 -26.97 18.78 24.03
C LEU B 219 -26.84 20.14 23.39
N SER B 220 -27.78 21.05 23.62
CA SER B 220 -27.60 22.34 22.96
C SER B 220 -27.27 23.49 23.87
N HIS B 221 -27.69 23.41 25.12
CA HIS B 221 -27.49 24.52 26.02
C HIS B 221 -27.25 24.15 27.45
N TYR B 222 -26.74 25.09 28.20
CA TYR B 222 -26.68 24.89 29.62
C TYR B 222 -26.97 26.18 30.32
N TYR B 223 -27.46 26.06 31.55
CA TYR B 223 -27.83 27.23 32.30
C TYR B 223 -27.51 27.11 33.77
N VAL B 224 -26.95 28.16 34.35
CA VAL B 224 -26.75 28.15 35.77
C VAL B 224 -27.94 28.77 36.43
N MET B 225 -28.61 28.03 37.30
CA MET B 225 -29.77 28.62 37.96
C MET B 225 -29.34 29.69 38.95
N PRO B 226 -30.16 30.73 39.13
CA PRO B 226 -30.00 31.80 40.08
C PRO B 226 -30.13 31.24 41.48
N LEU B 227 -29.46 31.85 42.42
CA LEU B 227 -29.61 31.42 43.81
C LEU B 227 -30.15 32.52 44.68
N THR B 228 -31.17 32.18 45.44
CA THR B 228 -31.76 33.10 46.37
C THR B 228 -31.76 32.65 47.81
N CYS B 229 -30.90 33.30 48.56
CA CYS B 229 -30.73 33.16 49.99
C CYS B 229 -30.26 34.41 50.63
N ASN B 230 -30.23 34.43 51.94
CA ASN B 230 -29.70 35.60 52.60
C ASN B 230 -28.19 35.42 52.88
N ALA B 231 -27.62 34.34 52.34
CA ALA B 231 -26.18 34.04 52.32
C ALA B 231 -25.41 34.89 51.32
N ILE B 232 -26.16 35.55 50.43
CA ILE B 232 -25.65 36.40 49.37
C ILE B 232 -24.84 37.57 49.91
N SER B 233 -23.89 38.02 49.11
CA SER B 233 -22.97 39.09 49.48
C SER B 233 -23.72 40.36 49.89
N SER B 234 -23.02 41.21 50.66
CA SER B 234 -23.58 42.38 51.34
C SER B 234 -24.40 41.91 52.55
N ASN B 235 -23.90 40.83 53.15
CA ASN B 235 -24.39 40.20 54.36
C ASN B 235 -23.14 39.79 55.12
N THR B 236 -23.30 39.16 56.28
CA THR B 236 -22.12 38.90 57.09
C THR B 236 -21.06 38.09 56.35
N ASP B 237 -19.84 38.59 56.50
CA ASP B 237 -18.59 38.12 55.91
C ASP B 237 -18.54 38.13 54.39
N ASN B 238 -19.47 38.85 53.73
CA ASN B 238 -19.43 39.06 52.29
C ASN B 238 -19.27 37.78 51.49
N GLU B 239 -20.04 36.74 51.80
CA GLU B 239 -19.91 35.49 51.06
C GLU B 239 -20.30 35.71 49.61
N THR B 240 -19.64 34.99 48.69
CA THR B 240 -19.94 35.19 47.29
C THR B 240 -20.17 33.88 46.58
N LEU B 241 -20.78 33.99 45.43
CA LEU B 241 -21.23 32.88 44.60
C LEU B 241 -20.50 32.67 43.30
N GLU B 242 -19.20 32.94 43.21
CA GLU B 242 -18.60 32.94 41.88
C GLU B 242 -18.76 31.60 41.17
N TYR B 243 -19.02 31.69 39.86
CA TYR B 243 -19.11 30.49 39.04
C TYR B 243 -18.50 30.86 37.72
N TRP B 244 -17.40 30.22 37.38
CA TRP B 244 -16.69 30.60 36.18
C TRP B 244 -16.63 29.50 35.13
N VAL B 245 -16.76 29.87 33.85
CA VAL B 245 -16.62 28.85 32.82
C VAL B 245 -15.72 29.24 31.67
N THR B 246 -15.20 28.24 31.00
CA THR B 246 -14.54 28.44 29.73
C THR B 246 -14.95 27.31 28.78
N PRO B 247 -14.84 27.50 27.47
CA PRO B 247 -15.05 26.51 26.41
C PRO B 247 -14.01 25.40 26.37
N LEU B 248 -14.41 24.23 25.86
CA LEU B 248 -13.51 23.13 25.61
C LEU B 248 -13.40 22.83 24.13
N SER B 249 -12.25 22.33 23.72
CA SER B 249 -12.05 21.89 22.35
C SER B 249 -11.15 20.69 22.33
N ARG B 250 -11.17 19.91 21.27
CA ARG B 250 -10.20 18.82 21.27
C ARG B 250 -8.86 19.47 21.14
N ARG B 251 -7.88 19.01 21.90
CA ARG B 251 -6.57 19.61 21.77
C ARG B 251 -5.48 18.62 22.04
N GLN B 252 -4.29 18.86 21.50
CA GLN B 252 -3.18 18.03 21.90
C GLN B 252 -2.53 18.60 23.14
N TYR B 253 -2.28 17.75 24.11
CA TYR B 253 -1.58 18.11 25.33
C TYR B 253 -0.48 17.19 25.69
N LEU B 254 0.50 17.74 26.38
CA LEU B 254 1.61 16.94 26.84
C LEU B 254 1.55 16.95 28.34
N LEU B 255 1.66 15.79 28.95
CA LEU B 255 1.54 15.66 30.39
C LEU B 255 2.68 14.93 31.02
N ASN B 256 3.05 15.34 32.22
CA ASN B 256 4.05 14.59 32.95
C ASN B 256 3.44 13.93 34.18
N PHE B 257 3.75 12.66 34.36
CA PHE B 257 3.31 11.88 35.50
C PHE B 257 4.49 11.53 36.37
N ASP B 258 4.41 11.84 37.66
CA ASP B 258 5.50 11.47 38.55
C ASP B 258 5.41 9.99 38.88
N GLU B 259 6.34 9.49 39.67
CA GLU B 259 6.35 8.06 39.99
C GLU B 259 5.13 7.57 40.78
N HIS B 260 4.33 8.48 41.32
CA HIS B 260 3.13 8.09 42.03
C HIS B 260 1.91 8.21 41.14
N GLY B 261 2.14 8.54 39.87
CA GLY B 261 1.09 8.70 38.88
C GLY B 261 0.38 10.03 38.98
N VAL B 262 0.90 10.93 39.80
CA VAL B 262 0.27 12.22 39.94
C VAL B 262 0.59 13.09 38.75
N ILE B 263 -0.42 13.75 38.18
CA ILE B 263 -0.10 14.68 37.11
C ILE B 263 0.62 15.87 37.69
N THR B 264 1.70 16.25 37.05
CA THR B 264 2.51 17.34 37.52
C THR B 264 2.35 18.53 36.60
N ASN B 265 3.09 18.50 35.51
CA ASN B 265 3.06 19.58 34.55
C ASN B 265 2.38 19.15 33.28
N ALA B 266 1.61 20.04 32.72
CA ALA B 266 0.99 19.70 31.45
C ALA B 266 0.85 20.94 30.61
N VAL B 267 0.89 20.80 29.31
CA VAL B 267 0.80 21.99 28.53
C VAL B 267 -0.06 21.89 27.29
N ASP B 268 -0.69 23.00 26.94
CA ASP B 268 -1.38 23.13 25.67
C ASP B 268 -0.28 23.42 24.75
N CYS B 269 0.37 22.37 24.28
CA CYS B 269 1.59 22.58 23.57
C CYS B 269 1.41 23.33 22.26
N SER B 270 0.18 23.40 21.75
CA SER B 270 -0.08 24.15 20.54
C SER B 270 -0.26 25.65 20.76
N SER B 271 -0.21 26.10 22.01
CA SER B 271 -0.46 27.51 22.29
C SER B 271 0.73 28.46 22.11
N SER B 272 1.95 27.94 22.03
CA SER B 272 3.07 28.85 21.82
C SER B 272 4.19 28.16 21.10
N PHE B 273 5.11 28.93 20.52
CA PHE B 273 6.25 28.33 19.87
C PHE B 273 7.16 27.65 20.88
N LEU B 274 7.22 28.22 22.07
CA LEU B 274 8.01 27.66 23.13
C LEU B 274 7.49 26.30 23.52
N SER B 275 6.18 26.17 23.55
CA SER B 275 5.60 24.89 23.84
C SER B 275 5.45 24.01 22.61
N GLU B 276 5.51 24.60 21.43
CA GLU B 276 5.37 23.78 20.24
C GLU B 276 6.52 22.83 20.10
N ILE B 277 7.72 23.29 20.44
CA ILE B 277 8.82 22.38 20.42
C ILE B 277 8.67 21.28 21.44
N GLN B 278 7.99 21.56 22.54
CA GLN B 278 7.75 20.52 23.51
C GLN B 278 6.86 19.45 22.94
N CYS B 279 5.88 19.85 22.08
CA CYS B 279 5.00 18.86 21.47
C CYS B 279 5.83 17.92 20.62
N LYS B 280 6.74 18.53 19.86
CA LYS B 280 7.59 17.83 18.94
C LYS B 280 8.58 16.89 19.58
N THR B 281 9.13 17.29 20.72
CA THR B 281 10.08 16.46 21.40
C THR B 281 9.47 15.58 22.46
N GLN B 282 8.18 15.79 22.73
CA GLN B 282 7.46 15.06 23.76
C GLN B 282 8.13 15.22 25.11
N SER B 283 8.64 16.42 25.35
CA SER B 283 9.34 16.69 26.59
C SER B 283 9.18 18.11 27.00
N PHE B 284 9.41 18.38 28.27
CA PHE B 284 9.33 19.74 28.75
C PHE B 284 10.70 20.39 28.80
N ALA B 285 11.73 19.72 28.29
CA ALA B 285 13.07 20.30 28.29
C ALA B 285 13.93 19.84 27.10
N PRO B 286 13.72 20.36 25.89
CA PRO B 286 14.45 20.03 24.67
C PRO B 286 15.92 20.39 24.79
N ASN B 287 16.77 19.65 24.08
CA ASN B 287 18.20 19.88 24.17
C ASN B 287 18.70 20.91 23.18
N THR B 288 18.54 22.17 23.50
CA THR B 288 18.97 23.27 22.64
C THR B 288 18.53 22.97 21.20
N GLY B 289 19.43 23.16 20.24
CA GLY B 289 19.17 22.80 18.85
C GLY B 289 18.45 23.85 18.03
N VAL B 290 18.14 23.47 16.79
CA VAL B 290 17.42 24.29 15.85
C VAL B 290 16.30 23.47 15.28
N TYR B 291 15.12 24.05 15.15
CA TYR B 291 14.00 23.26 14.70
C TYR B 291 13.13 23.97 13.71
N ASP B 292 12.42 23.21 12.90
CA ASP B 292 11.45 23.81 12.01
C ASP B 292 10.05 23.47 12.47
N LEU B 293 9.18 24.47 12.48
CA LEU B 293 7.81 24.29 12.93
C LEU B 293 6.82 24.69 11.84
N SER B 294 5.69 24.01 11.81
CA SER B 294 4.66 24.32 10.82
C SER B 294 3.51 25.08 11.46
N THR B 303 -13.07 36.92 0.99
CA THR B 303 -13.46 35.86 0.07
C THR B 303 -14.24 36.43 -1.09
N VAL B 304 -14.22 35.76 -2.24
CA VAL B 304 -15.00 36.26 -3.36
C VAL B 304 -15.90 35.20 -3.93
N TYR B 305 -16.97 35.64 -4.57
CA TYR B 305 -17.92 34.71 -5.11
C TYR B 305 -18.50 35.19 -6.43
N ARG B 306 -18.65 34.30 -7.40
CA ARG B 306 -19.30 34.75 -8.60
C ARG B 306 -20.19 33.70 -9.28
N ARG B 307 -21.29 34.18 -9.84
CA ARG B 307 -22.22 33.40 -10.64
C ARG B 307 -22.76 34.26 -11.76
N ILE B 308 -23.27 33.64 -12.80
CA ILE B 308 -23.81 34.43 -13.88
C ILE B 308 -25.13 35.06 -13.43
N PRO B 309 -25.28 36.38 -13.56
CA PRO B 309 -26.45 37.18 -13.25
C PRO B 309 -27.62 36.92 -14.17
N ASN B 310 -28.81 37.13 -13.64
CA ASN B 310 -30.06 37.09 -14.39
C ASN B 310 -30.31 35.83 -15.18
N LEU B 311 -30.08 34.68 -14.59
CA LEU B 311 -30.40 33.46 -15.28
C LEU B 311 -31.90 33.39 -15.45
N PRO B 312 -32.39 32.83 -16.56
CA PRO B 312 -33.80 32.65 -16.92
C PRO B 312 -34.56 31.77 -15.95
N ASP B 313 -33.80 30.99 -15.18
CA ASP B 313 -34.25 30.04 -14.19
C ASP B 313 -34.79 28.82 -14.90
N CYS B 314 -35.14 27.82 -14.13
CA CYS B 314 -35.76 26.64 -14.70
C CYS B 314 -36.74 26.02 -13.76
N ASP B 315 -37.53 25.10 -14.28
CA ASP B 315 -38.56 24.51 -13.48
C ASP B 315 -38.71 23.04 -13.70
N ILE B 316 -37.88 22.28 -13.02
CA ILE B 316 -37.93 20.84 -13.05
C ILE B 316 -39.25 20.32 -12.50
N ASP B 317 -39.78 21.05 -11.53
CA ASP B 317 -40.99 20.66 -10.83
C ASP B 317 -42.20 20.46 -11.70
N ASN B 318 -42.41 21.35 -12.66
CA ASN B 318 -43.59 21.19 -13.47
C ASN B 318 -43.53 19.96 -14.31
N TRP B 319 -42.35 19.65 -14.84
CA TRP B 319 -42.25 18.43 -15.57
C TRP B 319 -42.53 17.23 -14.67
N LEU B 320 -42.03 17.30 -13.43
CA LEU B 320 -42.30 16.23 -12.47
C LEU B 320 -43.76 16.13 -12.09
N ASN B 321 -44.44 17.27 -12.12
CA ASN B 321 -45.84 17.36 -11.82
C ASN B 321 -46.74 17.39 -13.03
N ASN B 322 -46.23 17.02 -14.20
CA ASN B 322 -47.10 17.03 -15.34
C ASN B 322 -48.16 15.99 -15.08
N VAL B 323 -49.39 16.32 -15.40
CA VAL B 323 -50.49 15.43 -15.11
C VAL B 323 -50.34 14.05 -15.69
N SER B 324 -49.79 13.95 -16.90
CA SER B 324 -49.57 12.63 -17.46
C SER B 324 -48.36 11.97 -16.87
N VAL B 325 -48.47 10.68 -16.59
CA VAL B 325 -47.33 9.93 -16.15
C VAL B 325 -47.18 8.74 -17.07
N PRO B 326 -46.13 8.65 -17.83
CA PRO B 326 -45.88 7.54 -18.70
C PRO B 326 -45.62 6.29 -17.91
N SER B 327 -46.03 5.18 -18.49
CA SER B 327 -45.67 3.86 -18.05
C SER B 327 -44.20 3.72 -18.34
N PRO B 328 -43.44 2.90 -17.62
CA PRO B 328 -42.06 2.62 -17.89
C PRO B 328 -41.93 2.11 -19.32
N LEU B 329 -43.00 1.51 -19.86
CA LEU B 329 -42.99 1.07 -21.25
C LEU B 329 -42.70 2.20 -22.24
N ASN B 330 -43.20 3.39 -21.93
CA ASN B 330 -43.02 4.60 -22.72
C ASN B 330 -42.30 5.69 -21.94
N TRP B 331 -41.35 5.32 -21.07
CA TRP B 331 -40.73 6.29 -20.15
C TRP B 331 -40.12 7.48 -20.87
N GLU B 332 -40.20 8.64 -20.20
CA GLU B 332 -39.79 9.92 -20.80
C GLU B 332 -38.57 10.59 -20.20
N ARG B 333 -37.81 11.23 -21.08
CA ARG B 333 -36.65 12.00 -20.72
C ARG B 333 -36.80 13.48 -21.02
N ARG B 334 -36.28 14.32 -20.14
CA ARG B 334 -36.24 15.75 -20.39
C ARG B 334 -34.94 16.30 -19.85
N ILE B 335 -34.42 17.36 -20.45
CA ILE B 335 -33.18 17.89 -19.92
C ILE B 335 -33.28 19.36 -19.62
N PHE B 336 -32.38 19.84 -18.76
CA PHE B 336 -32.36 21.24 -18.42
C PHE B 336 -30.96 21.79 -18.47
N SER B 337 -30.83 23.02 -18.95
CA SER B 337 -29.53 23.66 -19.04
C SER B 337 -29.62 25.17 -18.90
N ASN B 338 -28.48 25.80 -18.63
CA ASN B 338 -28.39 27.26 -18.52
C ASN B 338 -29.37 27.82 -17.53
N CYS B 339 -29.46 27.24 -16.34
CA CYS B 339 -30.46 27.76 -15.45
C CYS B 339 -30.14 27.75 -13.97
N ASN B 340 -31.01 28.41 -13.25
CA ASN B 340 -30.94 28.56 -11.83
C ASN B 340 -32.00 27.72 -11.15
N PHE B 341 -31.59 26.96 -10.13
CA PHE B 341 -32.57 26.14 -9.40
C PHE B 341 -32.23 25.98 -7.93
N ASN B 342 -33.22 25.59 -7.15
CA ASN B 342 -32.99 25.32 -5.74
C ASN B 342 -33.46 23.94 -5.40
N LEU B 343 -32.52 23.04 -5.10
CA LEU B 343 -32.88 21.67 -4.80
C LEU B 343 -33.77 21.47 -3.61
N SER B 344 -33.53 22.19 -2.52
CA SER B 344 -34.38 21.97 -1.39
C SER B 344 -35.81 22.36 -1.68
N THR B 345 -35.98 23.38 -2.53
CA THR B 345 -37.31 23.78 -2.89
C THR B 345 -37.97 22.75 -3.73
N LEU B 346 -37.19 22.16 -4.63
CA LEU B 346 -37.73 21.15 -5.48
C LEU B 346 -38.21 19.97 -4.69
N LEU B 347 -37.44 19.59 -3.69
CA LEU B 347 -37.85 18.49 -2.85
C LEU B 347 -39.08 18.83 -2.04
N ARG B 348 -39.17 20.07 -1.56
CA ARG B 348 -40.34 20.47 -0.78
C ARG B 348 -41.61 20.44 -1.59
N LEU B 349 -41.51 20.77 -2.87
CA LEU B 349 -42.65 20.83 -3.75
C LEU B 349 -43.32 19.51 -4.06
N VAL B 350 -42.68 18.39 -3.78
CA VAL B 350 -43.34 17.14 -4.07
C VAL B 350 -43.34 16.22 -2.87
N HIS B 351 -44.23 15.25 -2.88
CA HIS B 351 -44.30 14.35 -1.77
C HIS B 351 -43.23 13.30 -1.91
N VAL B 352 -42.03 13.60 -1.41
CA VAL B 352 -40.94 12.66 -1.54
C VAL B 352 -41.07 11.52 -0.55
N ASP B 353 -41.07 10.27 -1.02
CA ASP B 353 -41.00 9.18 -0.05
C ASP B 353 -39.58 8.66 0.14
N SER B 354 -38.68 8.99 -0.78
CA SER B 354 -37.28 8.65 -0.60
C SER B 354 -36.35 9.48 -1.47
N PHE B 355 -35.13 9.66 -1.00
CA PHE B 355 -34.14 10.30 -1.85
C PHE B 355 -32.77 9.67 -1.63
N SER B 356 -32.08 9.34 -2.71
CA SER B 356 -30.73 8.79 -2.56
C SER B 356 -29.94 9.12 -3.78
N CYS B 357 -28.63 9.01 -3.73
CA CYS B 357 -27.86 9.30 -4.93
C CYS B 357 -26.69 8.36 -5.12
N ASN B 358 -26.12 8.41 -6.31
CA ASN B 358 -24.98 7.60 -6.70
C ASN B 358 -23.78 8.46 -7.06
N ASN B 359 -22.73 8.30 -6.28
CA ASN B 359 -21.45 8.99 -6.42
C ASN B 359 -21.51 10.49 -6.17
N LEU B 360 -22.55 10.96 -5.49
CA LEU B 360 -22.59 12.34 -5.06
C LEU B 360 -22.98 12.44 -3.63
N ASP B 361 -22.27 13.22 -2.83
CA ASP B 361 -22.82 13.43 -1.52
C ASP B 361 -23.97 14.40 -1.69
N LYS B 362 -25.12 14.09 -1.10
CA LYS B 362 -26.26 14.98 -1.22
C LYS B 362 -25.97 16.40 -0.77
N SER B 363 -25.11 16.56 0.23
CA SER B 363 -24.78 17.90 0.69
C SER B 363 -24.05 18.72 -0.34
N LYS B 364 -23.34 18.06 -1.24
CA LYS B 364 -22.58 18.77 -2.22
C LYS B 364 -23.38 19.19 -3.39
N ILE B 365 -24.50 18.52 -3.60
CA ILE B 365 -25.36 18.92 -4.69
C ILE B 365 -25.85 20.34 -4.49
N PHE B 366 -26.07 20.74 -3.24
CA PHE B 366 -26.55 22.07 -2.98
C PHE B 366 -25.57 23.18 -3.36
N GLY B 367 -24.27 22.94 -3.20
CA GLY B 367 -23.31 23.96 -3.65
C GLY B 367 -22.84 23.76 -5.09
N SER B 368 -23.12 22.59 -5.65
CA SER B 368 -22.74 22.22 -7.01
C SER B 368 -23.46 22.99 -8.10
N CYS B 369 -22.78 23.10 -9.23
CA CYS B 369 -23.39 23.71 -10.38
C CYS B 369 -23.57 22.72 -11.52
N PHE B 370 -22.63 21.82 -11.65
CA PHE B 370 -22.63 20.81 -12.69
C PHE B 370 -22.63 21.50 -14.07
N ASN B 371 -23.32 20.87 -15.01
CA ASN B 371 -23.57 21.34 -16.35
C ASN B 371 -25.04 21.06 -16.52
N SER B 372 -25.46 20.74 -17.73
CA SER B 372 -26.85 20.38 -17.92
C SER B 372 -27.19 19.13 -17.10
N ILE B 373 -28.47 19.03 -16.77
CA ILE B 373 -28.99 17.94 -15.96
C ILE B 373 -30.04 17.20 -16.73
N THR B 374 -30.08 15.88 -16.58
CA THR B 374 -31.06 15.13 -17.31
C THR B 374 -31.96 14.41 -16.34
N VAL B 375 -33.22 14.26 -16.70
CA VAL B 375 -34.10 13.53 -15.83
C VAL B 375 -35.03 12.58 -16.56
N ASP B 376 -35.19 11.38 -16.02
CA ASP B 376 -36.09 10.39 -16.59
C ASP B 376 -37.21 10.04 -15.64
N LYS B 377 -38.45 9.89 -16.11
CA LYS B 377 -39.45 9.44 -15.14
C LYS B 377 -40.41 8.41 -15.67
N PHE B 378 -40.88 7.57 -14.75
CA PHE B 378 -41.95 6.63 -15.03
C PHE B 378 -42.74 6.19 -13.80
N ALA B 379 -43.98 5.77 -14.04
CA ALA B 379 -44.81 5.23 -12.97
C ALA B 379 -44.20 3.95 -12.42
N ILE B 380 -44.33 3.70 -11.12
CA ILE B 380 -43.90 2.44 -10.54
C ILE B 380 -45.01 1.46 -10.22
N PRO B 381 -45.05 0.29 -10.86
CA PRO B 381 -45.94 -0.82 -10.56
C PRO B 381 -45.60 -1.29 -9.18
N ASN B 382 -46.56 -1.77 -8.43
CA ASN B 382 -46.19 -2.21 -7.09
C ASN B 382 -45.40 -3.51 -7.06
N ARG B 383 -45.82 -4.46 -7.90
CA ARG B 383 -45.25 -5.79 -7.92
C ARG B 383 -43.75 -5.90 -8.16
N ARG B 384 -43.21 -5.06 -9.04
CA ARG B 384 -41.80 -5.16 -9.36
C ARG B 384 -40.93 -4.03 -8.87
N ARG B 385 -41.40 -3.26 -7.89
CA ARG B 385 -40.65 -2.11 -7.38
C ARG B 385 -39.19 -2.41 -6.98
N ASP B 386 -38.87 -3.66 -6.69
CA ASP B 386 -37.53 -4.00 -6.24
C ASP B 386 -36.51 -4.12 -7.35
N ASP B 387 -36.89 -3.84 -8.59
CA ASP B 387 -35.90 -3.84 -9.64
C ASP B 387 -35.20 -2.47 -9.76
N LEU B 388 -35.52 -1.55 -8.85
CA LEU B 388 -34.95 -0.21 -8.85
C LEU B 388 -33.66 -0.09 -8.04
N GLN B 389 -33.12 -1.21 -7.62
CA GLN B 389 -31.97 -1.30 -6.73
C GLN B 389 -30.60 -0.89 -7.28
N LEU B 390 -30.50 -0.42 -8.53
CA LEU B 390 -29.22 0.06 -9.08
C LEU B 390 -28.20 -1.01 -9.44
N GLY B 391 -28.43 -1.63 -10.59
CA GLY B 391 -27.60 -2.71 -11.11
C GLY B 391 -28.14 -4.07 -10.76
N SER B 392 -29.21 -4.09 -9.99
CA SER B 392 -29.91 -5.32 -9.74
C SER B 392 -30.53 -5.81 -11.03
N SER B 393 -30.78 -7.09 -11.08
CA SER B 393 -31.42 -7.75 -12.20
C SER B 393 -32.93 -7.50 -12.19
N GLY B 394 -33.63 -8.21 -13.05
CA GLY B 394 -35.08 -8.10 -13.18
C GLY B 394 -35.55 -7.30 -14.37
N PHE B 395 -36.86 -7.27 -14.55
CA PHE B 395 -37.44 -6.70 -15.75
C PHE B 395 -37.20 -5.23 -15.96
N LEU B 396 -37.21 -4.43 -14.90
CA LEU B 396 -37.03 -3.02 -15.18
C LEU B 396 -35.62 -2.70 -15.58
N GLN B 397 -34.69 -3.53 -15.18
CA GLN B 397 -33.31 -3.34 -15.52
C GLN B 397 -32.87 -4.08 -16.74
N SER B 398 -33.79 -4.78 -17.39
CA SER B 398 -33.43 -5.57 -18.53
C SER B 398 -34.35 -5.32 -19.68
N SER B 399 -35.62 -5.67 -19.51
CA SER B 399 -36.56 -5.49 -20.58
C SER B 399 -37.17 -4.11 -20.63
N ASN B 400 -36.76 -3.19 -19.77
CA ASN B 400 -37.40 -1.90 -19.87
C ASN B 400 -36.52 -0.66 -19.77
N TYR B 401 -36.04 -0.32 -18.58
CA TYR B 401 -35.30 0.92 -18.45
C TYR B 401 -33.80 0.76 -18.52
N LYS B 402 -33.25 -0.28 -17.87
CA LYS B 402 -31.82 -0.53 -17.98
C LYS B 402 -30.98 0.63 -17.45
N ILE B 403 -31.19 1.00 -16.18
CA ILE B 403 -30.51 2.18 -15.64
C ILE B 403 -29.01 2.04 -15.65
N ASP B 404 -28.35 3.12 -16.03
CA ASP B 404 -26.91 3.14 -16.08
C ASP B 404 -26.30 3.29 -14.70
N ILE B 405 -25.48 2.32 -14.32
CA ILE B 405 -24.77 2.37 -13.06
C ILE B 405 -23.70 3.47 -12.99
N SER B 406 -23.03 3.68 -14.12
CA SER B 406 -21.90 4.60 -14.20
C SER B 406 -22.25 6.08 -14.07
N SER B 407 -21.23 6.83 -13.66
CA SER B 407 -21.22 8.27 -13.46
C SER B 407 -22.07 8.73 -12.30
N SER B 408 -22.20 10.04 -12.16
CA SER B 408 -23.04 10.53 -11.11
C SER B 408 -24.49 10.43 -11.51
N SER B 409 -25.32 10.10 -10.55
CA SER B 409 -26.75 10.08 -10.77
C SER B 409 -27.44 10.23 -9.47
N CYS B 410 -28.72 10.48 -9.50
CA CYS B 410 -29.41 10.49 -8.25
C CYS B 410 -30.81 9.95 -8.48
N GLN B 411 -31.52 9.58 -7.43
CA GLN B 411 -32.84 9.04 -7.65
C GLN B 411 -33.84 9.58 -6.67
N LEU B 412 -35.06 9.67 -7.16
CA LEU B 412 -36.13 10.20 -6.40
C LEU B 412 -37.35 9.33 -6.41
N TYR B 413 -37.90 9.10 -5.24
CA TYR B 413 -39.16 8.42 -5.15
C TYR B 413 -40.13 9.41 -4.62
N TYR B 414 -41.16 9.70 -5.38
CA TYR B 414 -42.12 10.65 -4.90
C TYR B 414 -43.45 10.23 -5.39
N SER B 415 -44.50 10.79 -4.87
CA SER B 415 -45.77 10.36 -5.38
C SER B 415 -46.73 11.50 -5.55
N LEU B 416 -47.72 11.27 -6.40
CA LEU B 416 -48.71 12.30 -6.67
C LEU B 416 -50.11 11.81 -6.40
N PRO B 417 -51.01 12.71 -6.02
CA PRO B 417 -52.39 12.45 -5.69
C PRO B 417 -53.21 11.88 -6.82
N LEU B 418 -54.19 11.10 -6.40
CA LEU B 418 -55.25 10.55 -7.22
C LEU B 418 -56.12 11.66 -7.74
N VAL B 419 -56.80 11.41 -8.88
CA VAL B 419 -57.67 12.39 -9.57
C VAL B 419 -56.89 13.34 -10.45
N ASN B 420 -55.89 13.98 -9.89
CA ASN B 420 -55.12 14.95 -10.64
C ASN B 420 -54.04 14.34 -11.55
N VAL B 421 -53.99 13.00 -11.67
CA VAL B 421 -53.04 12.37 -12.57
C VAL B 421 -53.68 11.37 -13.53
N THR B 422 -53.00 11.12 -14.65
CA THR B 422 -53.40 10.12 -15.64
C THR B 422 -52.18 9.34 -16.11
N ILE B 423 -52.39 8.23 -16.78
CA ILE B 423 -51.26 7.42 -17.26
C ILE B 423 -51.25 7.27 -18.78
N ASN B 424 -50.05 7.38 -19.35
CA ASN B 424 -49.85 7.28 -20.80
C ASN B 424 -49.06 6.01 -21.12
N ASN B 425 -49.42 5.35 -22.21
CA ASN B 425 -48.88 4.05 -22.55
C ASN B 425 -48.42 3.92 -24.02
N PHE B 426 -48.54 2.71 -24.57
CA PHE B 426 -48.24 2.35 -25.96
C PHE B 426 -46.74 2.18 -26.25
N ASN B 427 -46.21 2.94 -27.21
CA ASN B 427 -44.80 2.85 -27.61
C ASN B 427 -44.29 1.48 -28.06
N PRO B 428 -45.05 0.77 -28.89
CA PRO B 428 -44.70 -0.51 -29.48
C PRO B 428 -43.54 -0.36 -30.44
N SER B 429 -42.75 -1.42 -30.64
CA SER B 429 -41.73 -1.35 -31.68
C SER B 429 -42.41 -1.14 -33.06
N SER B 430 -43.62 -1.70 -33.22
CA SER B 430 -44.45 -1.41 -34.36
C SER B 430 -45.92 -1.55 -33.99
N TRP B 431 -46.73 -0.66 -34.54
CA TRP B 431 -48.17 -0.71 -34.33
C TRP B 431 -48.94 -1.21 -35.54
N ASN B 432 -48.24 -1.67 -36.56
CA ASN B 432 -48.90 -1.98 -37.83
C ASN B 432 -49.47 -3.38 -37.90
N ARG B 433 -49.55 -4.01 -36.74
CA ARG B 433 -50.18 -5.27 -36.57
C ARG B 433 -51.50 -5.07 -35.83
N ARG B 434 -52.01 -3.81 -35.84
CA ARG B 434 -53.26 -3.38 -35.19
C ARG B 434 -53.15 -3.33 -33.67
N TYR B 435 -52.02 -2.82 -33.22
CA TYR B 435 -51.67 -2.62 -31.82
C TYR B 435 -52.50 -1.60 -31.03
N GLY B 436 -52.68 -1.87 -29.74
CA GLY B 436 -53.28 -0.94 -28.78
C GLY B 436 -54.05 -1.62 -27.65
N PHE B 437 -53.72 -1.20 -26.43
CA PHE B 437 -54.30 -1.73 -25.19
C PHE B 437 -55.77 -1.42 -24.99
N GLY B 438 -56.50 -2.38 -24.43
CA GLY B 438 -57.87 -2.11 -23.96
C GLY B 438 -57.87 -1.70 -22.47
N SER B 439 -56.68 -1.68 -21.88
CA SER B 439 -56.44 -1.37 -20.47
C SER B 439 -56.75 0.05 -20.03
N PHE B 440 -57.17 0.20 -18.78
CA PHE B 440 -57.55 1.49 -18.21
C PHE B 440 -57.42 1.58 -16.67
N ASN B 441 -57.60 2.81 -16.15
CA ASN B 441 -57.68 3.11 -14.71
C ASN B 441 -56.55 2.86 -13.71
N LEU B 442 -55.41 3.51 -13.91
CA LEU B 442 -54.33 3.54 -12.91
C LEU B 442 -53.47 2.29 -12.76
N SER B 443 -52.96 1.80 -13.89
CA SER B 443 -52.07 0.67 -13.88
C SER B 443 -50.97 0.92 -14.89
N SER B 444 -49.88 0.20 -14.77
CA SER B 444 -48.73 0.43 -15.62
C SER B 444 -48.03 -0.84 -16.03
N TYR B 445 -47.30 -0.77 -17.14
CA TYR B 445 -46.70 -1.97 -17.71
C TYR B 445 -45.26 -2.13 -17.35
N ASP B 446 -44.91 -3.28 -16.81
CA ASP B 446 -43.51 -3.54 -16.51
C ASP B 446 -42.80 -4.26 -17.65
N VAL B 447 -43.49 -4.41 -18.79
CA VAL B 447 -42.98 -4.95 -20.06
C VAL B 447 -42.85 -6.46 -20.11
N VAL B 448 -42.10 -7.01 -19.17
CA VAL B 448 -41.84 -8.43 -19.00
C VAL B 448 -40.85 -8.86 -20.08
N TYR B 449 -41.33 -9.42 -21.19
CA TYR B 449 -40.44 -9.77 -22.27
C TYR B 449 -40.18 -8.62 -23.23
N SER B 450 -38.92 -8.49 -23.67
CA SER B 450 -38.51 -7.49 -24.64
C SER B 450 -39.10 -7.73 -26.03
N ASP B 451 -39.35 -6.65 -26.78
CA ASP B 451 -39.85 -6.79 -28.15
C ASP B 451 -38.82 -7.49 -29.03
N HIS B 452 -39.30 -8.42 -29.84
CA HIS B 452 -38.45 -9.19 -30.74
C HIS B 452 -38.48 -8.72 -32.20
N CYS B 453 -39.03 -7.54 -32.47
CA CYS B 453 -39.16 -7.06 -33.86
C CYS B 453 -37.83 -6.84 -34.57
N PHE B 454 -37.85 -7.12 -35.86
CA PHE B 454 -36.71 -7.02 -36.76
C PHE B 454 -37.25 -6.57 -38.12
N SER B 455 -36.36 -6.10 -39.01
CA SER B 455 -36.84 -5.57 -40.28
C SER B 455 -37.61 -6.59 -41.12
N VAL B 456 -38.62 -6.11 -41.83
CA VAL B 456 -39.53 -6.92 -42.64
C VAL B 456 -40.11 -8.11 -41.88
N ASN B 457 -40.54 -7.88 -40.64
CA ASN B 457 -41.16 -8.92 -39.85
C ASN B 457 -42.64 -9.05 -40.17
N SER B 458 -43.03 -10.16 -40.78
CA SER B 458 -44.43 -10.37 -41.11
C SER B 458 -44.75 -11.84 -41.16
N ASP B 459 -46.04 -12.15 -41.20
CA ASP B 459 -46.47 -13.51 -41.44
C ASP B 459 -46.24 -13.79 -42.91
N PHE B 460 -46.48 -15.02 -43.36
CA PHE B 460 -46.19 -15.33 -44.76
C PHE B 460 -47.37 -15.61 -45.67
N CYS B 461 -47.12 -15.41 -46.97
CA CYS B 461 -48.09 -15.55 -48.04
C CYS B 461 -48.57 -17.00 -48.21
N PRO B 462 -49.84 -17.20 -48.56
CA PRO B 462 -50.51 -18.48 -48.80
C PRO B 462 -49.90 -19.27 -49.93
N CYS B 463 -50.02 -20.59 -49.84
CA CYS B 463 -49.51 -21.51 -50.84
C CYS B 463 -50.61 -22.43 -51.35
N PHE B 559 -51.33 -9.97 -28.39
CA PHE B 559 -49.94 -9.58 -28.17
C PHE B 559 -49.36 -10.21 -26.92
N LEU B 560 -48.55 -11.22 -27.14
CA LEU B 560 -47.82 -12.02 -26.15
C LEU B 560 -46.72 -11.31 -25.36
N GLY B 561 -46.47 -11.83 -24.16
CA GLY B 561 -45.32 -11.41 -23.34
C GLY B 561 -45.34 -10.16 -22.47
N TRP B 562 -46.47 -9.50 -22.27
CA TRP B 562 -46.43 -8.32 -21.41
C TRP B 562 -47.41 -8.38 -20.25
N SER B 563 -47.11 -7.61 -19.21
CA SER B 563 -47.93 -7.53 -18.01
C SER B 563 -47.89 -6.17 -17.35
N PHE B 564 -48.82 -5.98 -16.42
CA PHE B 564 -48.99 -4.72 -15.75
C PHE B 564 -49.44 -4.89 -14.33
N ASP B 565 -49.30 -3.81 -13.56
CA ASP B 565 -49.77 -3.78 -12.20
C ASP B 565 -50.23 -2.40 -11.83
N SER B 566 -51.05 -2.33 -10.80
CA SER B 566 -51.55 -1.07 -10.30
C SER B 566 -50.44 -0.22 -9.72
N CYS B 567 -50.65 1.08 -9.74
CA CYS B 567 -49.73 2.03 -9.13
C CYS B 567 -50.37 2.79 -8.03
N ILE B 568 -50.81 2.11 -7.00
CA ILE B 568 -51.42 2.84 -5.94
C ILE B 568 -50.99 2.43 -4.56
N SER B 569 -50.84 3.43 -3.71
CA SER B 569 -50.67 3.22 -2.29
C SER B 569 -51.36 4.40 -1.68
N ASN B 570 -51.94 4.24 -0.50
CA ASN B 570 -52.66 5.35 0.11
C ASN B 570 -53.56 6.03 -0.94
N ASN B 571 -53.46 7.36 -1.02
CA ASN B 571 -54.13 8.20 -1.99
C ASN B 571 -53.18 8.67 -3.09
N ARG B 572 -52.09 7.93 -3.27
CA ARG B 572 -50.99 8.33 -4.14
C ARG B 572 -50.48 7.30 -5.16
N CYS B 573 -49.86 7.78 -6.23
CA CYS B 573 -49.20 6.91 -7.19
C CYS B 573 -47.71 7.19 -7.18
N ASN B 574 -46.94 6.13 -6.97
CA ASN B 574 -45.50 6.25 -6.89
C ASN B 574 -44.90 6.54 -8.23
N ILE B 575 -43.95 7.45 -8.22
CA ILE B 575 -43.24 7.80 -9.42
C ILE B 575 -41.76 7.74 -9.18
N PHE B 576 -41.07 7.12 -10.11
CA PHE B 576 -39.65 7.04 -10.01
C PHE B 576 -39.00 8.02 -10.90
N SER B 577 -38.02 8.73 -10.38
CA SER B 577 -37.30 9.62 -11.22
C SER B 577 -35.81 9.41 -11.11
N ASN B 578 -35.12 9.57 -12.21
CA ASN B 578 -33.69 9.43 -12.22
C ASN B 578 -33.04 10.69 -12.69
N PHE B 579 -32.11 11.20 -11.93
CA PHE B 579 -31.40 12.37 -12.34
C PHE B 579 -30.01 12.01 -12.76
N ILE B 580 -29.53 12.65 -13.80
CA ILE B 580 -28.19 12.40 -14.26
C ILE B 580 -27.48 13.71 -14.37
N PHE B 581 -26.27 13.76 -13.87
CA PHE B 581 -25.58 15.02 -13.93
C PHE B 581 -24.52 14.94 -14.99
N ASN B 582 -24.62 15.80 -15.99
CA ASN B 582 -23.73 15.70 -17.12
C ASN B 582 -22.43 16.41 -16.86
N GLY B 583 -21.62 15.76 -16.06
CA GLY B 583 -20.35 16.26 -15.62
C GLY B 583 -20.59 16.98 -14.32
N ILE B 584 -19.52 17.41 -13.69
CA ILE B 584 -19.62 18.12 -12.43
C ILE B 584 -18.80 19.38 -12.47
N ASN B 585 -19.34 20.45 -11.91
CA ASN B 585 -18.73 21.77 -11.93
C ASN B 585 -18.52 22.29 -13.36
N SER B 586 -17.88 23.44 -13.47
CA SER B 586 -17.55 24.05 -14.76
C SER B 586 -18.71 24.24 -15.75
N GLY B 587 -19.77 24.95 -15.35
CA GLY B 587 -20.88 25.19 -16.30
C GLY B 587 -21.85 26.28 -15.86
N THR B 588 -22.81 26.61 -16.73
CA THR B 588 -23.72 27.73 -16.50
C THR B 588 -24.97 27.45 -15.69
N THR B 589 -25.31 26.20 -15.49
CA THR B 589 -26.44 25.88 -14.63
C THR B 589 -25.95 25.78 -13.23
N CYS B 590 -26.67 26.35 -12.26
CA CYS B 590 -26.20 26.10 -10.91
C CYS B 590 -27.28 26.14 -9.86
N SER B 591 -26.96 25.58 -8.68
CA SER B 591 -27.82 25.74 -7.53
C SER B 591 -27.79 27.18 -7.06
N ASN B 592 -28.92 27.68 -6.57
CA ASN B 592 -28.93 29.03 -6.02
C ASN B 592 -28.90 29.04 -4.51
N ASP B 593 -28.59 27.92 -3.87
CA ASP B 593 -28.68 27.93 -2.42
C ASP B 593 -27.59 28.77 -1.79
N LEU B 594 -28.00 29.81 -1.06
CA LEU B 594 -27.10 30.65 -0.29
C LEU B 594 -25.97 31.29 -1.11
N LEU B 595 -26.29 31.82 -2.28
CA LEU B 595 -25.27 32.34 -3.19
C LEU B 595 -24.40 33.48 -2.69
N TYR B 596 -24.81 34.21 -1.66
CA TYR B 596 -24.03 35.35 -1.15
C TYR B 596 -23.91 36.45 -2.20
N SER B 597 -24.85 36.51 -3.14
CA SER B 597 -24.79 37.45 -4.26
C SER B 597 -23.52 37.29 -5.09
N ASN B 598 -23.19 38.32 -5.84
CA ASN B 598 -21.97 38.36 -6.64
C ASN B 598 -21.05 39.40 -6.08
N THR B 599 -19.75 39.14 -6.10
CA THR B 599 -18.88 40.15 -5.54
C THR B 599 -17.76 40.49 -6.48
N GLU B 600 -17.19 41.65 -6.23
CA GLU B 600 -16.05 42.18 -6.96
C GLU B 600 -14.77 41.39 -6.69
N ILE B 601 -13.95 41.24 -7.72
CA ILE B 601 -12.64 40.65 -7.55
C ILE B 601 -11.74 41.59 -6.79
N SER B 602 -10.99 41.06 -5.86
CA SER B 602 -10.09 41.83 -5.02
C SER B 602 -8.85 41.00 -4.85
N THR B 603 -7.78 41.59 -4.34
CA THR B 603 -6.55 40.80 -4.29
C THR B 603 -6.28 40.34 -2.88
N GLY B 604 -5.60 41.15 -2.08
CA GLY B 604 -5.40 40.72 -0.70
C GLY B 604 -4.44 39.56 -0.69
N VAL B 605 -4.56 38.70 0.31
CA VAL B 605 -3.74 37.49 0.38
C VAL B 605 -4.56 36.25 0.72
N CYS B 606 -4.35 35.17 -0.05
CA CYS B 606 -4.98 33.87 0.18
C CYS B 606 -6.48 33.92 0.26
N VAL B 607 -7.10 34.55 -0.72
CA VAL B 607 -8.53 34.65 -0.72
C VAL B 607 -9.20 33.35 -1.12
N ASN B 608 -10.16 32.93 -0.33
CA ASN B 608 -10.94 31.76 -0.69
C ASN B 608 -11.87 32.15 -1.78
N TYR B 609 -12.06 31.30 -2.77
CA TYR B 609 -12.99 31.71 -3.78
C TYR B 609 -13.80 30.61 -4.40
N ASP B 610 -14.87 31.06 -4.99
CA ASP B 610 -15.79 30.26 -5.76
C ASP B 610 -16.31 31.12 -6.87
N LEU B 611 -15.72 30.96 -8.03
CA LEU B 611 -16.10 31.77 -9.14
C LEU B 611 -16.60 30.91 -10.23
N TYR B 612 -17.82 31.17 -10.65
CA TYR B 612 -18.37 30.43 -11.73
C TYR B 612 -18.33 28.97 -11.33
N GLY B 613 -17.92 28.11 -12.23
CA GLY B 613 -17.87 26.68 -11.94
C GLY B 613 -16.65 26.17 -11.15
N ILE B 614 -15.74 27.04 -10.70
CA ILE B 614 -14.53 26.53 -10.00
C ILE B 614 -14.30 27.14 -8.62
N THR B 615 -13.54 26.41 -7.78
CA THR B 615 -13.21 26.90 -6.45
C THR B 615 -11.73 26.73 -6.16
N GLY B 616 -11.23 27.46 -5.17
CA GLY B 616 -9.83 27.36 -4.79
C GLY B 616 -9.48 28.40 -3.73
N GLN B 617 -8.20 28.51 -3.44
CA GLN B 617 -7.72 29.58 -2.59
C GLN B 617 -6.44 30.15 -3.18
N GLY B 618 -6.30 31.47 -3.17
CA GLY B 618 -5.08 32.06 -3.69
C GLY B 618 -5.06 33.59 -3.69
N ILE B 619 -4.00 34.16 -4.22
CA ILE B 619 -3.88 35.59 -4.32
C ILE B 619 -4.29 36.06 -5.68
N PHE B 620 -5.41 36.73 -5.79
CA PHE B 620 -5.77 37.26 -7.09
C PHE B 620 -4.82 38.33 -7.52
N LYS B 621 -4.52 38.35 -8.79
CA LYS B 621 -3.74 39.43 -9.33
C LYS B 621 -4.37 39.95 -10.60
N GLU B 622 -4.60 41.25 -10.68
CA GLU B 622 -5.08 41.76 -11.94
C GLU B 622 -3.98 41.66 -12.95
N VAL B 623 -4.32 41.30 -14.17
CA VAL B 623 -3.30 41.31 -15.20
C VAL B 623 -3.85 41.91 -16.46
N SER B 624 -3.03 42.61 -17.21
CA SER B 624 -3.52 43.03 -18.50
C SER B 624 -2.84 42.18 -19.54
N ALA B 625 -3.62 41.41 -20.25
CA ALA B 625 -3.09 40.56 -21.29
C ALA B 625 -4.18 40.18 -22.25
N ALA B 626 -3.80 39.75 -23.43
CA ALA B 626 -4.81 39.19 -24.30
C ALA B 626 -4.24 37.99 -24.99
N TYR B 627 -5.05 36.96 -25.05
CA TYR B 627 -4.70 35.71 -25.69
C TYR B 627 -5.88 34.77 -25.74
N TYR B 628 -6.81 34.91 -24.79
CA TYR B 628 -7.93 34.01 -24.76
C TYR B 628 -8.81 34.21 -25.98
N ASN B 629 -9.25 33.12 -26.56
CA ASN B 629 -10.28 33.16 -27.56
C ASN B 629 -11.56 33.37 -26.80
N ASN B 630 -12.54 34.02 -27.41
CA ASN B 630 -13.76 34.31 -26.65
C ASN B 630 -14.66 33.10 -26.37
N TRP B 631 -14.24 31.91 -26.78
CA TRP B 631 -14.90 30.67 -26.42
C TRP B 631 -14.14 29.93 -25.32
N GLN B 632 -13.13 30.57 -24.72
CA GLN B 632 -12.32 29.86 -23.74
C GLN B 632 -12.37 30.44 -22.32
N ASN B 633 -11.54 31.45 -22.06
CA ASN B 633 -11.44 32.18 -20.80
C ASN B 633 -10.88 31.43 -19.56
N LEU B 634 -10.18 30.30 -19.75
CA LEU B 634 -9.50 29.67 -18.60
C LEU B 634 -8.05 29.31 -18.93
N LEU B 635 -7.14 29.51 -17.98
CA LEU B 635 -5.71 29.22 -18.16
C LEU B 635 -5.14 28.28 -17.14
N TYR B 636 -4.39 27.27 -17.59
CA TYR B 636 -3.80 26.27 -16.69
C TYR B 636 -2.33 25.97 -16.89
N ASP B 637 -1.68 25.55 -15.81
CA ASP B 637 -0.36 24.92 -15.89
C ASP B 637 -0.52 23.61 -16.65
N SER B 638 0.50 23.19 -17.38
CA SER B 638 0.41 21.95 -18.16
C SER B 638 -0.01 20.70 -17.34
N ASN B 639 0.22 20.73 -16.04
CA ASN B 639 -0.15 19.66 -15.12
C ASN B 639 -1.47 19.88 -14.37
N GLY B 640 -2.37 20.75 -14.90
CA GLY B 640 -3.57 21.12 -14.16
C GLY B 640 -3.18 22.29 -13.31
N ASN B 641 -3.68 22.45 -12.09
CA ASN B 641 -3.22 23.60 -11.32
C ASN B 641 -3.57 24.93 -12.02
N ILE B 642 -4.87 25.21 -12.17
CA ILE B 642 -5.31 26.36 -12.94
C ILE B 642 -4.69 27.66 -12.45
N ILE B 643 -4.27 28.47 -13.42
CA ILE B 643 -3.60 29.74 -13.20
C ILE B 643 -4.44 30.98 -13.28
N GLY B 644 -5.38 31.03 -14.20
CA GLY B 644 -6.13 32.26 -14.30
C GLY B 644 -7.29 32.21 -15.24
N PHE B 645 -8.00 33.32 -15.34
CA PHE B 645 -9.21 33.36 -16.11
C PHE B 645 -9.57 34.71 -16.67
N LYS B 646 -10.48 34.70 -17.62
CA LYS B 646 -11.07 35.91 -18.11
C LYS B 646 -12.48 35.94 -17.55
N ASP B 647 -12.89 37.07 -17.02
CA ASP B 647 -14.18 37.16 -16.38
C ASP B 647 -15.28 37.10 -17.40
N PHE B 648 -16.18 36.15 -17.24
CA PHE B 648 -17.27 36.05 -18.17
C PHE B 648 -18.16 37.28 -18.10
N LEU B 649 -18.28 37.87 -16.92
CA LEU B 649 -19.11 39.05 -16.75
C LEU B 649 -18.57 40.37 -17.29
N THR B 650 -17.29 40.65 -17.02
CA THR B 650 -16.71 41.95 -17.41
C THR B 650 -15.63 41.89 -18.47
N ASN B 651 -15.18 40.71 -18.79
CA ASN B 651 -14.09 40.46 -19.71
C ASN B 651 -12.74 40.97 -19.18
N LYS B 652 -12.64 41.20 -17.86
CA LYS B 652 -11.39 41.54 -17.19
C LYS B 652 -10.57 40.28 -17.02
N THR B 653 -9.27 40.39 -16.88
CA THR B 653 -8.56 39.15 -16.64
C THR B 653 -7.72 39.20 -15.40
N TYR B 654 -7.49 38.00 -14.87
CA TYR B 654 -6.75 37.82 -13.63
C TYR B 654 -5.93 36.57 -13.65
N THR B 655 -4.96 36.51 -12.75
CA THR B 655 -4.22 35.29 -12.53
C THR B 655 -4.21 35.08 -11.04
N ILE B 656 -3.92 33.87 -10.61
CA ILE B 656 -3.91 33.64 -9.19
C ILE B 656 -2.59 33.09 -8.70
N LEU B 657 -1.89 33.89 -7.91
CA LEU B 657 -0.67 33.43 -7.29
C LEU B 657 -1.02 32.46 -6.19
N PRO B 658 -0.19 31.47 -5.92
CA PRO B 658 -0.37 30.48 -4.90
C PRO B 658 -0.33 31.10 -3.51
N CYS B 659 -1.07 30.48 -2.61
CA CYS B 659 -1.18 30.81 -1.21
C CYS B 659 -0.03 30.24 -0.38
N TYR B 660 0.20 30.86 0.79
CA TYR B 660 1.16 30.47 1.86
C TYR B 660 2.42 31.31 1.94
N SER B 661 3.23 30.94 2.92
CA SER B 661 4.51 31.52 3.24
C SER B 661 5.37 30.39 3.78
N GLY B 662 6.67 30.62 3.90
CA GLY B 662 7.59 29.58 4.34
C GLY B 662 7.41 29.11 5.79
N ARG B 663 7.88 27.87 6.02
CA ARG B 663 7.88 27.21 7.32
C ARG B 663 8.74 27.94 8.34
N VAL B 664 8.32 27.91 9.59
CA VAL B 664 9.05 28.56 10.67
C VAL B 664 10.35 27.87 11.02
N SER B 665 11.42 28.63 11.25
CA SER B 665 12.62 28.02 11.75
C SER B 665 12.85 28.61 13.12
N ALA B 666 13.49 27.88 13.99
CA ALA B 666 13.67 28.42 15.31
C ALA B 666 14.92 27.93 15.97
N ALA B 667 15.44 28.73 16.88
CA ALA B 667 16.61 28.30 17.61
C ALA B 667 16.22 28.18 19.04
N PHE B 668 16.80 27.23 19.71
CA PHE B 668 16.44 27.03 21.08
C PHE B 668 17.64 26.74 21.92
N TYR B 669 17.55 27.18 23.15
CA TYR B 669 18.61 26.98 24.09
C TYR B 669 17.96 26.61 25.38
N GLN B 670 18.60 25.73 26.14
CA GLN B 670 18.00 25.25 27.35
C GLN B 670 17.76 26.38 28.32
N ASN B 671 16.66 26.29 29.05
CA ASN B 671 16.29 27.32 30.00
C ASN B 671 16.33 28.70 29.36
N PRO B 675 13.59 30.58 22.37
CA PRO B 675 12.82 30.22 21.18
C PRO B 675 12.91 31.30 20.13
N ALA B 676 14.12 31.56 19.65
CA ALA B 676 14.29 32.56 18.61
C ALA B 676 13.52 32.15 17.39
N LEU B 677 12.94 33.09 16.67
CA LEU B 677 12.23 32.70 15.47
C LEU B 677 12.77 33.35 14.22
N LEU B 678 12.79 32.57 13.16
CA LEU B 678 13.22 32.99 11.84
C LEU B 678 12.23 32.66 10.74
N TYR B 679 11.93 33.62 9.90
CA TYR B 679 11.12 33.33 8.76
C TYR B 679 12.00 33.42 7.55
N ARG B 680 12.23 32.27 6.93
CA ARG B 680 13.15 32.26 5.84
C ARG B 680 12.65 33.08 4.71
N ASN B 681 13.55 33.85 4.14
CA ASN B 681 13.31 34.62 2.94
C ASN B 681 12.10 35.53 3.03
N LEU B 682 11.80 36.12 4.17
CA LEU B 682 10.70 37.06 4.19
C LEU B 682 11.08 38.39 4.76
N LYS B 683 10.53 39.45 4.18
CA LYS B 683 10.72 40.79 4.69
C LYS B 683 10.00 40.89 6.00
N CYS B 684 10.54 41.63 6.96
CA CYS B 684 9.80 41.71 8.21
C CYS B 684 8.48 42.41 8.08
N SER B 685 8.36 43.33 7.13
CA SER B 685 7.07 43.96 6.95
C SER B 685 6.05 42.98 6.45
N TYR B 686 6.52 41.99 5.69
CA TYR B 686 5.65 40.95 5.21
C TYR B 686 5.13 40.13 6.36
N VAL B 687 6.05 39.80 7.27
CA VAL B 687 5.70 38.99 8.41
C VAL B 687 4.74 39.72 9.29
N LEU B 688 5.00 41.00 9.47
CA LEU B 688 4.15 41.82 10.27
C LEU B 688 2.75 41.99 9.74
N ASN B 689 2.62 42.18 8.42
CA ASN B 689 1.28 42.41 7.93
C ASN B 689 0.57 41.20 7.38
N ASN B 690 1.19 40.03 7.45
CA ASN B 690 0.45 38.83 7.11
C ASN B 690 0.10 38.01 8.35
N ILE B 691 0.28 38.62 9.53
CA ILE B 691 0.00 37.96 10.79
C ILE B 691 -0.74 38.89 11.74
N PHE B 698 11.10 42.42 18.41
CA PHE B 698 12.24 43.12 17.84
C PHE B 698 12.40 42.70 16.40
N TYR B 699 11.50 43.13 15.53
CA TYR B 699 11.62 42.64 14.19
C TYR B 699 12.94 43.07 13.62
N PHE B 700 13.62 42.14 12.99
CA PHE B 700 14.86 42.44 12.36
C PHE B 700 15.00 41.82 11.00
N ASP B 701 15.10 42.65 9.98
CA ASP B 701 15.34 42.16 8.66
C ASP B 701 16.81 41.86 8.52
N SER B 702 17.19 40.64 8.19
CA SER B 702 18.62 40.40 8.07
C SER B 702 18.99 40.08 6.64
N TYR B 703 19.47 38.87 6.42
CA TYR B 703 19.78 38.43 5.08
C TYR B 703 19.00 37.19 4.76
N LEU B 704 19.13 36.24 5.65
CA LEU B 704 18.52 34.95 5.54
C LEU B 704 17.00 35.01 5.59
N GLY B 705 16.50 35.96 6.38
CA GLY B 705 15.09 36.12 6.58
C GLY B 705 14.82 37.16 7.66
N CYS B 706 13.55 37.27 8.03
CA CYS B 706 13.14 38.11 9.15
C CYS B 706 13.22 37.36 10.47
N VAL B 707 13.67 38.00 11.53
CA VAL B 707 13.65 37.32 12.82
C VAL B 707 12.91 38.13 13.86
N LEU B 708 12.43 37.47 14.91
CA LEU B 708 11.64 38.24 15.87
C LEU B 708 12.26 38.66 17.20
N ASN B 709 13.00 37.79 17.89
CA ASN B 709 13.61 38.32 19.10
C ASN B 709 15.13 38.41 19.03
N ALA B 710 15.70 38.16 17.87
CA ALA B 710 17.15 38.23 17.78
C ALA B 710 17.69 39.63 17.93
N VAL B 711 18.85 39.74 18.57
CA VAL B 711 19.60 40.98 18.60
C VAL B 711 20.51 41.09 17.40
N ASN B 712 20.50 42.22 16.71
CA ASN B 712 21.42 42.34 15.62
C ASN B 712 22.79 42.70 16.11
N LEU B 713 23.63 41.71 16.27
CA LEU B 713 25.00 42.02 16.59
C LEU B 713 25.85 41.88 15.36
N THR B 714 25.84 40.66 14.78
CA THR B 714 26.53 40.34 13.53
C THR B 714 27.87 41.02 13.30
N SER B 715 28.68 41.13 14.33
CA SER B 715 30.02 41.70 14.18
C SER B 715 31.03 40.69 14.62
N TYR B 716 30.83 40.23 15.83
CA TYR B 716 31.61 39.20 16.47
C TYR B 716 31.39 37.88 15.81
N SER B 717 32.40 37.02 15.87
CA SER B 717 32.23 35.70 15.31
C SER B 717 32.59 34.69 16.36
N VAL B 718 32.01 33.52 16.23
CA VAL B 718 32.29 32.44 17.15
C VAL B 718 32.57 31.17 16.37
N SER B 719 33.71 30.52 16.63
CA SER B 719 34.00 29.30 15.90
C SER B 719 33.33 28.06 16.53
N SER B 720 32.96 28.19 17.80
CA SER B 720 32.30 27.11 18.55
C SER B 720 30.77 27.11 18.56
N CYS B 721 30.13 28.03 17.85
CA CYS B 721 28.68 28.13 18.00
C CYS B 721 27.92 26.96 17.40
N ASP B 722 27.02 26.40 18.20
CA ASP B 722 26.20 25.25 17.81
C ASP B 722 24.77 25.50 17.34
N LEU B 723 24.40 26.75 17.18
CA LEU B 723 23.05 27.08 16.72
C LEU B 723 23.06 27.61 15.31
N ARG B 724 23.94 27.07 14.48
CA ARG B 724 24.15 27.60 13.14
C ARG B 724 22.85 27.58 12.38
N MET B 725 22.63 28.63 11.60
CA MET B 725 21.38 28.76 10.88
C MET B 725 21.55 28.70 9.38
N GLY B 726 21.69 29.86 8.75
CA GLY B 726 21.95 29.92 7.33
C GLY B 726 23.43 30.01 7.09
N SER B 727 23.83 30.28 5.86
CA SER B 727 25.24 30.35 5.62
C SER B 727 25.86 31.51 6.36
N GLY B 728 26.97 31.23 7.03
CA GLY B 728 27.80 32.22 7.67
C GLY B 728 27.28 32.76 9.02
N PHE B 729 26.21 32.18 9.56
CA PHE B 729 25.68 32.73 10.82
C PHE B 729 25.17 31.70 11.79
N CYS B 730 25.12 32.08 13.07
CA CYS B 730 24.47 31.21 14.04
C CYS B 730 23.84 32.05 15.13
N ILE B 731 23.01 31.42 15.93
CA ILE B 731 22.43 32.08 17.08
C ILE B 731 23.29 31.94 18.34
N ASP B 732 23.60 33.05 18.98
CA ASP B 732 24.36 33.01 20.21
C ASP B 732 23.51 33.31 21.43
N TYR B 733 23.67 32.49 22.46
CA TYR B 733 22.94 32.69 23.71
C TYR B 733 23.39 31.70 24.77
N PRO B 748 18.66 38.30 25.54
CA PRO B 748 18.02 37.36 24.63
C PRO B 748 19.00 36.89 23.57
N TYR B 749 18.49 36.08 22.66
CA TYR B 749 19.28 35.47 21.59
C TYR B 749 19.82 36.53 20.64
N ARG B 750 21.02 36.31 20.11
CA ARG B 750 21.58 37.28 19.16
C ARG B 750 22.33 36.65 18.02
N PHE B 751 22.30 37.29 16.85
CA PHE B 751 23.13 36.78 15.77
C PHE B 751 24.59 37.03 15.97
N VAL B 752 25.39 36.04 15.62
CA VAL B 752 26.82 36.27 15.49
C VAL B 752 27.24 35.61 14.20
N THR B 753 28.37 36.01 13.65
CA THR B 753 28.80 35.30 12.47
C THR B 753 29.45 33.99 12.90
N PHE B 754 29.51 33.02 12.00
CA PHE B 754 30.17 31.77 12.33
C PHE B 754 31.29 31.39 11.42
N GLU B 755 32.52 31.44 11.92
CA GLU B 755 33.62 30.97 11.10
C GLU B 755 34.82 30.39 11.86
N PRO B 756 35.47 29.36 11.30
CA PRO B 756 36.82 28.87 11.56
C PRO B 756 37.82 29.94 11.11
N PHE B 757 39.00 30.01 11.71
CA PHE B 757 39.96 31.02 11.25
C PHE B 757 41.39 30.58 11.36
N ASN B 758 42.26 31.29 10.65
CA ASN B 758 43.70 31.02 10.68
C ASN B 758 44.24 31.03 12.09
N ASN B 780 60.68 25.80 21.82
CA ASN B 780 59.72 25.18 22.72
C ASN B 780 59.89 23.68 22.75
N PHE B 781 59.78 23.05 21.58
CA PHE B 781 59.90 21.60 21.43
C PHE B 781 58.80 20.87 22.20
N THR B 782 57.65 21.51 22.30
CA THR B 782 56.50 21.00 23.03
C THR B 782 55.90 19.74 22.44
N ILE B 783 55.34 18.90 23.31
CA ILE B 783 54.70 17.66 22.90
C ILE B 783 53.30 17.57 23.49
N ALA B 784 52.31 17.22 22.68
CA ALA B 784 50.97 17.07 23.22
C ALA B 784 50.13 16.03 22.50
N GLY B 785 49.19 15.46 23.25
CA GLY B 785 48.27 14.44 22.80
C GLY B 785 47.17 14.89 21.82
N HIS B 786 46.68 13.92 21.04
CA HIS B 786 45.49 14.08 20.19
C HIS B 786 44.77 12.75 20.20
N GLU B 787 43.49 12.74 19.83
CA GLU B 787 42.76 11.48 19.82
C GLU B 787 41.69 11.37 18.73
N GLU B 788 41.37 10.15 18.29
CA GLU B 788 40.26 9.99 17.34
C GLU B 788 39.39 8.77 17.60
N PHE B 789 38.06 8.95 17.52
CA PHE B 789 37.08 7.85 17.68
C PHE B 789 36.93 6.76 16.62
N ILE B 790 37.12 7.10 15.34
CA ILE B 790 37.02 6.16 14.21
C ILE B 790 35.66 5.51 13.84
N GLN B 791 35.01 4.84 14.79
CA GLN B 791 33.75 4.11 14.56
C GLN B 791 33.82 3.02 13.49
N THR B 792 34.74 2.08 13.65
CA THR B 792 34.91 0.97 12.69
C THR B 792 33.72 0.01 12.57
N SER B 793 32.86 -0.05 13.58
CA SER B 793 31.75 -1.01 13.56
C SER B 793 30.51 -0.47 14.25
N SER B 794 29.42 -1.20 14.12
CA SER B 794 28.14 -0.82 14.67
C SER B 794 27.47 -2.07 15.20
N PRO B 795 26.41 -1.95 16.00
CA PRO B 795 25.67 -3.04 16.55
C PRO B 795 25.09 -3.87 15.43
N LYS B 796 24.91 -5.14 15.67
CA LYS B 796 24.33 -6.00 14.68
C LYS B 796 22.91 -6.24 15.07
N VAL B 797 22.03 -6.21 14.10
CA VAL B 797 20.64 -6.37 14.40
C VAL B 797 19.99 -7.39 13.53
N THR B 798 19.04 -8.11 14.09
CA THR B 798 18.27 -9.00 13.30
C THR B 798 16.82 -8.81 13.65
N ILE B 799 15.96 -9.19 12.74
CA ILE B 799 14.55 -9.07 12.99
C ILE B 799 13.83 -10.33 12.62
N ASP B 800 13.00 -10.80 13.52
CA ASP B 800 12.24 -11.97 13.20
C ASP B 800 11.05 -11.57 12.38
N CYS B 801 11.24 -11.56 11.07
CA CYS B 801 10.16 -11.18 10.21
C CYS B 801 9.02 -12.13 10.40
N SER B 802 7.86 -11.51 10.46
CA SER B 802 6.53 -12.05 10.68
C SER B 802 6.21 -12.05 12.15
N ALA B 803 7.22 -12.25 13.02
CA ALA B 803 6.94 -12.12 14.43
C ALA B 803 6.82 -10.67 14.75
N PHE B 804 7.65 -9.86 14.09
CA PHE B 804 7.55 -8.44 14.25
C PHE B 804 6.26 -7.92 13.73
N VAL B 805 5.83 -8.47 12.60
CA VAL B 805 4.61 -8.02 12.01
C VAL B 805 3.43 -8.41 12.83
N CYS B 806 3.45 -9.63 13.35
CA CYS B 806 2.34 -10.04 14.16
C CYS B 806 2.74 -10.99 15.29
N SER B 807 2.24 -10.72 16.48
CA SER B 807 2.37 -11.64 17.61
C SER B 807 1.62 -12.89 17.21
N ASN B 808 1.91 -14.04 17.79
CA ASN B 808 1.25 -15.19 17.19
C ASN B 808 -0.21 -15.31 17.55
N TYR B 809 -0.99 -14.82 16.60
CA TYR B 809 -2.43 -14.83 16.55
C TYR B 809 -2.99 -15.82 15.55
N ALA B 810 -2.25 -16.88 15.25
CA ALA B 810 -2.78 -17.91 14.37
C ALA B 810 -3.01 -17.35 12.99
N ALA B 811 -4.28 -17.24 12.57
CA ALA B 811 -4.60 -16.82 11.22
C ALA B 811 -4.00 -15.48 10.84
N CYS B 812 -3.57 -14.66 11.80
CA CYS B 812 -2.83 -13.48 11.43
C CYS B 812 -1.57 -13.86 10.64
N HIS B 813 -0.87 -14.89 11.12
CA HIS B 813 0.29 -15.40 10.41
C HIS B 813 -0.08 -16.09 9.13
N ASP B 814 -1.29 -16.65 9.09
CA ASP B 814 -1.70 -17.29 7.88
C ASP B 814 -1.89 -16.28 6.77
N LEU B 815 -2.36 -15.08 7.13
CA LEU B 815 -2.47 -14.05 6.13
C LEU B 815 -1.11 -13.66 5.61
N LEU B 816 -0.11 -13.69 6.48
CA LEU B 816 1.23 -13.41 5.99
C LEU B 816 1.71 -14.45 5.01
N SER B 817 1.39 -15.73 5.24
CA SER B 817 1.79 -16.72 4.26
C SER B 817 1.04 -16.53 2.96
N GLU B 818 -0.18 -16.00 3.05
CA GLU B 818 -0.96 -15.71 1.87
C GLU B 818 -0.32 -14.59 1.09
N TYR B 819 0.23 -13.63 1.82
CA TYR B 819 0.95 -12.50 1.26
C TYR B 819 2.17 -12.96 0.49
N GLY B 820 2.76 -14.08 0.91
CA GLY B 820 3.91 -14.61 0.21
C GLY B 820 5.31 -14.30 0.78
N THR B 821 6.31 -14.76 0.02
CA THR B 821 7.74 -14.84 0.39
C THR B 821 8.45 -13.53 0.62
N PHE B 822 7.77 -12.43 0.41
CA PHE B 822 8.31 -11.11 0.58
C PHE B 822 8.94 -10.94 1.97
N CYS B 823 8.39 -11.62 2.98
CA CYS B 823 8.94 -11.56 4.32
C CYS B 823 10.41 -11.98 4.42
N ASP B 824 10.85 -12.90 3.59
CA ASP B 824 12.23 -13.32 3.71
C ASP B 824 13.20 -12.50 2.92
N ASN B 825 12.73 -11.44 2.27
CA ASN B 825 13.68 -10.60 1.60
C ASN B 825 14.33 -9.74 2.65
N ILE B 826 13.53 -9.43 3.66
CA ILE B 826 13.98 -8.67 4.80
C ILE B 826 15.02 -9.45 5.53
N ASN B 827 14.78 -10.73 5.67
CA ASN B 827 15.72 -11.56 6.36
C ASN B 827 17.01 -11.73 5.60
N SER B 828 16.92 -11.94 4.29
CA SER B 828 18.11 -12.11 3.50
C SER B 828 19.01 -10.91 3.50
N ILE B 829 18.42 -9.72 3.43
CA ILE B 829 19.24 -8.54 3.41
C ILE B 829 19.94 -8.30 4.70
N LEU B 830 19.24 -8.50 5.81
CA LEU B 830 19.87 -8.30 7.07
C LEU B 830 21.01 -9.26 7.29
N ASN B 831 20.91 -10.46 6.72
CA ASN B 831 21.99 -11.39 6.86
C ASN B 831 23.20 -10.90 6.13
N GLU B 832 23.00 -10.39 4.92
CA GLU B 832 24.12 -9.85 4.16
C GLU B 832 24.79 -8.70 4.86
N VAL B 833 23.99 -7.82 5.45
CA VAL B 833 24.54 -6.68 6.14
C VAL B 833 25.37 -7.08 7.32
N ASN B 834 24.91 -8.08 8.03
CA ASN B 834 25.64 -8.51 9.18
C ASN B 834 26.93 -9.18 8.80
N ASP B 835 26.92 -9.93 7.70
CA ASP B 835 28.14 -10.56 7.27
C ASP B 835 29.16 -9.56 6.78
N LEU B 836 28.69 -8.49 6.14
CA LEU B 836 29.61 -7.47 5.71
C LEU B 836 30.30 -6.84 6.88
N LEU B 837 29.54 -6.57 7.92
CA LEU B 837 30.17 -5.99 9.08
C LEU B 837 31.18 -6.92 9.70
N ASP B 838 30.84 -8.21 9.71
CA ASP B 838 31.71 -9.19 10.28
C ASP B 838 33.05 -9.28 9.63
N ILE B 839 33.07 -9.25 8.30
CA ILE B 839 34.36 -9.33 7.68
C ILE B 839 35.22 -8.13 7.98
N THR B 840 34.61 -6.95 8.19
CA THR B 840 35.49 -5.85 8.52
C THR B 840 36.09 -5.98 9.88
N GLN B 841 35.40 -6.66 10.81
CA GLN B 841 36.02 -6.85 12.10
C GLN B 841 37.24 -7.71 11.95
N LEU B 842 37.08 -8.75 11.15
CA LEU B 842 38.16 -9.67 10.89
C LEU B 842 39.28 -9.02 10.13
N GLN B 843 38.94 -8.11 9.23
CA GLN B 843 39.94 -7.44 8.45
C GLN B 843 40.85 -6.64 9.32
N VAL B 844 40.28 -5.98 10.32
CA VAL B 844 41.10 -5.24 11.23
C VAL B 844 41.94 -6.13 12.06
N ALA B 845 41.36 -7.22 12.53
CA ALA B 845 42.11 -8.13 13.36
C ALA B 845 43.29 -8.71 12.65
N ASN B 846 43.14 -9.02 11.37
CA ASN B 846 44.26 -9.59 10.67
C ASN B 846 45.30 -8.56 10.35
N ALA B 847 44.87 -7.37 9.95
CA ALA B 847 45.83 -6.34 9.65
C ALA B 847 46.63 -5.98 10.87
N LEU B 848 45.95 -5.91 12.00
CA LEU B 848 46.60 -5.57 13.24
C LEU B 848 47.58 -6.62 13.70
N MET B 849 47.16 -7.88 13.64
CA MET B 849 48.02 -8.98 14.04
C MET B 849 49.16 -9.32 13.11
N GLN B 850 49.09 -8.89 11.87
CA GLN B 850 50.18 -9.26 11.00
C GLN B 850 51.48 -8.62 11.43
N GLY B 851 52.53 -9.42 11.43
CA GLY B 851 53.88 -8.96 11.70
C GLY B 851 54.19 -8.72 13.17
N VAL B 852 53.28 -9.11 14.10
CA VAL B 852 53.56 -8.81 15.50
C VAL B 852 54.79 -9.50 16.09
N THR B 853 54.92 -10.81 15.87
CA THR B 853 56.10 -11.60 16.27
C THR B 853 56.78 -11.21 17.59
N LEU B 854 56.02 -10.86 18.62
CA LEU B 854 56.60 -10.52 19.92
C LEU B 854 57.23 -11.74 20.60
N SER B 855 58.27 -11.54 21.41
CA SER B 855 58.93 -12.66 22.06
C SER B 855 58.06 -13.38 23.07
N SER B 856 58.24 -14.69 23.11
CA SER B 856 57.54 -15.58 24.03
C SER B 856 57.82 -15.29 25.50
N ASN B 857 58.96 -14.66 25.78
CA ASN B 857 59.32 -14.43 27.17
C ASN B 857 58.98 -13.05 27.68
N LEU B 858 58.19 -12.28 26.94
CA LEU B 858 57.84 -10.96 27.45
C LEU B 858 56.98 -11.04 28.70
N ASN B 859 57.19 -10.08 29.59
CA ASN B 859 56.47 -10.03 30.85
C ASN B 859 56.30 -8.60 31.31
N THR B 860 55.64 -8.41 32.44
CA THR B 860 55.41 -7.09 32.98
C THR B 860 54.95 -7.16 34.43
N LEU B 889 44.14 -0.59 31.85
CA LEU B 889 44.57 0.80 31.75
C LEU B 889 43.39 1.68 31.33
N LEU B 890 43.71 2.79 30.66
CA LEU B 890 42.73 3.70 30.09
C LEU B 890 41.80 2.94 29.15
N GLU B 891 42.35 1.89 28.56
CA GLU B 891 41.63 1.03 27.67
C GLU B 891 40.37 0.44 28.28
N ASP B 892 40.33 0.23 29.61
CA ASP B 892 39.07 -0.24 30.14
C ASP B 892 38.24 0.89 30.67
N LEU B 893 38.83 2.08 30.82
CA LEU B 893 38.05 3.24 31.20
C LEU B 893 37.02 3.54 30.15
N LEU B 894 37.37 3.28 28.91
CA LEU B 894 36.49 3.49 27.79
C LEU B 894 35.20 2.70 27.86
N PHE B 895 35.22 1.56 28.52
CA PHE B 895 34.02 0.76 28.58
C PHE B 895 33.26 1.00 29.87
N ASN B 896 33.71 1.96 30.67
CA ASN B 896 33.00 2.26 31.89
C ASN B 896 32.14 3.50 31.76
N LYS B 897 31.99 4.03 30.55
CA LYS B 897 31.19 5.22 30.39
C LYS B 897 29.92 4.98 29.60
N VAL B 898 30.08 4.22 28.52
CA VAL B 898 29.00 3.88 27.61
C VAL B 898 27.88 3.03 28.19
N LYS B 899 28.22 2.23 29.20
CA LYS B 899 27.33 1.27 29.86
C LYS B 899 26.79 0.15 28.94
N LEU B 900 27.27 0.08 27.70
CA LEU B 900 26.95 -0.98 26.78
C LEU B 900 28.21 -1.48 26.12
N SER B 901 28.27 -2.77 25.94
CA SER B 901 29.38 -3.43 25.30
C SER B 901 28.81 -4.67 24.73
N ASP B 902 29.56 -5.38 23.90
CA ASP B 902 29.02 -6.64 23.44
C ASP B 902 28.55 -7.47 24.63
N VAL B 903 29.36 -7.48 25.69
CA VAL B 903 28.99 -8.13 26.93
C VAL B 903 27.82 -7.49 27.62
N GLY B 904 27.76 -6.16 27.62
CA GLY B 904 26.66 -5.48 28.28
C GLY B 904 25.32 -5.82 27.65
N PHE B 905 25.29 -6.00 26.34
CA PHE B 905 24.04 -6.43 25.73
C PHE B 905 23.69 -7.83 26.14
N VAL B 906 24.71 -8.67 26.32
CA VAL B 906 24.43 -10.02 26.76
C VAL B 906 23.82 -10.01 28.13
N GLU B 907 24.37 -9.17 29.00
CA GLU B 907 23.83 -9.06 30.34
C GLU B 907 22.43 -8.53 30.36
N ALA B 908 22.16 -7.53 29.52
CA ALA B 908 20.83 -7.00 29.49
C ALA B 908 19.84 -8.03 29.06
N TYR B 909 20.22 -8.83 28.07
CA TYR B 909 19.35 -9.89 27.65
C TYR B 909 19.23 -10.98 28.69
N ASN B 910 20.25 -11.15 29.54
CA ASN B 910 20.13 -12.18 30.55
C ASN B 910 19.23 -11.75 31.66
N ASN B 911 18.95 -10.45 31.75
CA ASN B 911 18.07 -10.02 32.79
C ASN B 911 16.65 -9.97 32.29
N CYS B 912 16.40 -10.50 31.09
CA CYS B 912 15.03 -10.63 30.64
C CYS B 912 14.41 -11.85 31.29
N THR B 913 15.25 -12.73 31.87
CA THR B 913 14.76 -13.88 32.61
C THR B 913 14.81 -13.62 34.10
N GLY B 914 15.33 -12.45 34.47
CA GLY B 914 15.49 -12.06 35.86
C GLY B 914 14.15 -11.82 36.52
N GLY B 915 14.13 -11.93 37.85
CA GLY B 915 12.92 -11.69 38.61
C GLY B 915 12.48 -10.22 38.57
N SER B 916 13.37 -9.31 38.16
CA SER B 916 13.00 -7.91 38.09
C SER B 916 11.94 -7.65 37.04
N GLU B 917 11.05 -6.75 37.36
CA GLU B 917 9.99 -6.32 36.48
C GLU B 917 10.36 -5.10 35.64
N ILE B 918 11.55 -4.54 35.88
CA ILE B 918 11.92 -3.29 35.24
C ILE B 918 11.94 -3.30 33.72
N ARG B 919 12.42 -4.40 33.12
CA ARG B 919 12.46 -4.63 31.65
C ARG B 919 13.43 -3.77 30.81
N ASP B 920 13.81 -2.59 31.32
CA ASP B 920 14.55 -1.62 30.56
C ASP B 920 13.82 -1.44 29.24
N LEU B 921 14.51 -1.09 28.19
CA LEU B 921 13.84 -1.07 26.91
C LEU B 921 14.14 -2.34 26.16
N LEU B 922 15.34 -2.85 26.39
CA LEU B 922 15.81 -4.00 25.67
C LEU B 922 15.02 -5.26 25.86
N CYS B 923 14.46 -5.52 27.03
CA CYS B 923 13.72 -6.74 27.11
C CYS B 923 12.37 -6.64 26.45
N VAL B 924 11.89 -5.42 26.21
CA VAL B 924 10.65 -5.31 25.52
C VAL B 924 10.90 -5.71 24.11
N GLN B 925 12.00 -5.18 23.60
CA GLN B 925 12.41 -5.50 22.27
C GLN B 925 12.77 -6.96 22.14
N SER B 926 13.36 -7.54 23.18
CA SER B 926 13.73 -8.95 23.11
C SER B 926 12.56 -9.89 22.93
N PHE B 927 11.43 -9.60 23.58
CA PHE B 927 10.28 -10.46 23.35
C PHE B 927 9.71 -10.25 21.95
N ASN B 928 9.89 -9.03 21.45
CA ASN B 928 9.60 -8.63 20.10
C ASN B 928 10.63 -9.23 19.16
N GLY B 929 10.29 -9.39 17.90
CA GLY B 929 11.23 -10.01 16.97
C GLY B 929 12.61 -9.29 16.80
N ILE B 930 12.77 -8.07 17.32
CA ILE B 930 14.05 -7.36 17.18
C ILE B 930 15.10 -7.77 18.19
N LYS B 931 16.29 -8.17 17.75
CA LYS B 931 17.35 -8.43 18.72
C LYS B 931 18.74 -8.00 18.30
N VAL B 932 19.53 -7.54 19.27
CA VAL B 932 20.94 -7.24 19.03
C VAL B 932 21.78 -8.51 19.06
N LEU B 933 22.69 -8.66 18.10
CA LEU B 933 23.56 -9.82 18.05
C LEU B 933 25.01 -9.42 18.23
N PRO B 934 25.80 -10.25 18.89
CA PRO B 934 27.21 -10.10 19.15
C PRO B 934 28.08 -10.19 17.90
N PRO B 935 29.24 -9.51 17.91
CA PRO B 935 30.34 -9.50 16.95
C PRO B 935 31.04 -10.85 16.92
N ILE B 936 31.68 -11.22 15.81
CA ILE B 936 32.40 -12.49 15.81
C ILE B 936 33.46 -12.60 16.86
N LEU B 937 34.14 -11.50 17.16
CA LEU B 937 35.15 -11.55 18.19
C LEU B 937 34.74 -10.68 19.35
N SER B 938 35.00 -11.17 20.54
CA SER B 938 34.70 -10.44 21.74
C SER B 938 35.64 -9.31 21.89
N GLU B 939 35.22 -8.33 22.66
CA GLU B 939 36.09 -7.24 23.01
C GLU B 939 37.45 -7.69 23.47
N THR B 940 37.50 -8.79 24.22
CA THR B 940 38.77 -9.25 24.74
C THR B 940 39.71 -9.79 23.68
N GLN B 941 39.22 -10.26 22.54
CA GLN B 941 40.19 -10.65 21.53
C GLN B 941 40.72 -9.44 20.88
N ILE B 942 39.90 -8.42 20.77
CA ILE B 942 40.36 -7.25 20.12
C ILE B 942 41.35 -6.50 20.95
N SER B 943 41.07 -6.40 22.25
CA SER B 943 42.01 -5.75 23.12
C SER B 943 43.29 -6.51 23.20
N GLY B 944 43.22 -7.85 23.16
CA GLY B 944 44.44 -8.60 23.18
C GLY B 944 45.27 -8.41 21.94
N TYR B 945 44.60 -8.30 20.79
CA TYR B 945 45.33 -8.08 19.56
C TYR B 945 45.98 -6.73 19.56
N THR B 946 45.27 -5.76 20.13
CA THR B 946 45.74 -4.41 20.21
C THR B 946 46.92 -4.30 21.12
N THR B 947 46.84 -5.01 22.23
CA THR B 947 47.90 -4.99 23.18
C THR B 947 49.13 -5.61 22.61
N ALA B 948 48.95 -6.68 21.84
CA ALA B 948 50.08 -7.34 21.26
C ALA B 948 50.82 -6.43 20.33
N ALA B 949 50.08 -5.65 19.55
CA ALA B 949 50.74 -4.74 18.65
C ALA B 949 51.54 -3.69 19.40
N THR B 950 50.96 -3.18 20.49
CA THR B 950 51.66 -2.17 21.26
C THR B 950 52.87 -2.72 21.96
N VAL B 951 52.72 -3.92 22.51
CA VAL B 951 53.81 -4.57 23.19
C VAL B 951 54.92 -4.90 22.28
N ALA B 952 54.60 -5.35 21.09
CA ALA B 952 55.66 -5.67 20.18
C ALA B 952 56.48 -4.43 19.88
N ALA B 953 55.81 -3.29 19.67
CA ALA B 953 56.55 -2.06 19.43
C ALA B 953 57.35 -1.62 20.65
N MET B 954 56.84 -1.96 21.83
CA MET B 954 57.50 -1.65 23.07
C MET B 954 58.82 -2.37 23.32
N PHE B 955 59.07 -3.48 22.63
CA PHE B 955 60.31 -4.18 22.92
C PHE B 955 61.29 -4.25 21.75
N PRO B 956 62.44 -3.56 21.91
CA PRO B 956 63.58 -3.44 21.01
C PRO B 956 64.36 -4.68 20.59
N PRO B 957 64.40 -5.81 21.35
CA PRO B 957 65.20 -6.97 20.99
C PRO B 957 64.87 -7.46 19.62
N TRP B 958 63.61 -7.33 19.22
CA TRP B 958 63.29 -7.60 17.84
C TRP B 958 62.49 -6.46 17.22
N SER B 959 61.98 -5.52 18.05
CA SER B 959 61.28 -4.30 17.63
C SER B 959 59.90 -4.47 16.99
N ALA B 960 59.84 -5.31 15.96
CA ALA B 960 58.61 -5.63 15.24
C ALA B 960 57.95 -4.42 14.61
N ALA B 961 58.75 -3.43 14.24
CA ALA B 961 58.22 -2.26 13.58
C ALA B 961 59.35 -1.52 12.87
N ALA B 962 59.94 -0.53 13.55
CA ALA B 962 61.05 0.23 12.97
C ALA B 962 62.37 -0.55 12.92
N GLY B 963 62.48 -1.64 13.70
CA GLY B 963 63.69 -2.44 13.74
C GLY B 963 64.74 -1.81 14.67
N VAL B 964 64.35 -0.78 15.40
CA VAL B 964 65.21 -0.06 16.34
C VAL B 964 64.46 0.06 17.64
N PRO B 965 65.14 0.41 18.72
CA PRO B 965 64.55 0.61 20.02
C PRO B 965 63.53 1.73 19.96
N PHE B 966 62.52 1.62 20.80
CA PHE B 966 61.41 2.55 20.76
C PHE B 966 61.77 4.01 20.99
N SER B 967 62.59 4.30 21.99
CA SER B 967 62.94 5.69 22.20
C SER B 967 63.82 6.21 21.09
N LEU B 968 64.61 5.30 20.51
CA LEU B 968 65.46 5.66 19.42
C LEU B 968 64.65 6.02 18.21
N ASN B 969 63.55 5.29 18.04
CA ASN B 969 62.65 5.54 16.95
C ASN B 969 62.01 6.88 17.07
N VAL B 970 61.60 7.23 18.28
CA VAL B 970 61.00 8.52 18.47
C VAL B 970 61.97 9.62 18.13
N GLN B 971 63.22 9.45 18.54
CA GLN B 971 64.19 10.44 18.18
C GLN B 971 64.41 10.53 16.70
N TYR B 972 64.42 9.39 16.03
CA TYR B 972 64.62 9.44 14.60
C TYR B 972 63.51 10.15 13.90
N ARG B 973 62.30 10.00 14.41
CA ARG B 973 61.20 10.70 13.80
C ARG B 973 61.35 12.19 13.99
N ILE B 974 61.73 12.57 15.19
CA ILE B 974 61.96 13.95 15.50
C ILE B 974 63.10 14.53 14.72
N ASN B 975 64.09 13.70 14.43
CA ASN B 975 65.28 14.20 13.81
C ASN B 975 65.15 14.38 12.32
N GLY B 976 63.97 14.12 11.76
CA GLY B 976 63.76 14.47 10.37
C GLY B 976 63.31 15.93 10.28
N LEU B 977 63.04 16.56 11.43
CA LEU B 977 62.57 17.92 11.48
C LEU B 977 63.40 18.78 12.42
N GLY B 978 63.57 20.05 12.11
CA GLY B 978 64.23 20.88 13.10
C GLY B 978 65.66 20.42 13.37
N VAL B 979 65.90 20.17 14.65
CA VAL B 979 67.19 19.80 15.20
C VAL B 979 67.78 18.51 14.66
N THR B 980 69.09 18.53 14.45
CA THR B 980 69.81 17.35 14.03
C THR B 980 70.85 16.95 15.06
N MET B 981 70.55 15.90 15.81
CA MET B 981 71.45 15.32 16.81
C MET B 981 71.95 16.28 17.88
N ASP B 982 71.20 17.33 18.16
CA ASP B 982 71.65 18.27 19.17
C ASP B 982 70.86 18.07 20.47
N VAL B 983 70.00 19.05 20.79
CA VAL B 983 69.23 19.01 22.02
C VAL B 983 68.35 17.79 22.13
N LEU B 984 68.00 17.20 20.98
CA LEU B 984 67.22 15.99 20.98
C LEU B 984 67.89 14.88 21.75
N ASN B 985 69.21 14.77 21.64
CA ASN B 985 69.89 13.76 22.42
C ASN B 985 70.18 14.27 23.80
N LYS B 986 70.44 15.57 23.89
CA LYS B 986 70.81 16.17 25.16
C LYS B 986 69.73 16.12 26.21
N ASN B 987 68.47 16.06 25.80
CA ASN B 987 67.45 16.03 26.82
C ASN B 987 66.98 14.63 27.21
N GLN B 988 67.61 13.59 26.66
CA GLN B 988 67.32 12.21 27.02
C GLN B 988 65.82 11.94 27.31
N LYS B 989 65.56 11.24 28.42
CA LYS B 989 64.23 10.86 28.89
C LYS B 989 63.29 12.03 29.17
N LEU B 990 63.82 13.24 29.35
CA LEU B 990 62.96 14.38 29.66
C LEU B 990 61.92 14.56 28.56
N ILE B 991 62.29 14.19 27.35
CA ILE B 991 61.38 14.25 26.26
C ILE B 991 60.25 13.27 26.49
N ALA B 992 60.61 12.07 26.98
CA ALA B 992 59.63 11.05 27.31
C ALA B 992 58.79 11.44 28.50
N ASN B 993 59.29 12.36 29.32
CA ASN B 993 58.49 12.83 30.40
C ASN B 993 57.39 13.71 29.87
N ALA B 994 57.69 14.48 28.82
CA ALA B 994 56.63 15.23 28.17
C ALA B 994 55.61 14.28 27.56
N PHE B 995 56.07 13.13 27.05
CA PHE B 995 55.13 12.13 26.56
C PHE B 995 54.27 11.58 27.67
N ASN B 996 54.83 11.49 28.86
CA ASN B 996 54.06 11.00 29.98
C ASN B 996 53.03 12.00 30.37
N LYS B 997 53.38 13.28 30.31
CA LYS B 997 52.41 14.30 30.65
C LYS B 997 51.25 14.26 29.69
N ALA B 998 51.56 14.00 28.43
CA ALA B 998 50.50 13.90 27.45
C ALA B 998 49.60 12.72 27.74
N LEU B 999 50.21 11.60 28.17
CA LEU B 999 49.40 10.45 28.50
C LEU B 999 48.49 10.73 29.66
N LEU B 1000 48.98 11.47 30.63
CA LEU B 1000 48.13 11.76 31.75
C LEU B 1000 46.96 12.63 31.35
N SER B 1001 47.18 13.59 30.45
CA SER B 1001 46.09 14.42 30.04
C SER B 1001 45.02 13.67 29.26
N ILE B 1002 45.42 12.67 28.47
CA ILE B 1002 44.39 11.93 27.79
C ILE B 1002 43.66 11.02 28.75
N GLN B 1003 44.35 10.58 29.81
CA GLN B 1003 43.67 9.79 30.81
C GLN B 1003 42.62 10.58 31.55
N ASN B 1004 42.89 11.87 31.76
CA ASN B 1004 41.88 12.68 32.41
C ASN B 1004 41.05 13.46 31.41
N GLY B 1005 41.24 13.20 30.12
CA GLY B 1005 40.42 13.84 29.11
C GLY B 1005 39.01 13.28 29.13
N PHE B 1006 38.83 12.13 29.79
CA PHE B 1006 37.54 11.50 29.84
C PHE B 1006 36.79 11.89 31.09
N THR B 1007 37.31 12.85 31.85
CA THR B 1007 36.62 13.29 33.05
C THR B 1007 35.59 14.37 32.74
N ALA B 1008 35.60 14.87 31.51
CA ALA B 1008 34.61 15.85 31.11
C ALA B 1008 34.19 15.61 29.67
N THR B 1009 34.56 16.50 28.75
CA THR B 1009 34.23 16.31 27.36
C THR B 1009 35.47 16.36 26.48
N ASN B 1010 35.87 15.21 25.96
CA ASN B 1010 36.99 15.15 25.03
C ASN B 1010 36.51 15.08 23.59
N SER B 1011 35.22 15.35 23.36
CA SER B 1011 34.53 15.27 22.08
C SER B 1011 34.35 13.84 21.58
N ALA B 1012 35.41 13.05 21.53
CA ALA B 1012 35.31 11.68 21.06
C ALA B 1012 34.40 10.82 21.94
N LEU B 1013 34.33 11.05 23.26
CA LEU B 1013 33.39 10.25 24.03
C LEU B 1013 31.99 10.55 23.63
N ALA B 1014 31.72 11.82 23.32
CA ALA B 1014 30.41 12.19 22.89
C ALA B 1014 30.10 11.54 21.57
N LYS B 1015 31.13 11.40 20.73
CA LYS B 1015 30.90 10.73 19.47
C LYS B 1015 30.55 9.29 19.67
N ILE B 1016 31.15 8.65 20.66
CA ILE B 1016 30.83 7.27 20.92
C ILE B 1016 29.42 7.15 21.39
N GLN B 1017 29.03 8.06 22.26
CA GLN B 1017 27.68 8.04 22.76
C GLN B 1017 26.69 8.31 21.68
N SER B 1018 27.02 9.22 20.75
CA SER B 1018 26.08 9.49 19.69
C SER B 1018 25.88 8.29 18.81
N VAL B 1019 26.91 7.44 18.69
CA VAL B 1019 26.73 6.24 17.93
C VAL B 1019 25.79 5.30 18.61
N VAL B 1020 26.00 5.11 19.91
CA VAL B 1020 25.14 4.23 20.65
C VAL B 1020 23.72 4.72 20.72
N ASN B 1021 23.58 6.02 20.90
CA ASN B 1021 22.28 6.60 21.04
C ASN B 1021 21.52 6.59 19.76
N ALA B 1022 22.18 6.90 18.66
CA ALA B 1022 21.50 6.89 17.39
C ALA B 1022 21.04 5.52 17.03
N ASN B 1023 21.82 4.51 17.40
CA ASN B 1023 21.43 3.18 17.07
C ASN B 1023 20.28 2.71 17.91
N ALA B 1024 20.31 3.04 19.19
CA ALA B 1024 19.22 2.69 20.04
C ALA B 1024 17.98 3.40 19.61
N GLN B 1025 18.14 4.66 19.20
CA GLN B 1025 17.01 5.43 18.76
C GLN B 1025 16.38 4.90 17.52
N ALA B 1026 17.20 4.39 16.60
CA ALA B 1026 16.61 3.83 15.41
C ALA B 1026 15.74 2.66 15.75
N LEU B 1027 16.24 1.82 16.66
CA LEU B 1027 15.47 0.68 17.08
C LEU B 1027 14.23 1.07 17.83
N ASN B 1028 14.30 2.17 18.57
CA ASN B 1028 13.14 2.59 19.30
C ASN B 1028 12.08 3.07 18.38
N SER B 1029 12.47 3.84 17.37
CA SER B 1029 11.46 4.31 16.46
C SER B 1029 10.84 3.17 15.70
N LEU B 1030 11.62 2.13 15.44
CA LEU B 1030 11.05 0.98 14.78
C LEU B 1030 10.04 0.30 15.66
N LEU B 1031 10.38 0.19 16.93
CA LEU B 1031 9.48 -0.43 17.88
C LEU B 1031 8.17 0.29 17.99
N GLN B 1032 8.21 1.62 17.91
CA GLN B 1032 6.98 2.35 18.08
C GLN B 1032 6.11 2.34 16.86
N GLN B 1033 6.61 1.82 15.73
CA GLN B 1033 5.74 1.76 14.57
C GLN B 1033 4.67 0.74 14.76
N LEU B 1034 4.87 -0.17 15.72
CA LEU B 1034 3.87 -1.15 15.99
C LEU B 1034 2.58 -0.55 16.48
N PHE B 1035 2.64 0.64 17.07
CA PHE B 1035 1.43 1.17 17.60
C PHE B 1035 0.76 2.17 16.69
N ASN B 1036 1.30 2.42 15.49
CA ASN B 1036 0.61 3.29 14.56
C ASN B 1036 -0.54 2.54 13.95
N LYS B 1037 -1.69 3.17 13.84
CA LYS B 1037 -2.80 2.47 13.22
C LYS B 1037 -2.60 2.18 11.76
N PHE B 1038 -1.93 3.09 11.04
CA PHE B 1038 -1.75 2.91 9.61
C PHE B 1038 -3.10 2.78 8.92
N GLY B 1039 -4.15 3.38 9.48
CA GLY B 1039 -5.44 3.00 8.97
C GLY B 1039 -6.42 2.82 10.09
N ALA B 1040 -7.18 1.73 9.97
CA ALA B 1040 -8.26 1.34 10.86
C ALA B 1040 -7.89 1.28 12.32
N ILE B 1041 -8.92 1.50 13.11
CA ILE B 1041 -8.94 1.63 14.56
C ILE B 1041 -8.38 0.45 15.30
N SER B 1042 -7.75 0.74 16.44
CA SER B 1042 -7.11 -0.25 17.28
C SER B 1042 -5.89 -0.79 16.63
N SER B 1043 -4.84 0.03 16.65
CA SER B 1043 -3.61 -0.25 15.96
C SER B 1043 -3.00 -1.61 16.21
N SER B 1044 -3.38 -2.35 17.25
CA SER B 1044 -2.78 -3.66 17.28
C SER B 1044 -3.58 -4.85 17.80
N LEU B 1045 -3.11 -5.98 17.29
CA LEU B 1045 -3.41 -7.35 17.66
C LEU B 1045 -4.87 -7.71 17.88
N GLN B 1046 -5.12 -8.34 19.04
CA GLN B 1046 -6.39 -8.89 19.40
C GLN B 1046 -7.46 -7.88 19.58
N GLU B 1047 -7.13 -6.59 19.66
CA GLU B 1047 -8.20 -5.67 19.87
C GLU B 1047 -9.15 -5.69 18.68
N ILE B 1048 -8.59 -5.84 17.48
CA ILE B 1048 -9.41 -5.92 16.30
C ILE B 1048 -10.13 -7.23 16.25
N LEU B 1049 -9.37 -8.29 16.56
CA LEU B 1049 -9.95 -9.59 16.53
C LEU B 1049 -11.07 -9.77 17.52
N SER B 1050 -10.94 -9.15 18.69
CA SER B 1050 -11.97 -9.29 19.68
C SER B 1050 -13.28 -8.72 19.24
N ARG B 1051 -13.26 -7.60 18.52
CA ARG B 1051 -14.52 -7.11 18.03
C ARG B 1051 -15.10 -7.86 16.86
N LEU B 1052 -14.26 -8.34 15.96
CA LEU B 1052 -14.82 -9.00 14.80
C LEU B 1052 -14.47 -10.46 14.55
N ASP B 1053 -13.18 -10.79 14.46
CA ASP B 1053 -12.76 -12.17 14.22
C ASP B 1053 -13.41 -12.76 12.96
N ASN B 1054 -13.43 -12.00 11.87
CA ASN B 1054 -14.09 -12.44 10.65
C ASN B 1054 -13.38 -11.87 9.44
N LEU B 1055 -13.92 -12.17 8.26
CA LEU B 1055 -13.32 -11.68 7.03
C LEU B 1055 -13.11 -10.18 6.99
N GLU B 1056 -14.05 -9.42 7.58
CA GLU B 1056 -13.85 -7.98 7.62
C GLU B 1056 -12.61 -7.62 8.42
N ALA B 1057 -12.41 -8.34 9.53
CA ALA B 1057 -11.25 -8.10 10.34
C ALA B 1057 -9.99 -8.43 9.60
N GLN B 1058 -10.05 -9.45 8.75
CA GLN B 1058 -8.89 -9.83 7.99
C GLN B 1058 -8.48 -8.72 7.07
N VAL B 1059 -9.45 -8.00 6.53
CA VAL B 1059 -9.11 -6.87 5.70
C VAL B 1059 -8.41 -5.78 6.48
N GLN B 1060 -8.91 -5.53 7.70
CA GLN B 1060 -8.28 -4.51 8.50
C GLN B 1060 -6.88 -4.91 8.90
N ILE B 1061 -6.70 -6.21 9.14
CA ILE B 1061 -5.41 -6.76 9.47
C ILE B 1061 -4.46 -6.60 8.33
N ASP B 1062 -4.96 -6.78 7.12
CA ASP B 1062 -4.11 -6.64 5.97
C ASP B 1062 -3.56 -5.25 5.89
N ARG B 1063 -4.39 -4.26 6.21
CA ARG B 1063 -3.89 -2.91 6.19
C ARG B 1063 -2.77 -2.73 7.20
N LEU B 1064 -2.96 -3.34 8.37
CA LEU B 1064 -1.96 -3.26 9.41
C LEU B 1064 -0.67 -3.91 8.98
N ILE B 1065 -0.79 -5.04 8.29
CA ILE B 1065 0.37 -5.74 7.79
C ILE B 1065 1.14 -4.94 6.83
N ASN B 1066 0.44 -4.19 5.99
CA ASN B 1066 1.14 -3.42 5.02
C ASN B 1066 1.93 -2.33 5.66
N GLY B 1067 1.35 -1.67 6.64
CA GLY B 1067 2.11 -0.63 7.30
C GLY B 1067 3.30 -1.16 8.06
N ARG B 1068 3.16 -2.33 8.68
CA ARG B 1068 4.30 -2.85 9.39
C ARG B 1068 5.40 -3.32 8.50
N LEU B 1069 5.05 -3.92 7.37
CA LEU B 1069 6.07 -4.31 6.44
C LEU B 1069 6.77 -3.12 5.87
N THR B 1070 6.01 -2.05 5.64
CA THR B 1070 6.61 -0.87 5.09
C THR B 1070 7.63 -0.28 6.03
N ALA B 1071 7.33 -0.31 7.33
CA ALA B 1071 8.29 0.19 8.28
C ALA B 1071 9.55 -0.62 8.26
N LEU B 1072 9.41 -1.94 8.13
CA LEU B 1072 10.56 -2.79 8.07
C LEU B 1072 11.39 -2.56 6.86
N ASN B 1073 10.74 -2.24 5.76
CA ASN B 1073 11.47 -2.04 4.53
C ASN B 1073 12.31 -0.81 4.62
N ALA B 1074 11.73 0.25 5.19
CA ALA B 1074 12.47 1.45 5.34
C ALA B 1074 13.65 1.26 6.26
N TYR B 1075 13.43 0.52 7.35
CA TYR B 1075 14.49 0.28 8.29
C TYR B 1075 15.64 -0.45 7.69
N VAL B 1076 15.34 -1.47 6.90
CA VAL B 1076 16.39 -2.23 6.32
C VAL B 1076 17.19 -1.45 5.34
N SER B 1077 16.52 -0.67 4.49
CA SER B 1077 17.27 0.10 3.54
C SER B 1077 18.15 1.12 4.20
N GLN B 1078 17.71 1.63 5.34
CA GLN B 1078 18.53 2.56 6.05
C GLN B 1078 19.79 1.91 6.55
N GLN B 1079 19.65 0.70 7.09
CA GLN B 1079 20.81 0.01 7.60
C GLN B 1079 21.77 -0.37 6.53
N LEU B 1080 21.26 -0.70 5.36
CA LEU B 1080 22.15 -1.02 4.27
C LEU B 1080 22.97 0.18 3.88
N SER B 1081 22.33 1.34 3.82
CA SER B 1081 23.09 2.51 3.51
C SER B 1081 24.08 2.87 4.60
N ASP B 1082 23.69 2.63 5.84
CA ASP B 1082 24.56 3.00 6.93
C ASP B 1082 25.80 2.18 7.00
N ILE B 1083 25.67 0.87 6.77
CA ILE B 1083 26.86 0.08 6.77
C ILE B 1083 27.79 0.42 5.65
N THR B 1084 27.25 0.91 4.52
CA THR B 1084 28.16 1.30 3.47
C THR B 1084 29.02 2.46 3.89
N LEU B 1085 28.42 3.40 4.61
CA LEU B 1085 29.19 4.52 5.12
C LEU B 1085 30.24 4.07 6.10
N ILE B 1086 29.85 3.14 6.97
CA ILE B 1086 30.75 2.61 7.95
C ILE B 1086 31.91 1.91 7.34
N LYS B 1087 31.64 1.17 6.26
CA LYS B 1087 32.66 0.44 5.57
C LYS B 1087 33.71 1.36 5.04
N ALA B 1088 33.29 2.51 4.54
CA ALA B 1088 34.26 3.47 4.06
C ALA B 1088 35.15 3.96 5.17
N GLY B 1089 34.53 4.26 6.33
CA GLY B 1089 35.32 4.72 7.44
C GLY B 1089 36.25 3.65 7.95
N ALA B 1090 35.80 2.39 7.86
CA ALA B 1090 36.62 1.31 8.32
C ALA B 1090 37.87 1.20 7.51
N SER B 1091 37.76 1.37 6.19
CA SER B 1091 38.96 1.27 5.39
C SER B 1091 39.95 2.37 5.70
N ARG B 1092 39.46 3.55 6.08
CA ARG B 1092 40.38 4.61 6.43
C ARG B 1092 41.14 4.26 7.69
N ALA B 1093 40.42 3.68 8.64
CA ALA B 1093 41.05 3.29 9.89
C ALA B 1093 42.09 2.25 9.68
N ILE B 1094 41.82 1.33 8.77
CA ILE B 1094 42.75 0.27 8.51
C ILE B 1094 44.01 0.79 7.90
N GLU B 1095 43.87 1.70 6.95
CA GLU B 1095 45.06 2.22 6.37
C GLU B 1095 45.88 3.01 7.38
N LYS B 1096 45.20 3.78 8.23
CA LYS B 1096 45.92 4.56 9.22
C LYS B 1096 46.69 3.74 10.22
N VAL B 1097 46.10 2.64 10.71
CA VAL B 1097 46.85 1.80 11.63
C VAL B 1097 48.03 1.15 10.94
N ASN B 1098 47.92 0.93 9.64
CA ASN B 1098 49.04 0.32 8.94
C ASN B 1098 49.98 1.34 8.39
N GLU B 1099 49.76 2.61 8.70
CA GLU B 1099 50.67 3.61 8.22
C GLU B 1099 51.16 4.45 9.35
N CYS B 1100 50.27 5.28 9.89
CA CYS B 1100 50.68 6.20 10.93
C CYS B 1100 51.13 5.48 12.19
N VAL B 1101 50.58 4.29 12.46
CA VAL B 1101 51.02 3.59 13.66
C VAL B 1101 52.12 2.57 13.45
N LYS B 1102 51.89 1.61 12.57
CA LYS B 1102 52.88 0.56 12.33
C LYS B 1102 54.19 0.94 11.67
N SER B 1103 54.27 2.07 10.98
CA SER B 1103 55.53 2.35 10.29
C SER B 1103 55.82 3.83 10.13
N GLN B 1104 57.03 4.13 9.69
CA GLN B 1104 57.37 5.50 9.41
C GLN B 1104 56.51 5.92 8.23
N SER B 1105 56.14 7.19 8.18
CA SER B 1105 55.37 7.63 7.03
C SER B 1105 56.14 8.56 6.14
N PRO B 1106 56.31 8.19 4.87
CA PRO B 1106 56.76 9.07 3.82
C PRO B 1106 55.72 10.12 3.54
N ARG B 1107 54.46 9.78 3.81
CA ARG B 1107 53.38 10.71 3.60
C ARG B 1107 53.56 11.83 4.57
N ILE B 1108 53.19 13.04 4.16
CA ILE B 1108 53.37 14.16 5.05
C ILE B 1108 52.11 14.53 5.79
N ASN B 1109 51.02 14.75 5.07
CA ASN B 1109 49.80 15.07 5.78
C ASN B 1109 48.86 13.89 5.90
N PHE B 1110 49.28 12.70 5.47
CA PHE B 1110 48.46 11.56 5.78
C PHE B 1110 48.56 11.53 7.27
N CYS B 1111 47.48 11.23 7.98
CA CYS B 1111 47.57 11.28 9.43
C CYS B 1111 47.84 12.77 9.70
N GLY B 1112 46.88 13.59 9.33
CA GLY B 1112 46.97 15.06 9.27
C GLY B 1112 46.84 15.79 10.60
N ASN B 1113 46.48 17.08 10.50
CA ASN B 1113 46.42 17.99 11.62
C ASN B 1113 47.78 18.17 12.29
N GLY B 1114 48.79 18.43 11.45
CA GLY B 1114 50.15 18.68 11.87
C GLY B 1114 51.01 17.43 11.84
N ASN B 1115 52.29 17.61 12.18
CA ASN B 1115 53.29 16.56 12.18
C ASN B 1115 53.03 15.55 13.27
N HIS B 1116 53.27 14.27 13.00
CA HIS B 1116 53.13 13.29 14.06
C HIS B 1116 54.45 12.68 14.40
N ILE B 1117 54.78 12.73 15.67
CA ILE B 1117 55.99 12.12 16.12
C ILE B 1117 55.70 10.67 16.42
N LEU B 1118 54.63 10.47 17.17
CA LEU B 1118 54.23 9.15 17.56
C LEU B 1118 52.75 8.91 17.41
N SER B 1119 52.36 7.72 16.95
CA SER B 1119 50.94 7.41 16.98
C SER B 1119 50.72 6.02 17.54
N LEU B 1120 49.65 5.90 18.31
CA LEU B 1120 49.25 4.66 18.98
C LEU B 1120 47.78 4.34 18.72
N VAL B 1121 47.42 3.08 18.85
CA VAL B 1121 46.03 2.70 18.64
C VAL B 1121 45.50 1.92 19.83
N GLN B 1122 44.21 2.02 20.11
CA GLN B 1122 43.63 1.34 21.24
C GLN B 1122 42.21 0.85 20.96
N ASN B 1123 41.80 -0.21 21.63
CA ASN B 1123 40.45 -0.72 21.50
C ASN B 1123 39.42 0.22 22.13
N ALA B 1124 38.28 0.38 21.49
CA ALA B 1124 37.19 1.21 21.99
C ALA B 1124 35.92 0.58 21.50
N PRO B 1125 34.75 0.86 22.09
CA PRO B 1125 33.54 0.23 21.68
C PRO B 1125 33.35 0.65 20.26
N TYR B 1126 32.87 -0.26 19.43
CA TYR B 1126 32.53 0.04 18.05
C TYR B 1126 33.67 0.66 17.24
N GLY B 1127 34.92 0.53 17.67
CA GLY B 1127 35.94 1.21 16.88
C GLY B 1127 37.33 1.10 17.43
N LEU B 1128 38.21 1.83 16.79
CA LEU B 1128 39.59 1.93 17.19
C LEU B 1128 39.82 3.33 17.68
N LEU B 1129 40.69 3.48 18.62
CA LEU B 1129 40.96 4.80 19.10
C LEU B 1129 42.40 5.12 18.84
N PHE B 1130 42.64 6.30 18.34
CA PHE B 1130 44.02 6.66 18.09
C PHE B 1130 44.52 7.72 19.01
N ILE B 1131 45.81 7.68 19.25
CA ILE B 1131 46.50 8.63 20.08
C ILE B 1131 47.63 9.22 19.29
N HIS B 1132 47.85 10.51 19.41
CA HIS B 1132 48.96 11.06 18.68
C HIS B 1132 49.76 11.99 19.52
N PHE B 1133 51.02 12.14 19.17
CA PHE B 1133 51.89 13.05 19.89
C PHE B 1133 52.62 13.94 18.91
N SER B 1134 52.67 15.23 19.23
CA SER B 1134 53.36 16.18 18.38
C SER B 1134 53.77 17.44 19.11
N ILE C 2 -32.81 4.35 -44.94
CA ILE C 2 -32.44 5.11 -43.74
C ILE C 2 -33.64 5.16 -42.80
N GLY C 3 -34.37 6.28 -42.79
CA GLY C 3 -35.52 6.43 -41.92
C GLY C 3 -36.67 5.55 -42.37
N ASP C 4 -37.57 5.20 -41.48
CA ASP C 4 -38.64 4.33 -41.93
C ASP C 4 -39.82 5.07 -42.55
N PHE C 5 -39.66 5.54 -43.79
CA PHE C 5 -40.79 6.11 -44.50
C PHE C 5 -40.53 6.00 -46.00
N ASN C 6 -41.56 5.89 -46.85
CA ASN C 6 -41.25 5.79 -48.27
C ASN C 6 -40.85 7.14 -48.88
N CYS C 7 -41.68 8.14 -48.61
CA CYS C 7 -41.52 9.53 -49.04
C CYS C 7 -41.34 9.71 -50.53
N THR C 8 -41.81 8.77 -51.35
CA THR C 8 -41.63 8.94 -52.77
C THR C 8 -42.78 8.50 -53.61
N ASN C 9 -42.81 9.03 -54.82
CA ASN C 9 -43.70 8.52 -55.84
C ASN C 9 -42.94 8.29 -57.15
N SER C 10 -41.73 8.86 -57.26
CA SER C 10 -40.95 8.75 -58.49
C SER C 10 -39.43 8.89 -58.33
N PHE C 11 -38.74 8.52 -59.40
CA PHE C 11 -37.30 8.66 -59.59
C PHE C 11 -36.36 7.91 -58.64
N ILE C 12 -36.82 6.81 -58.10
CA ILE C 12 -35.95 5.95 -57.34
C ILE C 12 -35.40 4.90 -58.31
N ASN C 13 -34.11 4.61 -58.30
CA ASN C 13 -33.67 3.63 -59.30
C ASN C 13 -32.59 2.66 -58.84
N ASP C 14 -32.22 1.79 -59.78
CA ASP C 14 -31.24 0.73 -59.62
C ASP C 14 -29.79 1.13 -59.91
N TYR C 15 -29.49 2.43 -60.07
CA TYR C 15 -28.13 2.82 -60.44
C TYR C 15 -27.12 2.27 -59.45
N ASN C 16 -25.99 1.82 -59.98
CA ASN C 16 -25.04 1.11 -59.16
C ASN C 16 -23.57 1.29 -59.51
N LYS C 17 -22.74 0.63 -58.70
CA LYS C 17 -21.29 0.53 -58.86
C LYS C 17 -20.52 1.83 -58.72
N THR C 18 -20.96 2.69 -57.81
CA THR C 18 -20.23 3.92 -57.52
C THR C 18 -19.76 3.94 -56.08
N ILE C 19 -18.88 3.00 -55.76
CA ILE C 19 -18.32 2.90 -54.43
C ILE C 19 -17.49 4.14 -54.18
N PRO C 20 -17.55 4.76 -52.99
CA PRO C 20 -16.86 5.98 -52.68
C PRO C 20 -15.36 5.82 -52.82
N ARG C 21 -14.72 6.89 -53.26
CA ARG C 21 -13.30 6.94 -53.45
C ARG C 21 -12.50 6.92 -52.19
N ILE C 22 -11.33 6.33 -52.22
CA ILE C 22 -10.44 6.54 -51.11
C ILE C 22 -9.60 7.72 -51.49
N SER C 23 -9.68 8.79 -50.73
CA SER C 23 -8.89 9.96 -51.06
C SER C 23 -7.42 9.67 -50.86
N GLU C 24 -6.58 10.28 -51.68
CA GLU C 24 -5.16 10.08 -51.49
C GLU C 24 -4.67 11.17 -50.57
N ASP C 25 -4.96 10.97 -49.30
CA ASP C 25 -4.61 11.95 -48.30
C ASP C 25 -4.37 11.30 -46.96
N VAL C 26 -3.11 10.99 -46.69
CA VAL C 26 -2.72 10.45 -45.41
C VAL C 26 -2.90 11.54 -44.39
N VAL C 27 -3.34 11.23 -43.18
CA VAL C 27 -3.48 12.36 -42.27
C VAL C 27 -2.13 12.84 -41.79
N ASP C 28 -1.89 14.13 -41.98
CA ASP C 28 -0.68 14.77 -41.47
C ASP C 28 -0.92 15.41 -40.13
N VAL C 29 -0.84 14.62 -39.09
CA VAL C 29 -1.10 15.10 -37.76
C VAL C 29 -0.20 16.23 -37.28
N SER C 30 0.98 16.40 -37.89
CA SER C 30 1.92 17.39 -37.36
C SER C 30 1.39 18.81 -37.30
N LEU C 31 0.47 19.15 -38.19
CA LEU C 31 -0.06 20.50 -38.20
C LEU C 31 -1.56 20.55 -38.31
N GLY C 32 -2.27 20.51 -37.18
CA GLY C 32 -3.72 20.58 -37.29
C GLY C 32 -4.23 19.28 -37.83
N LEU C 33 -5.37 19.34 -38.52
CA LEU C 33 -5.89 18.15 -39.17
C LEU C 33 -6.25 17.07 -38.18
N GLY C 34 -7.23 17.35 -37.37
CA GLY C 34 -7.66 16.46 -36.33
C GLY C 34 -7.02 16.73 -34.98
N THR C 35 -6.08 17.69 -34.90
CA THR C 35 -5.61 18.04 -33.57
C THR C 35 -6.77 18.72 -32.87
N TYR C 36 -6.73 18.64 -31.57
CA TYR C 36 -7.86 18.99 -30.75
C TYR C 36 -7.64 20.09 -29.71
N TYR C 37 -8.29 21.26 -29.83
CA TYR C 37 -8.24 22.17 -28.68
C TYR C 37 -9.02 21.56 -27.56
N VAL C 38 -8.58 21.74 -26.33
CA VAL C 38 -9.35 21.17 -25.25
C VAL C 38 -10.31 22.15 -24.62
N LEU C 39 -11.60 21.88 -24.81
CA LEU C 39 -12.69 22.60 -24.19
C LEU C 39 -12.50 24.11 -24.24
N ASN C 40 -12.67 24.75 -23.08
CA ASN C 40 -12.51 26.17 -22.88
C ASN C 40 -11.18 26.50 -22.19
N ARG C 41 -10.25 25.57 -22.22
CA ARG C 41 -9.03 25.71 -21.44
C ARG C 41 -7.83 26.10 -22.31
N VAL C 42 -6.90 26.90 -21.78
CA VAL C 42 -5.72 27.25 -22.60
C VAL C 42 -4.43 26.99 -21.87
N TYR C 43 -3.37 26.91 -22.64
CA TYR C 43 -2.03 26.75 -22.11
C TYR C 43 -1.13 27.71 -22.84
N LEU C 44 -0.08 28.21 -22.19
CA LEU C 44 0.82 29.10 -22.90
C LEU C 44 2.26 28.64 -22.85
N ASN C 45 2.96 28.70 -23.99
CA ASN C 45 4.39 28.42 -24.06
C ASN C 45 4.75 27.09 -23.45
N THR C 46 4.00 26.06 -23.75
CA THR C 46 4.22 24.79 -23.09
C THR C 46 4.14 23.61 -24.01
N THR C 47 4.57 22.47 -23.51
CA THR C 47 4.32 21.26 -24.26
C THR C 47 3.41 20.41 -23.39
N LEU C 48 2.47 19.74 -24.02
CA LEU C 48 1.44 18.98 -23.36
C LEU C 48 1.16 17.61 -23.93
N LEU C 49 0.96 16.60 -23.11
CA LEU C 49 0.46 15.40 -23.76
C LEU C 49 -0.77 14.92 -23.06
N PHE C 50 -1.70 14.39 -23.83
CA PHE C 50 -2.89 13.84 -23.23
C PHE C 50 -3.53 12.77 -24.07
N THR C 51 -4.40 11.99 -23.44
CA THR C 51 -5.20 10.99 -24.14
C THR C 51 -6.48 11.63 -24.66
N GLY C 52 -6.85 11.31 -25.89
CA GLY C 52 -8.10 11.88 -26.41
C GLY C 52 -8.40 11.32 -27.77
N TYR C 53 -9.50 11.76 -28.39
CA TYR C 53 -9.84 11.15 -29.66
C TYR C 53 -9.16 11.83 -30.82
N PHE C 54 -8.44 11.03 -31.58
CA PHE C 54 -7.72 11.51 -32.74
C PHE C 54 -7.71 10.48 -33.84
N PRO C 55 -7.52 10.92 -35.08
CA PRO C 55 -7.30 10.09 -36.22
C PRO C 55 -5.95 9.42 -36.06
N LYS C 56 -5.79 8.23 -36.60
CA LYS C 56 -4.48 7.61 -36.58
C LYS C 56 -3.58 8.37 -37.52
N SER C 57 -2.31 8.58 -37.17
CA SER C 57 -1.48 9.25 -38.15
C SER C 57 -1.33 8.38 -39.38
N GLY C 58 -1.35 9.01 -40.54
CA GLY C 58 -1.16 8.34 -41.81
C GLY C 58 -2.44 7.65 -42.30
N ALA C 59 -3.56 7.84 -41.60
CA ALA C 59 -4.83 7.29 -42.01
C ALA C 59 -5.25 7.86 -43.36
N ASN C 60 -5.96 7.08 -44.17
CA ASN C 60 -6.40 7.64 -45.44
C ASN C 60 -7.86 8.05 -45.39
N PHE C 61 -8.13 9.29 -45.82
CA PHE C 61 -9.49 9.78 -45.90
C PHE C 61 -10.36 9.04 -46.88
N ARG C 62 -11.64 8.93 -46.54
CA ARG C 62 -12.58 8.30 -47.44
C ARG C 62 -13.58 9.33 -47.96
N ASP C 63 -13.78 9.37 -49.27
CA ASP C 63 -14.67 10.36 -49.84
C ASP C 63 -16.12 9.96 -49.84
N LEU C 64 -16.78 10.14 -48.72
CA LEU C 64 -18.19 9.79 -48.60
C LEU C 64 -19.18 10.68 -49.33
N ALA C 65 -18.74 11.81 -49.88
CA ALA C 65 -19.72 12.69 -50.53
C ALA C 65 -20.54 11.98 -51.59
N LEU C 66 -21.81 12.35 -51.65
CA LEU C 66 -22.75 11.79 -52.61
C LEU C 66 -23.59 12.86 -53.31
N LYS C 67 -23.72 12.75 -54.62
CA LYS C 67 -24.49 13.70 -55.41
C LYS C 67 -25.29 13.02 -56.49
N GLY C 68 -26.32 13.70 -56.97
CA GLY C 68 -27.08 13.21 -58.12
C GLY C 68 -28.12 14.21 -58.54
N SER C 69 -28.85 13.93 -59.63
CA SER C 69 -29.83 14.91 -60.08
C SER C 69 -31.26 14.39 -60.19
N ILE C 70 -31.56 13.77 -61.33
CA ILE C 70 -32.90 13.28 -61.59
C ILE C 70 -33.37 12.16 -60.68
N TYR C 71 -32.44 11.34 -60.21
CA TYR C 71 -32.82 10.14 -59.47
C TYR C 71 -32.02 9.92 -58.21
N LEU C 72 -32.58 9.09 -57.34
CA LEU C 72 -31.85 8.63 -56.19
C LEU C 72 -31.80 7.11 -56.26
N SER C 73 -30.61 6.54 -56.33
CA SER C 73 -30.53 5.10 -56.31
C SER C 73 -30.86 4.57 -54.96
N THR C 74 -31.49 3.39 -54.91
CA THR C 74 -31.74 2.78 -53.61
C THR C 74 -30.44 2.37 -52.95
N LEU C 75 -29.42 2.15 -53.77
CA LEU C 75 -28.15 1.71 -53.26
C LEU C 75 -27.41 2.78 -52.53
N TRP C 76 -27.80 4.02 -52.73
CA TRP C 76 -27.18 5.12 -52.04
C TRP C 76 -27.39 5.08 -50.55
N TYR C 77 -28.40 4.32 -50.10
CA TYR C 77 -28.68 4.27 -48.70
C TYR C 77 -28.14 2.97 -48.07
N LYS C 78 -27.39 2.21 -48.86
CA LYS C 78 -26.72 0.99 -48.46
C LYS C 78 -25.46 1.27 -47.67
N PRO C 79 -24.98 0.31 -46.88
CA PRO C 79 -23.81 0.35 -46.02
C PRO C 79 -22.48 0.78 -46.66
N PRO C 80 -22.23 0.68 -47.97
CA PRO C 80 -21.11 1.34 -48.58
C PRO C 80 -21.19 2.86 -48.40
N PHE C 81 -22.42 3.40 -48.32
CA PHE C 81 -22.61 4.83 -48.10
C PHE C 81 -23.12 5.16 -46.70
N LEU C 82 -23.38 4.14 -45.92
CA LEU C 82 -23.86 4.29 -44.55
C LEU C 82 -22.94 3.56 -43.63
N SER C 83 -22.47 4.18 -42.56
CA SER C 83 -21.52 3.39 -41.81
C SER C 83 -21.55 3.57 -40.34
N ASP C 84 -20.92 2.60 -39.71
CA ASP C 84 -20.84 2.50 -38.28
C ASP C 84 -20.07 3.63 -37.65
N PHE C 85 -20.62 4.16 -36.59
CA PHE C 85 -19.96 5.17 -35.80
C PHE C 85 -19.38 4.42 -34.65
N ASN C 86 -18.06 4.41 -34.52
CA ASN C 86 -17.52 3.61 -33.42
C ASN C 86 -17.10 4.43 -32.24
N ASN C 87 -15.99 5.13 -32.36
CA ASN C 87 -15.56 5.98 -31.29
C ASN C 87 -15.98 7.37 -31.63
N GLY C 88 -15.65 7.72 -32.86
CA GLY C 88 -16.00 8.98 -33.42
C GLY C 88 -15.45 9.08 -34.83
N ILE C 89 -15.72 10.20 -35.47
CA ILE C 89 -15.20 10.46 -36.80
C ILE C 89 -14.56 11.83 -36.89
N PHE C 90 -13.60 11.94 -37.78
CA PHE C 90 -13.03 13.23 -38.09
C PHE C 90 -13.42 13.55 -39.48
N SER C 91 -13.81 14.79 -39.73
CA SER C 91 -14.21 15.10 -41.08
C SER C 91 -13.53 16.31 -41.63
N LYS C 92 -13.35 16.25 -42.94
CA LYS C 92 -12.78 17.33 -43.72
C LYS C 92 -13.78 17.60 -44.83
N VAL C 93 -14.17 18.86 -45.00
CA VAL C 93 -15.20 19.12 -45.97
C VAL C 93 -14.83 20.22 -46.89
N LYS C 94 -15.09 20.04 -48.17
CA LYS C 94 -14.76 21.12 -49.06
C LYS C 94 -15.91 22.11 -49.12
N ASN C 95 -15.59 23.35 -48.81
CA ASN C 95 -16.52 24.45 -48.92
C ASN C 95 -16.71 24.78 -50.37
N THR C 96 -17.85 25.35 -50.71
CA THR C 96 -18.04 25.74 -52.10
C THR C 96 -18.45 27.18 -52.10
N LYS C 97 -18.30 27.82 -53.23
CA LYS C 97 -18.66 29.23 -53.36
C LYS C 97 -19.41 29.41 -54.65
N LEU C 98 -20.64 28.94 -54.69
CA LEU C 98 -21.37 29.06 -55.93
C LEU C 98 -21.62 30.54 -56.20
N TYR C 99 -21.54 30.95 -57.45
CA TYR C 99 -21.71 32.36 -57.76
C TYR C 99 -22.92 32.62 -58.62
N VAL C 100 -24.11 32.48 -58.05
CA VAL C 100 -25.33 32.75 -58.81
C VAL C 100 -25.79 34.18 -58.68
N ASN C 101 -25.93 34.89 -59.80
CA ASN C 101 -26.46 36.25 -59.78
C ASN C 101 -25.69 37.17 -58.85
N ASN C 102 -24.36 37.19 -58.95
CA ASN C 102 -23.48 38.06 -58.16
C ASN C 102 -23.21 37.52 -56.74
N THR C 103 -24.27 37.30 -55.98
CA THR C 103 -24.17 36.78 -54.62
C THR C 103 -23.59 35.37 -54.62
N LEU C 104 -22.96 35.01 -53.51
CA LEU C 104 -22.36 33.70 -53.45
C LEU C 104 -22.93 32.85 -52.36
N TYR C 105 -22.96 31.55 -52.63
CA TYR C 105 -23.48 30.59 -51.70
C TYR C 105 -22.42 29.67 -51.15
N SER C 106 -22.22 29.73 -49.85
CA SER C 106 -21.33 28.79 -49.21
C SER C 106 -22.17 27.65 -48.71
N GLU C 107 -22.22 26.59 -49.49
CA GLU C 107 -23.06 25.46 -49.12
C GLU C 107 -22.40 24.13 -49.38
N PHE C 108 -22.80 23.16 -48.57
CA PHE C 108 -22.21 21.84 -48.59
C PHE C 108 -23.20 20.76 -48.16
N SER C 109 -22.79 19.51 -48.36
CA SER C 109 -23.57 18.32 -48.02
C SER C 109 -23.83 18.27 -46.53
N THR C 110 -24.81 17.50 -46.11
CA THR C 110 -25.17 17.50 -44.70
C THR C 110 -25.21 16.12 -44.13
N ILE C 111 -25.16 16.05 -42.82
CA ILE C 111 -25.00 14.77 -42.16
C ILE C 111 -25.93 14.51 -41.02
N VAL C 112 -26.33 13.26 -40.90
CA VAL C 112 -27.13 12.86 -39.79
C VAL C 112 -26.45 11.72 -39.08
N ILE C 113 -26.56 11.73 -37.77
CA ILE C 113 -25.98 10.69 -36.97
C ILE C 113 -27.03 10.21 -35.98
N GLY C 114 -27.07 8.93 -35.72
CA GLY C 114 -28.14 8.43 -34.88
C GLY C 114 -28.05 6.94 -34.68
N SER C 115 -29.07 6.39 -34.05
CA SER C 115 -29.09 4.97 -33.86
C SER C 115 -29.98 4.34 -34.92
N VAL C 116 -31.18 3.93 -34.52
CA VAL C 116 -32.12 3.32 -35.44
C VAL C 116 -32.67 4.26 -36.54
N PHE C 117 -32.76 5.56 -36.23
CA PHE C 117 -33.32 6.62 -37.09
C PHE C 117 -34.84 6.51 -37.24
N VAL C 118 -35.51 6.42 -36.11
CA VAL C 118 -36.97 6.36 -35.96
C VAL C 118 -37.44 7.33 -34.90
N ASN C 119 -38.74 7.54 -34.83
CA ASN C 119 -39.29 8.52 -33.90
C ASN C 119 -39.17 8.14 -32.42
N THR C 120 -38.60 6.98 -32.11
CA THR C 120 -38.39 6.60 -30.72
C THR C 120 -36.98 6.95 -30.25
N SER C 121 -36.15 7.50 -31.14
CA SER C 121 -34.80 7.83 -30.70
C SER C 121 -34.33 9.16 -31.21
N TYR C 122 -33.49 9.80 -30.42
CA TYR C 122 -32.92 11.06 -30.82
C TYR C 122 -31.91 10.87 -31.92
N THR C 123 -31.85 11.84 -32.82
CA THR C 123 -30.85 11.84 -33.85
C THR C 123 -30.25 13.22 -33.88
N ILE C 124 -29.09 13.36 -34.50
CA ILE C 124 -28.48 14.67 -34.56
C ILE C 124 -28.21 15.03 -35.98
N VAL C 125 -28.57 16.26 -36.33
CA VAL C 125 -28.38 16.69 -37.70
C VAL C 125 -27.63 17.98 -37.76
N VAL C 126 -26.55 17.95 -38.52
CA VAL C 126 -25.80 19.16 -38.76
C VAL C 126 -26.23 19.68 -40.11
N GLN C 127 -26.85 20.84 -40.14
CA GLN C 127 -27.36 21.38 -41.39
C GLN C 127 -26.77 22.73 -41.78
N PRO C 128 -26.17 22.85 -42.95
CA PRO C 128 -25.68 24.08 -43.55
C PRO C 128 -26.76 25.06 -43.94
N HIS C 129 -26.37 26.32 -43.90
CA HIS C 129 -27.14 27.45 -44.37
C HIS C 129 -26.11 28.41 -44.93
N ASN C 130 -26.49 29.40 -45.70
CA ASN C 130 -25.43 30.19 -46.28
C ASN C 130 -24.86 31.12 -45.20
N GLY C 131 -23.70 30.69 -44.68
CA GLY C 131 -22.92 31.34 -43.64
C GLY C 131 -23.43 31.06 -42.22
N ILE C 132 -24.40 30.15 -42.11
CA ILE C 132 -24.94 29.75 -40.81
C ILE C 132 -25.02 28.25 -40.69
N LEU C 133 -24.64 27.72 -39.56
CA LEU C 133 -24.76 26.29 -39.38
C LEU C 133 -25.80 26.00 -38.33
N GLU C 134 -26.68 25.06 -38.58
CA GLU C 134 -27.68 24.75 -37.59
C GLU C 134 -27.51 23.34 -37.11
N ILE C 135 -27.57 23.14 -35.82
CA ILE C 135 -27.44 21.80 -35.31
C ILE C 135 -28.54 21.46 -34.36
N THR C 136 -29.17 20.33 -34.58
CA THR C 136 -30.19 19.95 -33.64
C THR C 136 -30.08 18.49 -33.20
N ALA C 137 -30.72 18.19 -32.09
CA ALA C 137 -30.83 16.85 -31.56
C ALA C 137 -32.29 16.55 -31.32
N CYS C 138 -32.91 15.81 -32.23
CA CYS C 138 -34.35 15.59 -32.13
C CYS C 138 -34.79 14.22 -32.59
N GLN C 139 -36.04 13.88 -32.30
CA GLN C 139 -36.57 12.62 -32.75
C GLN C 139 -37.31 12.85 -34.05
N TYR C 140 -36.54 13.19 -35.08
CA TYR C 140 -37.12 13.49 -36.38
C TYR C 140 -37.73 12.29 -37.04
N THR C 141 -38.84 12.51 -37.72
CA THR C 141 -39.38 11.48 -38.57
C THR C 141 -38.49 11.49 -39.79
N MET C 142 -38.13 10.34 -40.32
CA MET C 142 -37.27 10.40 -41.48
C MET C 142 -37.62 9.46 -42.60
N CYS C 143 -37.28 9.90 -43.80
CA CYS C 143 -37.43 9.15 -45.02
C CYS C 143 -36.38 8.07 -45.16
N GLU C 144 -36.77 6.95 -45.76
CA GLU C 144 -35.80 5.92 -46.14
C GLU C 144 -34.82 6.41 -47.21
N TYR C 145 -35.23 7.42 -47.98
CA TYR C 145 -34.37 7.96 -49.03
C TYR C 145 -34.18 9.46 -48.83
N PRO C 146 -33.47 9.90 -47.80
CA PRO C 146 -33.21 11.28 -47.48
C PRO C 146 -32.37 11.93 -48.55
N HIS C 147 -32.62 13.20 -48.75
CA HIS C 147 -31.88 14.00 -49.69
C HIS C 147 -31.87 15.45 -49.26
N THR C 148 -30.96 16.23 -49.81
CA THR C 148 -30.99 17.65 -49.55
C THR C 148 -30.78 18.43 -50.82
N VAL C 149 -31.16 19.70 -50.78
CA VAL C 149 -31.07 20.60 -51.92
C VAL C 149 -30.47 21.95 -51.51
N CYS C 150 -29.61 22.49 -52.34
CA CYS C 150 -28.98 23.80 -52.15
C CYS C 150 -30.00 24.92 -52.32
N LYS C 151 -29.70 26.07 -51.71
CA LYS C 151 -30.63 27.20 -51.74
C LYS C 151 -30.54 28.09 -52.99
N SER C 152 -29.65 27.78 -53.93
CA SER C 152 -29.52 28.62 -55.12
C SER C 152 -30.38 28.10 -56.28
N LYS C 153 -29.87 27.14 -57.04
CA LYS C 153 -30.65 26.54 -58.11
C LYS C 153 -30.50 25.04 -58.10
N GLY C 154 -31.53 24.33 -58.55
CA GLY C 154 -31.48 22.88 -58.49
C GLY C 154 -32.74 22.21 -59.01
N SER C 155 -32.77 20.90 -58.84
CA SER C 155 -33.88 20.03 -59.24
C SER C 155 -35.13 20.31 -58.45
N ILE C 156 -36.22 19.83 -59.01
CA ILE C 156 -37.55 19.88 -58.42
C ILE C 156 -37.67 19.29 -56.99
N ARG C 157 -36.69 18.47 -56.52
CA ARG C 157 -36.88 17.85 -55.21
C ARG C 157 -37.08 18.87 -54.10
N ASN C 158 -37.94 18.50 -53.16
CA ASN C 158 -38.33 19.37 -52.08
C ASN C 158 -37.66 19.16 -50.73
N GLU C 159 -36.59 18.36 -50.66
CA GLU C 159 -35.94 18.08 -49.36
C GLU C 159 -36.91 17.44 -48.40
N SER C 160 -37.53 16.37 -48.83
CA SER C 160 -38.58 15.72 -48.08
C SER C 160 -38.11 14.79 -46.98
N TRP C 161 -36.79 14.71 -46.73
CA TRP C 161 -36.24 13.79 -45.74
C TRP C 161 -36.85 13.92 -44.34
N HIS C 162 -37.39 15.09 -44.02
CA HIS C 162 -38.05 15.29 -42.75
C HIS C 162 -39.53 15.27 -42.98
N ILE C 163 -40.01 14.11 -43.39
CA ILE C 163 -41.40 13.95 -43.74
C ILE C 163 -42.32 14.18 -42.57
N ASP C 164 -43.42 14.87 -42.85
CA ASP C 164 -44.45 15.16 -41.87
C ASP C 164 -43.94 15.92 -40.67
N SER C 165 -43.15 16.95 -40.90
CA SER C 165 -42.65 17.68 -39.75
C SER C 165 -43.80 18.32 -38.99
N SER C 166 -43.67 18.32 -37.68
CA SER C 166 -44.63 18.97 -36.81
C SER C 166 -43.84 19.76 -35.78
N GLU C 167 -43.80 19.23 -34.57
CA GLU C 167 -43.02 19.78 -33.49
C GLU C 167 -42.35 18.64 -32.76
N PRO C 168 -41.29 18.06 -33.32
CA PRO C 168 -40.59 16.92 -32.80
C PRO C 168 -39.93 17.23 -31.48
N LEU C 169 -39.81 16.22 -30.65
CA LEU C 169 -39.14 16.37 -29.38
C LEU C 169 -37.66 16.62 -29.61
N CYS C 170 -37.05 17.45 -28.79
CA CYS C 170 -35.63 17.65 -28.96
C CYS C 170 -34.91 17.83 -27.66
N LEU C 171 -33.59 17.70 -27.73
CA LEU C 171 -32.73 17.98 -26.62
C LEU C 171 -32.00 19.27 -26.84
N PHE C 172 -31.61 19.48 -28.09
CA PHE C 172 -30.76 20.62 -28.39
C PHE C 172 -31.04 21.31 -29.70
N LYS C 173 -31.12 22.64 -29.70
CA LYS C 173 -31.13 23.35 -30.97
C LYS C 173 -30.22 24.57 -30.90
N LYS C 174 -29.26 24.71 -31.81
CA LYS C 174 -28.50 25.95 -31.89
C LYS C 174 -28.12 26.39 -33.30
N ASN C 175 -27.88 27.68 -33.47
CA ASN C 175 -27.37 28.20 -34.72
C ASN C 175 -25.96 28.76 -34.48
N PHE C 176 -25.02 28.43 -35.36
CA PHE C 176 -23.67 28.91 -35.21
C PHE C 176 -23.20 29.52 -36.52
N THR C 177 -22.82 30.77 -36.54
CA THR C 177 -22.33 31.35 -37.78
C THR C 177 -20.95 30.85 -38.14
N TYR C 178 -20.57 30.98 -39.40
CA TYR C 178 -19.21 30.61 -39.77
C TYR C 178 -18.64 31.49 -40.88
N ASN C 179 -17.32 31.51 -40.99
CA ASN C 179 -16.66 32.32 -42.00
C ASN C 179 -16.62 31.61 -43.34
N VAL C 180 -17.49 32.05 -44.23
CA VAL C 180 -17.65 31.47 -45.55
C VAL C 180 -16.42 31.49 -46.43
N SER C 181 -15.48 32.40 -46.19
CA SER C 181 -14.31 32.47 -47.04
C SER C 181 -13.44 31.22 -47.02
N ALA C 182 -13.49 30.42 -45.95
CA ALA C 182 -12.65 29.22 -45.90
C ALA C 182 -12.98 28.26 -47.03
N ASP C 183 -11.98 27.57 -47.57
CA ASP C 183 -12.34 26.56 -48.56
C ASP C 183 -12.48 25.18 -47.95
N TRP C 184 -12.27 25.06 -46.65
CA TRP C 184 -12.42 23.78 -45.99
C TRP C 184 -13.07 23.91 -44.64
N LEU C 185 -13.73 22.86 -44.19
CA LEU C 185 -14.24 22.83 -42.84
C LEU C 185 -13.74 21.59 -42.14
N TYR C 186 -13.55 21.68 -40.83
CA TYR C 186 -13.11 20.48 -40.16
C TYR C 186 -13.96 20.21 -38.96
N PHE C 187 -14.19 18.94 -38.68
CA PHE C 187 -15.02 18.60 -37.54
C PHE C 187 -14.58 17.37 -36.79
N HIS C 188 -14.96 17.30 -35.53
CA HIS C 188 -14.84 16.03 -34.86
C HIS C 188 -16.16 15.72 -34.27
N PHE C 189 -16.53 14.48 -34.31
CA PHE C 189 -17.71 14.08 -33.60
C PHE C 189 -17.38 12.85 -32.86
N TYR C 190 -17.54 12.84 -31.55
CA TYR C 190 -17.27 11.57 -30.92
C TYR C 190 -18.11 11.36 -29.72
N GLN C 191 -18.20 10.11 -29.32
CA GLN C 191 -18.96 9.78 -28.16
C GLN C 191 -18.13 9.14 -27.10
N GLU C 192 -18.31 9.61 -25.88
CA GLU C 192 -17.61 9.02 -24.76
C GLU C 192 -18.51 8.97 -23.57
N ARG C 193 -18.54 7.86 -22.86
CA ARG C 193 -19.31 7.74 -21.62
C ARG C 193 -20.76 8.22 -21.73
N GLY C 194 -21.41 7.97 -22.86
CA GLY C 194 -22.79 8.35 -23.03
C GLY C 194 -23.03 9.82 -23.42
N VAL C 195 -21.97 10.59 -23.71
CA VAL C 195 -22.21 11.97 -24.15
C VAL C 195 -21.56 12.20 -25.49
N PHE C 196 -22.07 13.19 -26.18
CA PHE C 196 -21.60 13.50 -27.50
C PHE C 196 -20.86 14.80 -27.56
N TYR C 197 -19.75 14.81 -28.26
CA TYR C 197 -18.99 16.04 -28.40
C TYR C 197 -18.90 16.48 -29.84
N ALA C 198 -19.11 17.77 -30.07
CA ALA C 198 -18.91 18.30 -31.40
C ALA C 198 -17.81 19.34 -31.39
N TYR C 199 -16.95 19.27 -32.39
CA TYR C 199 -15.87 20.22 -32.62
C TYR C 199 -15.89 20.72 -34.04
N TYR C 200 -15.42 21.94 -34.22
CA TYR C 200 -15.51 22.65 -35.47
C TYR C 200 -14.32 23.52 -35.85
N ALA C 201 -14.05 23.65 -37.15
CA ALA C 201 -13.06 24.63 -37.55
C ALA C 201 -13.37 25.29 -38.88
N ASP C 202 -12.95 26.55 -38.95
CA ASP C 202 -13.01 27.48 -40.07
C ASP C 202 -11.69 27.48 -40.85
N VAL C 203 -10.91 26.43 -40.67
CA VAL C 203 -9.53 26.29 -41.08
C VAL C 203 -8.63 27.05 -40.14
N GLY C 204 -8.93 26.90 -38.86
CA GLY C 204 -8.05 27.32 -37.78
C GLY C 204 -7.03 26.20 -37.51
N MET C 205 -7.15 25.11 -38.30
CA MET C 205 -6.37 23.89 -38.34
C MET C 205 -6.69 22.92 -37.18
N PRO C 206 -6.41 23.25 -35.91
CA PRO C 206 -7.02 22.53 -34.81
C PRO C 206 -8.49 22.82 -34.80
N THR C 207 -9.31 21.89 -34.34
CA THR C 207 -10.73 22.19 -34.19
C THR C 207 -10.98 22.81 -32.86
N THR C 208 -12.16 23.39 -32.68
CA THR C 208 -12.47 24.02 -31.43
C THR C 208 -13.79 23.53 -30.91
N PHE C 209 -14.01 23.66 -29.61
CA PHE C 209 -15.22 23.14 -29.03
C PHE C 209 -16.44 23.79 -29.60
N LEU C 210 -17.45 23.00 -29.91
CA LEU C 210 -18.67 23.62 -30.34
C LEU C 210 -19.75 23.45 -29.29
N PHE C 211 -20.11 22.20 -29.01
CA PHE C 211 -21.08 21.93 -27.93
C PHE C 211 -20.94 20.51 -27.42
N SER C 212 -21.55 20.21 -26.28
CA SER C 212 -21.63 18.83 -25.85
C SER C 212 -23.02 18.48 -25.33
N LEU C 213 -23.49 17.28 -25.65
CA LEU C 213 -24.81 16.83 -25.25
C LEU C 213 -24.86 15.42 -24.69
N TYR C 214 -25.47 15.21 -23.53
CA TYR C 214 -25.68 13.84 -23.08
C TYR C 214 -26.71 13.14 -23.93
N LEU C 215 -26.42 11.93 -24.37
CA LEU C 215 -27.44 11.18 -25.09
C LEU C 215 -27.96 10.01 -24.28
N GLY C 216 -27.04 9.31 -23.62
CA GLY C 216 -27.33 8.17 -22.78
C GLY C 216 -27.53 6.88 -23.56
N THR C 217 -27.31 6.92 -24.87
CA THR C 217 -27.39 5.73 -25.70
C THR C 217 -26.19 5.74 -26.61
N ILE C 218 -25.87 4.61 -27.20
CA ILE C 218 -24.77 4.57 -28.14
C ILE C 218 -25.21 4.87 -29.56
N LEU C 219 -24.61 5.88 -30.18
CA LEU C 219 -24.94 6.17 -31.57
C LEU C 219 -24.45 5.01 -32.42
N SER C 220 -25.19 4.58 -33.43
CA SER C 220 -24.66 3.44 -34.17
C SER C 220 -24.21 3.75 -35.57
N HIS C 221 -24.78 4.77 -36.18
CA HIS C 221 -24.45 5.07 -37.56
C HIS C 221 -24.47 6.52 -37.91
N TYR C 222 -23.86 6.82 -39.04
CA TYR C 222 -24.01 8.16 -39.56
C TYR C 222 -24.10 8.10 -41.06
N TYR C 223 -24.74 9.09 -41.64
CA TYR C 223 -24.94 9.11 -43.06
C TYR C 223 -24.83 10.49 -43.65
N VAL C 224 -24.13 10.61 -44.77
CA VAL C 224 -24.10 11.89 -45.45
C VAL C 224 -25.20 11.91 -46.46
N MET C 225 -26.12 12.86 -46.35
CA MET C 225 -27.19 12.92 -47.33
C MET C 225 -26.67 13.34 -48.69
N PRO C 226 -27.25 12.83 -49.77
CA PRO C 226 -26.98 13.20 -51.14
C PRO C 226 -27.40 14.62 -51.38
N LEU C 227 -26.72 15.29 -52.30
CA LEU C 227 -27.13 16.65 -52.63
C LEU C 227 -27.51 16.76 -54.08
N THR C 228 -28.67 17.36 -54.30
CA THR C 228 -29.16 17.61 -55.63
C THR C 228 -29.42 19.04 -55.96
N CYS C 229 -28.53 19.57 -56.78
CA CYS C 229 -28.57 20.90 -57.36
C CYS C 229 -27.92 20.95 -58.69
N ASN C 230 -28.04 22.09 -59.35
CA ASN C 230 -27.36 22.21 -60.62
C ASN C 230 -25.96 22.84 -60.41
N ALA C 231 -25.58 23.02 -59.14
CA ALA C 231 -24.25 23.44 -58.69
C ALA C 231 -23.20 22.34 -58.82
N ILE C 232 -23.68 21.11 -59.04
CA ILE C 232 -22.88 19.91 -59.16
C ILE C 232 -21.90 19.99 -60.33
N SER C 233 -20.78 19.29 -60.20
CA SER C 233 -19.71 19.29 -61.18
C SER C 233 -20.21 18.90 -62.57
N SER C 234 -19.44 19.30 -63.59
CA SER C 234 -19.82 19.23 -65.02
C SER C 234 -20.85 20.30 -65.32
N ASN C 235 -20.67 21.43 -64.64
CA ASN C 235 -21.43 22.67 -64.75
C ASN C 235 -20.39 23.77 -64.62
N THR C 236 -20.82 25.03 -64.68
CA THR C 236 -19.83 26.10 -64.72
C THR C 236 -18.89 26.06 -63.52
N ASP C 237 -17.62 26.21 -63.86
CA ASP C 237 -16.43 26.19 -63.00
C ASP C 237 -16.21 24.88 -62.23
N ASN C 238 -16.88 23.80 -62.64
CA ASN C 238 -16.62 22.47 -62.11
C ASN C 238 -16.64 22.40 -60.59
N GLU C 239 -17.65 23.00 -59.96
CA GLU C 239 -17.70 22.98 -58.49
C GLU C 239 -17.87 21.56 -58.00
N THR C 240 -17.27 21.25 -56.85
CA THR C 240 -17.36 19.88 -56.36
C THR C 240 -17.77 19.84 -54.90
N LEU C 241 -18.21 18.67 -54.50
CA LEU C 241 -18.78 18.40 -53.20
C LEU C 241 -17.97 17.52 -52.27
N GLU C 242 -16.64 17.59 -52.30
CA GLU C 242 -15.90 16.58 -51.54
C GLU C 242 -16.25 16.56 -50.07
N TYR C 243 -16.33 15.36 -49.52
CA TYR C 243 -16.59 15.18 -48.10
C TYR C 243 -15.75 14.01 -47.68
N TRP C 244 -14.79 14.24 -46.80
CA TRP C 244 -13.88 13.19 -46.45
C TRP C 244 -13.93 12.82 -44.98
N VAL C 245 -13.83 11.52 -44.67
CA VAL C 245 -13.79 11.14 -43.27
C VAL C 245 -12.70 10.16 -42.91
N THR C 246 -12.33 10.16 -41.63
CA THR C 246 -11.49 9.12 -41.09
C THR C 246 -12.02 8.75 -39.71
N PRO C 247 -11.72 7.56 -39.19
CA PRO C 247 -12.01 7.07 -37.85
C PRO C 247 -11.23 7.78 -36.74
N LEU C 248 -11.82 7.81 -35.55
CA LEU C 248 -11.15 8.30 -34.35
C LEU C 248 -10.93 7.19 -33.35
N SER C 249 -9.88 7.31 -32.56
CA SER C 249 -9.62 6.37 -31.48
C SER C 249 -9.00 7.12 -30.33
N ARG C 250 -9.06 6.57 -29.12
CA ARG C 250 -8.36 7.29 -28.07
C ARG C 250 -6.90 7.16 -28.38
N ARG C 251 -6.14 8.22 -28.25
CA ARG C 251 -4.72 8.10 -28.52
C ARG C 251 -3.91 9.03 -27.67
N GLN C 252 -2.64 8.70 -27.45
CA GLN C 252 -1.79 9.66 -26.80
C GLN C 252 -1.18 10.59 -27.83
N TYR C 253 -1.24 11.88 -27.55
CA TYR C 253 -0.63 12.90 -28.39
C TYR C 253 0.19 13.87 -27.63
N LEU C 254 1.17 14.42 -28.32
CA LEU C 254 2.03 15.41 -27.73
C LEU C 254 1.80 16.68 -28.49
N LEU C 255 1.58 17.77 -27.77
CA LEU C 255 1.26 19.04 -28.41
C LEU C 255 2.14 20.16 -27.95
N ASN C 256 2.45 21.07 -28.84
CA ASN C 256 3.16 22.26 -28.45
C ASN C 256 2.29 23.50 -28.57
N PHE C 257 2.29 24.31 -27.54
CA PHE C 257 1.56 25.56 -27.50
C PHE C 257 2.53 26.73 -27.47
N ASP C 258 2.36 27.67 -28.39
CA ASP C 258 3.23 28.84 -28.40
C ASP C 258 2.79 29.78 -27.30
N GLU C 259 3.49 30.91 -27.14
CA GLU C 259 3.15 31.85 -26.08
C GLU C 259 1.78 32.50 -26.21
N HIS C 260 1.13 32.37 -27.36
CA HIS C 260 -0.21 32.92 -27.54
C HIS C 260 -1.25 31.84 -27.35
N GLY C 261 -0.81 30.63 -26.97
CA GLY C 261 -1.68 29.51 -26.75
C GLY C 261 -2.09 28.82 -28.04
N VAL C 262 -1.48 29.20 -29.15
CA VAL C 262 -1.83 28.59 -30.40
C VAL C 262 -1.20 27.22 -30.50
N ILE C 263 -1.97 26.22 -30.92
CA ILE C 263 -1.33 24.93 -31.13
C ILE C 263 -0.44 25.01 -32.36
N THR C 264 0.76 24.51 -32.22
CA THR C 264 1.73 24.57 -33.29
C THR C 264 1.94 23.20 -33.87
N ASN C 265 2.77 22.42 -33.20
CA ASN C 265 3.09 21.09 -33.64
C ASN C 265 2.49 20.06 -32.73
N ALA C 266 2.00 19.00 -33.31
CA ALA C 266 1.48 17.93 -32.47
C ALA C 266 1.70 16.61 -33.13
N VAL C 267 1.87 15.57 -32.34
CA VAL C 267 2.13 14.32 -32.99
C VAL C 267 1.43 13.13 -32.39
N ASP C 268 1.09 12.17 -33.26
CA ASP C 268 0.60 10.88 -32.83
C ASP C 268 1.84 10.18 -32.46
N CYS C 269 2.30 10.42 -31.25
CA CYS C 269 3.61 9.96 -30.92
C CYS C 269 3.75 8.43 -30.92
N SER C 270 2.64 7.71 -30.88
CA SER C 270 2.69 6.27 -30.96
C SER C 270 2.81 5.71 -32.38
N SER C 271 2.81 6.59 -33.39
CA SER C 271 2.84 6.11 -34.76
C SER C 271 4.22 5.76 -35.33
N SER C 272 5.29 6.19 -34.70
CA SER C 272 6.60 5.82 -35.21
C SER C 272 7.63 5.76 -34.12
N PHE C 273 8.76 5.10 -34.38
CA PHE C 273 9.81 5.06 -33.39
C PHE C 273 10.42 6.43 -33.19
N LEU C 274 10.46 7.20 -34.27
CA LEU C 274 10.98 8.54 -34.21
C LEU C 274 10.14 9.39 -33.31
N SER C 275 8.84 9.20 -33.39
CA SER C 275 7.97 9.94 -32.51
C SER C 275 7.78 9.27 -31.16
N GLU C 276 8.10 7.99 -31.06
CA GLU C 276 7.93 7.33 -29.79
C GLU C 276 8.86 7.89 -28.76
N ILE C 277 10.08 8.21 -29.17
CA ILE C 277 10.95 8.86 -28.23
C ILE C 277 10.45 10.22 -27.82
N GLN C 278 9.72 10.88 -28.70
CA GLN C 278 9.15 12.15 -28.34
C GLN C 278 8.12 11.98 -27.24
N CYS C 279 7.36 10.86 -27.28
CA CYS C 279 6.36 10.61 -26.24
C CYS C 279 7.07 10.50 -24.91
N LYS C 280 8.17 9.75 -24.94
CA LYS C 280 8.96 9.46 -23.75
C LYS C 280 9.64 10.66 -23.15
N THR C 281 10.12 11.57 -23.99
CA THR C 281 10.78 12.74 -23.49
C THR C 281 9.87 13.94 -23.36
N GLN C 282 8.63 13.80 -23.83
CA GLN C 282 7.66 14.88 -23.81
C GLN C 282 8.18 16.09 -24.54
N SER C 283 8.91 15.85 -25.62
CA SER C 283 9.49 16.94 -26.38
C SER C 283 9.60 16.59 -27.83
N PHE C 284 9.73 17.60 -28.66
CA PHE C 284 9.89 17.36 -30.07
C PHE C 284 11.35 17.38 -30.49
N ALA C 285 12.27 17.46 -29.51
CA ALA C 285 13.69 17.48 -29.83
C ALA C 285 14.56 16.85 -28.73
N PRO C 286 14.61 15.52 -28.61
CA PRO C 286 15.40 14.77 -27.62
C PRO C 286 16.89 15.03 -27.79
N ASN C 287 17.63 14.94 -26.70
CA ASN C 287 19.06 15.21 -26.76
C ASN C 287 19.88 13.98 -27.08
N THR C 288 19.96 13.63 -28.36
CA THR C 288 20.72 12.46 -28.79
C THR C 288 20.40 11.28 -27.87
N GLY C 289 21.42 10.55 -27.44
CA GLY C 289 21.26 9.48 -26.47
C GLY C 289 20.88 8.13 -27.05
N VAL C 290 20.65 7.19 -26.15
CA VAL C 290 20.24 5.84 -26.48
C VAL C 290 19.04 5.51 -25.63
N TYR C 291 18.04 4.87 -26.21
CA TYR C 291 16.84 4.61 -25.46
C TYR C 291 16.27 3.25 -25.69
N ASP C 292 15.51 2.76 -24.72
CA ASP C 292 14.80 1.53 -24.92
C ASP C 292 13.31 1.79 -25.03
N LEU C 293 12.69 1.14 -26.01
CA LEU C 293 11.27 1.32 -26.26
C LEU C 293 10.52 -0.01 -26.18
N SER C 294 9.29 0.04 -25.73
CA SER C 294 8.47 -1.16 -25.64
C SER C 294 7.45 -1.20 -26.76
N THR C 303 -4.84 -19.22 -33.79
CA THR C 303 -5.34 -19.58 -32.48
C THR C 303 -5.83 -21.01 -32.49
N VAL C 304 -5.82 -21.67 -31.34
CA VAL C 304 -6.34 -23.04 -31.31
C VAL C 304 -7.37 -23.22 -30.23
N TYR C 305 -8.24 -24.19 -30.43
CA TYR C 305 -9.29 -24.42 -29.48
C TYR C 305 -9.59 -25.90 -29.31
N ARG C 306 -9.81 -26.34 -28.08
CA ARG C 306 -10.21 -27.72 -27.95
C ARG C 306 -11.22 -28.00 -26.83
N ARG C 307 -12.11 -28.93 -27.10
CA ARG C 307 -13.09 -29.45 -26.15
C ARG C 307 -13.29 -30.92 -26.40
N ILE C 308 -13.80 -31.64 -25.41
CA ILE C 308 -14.02 -33.04 -25.62
C ILE C 308 -15.22 -33.24 -26.55
N PRO C 309 -15.07 -33.99 -27.64
CA PRO C 309 -16.06 -34.34 -28.63
C PRO C 309 -17.15 -35.25 -28.10
N ASN C 310 -18.32 -35.15 -28.69
CA ASN C 310 -19.45 -36.04 -28.45
C ASN C 310 -19.87 -36.18 -27.00
N LEU C 311 -19.97 -35.08 -26.29
CA LEU C 311 -20.45 -35.17 -24.94
C LEU C 311 -21.91 -35.59 -24.99
N PRO C 312 -22.37 -36.38 -24.03
CA PRO C 312 -23.73 -36.91 -23.86
C PRO C 312 -24.77 -35.82 -23.69
N ASP C 313 -24.30 -34.63 -23.32
CA ASP C 313 -25.06 -33.43 -23.05
C ASP C 313 -25.76 -33.59 -21.73
N CYS C 314 -26.40 -32.52 -21.30
CA CYS C 314 -27.19 -32.59 -20.08
C CYS C 314 -28.38 -31.69 -20.15
N ASP C 315 -29.29 -31.88 -19.21
CA ASP C 315 -30.51 -31.13 -19.23
C ASP C 315 -30.94 -30.66 -17.87
N ILE C 316 -30.38 -29.54 -17.46
CA ILE C 316 -30.74 -28.91 -16.22
C ILE C 316 -32.19 -28.47 -16.21
N ASP C 317 -32.67 -28.09 -17.40
CA ASP C 317 -34.01 -27.56 -17.56
C ASP C 317 -35.11 -28.47 -17.13
N ASN C 318 -35.01 -29.76 -17.42
CA ASN C 318 -36.09 -30.61 -17.05
C ASN C 318 -36.20 -30.74 -15.56
N TRP C 319 -35.06 -30.81 -14.88
CA TRP C 319 -35.14 -30.84 -13.45
C TRP C 319 -35.78 -29.56 -12.91
N LEU C 320 -35.43 -28.43 -13.52
CA LEU C 320 -36.03 -27.16 -13.12
C LEU C 320 -37.51 -27.10 -13.42
N ASN C 321 -37.92 -27.80 -14.47
CA ASN C 321 -39.30 -27.87 -14.88
C ASN C 321 -40.02 -29.10 -14.41
N ASN C 322 -39.46 -29.84 -13.44
CA ASN C 322 -40.17 -31.01 -12.99
C ASN C 322 -41.45 -30.51 -12.37
N VAL C 323 -42.54 -31.19 -12.65
CA VAL C 323 -43.83 -30.75 -12.18
C VAL C 323 -43.91 -30.57 -10.68
N SER C 324 -43.26 -31.45 -9.93
CA SER C 324 -43.27 -31.27 -8.49
C SER C 324 -42.30 -30.20 -8.06
N VAL C 325 -42.72 -29.39 -7.11
CA VAL C 325 -41.83 -28.41 -6.53
C VAL C 325 -41.83 -28.61 -5.05
N PRO C 326 -40.74 -29.00 -4.45
CA PRO C 326 -40.64 -29.17 -3.03
C PRO C 326 -40.75 -27.85 -2.32
N SER C 327 -41.31 -27.91 -1.14
CA SER C 327 -41.30 -26.84 -0.18
C SER C 327 -39.87 -26.72 0.28
N PRO C 328 -39.39 -25.56 0.71
CA PRO C 328 -38.09 -25.38 1.28
C PRO C 328 -37.90 -26.34 2.44
N LEU C 329 -39.00 -26.73 3.09
CA LEU C 329 -38.92 -27.72 4.15
C LEU C 329 -38.29 -29.04 3.71
N ASN C 330 -38.55 -29.44 2.48
CA ASN C 330 -38.02 -30.64 1.87
C ASN C 330 -37.18 -30.34 0.65
N TRP C 331 -36.44 -29.22 0.64
CA TRP C 331 -35.75 -28.76 -0.56
C TRP C 331 -34.80 -29.80 -1.15
N GLU C 332 -34.71 -29.79 -2.50
CA GLU C 332 -33.97 -30.81 -3.23
C GLU C 332 -32.71 -30.36 -3.95
N ARG C 333 -31.73 -31.26 -3.96
CA ARG C 333 -30.48 -31.08 -4.66
C ARG C 333 -30.28 -32.06 -5.78
N ARG C 334 -29.70 -31.58 -6.88
CA ARG C 334 -29.32 -32.46 -7.97
C ARG C 334 -28.01 -31.98 -8.55
N ILE C 335 -27.21 -32.89 -9.10
CA ILE C 335 -25.95 -32.42 -9.64
C ILE C 335 -25.77 -32.87 -11.07
N PHE C 336 -24.89 -32.18 -11.79
CA PHE C 336 -24.62 -32.53 -13.16
C PHE C 336 -23.13 -32.54 -13.42
N SER C 337 -22.68 -33.50 -14.22
CA SER C 337 -21.27 -33.61 -14.56
C SER C 337 -21.06 -34.22 -15.93
N ASN C 338 -19.85 -34.05 -16.47
CA ASN C 338 -19.46 -34.62 -17.75
C ASN C 338 -20.41 -34.24 -18.85
N CYS C 339 -20.75 -32.96 -18.96
CA CYS C 339 -21.73 -32.64 -19.98
C CYS C 339 -21.59 -31.32 -20.67
N ASN C 340 -22.37 -31.19 -21.71
CA ASN C 340 -22.44 -30.02 -22.53
C ASN C 340 -23.73 -29.26 -22.30
N PHE C 341 -23.62 -27.95 -22.11
CA PHE C 341 -24.83 -27.15 -21.89
C PHE C 341 -24.71 -25.74 -22.44
N ASN C 342 -25.85 -25.09 -22.62
CA ASN C 342 -25.84 -23.70 -23.08
C ASN C 342 -26.65 -22.86 -22.12
N LEU C 343 -25.96 -21.99 -21.39
CA LEU C 343 -26.64 -21.16 -20.40
C LEU C 343 -27.69 -20.24 -20.95
N SER C 344 -27.42 -19.59 -22.08
CA SER C 344 -28.43 -18.69 -22.56
C SER C 344 -29.70 -19.42 -22.93
N THR C 345 -29.55 -20.66 -23.40
CA THR C 345 -30.71 -21.44 -23.73
C THR C 345 -31.47 -21.81 -22.52
N LEU C 346 -30.73 -22.15 -21.47
CA LEU C 346 -31.37 -22.52 -20.24
C LEU C 346 -32.18 -21.39 -19.69
N LEU C 347 -31.64 -20.19 -19.76
CA LEU C 347 -32.37 -19.04 -19.30
C LEU C 347 -33.59 -18.75 -20.15
N ARG C 348 -33.47 -18.94 -21.47
CA ARG C 348 -34.60 -18.71 -22.34
C ARG C 348 -35.75 -19.65 -22.09
N LEU C 349 -35.43 -20.89 -21.72
CA LEU C 349 -36.42 -21.91 -21.47
C LEU C 349 -37.31 -21.70 -20.26
N VAL C 350 -36.97 -20.80 -19.36
CA VAL C 350 -37.84 -20.60 -18.23
C VAL C 350 -38.18 -19.14 -18.05
N HIS C 351 -39.25 -18.88 -17.33
CA HIS C 351 -39.64 -17.52 -17.12
C HIS C 351 -38.81 -16.91 -16.02
N VAL C 352 -37.65 -16.38 -16.36
CA VAL C 352 -36.78 -15.82 -15.35
C VAL C 352 -37.26 -14.46 -14.89
N ASP C 353 -37.48 -14.27 -13.59
CA ASP C 353 -37.76 -12.93 -13.13
C ASP C 353 -36.52 -12.22 -12.59
N SER C 354 -35.47 -12.97 -12.30
CA SER C 354 -34.20 -12.36 -11.92
C SER C 354 -33.02 -13.30 -12.08
N PHE C 355 -31.85 -12.74 -12.31
CA PHE C 355 -30.65 -13.56 -12.30
C PHE C 355 -29.49 -12.80 -11.70
N SER C 356 -28.77 -13.41 -10.78
CA SER C 356 -27.59 -12.75 -10.22
C SER C 356 -26.61 -13.78 -9.78
N CYS C 357 -25.37 -13.40 -9.54
CA CYS C 357 -24.42 -14.41 -9.09
C CYS C 357 -23.47 -13.89 -8.04
N ASN C 358 -22.76 -14.82 -7.42
CA ASN C 358 -21.78 -14.54 -6.39
C ASN C 358 -20.39 -15.00 -6.80
N ASN C 359 -19.50 -14.03 -6.90
CA ASN C 359 -18.10 -14.22 -7.25
C ASN C 359 -17.86 -14.71 -8.67
N LEU C 360 -18.85 -14.56 -9.55
CA LEU C 360 -18.64 -14.86 -10.96
C LEU C 360 -19.17 -13.75 -11.81
N ASP C 361 -18.40 -13.29 -12.78
CA ASP C 361 -19.05 -12.38 -13.69
C ASP C 361 -19.93 -13.21 -14.59
N LYS C 362 -21.18 -12.81 -14.76
CA LYS C 362 -22.08 -13.57 -15.60
C LYS C 362 -21.55 -13.80 -17.01
N SER C 363 -20.80 -12.82 -17.55
CA SER C 363 -20.24 -12.99 -18.87
C SER C 363 -19.24 -14.11 -18.97
N LYS C 364 -18.59 -14.41 -17.86
CA LYS C 364 -17.58 -15.43 -17.89
C LYS C 364 -18.13 -16.80 -17.76
N ILE C 365 -19.34 -16.90 -17.23
CA ILE C 365 -19.95 -18.19 -17.13
C ILE C 365 -20.14 -18.80 -18.51
N PHE C 366 -20.42 -17.96 -19.49
CA PHE C 366 -20.63 -18.46 -20.83
C PHE C 366 -19.40 -19.10 -21.46
N GLY C 367 -18.20 -18.59 -21.18
CA GLY C 367 -17.00 -19.26 -21.70
C GLY C 367 -16.42 -20.29 -20.74
N SER C 368 -16.88 -20.28 -19.50
CA SER C 368 -16.43 -21.20 -18.47
C SER C 368 -16.83 -22.64 -18.67
N CYS C 369 -16.02 -23.53 -18.11
CA CYS C 369 -16.34 -24.93 -18.14
C CYS C 369 -16.59 -25.48 -16.74
N PHE C 370 -15.86 -24.96 -15.77
CA PHE C 370 -15.95 -25.39 -14.40
C PHE C 370 -15.64 -26.90 -14.30
N ASN C 371 -16.33 -27.55 -13.38
CA ASN C 371 -16.32 -28.98 -13.14
C ASN C 371 -17.78 -29.29 -13.01
N SER C 372 -18.12 -30.26 -12.19
CA SER C 372 -19.52 -30.56 -11.96
C SER C 372 -20.21 -29.33 -11.34
N ILE C 373 -21.52 -29.27 -11.58
CA ILE C 373 -22.35 -28.17 -11.13
C ILE C 373 -23.43 -28.70 -10.24
N THR C 374 -23.77 -27.97 -9.20
CA THR C 374 -24.80 -28.44 -8.32
C THR C 374 -25.94 -27.46 -8.30
N VAL C 375 -27.15 -27.96 -8.15
CA VAL C 375 -28.27 -27.05 -8.07
C VAL C 375 -29.28 -27.43 -7.01
N ASP C 376 -29.76 -26.44 -6.28
CA ASP C 376 -30.78 -26.65 -5.26
C ASP C 376 -32.06 -25.91 -5.58
N LYS C 377 -33.23 -26.50 -5.39
CA LYS C 377 -34.42 -25.66 -5.60
C LYS C 377 -35.51 -25.83 -4.58
N PHE C 378 -36.25 -24.76 -4.39
CA PHE C 378 -37.46 -24.77 -3.58
C PHE C 378 -38.47 -23.69 -3.92
N ALA C 379 -39.73 -23.95 -3.60
CA ALA C 379 -40.78 -22.94 -3.77
C ALA C 379 -40.53 -21.75 -2.87
N ILE C 380 -40.86 -20.56 -3.33
CA ILE C 380 -40.78 -19.37 -2.48
C ILE C 380 -42.11 -18.86 -1.95
N PRO C 381 -42.31 -18.87 -0.63
CA PRO C 381 -43.45 -18.29 0.05
C PRO C 381 -43.39 -16.80 -0.19
N ASN C 382 -44.52 -16.13 -0.29
CA ASN C 382 -44.41 -14.71 -0.52
C ASN C 382 -43.93 -13.90 0.69
N ARG C 383 -44.45 -14.26 1.85
CA ARG C 383 -44.17 -13.54 3.08
C ARG C 383 -42.71 -13.38 3.49
N ARG C 384 -41.90 -14.41 3.28
CA ARG C 384 -40.52 -14.35 3.70
C ARG C 384 -39.49 -14.28 2.60
N ARG C 385 -39.90 -13.89 1.39
CA ARG C 385 -38.98 -13.84 0.25
C ARG C 385 -37.68 -13.05 0.50
N ASP C 386 -37.68 -12.14 1.46
CA ASP C 386 -36.50 -11.32 1.70
C ASP C 386 -35.41 -12.01 2.49
N ASP C 387 -35.57 -13.28 2.82
CA ASP C 387 -34.48 -13.97 3.48
C ASP C 387 -33.50 -14.57 2.44
N LEU C 388 -33.72 -14.30 1.16
CA LEU C 388 -32.87 -14.81 0.09
C LEU C 388 -31.70 -13.89 -0.26
N GLN C 389 -31.46 -12.89 0.58
CA GLN C 389 -30.47 -11.85 0.36
C GLN C 389 -28.99 -12.22 0.45
N LEU C 390 -28.65 -13.49 0.70
CA LEU C 390 -27.23 -13.93 0.72
C LEU C 390 -26.44 -13.52 1.94
N GLY C 391 -26.66 -14.26 3.02
CA GLY C 391 -26.02 -14.02 4.31
C GLY C 391 -26.88 -13.19 5.23
N SER C 392 -28.01 -12.75 4.72
CA SER C 392 -28.99 -12.11 5.56
C SER C 392 -29.54 -13.12 6.54
N SER C 393 -30.05 -12.61 7.63
CA SER C 393 -30.68 -13.40 8.68
C SER C 393 -32.09 -13.82 8.27
N GLY C 394 -32.83 -14.37 9.22
CA GLY C 394 -34.19 -14.84 9.00
C GLY C 394 -34.33 -16.34 8.84
N PHE C 395 -35.57 -16.78 8.74
CA PHE C 395 -35.87 -18.19 8.78
C PHE C 395 -35.29 -19.02 7.65
N LEU C 396 -35.26 -18.49 6.44
CA LEU C 396 -34.75 -19.34 5.39
C LEU C 396 -33.27 -19.55 5.50
N GLN C 397 -32.59 -18.62 6.14
CA GLN C 397 -31.17 -18.71 6.32
C GLN C 397 -30.76 -19.32 7.62
N SER C 398 -31.73 -19.74 8.42
CA SER C 398 -31.41 -20.28 9.71
C SER C 398 -32.11 -21.57 9.97
N SER C 399 -33.43 -21.52 10.01
CA SER C 399 -34.18 -22.72 10.27
C SER C 399 -34.47 -23.55 9.03
N ASN C 400 -33.98 -23.15 7.87
CA ASN C 400 -34.31 -23.97 6.73
C ASN C 400 -33.20 -24.28 5.74
N TYR C 401 -32.80 -23.32 4.91
CA TYR C 401 -31.83 -23.64 3.89
C TYR C 401 -30.41 -23.31 4.25
N LYS C 402 -30.17 -22.16 4.88
CA LYS C 402 -28.83 -21.83 5.33
C LYS C 402 -27.82 -21.75 4.18
N ILE C 403 -28.10 -20.87 3.21
CA ILE C 403 -27.25 -20.82 2.01
C ILE C 403 -25.83 -20.45 2.34
N ASP C 404 -24.91 -21.13 1.68
CA ASP C 404 -23.50 -20.90 1.88
C ASP C 404 -23.04 -19.65 1.14
N ILE C 405 -22.51 -18.70 1.89
CA ILE C 405 -21.95 -17.49 1.30
C ILE C 405 -20.69 -17.73 0.47
N SER C 406 -19.86 -18.66 0.93
CA SER C 406 -18.56 -18.92 0.33
C SER C 406 -18.59 -19.58 -1.04
N SER C 407 -17.50 -19.36 -1.76
CA SER C 407 -17.20 -19.87 -3.09
C SER C 407 -18.06 -19.26 -4.17
N SER C 408 -17.92 -19.79 -5.39
CA SER C 408 -18.75 -19.29 -6.44
C SER C 408 -20.13 -19.89 -6.34
N SER C 409 -21.12 -19.08 -6.65
CA SER C 409 -22.48 -19.57 -6.70
C SER C 409 -23.27 -18.67 -7.58
N CYS C 410 -24.46 -19.07 -7.92
CA CYS C 410 -25.28 -18.14 -8.65
C CYS C 410 -26.72 -18.38 -8.26
N GLN C 411 -27.61 -17.46 -8.56
CA GLN C 411 -28.98 -17.67 -8.16
C GLN C 411 -29.95 -17.29 -9.23
N LEU C 412 -31.05 -18.02 -9.23
CA LEU C 412 -32.06 -17.83 -10.21
C LEU C 412 -33.44 -17.68 -9.61
N TYR C 413 -34.16 -16.69 -10.06
CA TYR C 413 -35.53 -16.55 -9.69
C TYR C 413 -36.33 -16.77 -10.93
N TYR C 414 -37.17 -17.77 -10.93
CA TYR C 414 -37.95 -18.01 -12.12
C TYR C 414 -39.28 -18.51 -11.66
N SER C 415 -40.24 -18.54 -12.55
CA SER C 415 -41.50 -19.05 -12.09
C SER C 415 -42.17 -19.93 -13.10
N LEU C 416 -43.07 -20.76 -12.62
CA LEU C 416 -43.78 -21.68 -13.48
C LEU C 416 -45.27 -21.50 -13.39
N PRO C 417 -46.00 -21.79 -14.45
CA PRO C 417 -47.43 -21.68 -14.59
C PRO C 417 -48.21 -22.55 -13.63
N LEU C 418 -49.38 -22.03 -13.30
CA LEU C 418 -50.43 -22.70 -12.55
C LEU C 418 -50.98 -23.86 -13.35
N VAL C 419 -51.55 -24.85 -12.67
CA VAL C 419 -52.10 -26.08 -13.28
C VAL C 419 -51.04 -27.12 -13.54
N ASN C 420 -49.99 -26.74 -14.24
CA ASN C 420 -48.95 -27.68 -14.59
C ASN C 420 -47.93 -27.93 -13.48
N VAL C 421 -48.15 -27.40 -12.26
CA VAL C 421 -47.26 -27.68 -11.15
C VAL C 421 -47.98 -28.16 -9.91
N THR C 422 -47.25 -28.86 -9.05
CA THR C 422 -47.73 -29.33 -7.74
C THR C 422 -46.66 -29.11 -6.69
N ILE C 423 -47.03 -29.21 -5.41
CA ILE C 423 -46.05 -29.01 -4.35
C ILE C 423 -45.89 -30.23 -3.46
N ASN C 424 -44.63 -30.53 -3.11
CA ASN C 424 -44.29 -31.67 -2.27
C ASN C 424 -43.76 -31.20 -0.93
N ASN C 425 -44.12 -31.91 0.14
CA ASN C 425 -43.84 -31.46 1.50
C ASN C 425 -43.25 -32.57 2.40
N PHE C 426 -43.56 -32.49 3.70
CA PHE C 426 -43.18 -33.46 4.74
C PHE C 426 -41.73 -33.31 5.22
N ASN C 427 -40.94 -34.38 5.12
CA ASN C 427 -39.54 -34.39 5.58
C ASN C 427 -39.30 -34.02 7.05
N PRO C 428 -40.08 -34.57 7.97
CA PRO C 428 -39.95 -34.40 9.41
C PRO C 428 -38.68 -35.04 9.90
N SER C 429 -38.11 -34.56 11.02
CA SER C 429 -36.99 -35.28 11.62
C SER C 429 -37.44 -36.69 12.03
N SER C 430 -38.71 -36.82 12.44
CA SER C 430 -39.32 -38.11 12.65
C SER C 430 -40.82 -38.04 12.39
N TRP C 431 -41.35 -39.09 11.80
CA TRP C 431 -42.78 -39.19 11.55
C TRP C 431 -43.49 -40.14 12.49
N ASN C 432 -42.79 -40.67 13.49
CA ASN C 432 -43.35 -41.75 14.29
C ASN C 432 -44.19 -41.27 15.45
N ARG C 433 -44.55 -40.00 15.41
CA ARG C 433 -45.45 -39.39 16.32
C ARG C 433 -46.78 -39.12 15.60
N ARG C 434 -46.99 -39.83 14.47
CA ARG C 434 -48.19 -39.74 13.62
C ARG C 434 -48.25 -38.43 12.83
N TYR C 435 -47.10 -38.05 12.30
CA TYR C 435 -46.88 -36.87 11.47
C TYR C 435 -47.56 -36.84 10.10
N GLY C 436 -47.94 -35.64 9.67
CA GLY C 436 -48.44 -35.38 8.32
C GLY C 436 -49.47 -34.26 8.24
N PHE C 437 -49.21 -33.34 7.31
CA PHE C 437 -50.02 -32.15 7.07
C PHE C 437 -51.41 -32.43 6.51
N GLY C 438 -52.39 -31.65 6.95
CA GLY C 438 -53.71 -31.66 6.31
C GLY C 438 -53.80 -30.58 5.22
N SER C 439 -52.72 -29.83 5.06
CA SER C 439 -52.58 -28.71 4.12
C SER C 439 -52.63 -29.07 2.64
N PHE C 440 -53.15 -28.14 1.84
CA PHE C 440 -53.31 -28.34 0.40
C PHE C 440 -53.34 -27.04 -0.44
N ASN C 441 -53.31 -27.22 -1.77
CA ASN C 441 -53.50 -26.14 -2.76
C ASN C 441 -52.58 -24.92 -2.90
N LEU C 442 -51.31 -25.16 -3.20
CA LEU C 442 -50.37 -24.09 -3.58
C LEU C 442 -49.83 -23.21 -2.47
N SER C 443 -49.30 -23.84 -1.44
CA SER C 443 -48.69 -23.10 -0.36
C SER C 443 -47.45 -23.86 0.07
N SER C 444 -46.56 -23.19 0.78
CA SER C 444 -45.29 -23.79 1.14
C SER C 444 -44.84 -23.40 2.53
N TYR C 445 -43.99 -24.23 3.13
CA TYR C 445 -43.60 -24.03 4.52
C TYR C 445 -42.27 -23.35 4.65
N ASP C 446 -42.25 -22.27 5.42
CA ASP C 446 -40.99 -21.59 5.66
C ASP C 446 -40.31 -22.09 6.95
N VAL C 447 -40.88 -23.14 7.56
CA VAL C 447 -40.36 -23.86 8.72
C VAL C 447 -40.55 -23.19 10.05
N VAL C 448 -40.05 -21.96 10.15
CA VAL C 448 -40.12 -21.09 11.31
C VAL C 448 -39.13 -21.61 12.34
N TYR C 449 -39.58 -22.40 13.32
CA TYR C 449 -38.66 -22.98 14.29
C TYR C 449 -38.05 -24.28 13.81
N SER C 450 -36.75 -24.46 14.08
CA SER C 450 -36.02 -25.68 13.76
C SER C 450 -36.49 -26.88 14.59
N ASP C 451 -36.40 -28.08 14.00
CA ASP C 451 -36.75 -29.29 14.74
C ASP C 451 -35.81 -29.50 15.91
N HIS C 452 -36.38 -29.86 17.06
CA HIS C 452 -35.61 -30.10 18.27
C HIS C 452 -35.37 -31.57 18.60
N CYS C 453 -35.61 -32.48 17.66
CA CYS C 453 -35.47 -33.91 17.92
C CYS C 453 -34.05 -34.35 18.26
N PHE C 454 -33.98 -35.33 19.15
CA PHE C 454 -32.74 -35.92 19.65
C PHE C 454 -33.00 -37.41 19.89
N SER C 455 -31.94 -38.20 20.04
CA SER C 455 -32.14 -39.65 20.15
C SER C 455 -33.00 -40.05 21.35
N VAL C 456 -33.80 -41.09 21.16
CA VAL C 456 -34.76 -41.60 22.14
C VAL C 456 -35.67 -40.50 22.70
N ASN C 457 -36.19 -39.64 21.83
CA ASN C 457 -37.11 -38.60 22.25
C ASN C 457 -38.52 -39.13 22.33
N SER C 458 -39.07 -39.22 23.53
CA SER C 458 -40.43 -39.69 23.70
C SER C 458 -41.05 -39.11 24.94
N ASP C 459 -42.36 -39.27 25.06
CA ASP C 459 -43.05 -38.91 26.29
C ASP C 459 -42.71 -40.01 27.30
N PHE C 460 -43.16 -39.87 28.54
CA PHE C 460 -42.78 -40.86 29.55
C PHE C 460 -43.87 -41.76 30.08
N CYS C 461 -43.43 -42.90 30.59
CA CYS C 461 -44.27 -43.96 31.13
C CYS C 461 -45.03 -43.53 32.39
N PRO C 462 -46.26 -44.00 32.58
CA PRO C 462 -47.16 -43.75 33.70
C PRO C 462 -46.61 -44.22 35.03
N CYS C 463 -47.02 -43.54 36.09
CA CYS C 463 -46.60 -43.87 37.44
C CYS C 463 -47.81 -44.10 38.34
N PHE C 559 -48.54 -30.41 16.11
CA PHE C 559 -47.14 -30.12 15.84
C PHE C 559 -46.86 -28.62 15.83
N LEU C 560 -46.26 -28.17 16.92
CA LEU C 560 -45.84 -26.79 17.19
C LEU C 560 -44.72 -26.22 16.34
N GLY C 561 -44.73 -24.88 16.21
CA GLY C 561 -43.62 -24.14 15.60
C GLY C 561 -43.48 -23.99 14.08
N TRP C 562 -44.45 -24.36 13.27
CA TRP C 562 -44.26 -24.18 11.83
C TRP C 562 -45.36 -23.35 11.18
N SER C 563 -45.03 -22.76 10.03
CA SER C 563 -45.95 -21.94 9.26
C SER C 563 -45.69 -21.99 7.78
N PHE C 564 -46.66 -21.49 7.03
CA PHE C 564 -46.64 -21.54 5.60
C PHE C 564 -47.28 -20.33 4.97
N ASP C 565 -47.01 -20.16 3.68
CA ASP C 565 -47.61 -19.08 2.91
C ASP C 565 -47.81 -19.52 1.48
N SER C 566 -48.71 -18.84 0.80
CA SER C 566 -48.98 -19.12 -0.59
C SER C 566 -47.79 -18.77 -1.46
N CYS C 567 -47.71 -19.46 -2.60
CA CYS C 567 -46.69 -19.18 -3.59
C CYS C 567 -47.27 -18.73 -4.88
N ILE C 568 -47.97 -17.62 -4.87
CA ILE C 568 -48.53 -17.18 -6.11
C ILE C 568 -48.37 -15.71 -6.40
N SER C 569 -48.10 -15.42 -7.64
CA SER C 569 -48.15 -14.07 -8.15
C SER C 569 -48.64 -14.24 -9.56
N ASN C 570 -49.37 -13.28 -10.08
CA ASN C 570 -49.90 -13.42 -11.43
C ASN C 570 -50.51 -14.83 -11.61
N ASN C 571 -50.11 -15.51 -12.69
CA ASN C 571 -50.47 -16.88 -13.01
C ASN C 571 -49.32 -17.83 -12.74
N ARG C 572 -48.40 -17.41 -11.88
CA ARG C 572 -47.14 -18.12 -11.65
C ARG C 572 -46.75 -18.40 -10.18
N CYS C 573 -45.92 -19.42 -10.00
CA CYS C 573 -45.35 -19.69 -8.68
C CYS C 573 -43.85 -19.51 -8.72
N ASN C 574 -43.36 -18.67 -7.83
CA ASN C 574 -41.95 -18.36 -7.77
C ASN C 574 -41.14 -19.51 -7.28
N ILE C 575 -40.02 -19.73 -7.95
CA ILE C 575 -39.12 -20.78 -7.56
C ILE C 575 -37.73 -20.24 -7.43
N PHE C 576 -37.09 -20.59 -6.35
CA PHE C 576 -35.73 -20.17 -6.14
C PHE C 576 -34.78 -21.27 -6.45
N SER C 577 -33.75 -20.95 -7.19
CA SER C 577 -32.75 -21.95 -7.45
C SER C 577 -31.38 -21.42 -7.13
N ASN C 578 -30.54 -22.31 -6.63
CA ASN C 578 -29.18 -21.95 -6.31
C ASN C 578 -28.22 -22.82 -7.08
N PHE C 579 -27.30 -22.20 -7.77
CA PHE C 579 -26.31 -22.95 -8.48
C PHE C 579 -24.99 -22.85 -7.77
N ILE C 580 -24.27 -23.95 -7.73
CA ILE C 580 -22.97 -23.94 -7.13
C ILE C 580 -21.98 -24.50 -8.10
N PHE C 581 -20.86 -23.84 -8.24
CA PHE C 581 -19.91 -24.35 -9.20
C PHE C 581 -18.78 -24.99 -8.46
N ASN C 582 -18.57 -26.28 -8.72
CA ASN C 582 -17.59 -27.02 -7.94
C ASN C 582 -16.22 -26.85 -8.52
N GLY C 583 -15.66 -25.69 -8.25
CA GLY C 583 -14.37 -25.29 -8.74
C GLY C 583 -14.60 -24.56 -10.04
N ILE C 584 -13.55 -24.00 -10.59
CA ILE C 584 -13.64 -23.27 -11.84
C ILE C 584 -12.57 -23.72 -12.79
N ASN C 585 -12.93 -23.86 -14.05
CA ASN C 585 -12.06 -24.38 -15.09
C ASN C 585 -11.57 -25.79 -14.79
N SER C 586 -10.69 -26.30 -15.65
CA SER C 586 -10.09 -27.61 -15.48
C SER C 586 -11.05 -28.80 -15.30
N GLY C 587 -11.98 -29.02 -16.24
CA GLY C 587 -12.88 -30.18 -16.11
C GLY C 587 -13.65 -30.51 -17.40
N THR C 588 -14.40 -31.61 -17.36
CA THR C 588 -15.07 -32.13 -18.56
C THR C 588 -16.44 -31.57 -18.89
N THR C 589 -17.06 -30.87 -17.96
CA THR C 589 -18.32 -30.23 -18.25
C THR C 589 -18.04 -28.87 -18.82
N CYS C 590 -18.72 -28.46 -19.88
CA CYS C 590 -18.49 -27.09 -20.28
C CYS C 590 -19.65 -26.43 -20.98
N SER C 591 -19.60 -25.09 -21.05
CA SER C 591 -20.53 -24.35 -21.87
C SER C 591 -20.25 -24.62 -23.33
N ASN C 592 -21.30 -24.68 -24.15
CA ASN C 592 -21.08 -24.84 -25.58
C ASN C 592 -21.23 -23.54 -26.35
N ASP C 593 -21.24 -22.40 -25.66
CA ASP C 593 -21.50 -21.19 -26.41
C ASP C 593 -20.34 -20.81 -27.31
N LEU C 594 -20.60 -20.75 -28.61
CA LEU C 594 -19.63 -20.30 -29.61
C LEU C 594 -18.31 -21.07 -29.59
N LEU C 595 -18.36 -22.39 -29.50
CA LEU C 595 -17.15 -23.20 -29.36
C LEU C 595 -16.12 -23.12 -30.48
N TYR C 596 -16.49 -22.66 -31.67
CA TYR C 596 -15.55 -22.60 -32.80
C TYR C 596 -15.07 -23.99 -33.20
N SER C 597 -15.86 -25.03 -32.90
CA SER C 597 -15.47 -26.41 -33.14
C SER C 597 -14.17 -26.79 -32.43
N ASN C 598 -13.54 -27.85 -32.90
CA ASN C 598 -12.25 -28.30 -32.37
C ASN C 598 -11.21 -28.11 -33.42
N THR C 599 -10.00 -27.73 -33.03
CA THR C 599 -9.00 -27.55 -34.05
C THR C 599 -7.73 -28.28 -33.72
N GLU C 600 -6.96 -28.48 -34.77
CA GLU C 600 -5.65 -29.12 -34.71
C GLU C 600 -4.62 -28.26 -34.01
N ILE C 601 -3.73 -28.90 -33.27
CA ILE C 601 -2.61 -28.20 -32.66
C ILE C 601 -1.62 -27.80 -33.74
N SER C 602 -1.12 -26.60 -33.65
CA SER C 602 -0.18 -26.05 -34.61
C SER C 602 0.82 -25.26 -33.83
N THR C 603 1.93 -24.86 -34.44
CA THR C 603 2.94 -24.20 -33.64
C THR C 603 2.94 -22.72 -33.92
N GLY C 604 3.68 -22.27 -34.92
CA GLY C 604 3.61 -20.84 -35.22
C GLY C 604 4.30 -20.08 -34.10
N VAL C 605 3.88 -18.84 -33.88
CA VAL C 605 4.40 -18.05 -32.78
C VAL C 605 3.30 -17.35 -31.98
N CYS C 606 3.36 -17.46 -30.66
CA CYS C 606 2.44 -16.78 -29.73
C CYS C 606 0.98 -17.05 -30.01
N VAL C 607 0.64 -18.31 -30.15
CA VAL C 607 -0.72 -18.67 -30.41
C VAL C 607 -1.60 -18.54 -29.19
N ASN C 608 -2.72 -17.86 -29.35
CA ASN C 608 -3.69 -17.78 -28.27
C ASN C 608 -4.37 -19.11 -28.18
N TYR C 609 -4.62 -19.59 -26.99
CA TYR C 609 -5.32 -20.84 -26.95
C TYR C 609 -6.27 -21.02 -25.80
N ASP C 610 -7.14 -21.97 -26.03
CA ASP C 610 -8.10 -22.45 -25.08
C ASP C 610 -8.30 -23.91 -25.31
N LEU C 611 -7.62 -24.71 -24.52
CA LEU C 611 -7.69 -26.13 -24.72
C LEU C 611 -8.23 -26.76 -23.50
N TYR C 612 -9.30 -27.50 -23.68
CA TYR C 612 -9.87 -28.19 -22.57
C TYR C 612 -10.19 -27.15 -21.51
N GLY C 613 -9.87 -27.43 -20.27
CA GLY C 613 -10.17 -26.51 -19.19
C GLY C 613 -9.19 -25.33 -18.99
N ILE C 614 -8.17 -25.16 -19.84
CA ILE C 614 -7.19 -24.07 -19.60
C ILE C 614 -7.00 -23.12 -20.77
N THR C 615 -6.52 -21.91 -20.47
CA THR C 615 -6.25 -20.92 -21.52
C THR C 615 -4.88 -20.29 -21.33
N GLY C 616 -4.36 -19.67 -22.38
CA GLY C 616 -3.07 -19.01 -22.31
C GLY C 616 -2.64 -18.50 -23.67
N GLN C 617 -1.40 -18.04 -23.75
CA GLN C 617 -0.81 -17.72 -25.03
C GLN C 617 0.62 -18.22 -25.07
N GLY C 618 1.04 -18.81 -26.19
CA GLY C 618 2.41 -19.28 -26.26
C GLY C 618 2.76 -19.99 -27.57
N ILE C 619 3.98 -20.48 -27.65
CA ILE C 619 4.41 -21.22 -28.83
C ILE C 619 4.28 -22.70 -28.59
N PHE C 620 3.35 -23.34 -29.27
CA PHE C 620 3.27 -24.77 -29.11
C PHE C 620 4.47 -25.45 -29.69
N LYS C 621 4.92 -26.49 -29.03
CA LYS C 621 5.97 -27.29 -29.58
C LYS C 621 5.62 -28.76 -29.48
N GLU C 622 5.68 -29.48 -30.58
CA GLU C 622 5.48 -30.91 -30.45
C GLU C 622 6.65 -31.50 -29.71
N VAL C 623 6.39 -32.44 -28.84
CA VAL C 623 7.49 -33.12 -28.20
C VAL C 623 7.24 -34.59 -28.16
N SER C 624 8.28 -35.40 -28.28
CA SER C 624 8.04 -36.80 -28.05
C SER C 624 8.64 -37.15 -26.73
N ALA C 625 7.80 -37.56 -25.80
CA ALA C 625 8.26 -37.95 -24.49
C ALA C 625 7.23 -38.81 -23.82
N ALA C 626 7.64 -39.55 -22.81
CA ALA C 626 6.65 -40.25 -22.03
C ALA C 626 7.02 -40.15 -20.58
N TYR C 627 6.02 -39.90 -19.77
CA TYR C 627 6.17 -39.78 -18.35
C TYR C 627 4.84 -39.64 -17.67
N TYR C 628 3.85 -39.08 -18.38
CA TYR C 628 2.57 -38.87 -17.77
C TYR C 628 1.91 -40.18 -17.44
N ASN C 629 1.31 -40.26 -16.28
CA ASN C 629 0.43 -41.36 -15.95
C ASN C 629 -0.85 -41.07 -16.68
N ASN C 630 -1.59 -42.10 -17.05
CA ASN C 630 -2.79 -41.85 -17.82
C ASN C 630 -3.96 -41.22 -17.06
N TRP C 631 -3.76 -40.92 -15.77
CA TRP C 631 -4.71 -40.18 -14.98
C TRP C 631 -4.26 -38.73 -14.79
N GLN C 632 -3.22 -38.30 -15.51
CA GLN C 632 -2.70 -36.96 -15.29
C GLN C 632 -2.79 -36.02 -16.50
N ASN C 633 -1.81 -36.10 -17.39
CA ASN C 633 -1.70 -35.34 -18.64
C ASN C 633 -1.46 -33.82 -18.54
N LEU C 634 -1.01 -33.29 -17.39
CA LEU C 634 -0.62 -31.87 -17.33
C LEU C 634 0.75 -31.68 -16.67
N LEU C 635 1.57 -30.78 -17.20
CA LEU C 635 2.91 -30.49 -16.68
C LEU C 635 3.13 -29.05 -16.31
N TYR C 636 3.70 -28.80 -15.12
CA TYR C 636 3.94 -27.44 -14.65
C TYR C 636 5.33 -27.17 -14.10
N ASP C 637 5.74 -25.90 -14.19
CA ASP C 637 6.90 -25.41 -13.44
C ASP C 637 6.55 -25.47 -11.96
N SER C 638 7.54 -25.69 -11.10
CA SER C 638 7.28 -25.79 -9.66
C SER C 638 6.50 -24.60 -9.06
N ASN C 639 6.57 -23.45 -9.71
CA ASN C 639 5.88 -22.23 -9.30
C ASN C 639 4.55 -21.97 -10.03
N GLY C 640 3.94 -23.01 -10.62
CA GLY C 640 2.76 -22.80 -11.47
C GLY C 640 3.29 -22.54 -12.85
N ASN C 641 2.69 -21.67 -13.65
CA ASN C 641 3.31 -21.47 -14.96
C ASN C 641 3.33 -22.76 -15.80
N ILE C 642 2.15 -23.30 -16.13
CA ILE C 642 2.07 -24.58 -16.80
C ILE C 642 2.89 -24.65 -18.08
N ILE C 643 3.57 -25.76 -18.22
CA ILE C 643 4.48 -26.03 -19.33
C ILE C 643 3.93 -26.86 -20.46
N GLY C 644 3.15 -27.87 -20.16
CA GLY C 644 2.69 -28.69 -21.27
C GLY C 644 1.67 -29.72 -20.89
N PHE C 645 1.24 -30.47 -21.89
CA PHE C 645 0.16 -31.40 -21.70
C PHE C 645 0.17 -32.59 -22.63
N LYS C 646 -0.61 -33.59 -22.26
CA LYS C 646 -0.86 -34.70 -23.14
C LYS C 646 -2.28 -34.54 -23.61
N ASP C 647 -2.50 -34.69 -24.91
CA ASP C 647 -3.80 -34.46 -25.47
C ASP C 647 -4.76 -35.53 -25.04
N PHE C 648 -5.86 -35.13 -24.43
CA PHE C 648 -6.83 -36.12 -24.02
C PHE C 648 -7.43 -36.83 -25.23
N LEU C 649 -7.56 -36.11 -26.34
CA LEU C 649 -8.13 -36.69 -27.53
C LEU C 649 -7.26 -37.66 -28.32
N THR C 650 -5.99 -37.29 -28.54
CA THR C 650 -5.11 -38.12 -29.37
C THR C 650 -3.95 -38.77 -28.67
N ASN C 651 -3.72 -38.39 -27.42
CA ASN C 651 -2.61 -38.84 -26.60
C ASN C 651 -1.26 -38.34 -27.14
N LYS C 652 -1.27 -37.31 -27.98
CA LYS C 652 -0.06 -36.62 -28.44
C LYS C 652 0.44 -35.71 -27.35
N THR C 653 1.71 -35.38 -27.34
CA THR C 653 2.10 -34.44 -26.30
C THR C 653 2.78 -33.23 -26.86
N TYR C 654 2.68 -32.16 -26.07
CA TYR C 654 3.21 -30.86 -26.44
C TYR C 654 3.74 -30.11 -25.25
N THR C 655 4.56 -29.11 -25.53
CA THR C 655 4.99 -28.20 -24.51
C THR C 655 4.78 -26.81 -25.06
N ILE C 656 4.75 -25.82 -24.21
CA ILE C 656 4.54 -24.49 -24.72
C ILE C 656 5.64 -23.54 -24.33
N LEU C 657 6.40 -23.08 -25.31
CA LEU C 657 7.41 -22.09 -25.07
C LEU C 657 6.74 -20.76 -24.83
N PRO C 658 7.30 -19.90 -24.01
CA PRO C 658 6.78 -18.59 -23.70
C PRO C 658 6.80 -17.68 -24.93
N CYS C 659 5.84 -16.77 -24.92
CA CYS C 659 5.63 -15.75 -25.93
C CYS C 659 6.53 -14.53 -25.71
N TYR C 660 6.74 -13.76 -26.80
CA TYR C 660 7.47 -12.47 -26.87
C TYR C 660 8.86 -12.53 -27.46
N SER C 661 9.45 -11.35 -27.54
CA SER C 661 10.77 -11.07 -28.04
C SER C 661 11.30 -9.90 -27.23
N GLY C 662 12.59 -9.63 -27.31
CA GLY C 662 13.21 -8.58 -26.51
C GLY C 662 12.76 -7.15 -26.86
N ARG C 663 12.92 -6.28 -25.86
CA ARG C 663 12.63 -4.85 -25.94
C ARG C 663 13.50 -4.14 -26.97
N VAL C 664 12.94 -3.13 -27.62
CA VAL C 664 13.66 -2.36 -28.63
C VAL C 664 14.73 -1.47 -28.04
N SER C 665 15.90 -1.41 -28.67
CA SER C 665 16.88 -0.43 -28.25
C SER C 665 17.06 0.51 -29.39
N ALA C 666 17.43 1.74 -29.12
CA ALA C 666 17.56 2.66 -30.23
C ALA C 666 18.59 3.71 -29.97
N ALA C 667 19.16 4.22 -31.04
CA ALA C 667 20.11 5.29 -30.90
C ALA C 667 19.54 6.50 -31.56
N PHE C 668 19.81 7.64 -31.00
CA PHE C 668 19.26 8.83 -31.56
C PHE C 668 20.26 9.94 -31.58
N TYR C 669 20.12 10.77 -32.58
CA TYR C 669 20.99 11.89 -32.75
C TYR C 669 20.13 13.05 -33.16
N GLN C 670 20.47 14.24 -32.70
CA GLN C 670 19.64 15.38 -32.98
C GLN C 670 19.54 15.62 -34.46
N ASN C 671 18.37 16.06 -34.89
CA ASN C 671 18.11 16.32 -36.29
C ASN C 671 18.53 15.14 -37.15
N PRO C 675 17.11 7.68 -35.62
CA PRO C 675 16.42 6.66 -34.81
C PRO C 675 16.87 5.27 -35.20
N ALA C 676 18.16 4.99 -35.02
CA ALA C 676 18.65 3.67 -35.34
C ALA C 676 17.97 2.66 -34.48
N LEU C 677 17.70 1.47 -34.99
CA LEU C 677 17.06 0.48 -34.16
C LEU C 677 17.88 -0.79 -34.02
N LEU C 678 17.85 -1.34 -32.82
CA LEU C 678 18.51 -2.57 -32.46
C LEU C 678 17.61 -3.55 -31.76
N TYR C 679 17.63 -4.79 -32.20
CA TYR C 679 16.92 -5.82 -31.48
C TYR C 679 17.93 -6.70 -30.85
N ARG C 680 17.98 -6.64 -29.53
CA ARG C 680 19.00 -7.37 -28.84
C ARG C 680 18.82 -8.84 -29.05
N ASN C 681 19.93 -9.51 -29.31
CA ASN C 681 20.01 -10.94 -29.40
C ASN C 681 19.02 -11.56 -30.38
N LEU C 682 18.72 -10.91 -31.49
CA LEU C 682 17.85 -11.56 -32.45
C LEU C 682 18.44 -11.62 -33.83
N LYS C 683 18.20 -12.73 -34.52
CA LYS C 683 18.62 -12.88 -35.89
C LYS C 683 17.78 -11.95 -36.73
N CYS C 684 18.36 -11.36 -37.77
CA CYS C 684 17.51 -10.49 -38.56
C CYS C 684 16.39 -11.20 -39.26
N SER C 685 16.58 -12.47 -39.60
CA SER C 685 15.49 -13.19 -40.21
C SER C 685 14.35 -13.37 -39.25
N TYR C 686 14.68 -13.47 -37.95
CA TYR C 686 13.67 -13.57 -36.95
C TYR C 686 12.86 -12.31 -36.88
N VAL C 687 13.57 -11.18 -36.93
CA VAL C 687 12.92 -9.90 -36.87
C VAL C 687 12.05 -9.69 -38.05
N LEU C 688 12.55 -10.07 -39.20
CA LEU C 688 11.81 -9.95 -40.41
C LEU C 688 10.55 -10.78 -40.47
N ASN C 689 10.62 -12.02 -39.99
CA ASN C 689 9.44 -12.83 -40.12
C ASN C 689 8.55 -12.89 -38.90
N ASN C 690 8.88 -12.15 -37.85
CA ASN C 690 7.95 -12.04 -36.75
C ASN C 690 7.29 -10.66 -36.72
N ILE C 691 7.46 -9.89 -37.79
CA ILE C 691 6.89 -8.56 -37.90
C ILE C 691 6.27 -8.34 -39.27
N PHE C 698 17.71 -1.80 -44.11
CA PHE C 698 19.03 -2.37 -44.27
C PHE C 698 19.26 -3.37 -43.16
N TYR C 699 18.59 -4.51 -43.22
CA TYR C 699 18.76 -5.42 -42.10
C TYR C 699 20.20 -5.83 -42.02
N PHE C 700 20.74 -5.78 -40.82
CA PHE C 700 22.08 -6.21 -40.61
C PHE C 700 22.24 -7.05 -39.38
N ASP C 701 22.64 -8.29 -39.57
CA ASP C 701 22.92 -9.16 -38.45
C ASP C 701 24.30 -8.82 -37.94
N SER C 702 24.44 -8.46 -36.68
CA SER C 702 25.79 -8.15 -36.23
C SER C 702 26.25 -9.14 -35.19
N TYR C 703 26.48 -8.66 -33.98
CA TYR C 703 26.85 -9.55 -32.90
C TYR C 703 25.86 -9.41 -31.78
N LEU C 704 25.67 -8.17 -31.39
CA LEU C 704 24.82 -7.78 -30.32
C LEU C 704 23.36 -8.09 -30.58
N GLY C 705 22.98 -7.95 -31.85
CA GLY C 705 21.62 -8.15 -32.27
C GLY C 705 21.46 -7.77 -33.73
N CYS C 706 20.21 -7.76 -34.18
CA CYS C 706 19.85 -7.29 -35.51
C CYS C 706 19.62 -5.79 -35.51
N VAL C 707 20.06 -5.09 -36.55
CA VAL C 707 19.75 -3.66 -36.61
C VAL C 707 19.09 -3.31 -37.92
N LEU C 708 18.35 -2.19 -37.94
CA LEU C 708 17.63 -1.91 -39.18
C LEU C 708 18.17 -0.82 -40.12
N ASN C 709 18.62 0.32 -39.63
CA ASN C 709 19.19 1.25 -40.60
C ASN C 709 20.68 1.46 -40.46
N ALA C 710 21.32 0.71 -39.58
CA ALA C 710 22.75 0.89 -39.42
C ALA C 710 23.56 0.48 -40.62
N VAL C 711 24.63 1.22 -40.89
CA VAL C 711 25.62 0.82 -41.87
C VAL C 711 26.66 -0.08 -41.24
N ASN C 712 26.98 -1.18 -41.86
CA ASN C 712 28.03 -1.99 -41.29
C ASN C 712 29.38 -1.47 -41.68
N LEU C 713 29.96 -0.68 -40.80
CA LEU C 713 31.32 -0.26 -41.05
C LEU C 713 32.25 -1.08 -40.19
N THR C 714 32.05 -1.01 -38.89
CA THR C 714 32.80 -1.77 -37.88
C THR C 714 34.27 -2.02 -38.18
N SER C 715 34.96 -1.02 -38.68
CA SER C 715 36.40 -1.14 -38.93
C SER C 715 37.11 -0.07 -38.14
N TYR C 716 36.67 1.14 -38.39
CA TYR C 716 37.13 2.34 -37.72
C TYR C 716 36.71 2.35 -36.28
N SER C 717 37.49 3.01 -35.46
CA SER C 717 37.12 3.12 -34.07
C SER C 717 37.12 4.57 -33.67
N VAL C 718 36.32 4.88 -32.68
CA VAL C 718 36.26 6.23 -32.18
C VAL C 718 36.34 6.23 -30.67
N SER C 719 37.28 6.99 -30.10
CA SER C 719 37.38 7.00 -28.64
C SER C 719 36.39 7.98 -28.00
N SER C 720 35.91 8.93 -28.78
CA SER C 720 34.95 9.94 -28.33
C SER C 720 33.47 9.63 -28.52
N CYS C 721 33.13 8.46 -29.04
CA CYS C 721 31.73 8.23 -29.39
C CYS C 721 30.81 8.11 -28.18
N ASP C 722 29.72 8.88 -28.21
CA ASP C 722 28.72 8.91 -27.14
C ASP C 722 27.45 8.08 -27.32
N LEU C 723 27.37 7.28 -28.34
CA LEU C 723 26.19 6.44 -28.57
C LEU C 723 26.48 4.99 -28.32
N ARG C 724 27.32 4.72 -27.33
CA ARG C 724 27.79 3.37 -27.08
C ARG C 724 26.62 2.45 -26.86
N MET C 725 26.73 1.24 -27.40
CA MET C 725 25.63 0.30 -27.32
C MET C 725 25.95 -0.92 -26.49
N GLY C 726 26.42 -1.98 -27.14
CA GLY C 726 26.85 -3.17 -26.45
C GLY C 726 28.33 -3.11 -26.22
N SER C 727 28.92 -4.21 -25.79
CA SER C 727 30.33 -4.14 -25.55
C SER C 727 31.10 -3.93 -26.82
N GLY C 728 32.03 -3.00 -26.78
CA GLY C 728 32.98 -2.73 -27.84
C GLY C 728 32.43 -1.94 -29.03
N PHE C 729 31.20 -1.43 -28.96
CA PHE C 729 30.66 -0.71 -30.13
C PHE C 729 29.82 0.50 -29.80
N CYS C 730 29.71 1.41 -30.76
CA CYS C 730 28.78 2.51 -30.59
C CYS C 730 28.22 2.91 -31.93
N ILE C 731 27.18 3.74 -31.90
CA ILE C 731 26.63 4.28 -33.12
C ILE C 731 27.28 5.61 -33.52
N ASP C 732 27.74 5.71 -34.74
CA ASP C 732 28.33 6.94 -35.22
C ASP C 732 27.43 7.67 -36.20
N TYR C 733 27.28 8.97 -36.00
CA TYR C 733 26.46 9.80 -36.89
C TYR C 733 26.56 11.27 -36.51
N PRO C 748 23.31 7.83 -43.17
CA PRO C 748 22.59 7.36 -41.99
C PRO C 748 23.57 6.88 -40.92
N TYR C 749 23.01 6.37 -39.83
CA TYR C 749 23.77 5.90 -38.69
C TYR C 749 24.63 4.70 -39.05
N ARG C 750 25.82 4.61 -38.44
CA ARG C 750 26.67 3.46 -38.72
C ARG C 750 27.40 2.92 -37.50
N PHE C 751 27.65 1.61 -37.47
CA PHE C 751 28.48 1.10 -36.40
C PHE C 751 29.92 1.46 -36.51
N VAL C 752 30.53 1.79 -35.40
CA VAL C 752 31.97 1.88 -35.35
C VAL C 752 32.39 1.16 -34.08
N THR C 753 33.63 0.74 -34.00
CA THR C 753 34.04 0.15 -32.74
C THR C 753 34.34 1.27 -31.76
N PHE C 754 34.30 0.96 -30.47
CA PHE C 754 34.62 1.98 -29.48
C PHE C 754 35.74 1.60 -28.56
N GLU C 755 36.88 2.27 -28.69
CA GLU C 755 37.94 2.01 -27.73
C GLU C 755 38.89 3.19 -27.46
N PRO C 756 39.36 3.32 -26.22
CA PRO C 756 40.54 4.06 -25.76
C PRO C 756 41.79 3.38 -26.30
N PHE C 757 42.88 4.11 -26.52
CA PHE C 757 44.08 3.44 -27.03
C PHE C 757 45.36 4.05 -26.52
N ASN C 758 46.44 3.29 -26.66
CA ASN C 758 47.77 3.74 -26.26
C ASN C 758 48.13 5.06 -26.90
N ASN C 780 61.79 19.29 -25.17
CA ASN C 780 60.62 20.15 -25.21
C ASN C 780 60.46 20.92 -23.92
N PHE C 781 60.36 20.19 -22.80
CA PHE C 781 60.18 20.77 -21.48
C PHE C 781 58.86 21.55 -21.38
N THR C 782 57.87 21.09 -22.13
CA THR C 782 56.56 21.71 -22.20
C THR C 782 55.78 21.67 -20.90
N ILE C 783 54.96 22.70 -20.69
CA ILE C 783 54.11 22.79 -19.52
C ILE C 783 52.67 23.05 -19.91
N ALA C 784 51.72 22.31 -19.33
CA ALA C 784 50.33 22.56 -19.65
C ALA C 784 49.38 22.25 -18.51
N GLY C 785 48.26 22.97 -18.52
CA GLY C 785 47.20 22.87 -17.53
C GLY C 785 46.34 21.60 -17.56
N HIS C 786 45.76 21.27 -16.42
CA HIS C 786 44.74 20.23 -16.28
C HIS C 786 43.75 20.70 -15.24
N GLU C 787 42.56 20.12 -15.21
CA GLU C 787 41.57 20.55 -14.23
C GLU C 787 40.64 19.44 -13.73
N GLU C 788 40.12 19.58 -12.50
CA GLU C 788 39.13 18.60 -12.04
C GLU C 788 37.98 19.21 -11.22
N PHE C 789 36.74 18.79 -11.51
CA PHE C 789 35.55 19.23 -10.77
C PHE C 789 35.29 18.80 -9.33
N ILE C 790 35.70 17.58 -8.96
CA ILE C 790 35.53 17.03 -7.60
C ILE C 790 34.11 16.74 -7.04
N GLN C 791 33.22 17.74 -7.02
CA GLN C 791 31.87 17.62 -6.44
C GLN C 791 31.83 17.23 -4.97
N THR C 792 32.51 17.99 -4.12
CA THR C 792 32.55 17.73 -2.67
C THR C 792 31.20 17.82 -1.94
N SER C 793 30.23 18.54 -2.50
CA SER C 793 28.96 18.73 -1.82
C SER C 793 27.79 18.83 -2.78
N SER C 794 26.59 18.83 -2.23
CA SER C 794 25.37 18.85 -3.00
C SER C 794 24.39 19.75 -2.28
N PRO C 795 23.29 20.16 -2.92
CA PRO C 795 22.27 20.99 -2.35
C PRO C 795 21.67 20.30 -1.17
N LYS C 796 21.19 21.07 -0.22
CA LYS C 796 20.56 20.50 0.94
C LYS C 796 19.08 20.65 0.77
N VAL C 797 18.35 19.62 1.11
CA VAL C 797 16.93 19.66 0.91
C VAL C 797 16.19 19.26 2.15
N THR C 798 15.05 19.88 2.36
CA THR C 798 14.19 19.45 3.42
C THR C 798 12.79 19.36 2.90
N ILE C 799 11.99 18.58 3.57
CA ILE C 799 10.61 18.44 3.15
C ILE C 799 9.69 18.56 4.32
N ASP C 800 8.67 19.38 4.17
CA ASP C 800 7.72 19.51 5.23
C ASP C 800 6.76 18.36 5.14
N CYS C 801 7.09 17.27 5.82
CA CYS C 801 6.23 16.13 5.78
C CYS C 801 4.90 16.49 6.35
N SER C 802 3.90 16.01 5.65
CA SER C 802 2.47 16.18 5.82
C SER C 802 1.99 17.39 5.05
N ALA C 803 2.82 18.43 4.93
CA ALA C 803 2.41 19.53 4.06
C ALA C 803 2.57 19.09 2.63
N PHE C 804 3.62 18.32 2.40
CA PHE C 804 3.82 17.76 1.08
C PHE C 804 2.73 16.81 0.72
N VAL C 805 2.34 16.00 1.71
CA VAL C 805 1.32 15.04 1.46
C VAL C 805 0.00 15.67 1.24
N CYS C 806 -0.31 16.69 2.01
CA CYS C 806 -1.57 17.35 1.82
C CYS C 806 -1.52 18.84 2.12
N SER C 807 -2.09 19.64 1.23
CA SER C 807 -2.29 21.07 1.47
C SER C 807 -3.25 21.16 2.64
N ASN C 808 -3.27 22.25 3.38
CA ASN C 808 -4.09 22.14 4.57
C ASN C 808 -5.57 22.20 4.31
N TYR C 809 -6.12 20.98 4.26
CA TYR C 809 -7.51 20.65 4.12
C TYR C 809 -8.14 20.14 5.40
N ALA C 810 -7.62 20.54 6.54
CA ALA C 810 -8.25 20.14 7.79
C ALA C 810 -8.19 18.65 7.97
N ALA C 811 -9.34 17.99 7.93
CA ALA C 811 -9.41 16.56 8.19
C ALA C 811 -8.49 15.73 7.32
N CYS C 812 -8.02 16.26 6.20
CA CYS C 812 -7.00 15.54 5.46
C CYS C 812 -5.77 15.30 6.35
N HIS C 813 -5.37 16.35 7.08
CA HIS C 813 -4.27 16.22 8.02
C HIS C 813 -4.63 15.36 9.21
N ASP C 814 -5.91 15.34 9.54
CA ASP C 814 -6.31 14.51 10.65
C ASP C 814 -6.14 13.05 10.30
N LEU C 815 -6.38 12.70 9.05
CA LEU C 815 -6.14 11.33 8.64
C LEU C 815 -4.68 10.99 8.75
N LEU C 816 -3.82 11.96 8.48
CA LEU C 816 -2.41 11.70 8.64
C LEU C 816 -2.04 11.43 10.09
N SER C 817 -2.66 12.17 11.03
CA SER C 817 -2.37 11.88 12.42
C SER C 817 -2.90 10.51 12.81
N GLU C 818 -3.98 10.09 12.15
CA GLU C 818 -4.54 8.78 12.39
C GLU C 818 -3.58 7.72 11.91
N TYR C 819 -2.92 8.01 10.79
CA TYR C 819 -1.92 7.16 10.20
C TYR C 819 -0.74 6.95 11.13
N GLY C 820 -0.47 7.96 11.96
CA GLY C 820 0.62 7.85 12.92
C GLY C 820 1.97 8.49 12.54
N THR C 821 2.94 8.27 13.44
CA THR C 821 4.26 8.93 13.51
C THR C 821 5.20 8.66 12.36
N PHE C 822 4.80 7.81 11.44
CA PHE C 822 5.60 7.45 10.29
C PHE C 822 6.08 8.69 9.53
N CYS C 823 5.28 9.76 9.54
CA CYS C 823 5.66 11.00 8.89
C CYS C 823 6.99 11.59 9.39
N ASP C 824 7.32 11.39 10.65
CA ASP C 824 8.54 12.00 11.13
C ASP C 824 9.76 11.14 10.95
N ASN C 825 9.61 9.98 10.31
CA ASN C 825 10.79 9.21 10.05
C ASN C 825 11.48 9.84 8.87
N ILE C 826 10.65 10.40 7.99
CA ILE C 826 11.11 11.11 6.83
C ILE C 826 11.88 12.32 7.26
N ASN C 827 11.34 12.99 8.27
CA ASN C 827 12.00 14.17 8.76
C ASN C 827 13.30 13.86 9.44
N SER C 828 13.32 12.83 10.26
CA SER C 828 14.54 12.48 10.96
C SER C 828 15.67 12.09 10.05
N ILE C 829 15.35 11.36 8.99
CA ILE C 829 16.40 10.96 8.10
C ILE C 829 16.99 12.10 7.34
N LEU C 830 16.13 13.00 6.86
CA LEU C 830 16.64 14.12 6.14
C LEU C 830 17.51 14.99 7.00
N ASN C 831 17.22 15.05 8.29
CA ASN C 831 18.05 15.83 9.16
C ASN C 831 19.42 15.23 9.28
N GLU C 832 19.48 13.90 9.40
CA GLU C 832 20.77 13.24 9.47
C GLU C 832 21.58 13.44 8.22
N VAL C 833 20.93 13.36 7.08
CA VAL C 833 21.62 13.53 5.81
C VAL C 833 22.20 14.90 5.68
N ASN C 834 21.46 15.89 6.13
CA ASN C 834 21.93 17.23 6.00
C ASN C 834 23.08 17.48 6.93
N ASP C 835 23.04 16.89 8.12
CA ASP C 835 24.15 17.08 9.04
C ASP C 835 25.41 16.39 8.56
N LEU C 836 25.25 15.24 7.90
CA LEU C 836 26.42 14.59 7.36
C LEU C 836 27.09 15.45 6.32
N LEU C 837 26.28 16.07 5.48
CA LEU C 837 26.88 16.90 4.48
C LEU C 837 27.58 18.09 5.10
N ASP C 838 26.97 18.63 6.15
CA ASP C 838 27.54 19.77 6.82
C ASP C 838 28.90 19.52 7.40
N ILE C 839 29.08 18.37 8.04
CA ILE C 839 30.39 18.15 8.59
C ILE C 839 31.44 18.02 7.52
N THR C 840 31.08 17.53 6.33
CA THR C 840 32.13 17.47 5.33
C THR C 840 32.53 18.84 4.84
N GLN C 841 31.60 19.79 4.86
CA GLN C 841 32.01 21.13 4.46
C GLN C 841 33.03 21.65 5.44
N LEU C 842 32.74 21.43 6.71
CA LEU C 842 33.62 21.86 7.76
C LEU C 842 34.93 21.14 7.73
N GLN C 843 34.90 19.86 7.35
CA GLN C 843 36.12 19.09 7.30
C GLN C 843 37.07 19.65 6.30
N VAL C 844 36.54 20.08 5.16
CA VAL C 844 37.38 20.68 4.17
C VAL C 844 37.91 21.99 4.64
N ALA C 845 37.06 22.79 5.26
CA ALA C 845 37.48 24.08 5.71
C ALA C 845 38.59 23.99 6.72
N ASN C 846 38.53 23.01 7.61
CA ASN C 846 39.57 22.90 8.59
C ASN C 846 40.84 22.37 8.00
N ALA C 847 40.73 21.38 7.13
CA ALA C 847 41.92 20.85 6.52
C ALA C 847 42.63 21.88 5.70
N LEU C 848 41.85 22.67 4.99
CA LEU C 848 42.40 23.72 4.17
C LEU C 848 43.07 24.81 4.96
N MET C 849 42.40 25.26 6.02
CA MET C 849 42.95 26.30 6.87
C MET C 849 44.09 25.90 7.77
N GLN C 850 44.27 24.61 8.02
CA GLN C 850 45.34 24.28 8.91
C GLN C 850 46.69 24.60 8.31
N GLY C 851 47.54 25.21 9.14
CA GLY C 851 48.92 25.50 8.78
C GLY C 851 49.09 26.73 7.88
N VAL C 852 48.01 27.51 7.63
CA VAL C 852 48.19 28.63 6.71
C VAL C 852 49.16 29.73 7.16
N THR C 853 49.03 30.18 8.41
CA THR C 853 49.95 31.14 9.05
C THR C 853 50.54 32.23 8.14
N LEU C 854 49.76 32.79 7.23
CA LEU C 854 50.24 33.87 6.36
C LEU C 854 50.51 35.14 7.15
N SER C 855 51.47 35.96 6.71
CA SER C 855 51.78 37.19 7.41
C SER C 855 50.66 38.21 7.43
N SER C 856 50.55 38.90 8.55
CA SER C 856 49.58 39.95 8.76
C SER C 856 49.73 41.14 7.82
N ASN C 857 50.94 41.33 7.28
CA ASN C 857 51.18 42.48 6.43
C ASN C 857 51.09 42.21 4.94
N LEU C 858 50.57 41.04 4.56
CA LEU C 858 50.46 40.79 3.13
C LEU C 858 49.46 41.71 2.46
N ASN C 859 49.76 42.07 1.23
CA ASN C 859 48.93 42.98 0.46
C ASN C 859 49.02 42.67 -1.02
N THR C 860 48.28 43.41 -1.82
CA THR C 860 48.28 43.20 -3.27
C THR C 860 47.65 44.38 -3.99
N LEU C 889 38.89 36.83 -9.71
CA LEU C 889 39.62 36.18 -10.81
C LEU C 889 38.71 35.16 -11.50
N LEU C 890 39.34 34.13 -12.07
CA LEU C 890 38.66 33.01 -12.70
C LEU C 890 37.70 32.37 -11.70
N GLU C 891 38.08 32.46 -10.43
CA GLU C 891 37.30 31.96 -9.35
C GLU C 891 35.88 32.49 -9.30
N ASP C 892 35.63 33.72 -9.79
CA ASP C 892 34.25 34.14 -9.81
C ASP C 892 33.62 33.88 -11.15
N LEU C 893 34.44 33.58 -12.17
CA LEU C 893 33.88 33.20 -13.46
C LEU C 893 33.07 31.94 -13.33
N LEU C 894 33.51 31.06 -12.44
CA LEU C 894 32.83 29.82 -12.17
C LEU C 894 31.40 29.98 -11.69
N PHE C 895 31.10 31.09 -11.05
CA PHE C 895 29.75 31.28 -10.55
C PHE C 895 28.92 32.10 -11.49
N ASN C 896 29.46 32.44 -12.65
CA ASN C 896 28.70 33.19 -13.63
C ASN C 896 28.14 32.33 -14.73
N LYS C 897 28.26 31.01 -14.60
CA LYS C 897 27.75 30.15 -15.64
C LYS C 897 26.57 29.31 -15.19
N VAL C 898 26.69 28.78 -13.99
CA VAL C 898 25.68 27.93 -13.39
C VAL C 898 24.34 28.59 -13.09
N LYS C 899 24.37 29.90 -12.87
CA LYS C 899 23.23 30.73 -12.49
C LYS C 899 22.57 30.36 -11.15
N LEU C 900 23.17 29.42 -10.41
CA LEU C 900 22.74 29.07 -9.07
C LEU C 900 23.93 29.00 -8.15
N SER C 901 23.74 29.47 -6.95
CA SER C 901 24.75 29.45 -5.92
C SER C 901 24.00 29.43 -4.64
N ASP C 902 24.66 29.20 -3.52
CA ASP C 902 23.93 29.29 -2.28
C ASP C 902 23.15 30.61 -2.22
N VAL C 903 23.81 31.69 -2.65
CA VAL C 903 23.16 32.98 -2.75
C VAL C 903 22.08 33.03 -3.81
N GLY C 904 22.31 32.38 -4.94
CA GLY C 904 21.31 32.41 -6.00
C GLY C 904 20.02 31.75 -5.57
N PHE C 905 20.11 30.70 -4.76
CA PHE C 905 18.87 30.12 -4.26
C PHE C 905 18.18 31.05 -3.30
N VAL C 906 18.97 31.81 -2.54
CA VAL C 906 18.35 32.77 -1.64
C VAL C 906 17.61 33.81 -2.42
N GLU C 907 18.21 34.28 -3.50
CA GLU C 907 17.56 35.26 -4.33
C GLU C 907 16.31 34.74 -4.98
N ALA C 908 16.36 33.50 -5.45
CA ALA C 908 15.19 32.93 -6.06
C ALA C 908 14.06 32.85 -5.09
N TYR C 909 14.37 32.46 -3.86
CA TYR C 909 13.36 32.41 -2.85
C TYR C 909 12.88 33.79 -2.46
N ASN C 910 13.73 34.81 -2.60
CA ASN C 910 13.27 36.13 -2.24
C ASN C 910 12.36 36.71 -3.29
N ASN C 911 12.36 36.11 -4.47
CA ASN C 911 11.48 36.61 -5.48
C ASN C 911 10.17 35.87 -5.46
N CYS C 912 9.95 35.02 -4.44
CA CYS C 912 8.66 34.41 -4.27
C CYS C 912 7.71 35.42 -3.63
N THR C 913 8.27 36.50 -3.07
CA THR C 913 7.46 37.57 -2.52
C THR C 913 7.38 38.74 -3.48
N GLY C 914 8.10 38.62 -4.59
CA GLY C 914 8.18 39.67 -5.61
C GLY C 914 6.85 39.84 -6.32
N GLY C 915 6.65 41.02 -6.88
CA GLY C 915 5.44 41.31 -7.63
C GLY C 915 5.33 40.49 -8.92
N SER C 916 6.44 39.91 -9.39
CA SER C 916 6.38 39.11 -10.59
C SER C 916 5.54 37.86 -10.42
N GLU C 917 4.84 37.53 -11.48
CA GLU C 917 4.01 36.34 -11.54
C GLU C 917 4.72 35.14 -12.12
N ILE C 918 5.97 35.32 -12.56
CA ILE C 918 6.67 34.27 -13.27
C ILE C 918 6.87 32.97 -12.48
N ARG C 919 7.17 33.08 -11.17
CA ARG C 919 7.33 31.93 -10.26
C ARG C 919 8.55 31.01 -10.45
N ASP C 920 9.12 30.97 -11.66
CA ASP C 920 10.14 30.01 -12.02
C ASP C 920 9.63 28.65 -11.60
N LEU C 921 10.50 27.73 -11.29
CA LEU C 921 10.00 26.48 -10.76
C LEU C 921 10.10 26.49 -9.25
N LEU C 922 11.13 27.18 -8.76
CA LEU C 922 11.43 27.21 -7.35
C LEU C 922 10.37 27.79 -6.48
N CYS C 923 9.63 28.80 -6.92
CA CYS C 923 8.63 29.29 -6.01
C CYS C 923 7.43 28.39 -5.94
N VAL C 924 7.26 27.51 -6.92
CA VAL C 924 6.16 26.61 -6.84
C VAL C 924 6.48 25.65 -5.76
N GLN C 925 7.72 25.18 -5.81
CA GLN C 925 8.21 24.29 -4.82
C GLN C 925 8.25 24.93 -3.47
N SER C 926 8.58 26.22 -3.39
CA SER C 926 8.64 26.90 -2.12
C SER C 926 7.33 26.94 -1.38
N PHE C 927 6.22 27.12 -2.09
CA PHE C 927 4.95 27.09 -1.38
C PHE C 927 4.60 25.67 -0.95
N ASN C 928 5.11 24.71 -1.71
CA ASN C 928 5.07 23.30 -1.41
C ASN C 928 6.05 22.99 -0.30
N GLY C 929 5.84 21.92 0.42
CA GLY C 929 6.73 21.60 1.53
C GLY C 929 8.23 21.41 1.18
N ILE C 930 8.59 21.32 -0.10
CA ILE C 930 9.99 21.13 -0.47
C ILE C 930 10.81 22.41 -0.49
N LYS C 931 11.93 22.47 0.23
CA LYS C 931 12.78 23.64 0.11
C LYS C 931 14.28 23.37 0.12
N VAL C 932 15.03 24.14 -0.66
CA VAL C 932 16.49 24.10 -0.61
C VAL C 932 17.03 24.90 0.58
N LEU C 933 17.98 24.32 1.29
CA LEU C 933 18.59 25.01 2.42
C LEU C 933 20.05 25.29 2.18
N PRO C 934 20.57 26.41 2.66
CA PRO C 934 21.94 26.86 2.59
C PRO C 934 22.91 26.00 3.40
N PRO C 935 24.17 25.94 2.97
CA PRO C 935 25.36 25.34 3.58
C PRO C 935 25.75 26.10 4.84
N ILE C 936 26.42 25.45 5.78
CA ILE C 936 26.85 26.19 6.98
C ILE C 936 27.73 27.38 6.68
N LEU C 937 28.59 27.26 5.68
CA LEU C 937 29.43 28.38 5.34
C LEU C 937 29.09 28.88 3.96
N SER C 938 29.09 30.18 3.82
CA SER C 938 28.81 30.81 2.55
C SER C 938 29.95 30.60 1.63
N GLU C 939 29.66 30.72 0.35
CA GLU C 939 30.70 30.68 -0.65
C GLU C 939 31.87 31.57 -0.31
N THR C 940 31.59 32.75 0.26
CA THR C 940 32.66 33.66 0.56
C THR C 940 33.58 33.22 1.68
N GLN C 941 33.14 32.34 2.58
CA GLN C 941 34.11 31.88 3.54
C GLN C 941 34.97 30.85 2.91
N ILE C 942 34.40 30.12 1.97
CA ILE C 942 35.18 29.10 1.36
C ILE C 942 36.20 29.67 0.43
N SER C 943 35.80 30.68 -0.34
CA SER C 943 36.75 31.32 -1.21
C SER C 943 37.82 32.01 -0.43
N GLY C 944 37.47 32.58 0.72
CA GLY C 944 38.48 33.22 1.51
C GLY C 944 39.47 32.22 2.08
N TYR C 945 38.98 31.05 2.47
CA TYR C 945 39.88 30.05 2.99
C TYR C 945 40.81 29.56 1.91
N THR C 946 40.25 29.44 0.71
CA THR C 946 40.99 28.97 -0.41
C THR C 946 42.06 29.94 -0.83
N THR C 947 41.69 31.22 -0.78
CA THR C 947 42.61 32.25 -1.13
C THR C 947 43.73 32.31 -0.16
N ALA C 948 43.42 32.11 1.11
CA ALA C 948 44.44 32.15 2.12
C ALA C 948 45.47 31.07 1.91
N ALA C 949 45.02 29.89 1.52
CA ALA C 949 45.96 28.83 1.28
C ALA C 949 46.86 29.16 0.11
N THR C 950 46.29 29.72 -0.95
CA THR C 950 47.10 30.06 -2.10
C THR C 950 48.07 31.17 -1.82
N VAL C 951 47.60 32.16 -1.09
CA VAL C 951 48.43 33.28 -0.74
C VAL C 951 49.55 32.90 0.15
N ALA C 952 49.28 32.02 1.09
CA ALA C 952 50.34 31.61 1.95
C ALA C 952 51.44 30.95 1.15
N ALA C 953 51.06 30.09 0.19
CA ALA C 953 52.07 29.46 -0.65
C ALA C 953 52.79 30.46 -1.54
N MET C 954 52.09 31.53 -1.91
CA MET C 954 52.65 32.59 -2.70
C MET C 954 53.75 33.41 -2.04
N PHE C 955 53.83 33.41 -0.71
CA PHE C 955 54.85 34.24 -0.09
C PHE C 955 55.92 33.46 0.68
N PRO C 956 57.17 33.52 0.16
CA PRO C 956 58.40 32.94 0.65
C PRO C 956 58.94 33.30 2.03
N PRO C 957 58.65 34.50 2.61
CA PRO C 957 59.22 34.91 3.88
C PRO C 957 58.95 33.90 4.95
N TRP C 958 57.81 33.22 4.88
CA TRP C 958 57.60 32.10 5.76
C TRP C 958 57.15 30.86 4.98
N SER C 959 56.76 31.03 3.71
CA SER C 959 56.39 29.95 2.77
C SER C 959 55.09 29.19 3.07
N ALA C 960 54.97 28.69 4.29
CA ALA C 960 53.80 27.97 4.78
C ALA C 960 53.50 26.73 3.96
N ALA C 961 54.53 26.11 3.40
CA ALA C 961 54.34 24.88 2.67
C ALA C 961 55.68 24.16 2.53
N ALA C 962 56.39 24.40 1.42
CA ALA C 962 57.69 23.79 1.21
C ALA C 962 58.81 24.39 2.06
N GLY C 963 58.59 25.58 2.63
CA GLY C 963 59.59 26.25 3.44
C GLY C 963 60.63 26.98 2.58
N VAL C 964 60.38 27.03 1.27
CA VAL C 964 61.26 27.67 0.31
C VAL C 964 60.41 28.57 -0.55
N PRO C 965 61.02 29.48 -1.30
CA PRO C 965 60.34 30.37 -2.20
C PRO C 965 59.60 29.59 -3.26
N PHE C 966 58.49 30.15 -3.72
CA PHE C 966 57.62 29.44 -4.63
C PHE C 966 58.25 29.03 -5.96
N SER C 967 58.99 29.94 -6.59
CA SER C 967 59.61 29.54 -7.85
C SER C 967 60.70 28.53 -7.62
N LEU C 968 61.34 28.61 -6.46
CA LEU C 968 62.38 27.68 -6.10
C LEU C 968 61.81 26.31 -5.92
N ASN C 969 60.61 26.28 -5.34
CA ASN C 969 59.92 25.04 -5.13
C ASN C 969 59.57 24.37 -6.42
N VAL C 970 59.11 25.16 -7.38
CA VAL C 970 58.78 24.60 -8.67
C VAL C 970 59.99 24.00 -9.30
N GLN C 971 61.12 24.68 -9.20
CA GLN C 971 62.32 24.11 -9.75
C GLN C 971 62.72 22.85 -9.05
N TYR C 972 62.57 22.82 -7.73
CA TYR C 972 62.94 21.61 -7.05
C TYR C 972 62.10 20.44 -7.45
N ARG C 973 60.84 20.69 -7.73
CA ARG C 973 59.99 19.61 -8.16
C ARG C 973 60.44 19.10 -9.51
N ILE C 974 60.75 20.04 -10.39
CA ILE C 974 61.23 19.70 -11.70
C ILE C 974 62.55 19.00 -11.65
N ASN C 975 63.36 19.35 -10.67
CA ASN C 975 64.70 18.83 -10.63
C ASN C 975 64.79 17.43 -10.07
N GLY C 976 63.65 16.83 -9.71
CA GLY C 976 63.69 15.44 -9.36
C GLY C 976 63.58 14.58 -10.61
N LEU C 977 63.32 15.22 -11.75
CA LEU C 977 63.15 14.52 -13.02
C LEU C 977 64.03 15.09 -14.10
N GLY C 978 64.51 14.26 -15.02
CA GLY C 978 65.20 14.87 -16.13
C GLY C 978 66.46 15.62 -15.70
N VAL C 979 66.49 16.88 -16.08
CA VAL C 979 67.59 17.80 -15.88
C VAL C 979 67.95 18.07 -14.43
N THR C 980 69.25 18.14 -14.17
CA THR C 980 69.74 18.48 -12.86
C THR C 980 70.55 19.78 -12.90
N MET C 981 69.93 20.85 -12.41
CA MET C 981 70.57 22.17 -12.28
C MET C 981 71.13 22.73 -13.59
N ASP C 982 70.60 22.33 -14.73
CA ASP C 982 71.11 22.86 -15.98
C ASP C 982 70.16 23.89 -16.57
N VAL C 983 69.50 23.53 -17.67
CA VAL C 983 68.59 24.44 -18.36
C VAL C 983 67.47 24.92 -17.47
N LEU C 984 67.13 24.14 -16.44
CA LEU C 984 66.12 24.54 -15.50
C LEU C 984 66.44 25.88 -14.84
N ASN C 985 67.71 26.10 -14.53
CA ASN C 985 68.06 27.38 -13.97
C ASN C 985 68.28 28.39 -15.06
N LYS C 986 68.81 27.91 -16.18
CA LYS C 986 69.14 28.79 -17.29
C LYS C 986 67.96 29.49 -17.90
N ASN C 987 66.77 28.91 -17.82
CA ASN C 987 65.65 29.59 -18.42
C ASN C 987 64.85 30.47 -17.48
N GLN C 988 65.30 30.62 -16.23
CA GLN C 988 64.68 31.53 -15.27
C GLN C 988 63.14 31.58 -15.38
N LYS C 989 62.60 32.80 -15.37
CA LYS C 989 61.18 33.11 -15.45
C LYS C 989 60.48 32.61 -16.71
N LEU C 990 61.24 32.30 -17.77
CA LEU C 990 60.61 31.86 -19.01
C LEU C 990 59.78 30.62 -18.76
N ILE C 991 60.20 29.84 -17.78
CA ILE C 991 59.46 28.67 -17.41
C ILE C 991 58.12 29.09 -16.83
N ALA C 992 58.16 30.15 -16.01
CA ALA C 992 56.94 30.70 -15.41
C ALA C 992 56.07 31.36 -16.46
N ASN C 993 56.66 31.74 -17.59
CA ASN C 993 55.86 32.29 -18.64
C ASN C 993 55.05 31.18 -19.26
N ALA C 994 55.63 29.99 -19.36
CA ALA C 994 54.84 28.86 -19.82
C ALA C 994 53.72 28.56 -18.84
N PHE C 995 53.98 28.76 -17.53
CA PHE C 995 52.90 28.61 -16.55
C PHE C 995 51.83 29.64 -16.75
N ASN C 996 52.20 30.84 -17.20
CA ASN C 996 51.22 31.84 -17.43
C ASN C 996 50.39 31.51 -18.61
N LYS C 997 51.01 30.93 -19.64
CA LYS C 997 50.26 30.53 -20.80
C LYS C 997 49.23 29.50 -20.44
N ALA C 998 49.62 28.59 -19.54
CA ALA C 998 48.70 27.58 -19.11
C ALA C 998 47.53 28.20 -18.35
N LEU C 999 47.83 29.21 -17.54
CA LEU C 999 46.76 29.88 -16.83
C LEU C 999 45.80 30.55 -17.75
N LEU C 1000 46.32 31.14 -18.81
CA LEU C 1000 45.43 31.77 -19.74
C LEU C 1000 44.52 30.78 -20.42
N SER C 1001 45.06 29.61 -20.76
CA SER C 1001 44.22 28.64 -21.41
C SER C 1001 43.12 28.09 -20.53
N ILE C 1002 43.39 27.97 -19.22
CA ILE C 1002 42.31 27.53 -18.38
C ILE C 1002 41.29 28.62 -18.18
N GLN C 1003 41.73 29.88 -18.24
CA GLN C 1003 40.79 30.97 -18.15
C GLN C 1003 39.86 31.00 -19.33
N ASN C 1004 40.37 30.64 -20.51
CA ASN C 1004 39.49 30.61 -21.65
C ASN C 1004 38.97 29.20 -21.93
N GLY C 1005 39.25 28.27 -21.03
CA GLY C 1005 38.72 26.93 -21.18
C GLY C 1005 37.22 26.92 -20.91
N PHE C 1006 36.72 27.98 -20.27
CA PHE C 1006 35.34 28.05 -19.92
C PHE C 1006 34.54 28.78 -20.98
N THR C 1007 35.16 29.10 -22.11
CA THR C 1007 34.44 29.76 -23.18
C THR C 1007 33.72 28.78 -24.08
N ALA C 1008 33.98 27.49 -23.90
CA ALA C 1008 33.28 26.48 -24.67
C ALA C 1008 32.99 25.28 -23.78
N THR C 1009 33.65 24.15 -24.05
CA THR C 1009 33.46 22.96 -23.23
C THR C 1009 34.77 22.46 -22.67
N ASN C 1010 34.97 22.63 -21.37
CA ASN C 1010 36.15 22.09 -20.71
C ASN C 1010 35.84 20.79 -20.00
N SER C 1011 34.68 20.21 -20.28
CA SER C 1011 34.15 18.99 -19.66
C SER C 1011 33.72 19.21 -18.21
N ALA C 1012 34.59 19.75 -17.36
CA ALA C 1012 34.24 19.98 -15.97
C ALA C 1012 33.08 20.93 -15.79
N LEU C 1013 32.90 21.94 -16.66
CA LEU C 1013 31.73 22.79 -16.49
C LEU C 1013 30.48 22.00 -16.71
N ALA C 1014 30.53 21.09 -17.68
CA ALA C 1014 29.39 20.27 -17.95
C ALA C 1014 29.11 19.38 -16.78
N LYS C 1015 30.17 18.94 -16.11
CA LYS C 1015 29.96 18.12 -14.94
C LYS C 1015 29.28 18.90 -13.85
N ILE C 1016 29.61 20.18 -13.72
CA ILE C 1016 28.98 20.98 -12.71
C ILE C 1016 27.53 21.14 -13.01
N GLN C 1017 27.23 21.39 -14.28
CA GLN C 1017 25.87 21.54 -14.69
C GLN C 1017 25.09 20.27 -14.51
N SER C 1018 25.71 19.13 -14.78
CA SER C 1018 24.99 17.89 -14.60
C SER C 1018 24.65 17.66 -13.16
N VAL C 1019 25.47 18.16 -12.24
CA VAL C 1019 25.13 18.04 -10.85
C VAL C 1019 23.94 18.88 -10.51
N VAL C 1020 23.94 20.11 -10.97
CA VAL C 1020 22.83 20.99 -10.70
C VAL C 1020 21.56 20.52 -11.34
N ASN C 1021 21.68 20.03 -12.56
CA ASN C 1021 20.53 19.61 -13.30
C ASN C 1021 19.94 18.35 -12.75
N ALA C 1022 20.78 17.41 -12.38
CA ALA C 1022 20.27 16.17 -11.82
C ALA C 1022 19.56 16.42 -10.52
N ASN C 1023 20.06 17.37 -9.75
CA ASN C 1023 19.44 17.63 -8.49
C ASN C 1023 18.12 18.32 -8.65
N ALA C 1024 18.08 19.28 -9.58
CA ALA C 1024 16.84 19.95 -9.84
C ALA C 1024 15.84 18.98 -10.40
N GLN C 1025 16.31 18.08 -11.25
CA GLN C 1025 15.44 17.10 -11.84
C GLN C 1025 14.86 16.15 -10.84
N ALA C 1026 15.65 15.77 -9.84
CA ALA C 1026 15.10 14.89 -8.85
C ALA C 1026 13.97 15.56 -8.12
N LEU C 1027 14.16 16.83 -7.80
CA LEU C 1027 13.12 17.56 -7.13
C LEU C 1027 11.91 17.77 -7.99
N ASN C 1028 12.13 17.90 -9.29
CA ASN C 1028 11.00 18.09 -10.17
C ASN C 1028 10.19 16.85 -10.26
N SER C 1029 10.85 15.71 -10.37
CA SER C 1029 10.09 14.49 -10.44
C SER C 1029 9.33 14.24 -9.17
N LEU C 1030 9.89 14.68 -8.04
CA LEU C 1030 9.17 14.53 -6.79
C LEU C 1030 7.95 15.39 -6.80
N LEU C 1031 8.09 16.62 -7.28
CA LEU C 1031 6.98 17.53 -7.35
C LEU C 1031 5.85 17.01 -8.19
N GLN C 1032 6.19 16.32 -9.28
CA GLN C 1032 5.13 15.86 -10.15
C GLN C 1032 4.43 14.64 -9.64
N GLN C 1033 4.94 14.02 -8.58
CA GLN C 1033 4.22 12.88 -8.05
C GLN C 1033 2.94 13.30 -7.42
N LEU C 1034 2.82 14.58 -7.10
CA LEU C 1034 1.61 15.07 -6.51
C LEU C 1034 0.43 14.94 -7.44
N PHE C 1035 0.68 14.90 -8.74
CA PHE C 1035 -0.44 14.85 -9.62
C PHE C 1035 -0.77 13.46 -10.11
N ASN C 1036 -0.05 12.43 -9.65
CA ASN C 1036 -0.42 11.08 -10.01
C ASN C 1036 -1.63 10.66 -9.22
N LYS C 1037 -2.59 10.03 -9.86
CA LYS C 1037 -3.75 9.60 -9.09
C LYS C 1037 -3.44 8.52 -8.08
N PHE C 1038 -2.51 7.61 -8.41
CA PHE C 1038 -2.21 6.51 -7.53
C PHE C 1038 -3.46 5.70 -7.24
N GLY C 1039 -4.42 5.67 -8.17
CA GLY C 1039 -5.69 5.14 -7.75
C GLY C 1039 -6.81 5.98 -8.28
N ALA C 1040 -7.77 6.25 -7.40
CA ALA C 1040 -9.00 6.96 -7.64
C ALA C 1040 -8.83 8.33 -8.28
N ILE C 1041 -9.88 8.69 -8.98
CA ILE C 1041 -10.04 9.86 -9.82
C ILE C 1041 -9.84 11.16 -9.11
N SER C 1042 -9.30 12.13 -9.86
CA SER C 1042 -8.99 13.46 -9.34
C SER C 1042 -7.85 13.41 -8.39
N SER C 1043 -6.66 13.25 -8.97
CA SER C 1043 -5.44 13.06 -8.23
C SER C 1043 -5.17 14.04 -7.10
N SER C 1044 -5.83 15.20 -7.04
CA SER C 1044 -5.53 15.96 -5.87
C SER C 1044 -6.62 16.79 -5.20
N LEU C 1045 -6.35 16.99 -3.92
CA LEU C 1045 -6.98 17.89 -2.97
C LEU C 1045 -8.50 17.95 -2.96
N GLN C 1046 -9.01 19.18 -3.04
CA GLN C 1046 -10.41 19.48 -2.91
C GLN C 1046 -11.25 18.94 -4.00
N GLU C 1047 -10.66 18.48 -5.10
CA GLU C 1047 -11.52 17.99 -6.14
C GLU C 1047 -12.30 16.78 -5.65
N ILE C 1048 -11.65 15.94 -4.85
CA ILE C 1048 -12.32 14.79 -4.30
C ILE C 1048 -13.30 15.22 -3.24
N LEU C 1049 -12.83 16.13 -2.40
CA LEU C 1049 -13.67 16.61 -1.33
C LEU C 1049 -14.91 17.30 -1.82
N SER C 1050 -14.79 18.04 -2.92
CA SER C 1050 -15.93 18.74 -3.43
C SER C 1050 -17.03 17.82 -3.87
N ARG C 1051 -16.68 16.69 -4.46
CA ARG C 1051 -17.74 15.77 -4.80
C ARG C 1051 -18.33 14.99 -3.65
N LEU C 1052 -17.51 14.63 -2.68
CA LEU C 1052 -18.05 13.81 -1.61
C LEU C 1052 -18.00 14.36 -0.18
N ASP C 1053 -16.81 14.72 0.30
CA ASP C 1053 -16.68 15.24 1.66
C ASP C 1053 -17.28 14.31 2.72
N ASN C 1054 -17.00 13.02 2.61
CA ASN C 1054 -17.59 12.03 3.51
C ASN C 1054 -16.65 10.87 3.72
N LEU C 1055 -17.09 9.88 4.50
CA LEU C 1055 -16.26 8.73 4.78
C LEU C 1055 -15.73 8.04 3.53
N GLU C 1056 -16.54 7.98 2.46
CA GLU C 1056 -16.05 7.39 1.23
C GLU C 1056 -14.86 8.17 0.69
N ALA C 1057 -14.95 9.50 0.77
CA ALA C 1057 -13.87 10.33 0.31
C ALA C 1057 -12.64 10.09 1.12
N GLN C 1058 -12.82 9.84 2.42
CA GLN C 1058 -11.67 9.61 3.28
C GLN C 1058 -10.93 8.38 2.84
N VAL C 1059 -11.65 7.38 2.37
CA VAL C 1059 -10.99 6.21 1.85
C VAL C 1059 -10.17 6.52 0.63
N GLN C 1060 -10.74 7.35 -0.26
CA GLN C 1060 -10.00 7.68 -1.47
C GLN C 1060 -8.78 8.51 -1.14
N ILE C 1061 -8.92 9.36 -0.12
CA ILE C 1061 -7.82 10.16 0.35
C ILE C 1061 -6.73 9.32 0.91
N ASP C 1062 -7.11 8.25 1.60
CA ASP C 1062 -6.12 7.38 2.16
C ASP C 1062 -5.28 6.78 1.09
N ARG C 1063 -5.91 6.41 -0.02
CA ARG C 1063 -5.13 5.86 -1.10
C ARG C 1063 -4.13 6.88 -1.62
N LEU C 1064 -4.58 8.13 -1.71
CA LEU C 1064 -3.71 9.19 -2.16
C LEU C 1064 -2.55 9.39 -1.23
N ILE C 1065 -2.83 9.31 0.06
CA ILE C 1065 -1.80 9.46 1.06
C ILE C 1065 -0.76 8.41 0.96
N ASN C 1066 -1.18 7.20 0.65
CA ASN C 1066 -0.22 6.14 0.57
C ASN C 1066 0.70 6.35 -0.58
N GLY C 1067 0.16 6.77 -1.72
CA GLY C 1067 1.04 7.00 -2.84
C GLY C 1067 2.00 8.14 -2.61
N ARG C 1068 1.54 9.19 -1.93
CA ARG C 1068 2.44 10.30 -1.70
C ARG C 1068 3.51 9.97 -0.71
N LEU C 1069 3.18 9.21 0.33
CA LEU C 1069 4.19 8.82 1.26
C LEU C 1069 5.19 7.91 0.62
N THR C 1070 4.72 7.06 -0.28
CA THR C 1070 5.62 6.15 -0.95
C THR C 1070 6.62 6.89 -1.79
N ALA C 1071 6.17 7.97 -2.44
CA ALA C 1071 7.10 8.74 -3.23
C ALA C 1071 8.14 9.37 -2.36
N LEU C 1072 7.74 9.86 -1.19
CA LEU C 1072 8.68 10.44 -0.28
C LEU C 1072 9.68 9.46 0.23
N ASN C 1073 9.25 8.23 0.42
CA ASN C 1073 10.14 7.25 0.95
C ASN C 1073 11.21 6.92 -0.03
N ALA C 1074 10.81 6.78 -1.29
CA ALA C 1074 11.77 6.51 -2.31
C ALA C 1074 12.76 7.63 -2.45
N TYR C 1075 12.26 8.87 -2.38
CA TYR C 1075 13.12 10.01 -2.51
C TYR C 1075 14.15 10.08 -1.44
N VAL C 1076 13.74 9.82 -0.22
CA VAL C 1076 14.66 9.89 0.87
C VAL C 1076 15.72 8.85 0.79
N SER C 1077 15.34 7.62 0.46
CA SER C 1077 16.35 6.59 0.38
C SER C 1077 17.34 6.87 -0.71
N GLN C 1078 16.89 7.52 -1.78
CA GLN C 1078 17.80 7.87 -2.82
C GLN C 1078 18.82 8.86 -2.36
N GLN C 1079 18.36 9.86 -1.61
CA GLN C 1079 19.27 10.86 -1.11
C GLN C 1079 20.25 10.33 -0.14
N LEU C 1080 19.82 9.36 0.66
CA LEU C 1080 20.74 8.78 1.60
C LEU C 1080 21.84 8.05 0.87
N SER C 1081 21.49 7.32 -0.17
CA SER C 1081 22.50 6.66 -0.92
C SER C 1081 23.42 7.63 -1.65
N ASP C 1082 22.84 8.73 -2.12
CA ASP C 1082 23.63 9.67 -2.86
C ASP C 1082 24.65 10.37 -2.03
N ILE C 1083 24.27 10.76 -0.82
CA ILE C 1083 25.25 11.38 0.02
C ILE C 1083 26.36 10.46 0.40
N THR C 1084 26.08 9.16 0.47
CA THR C 1084 27.17 8.26 0.80
C THR C 1084 28.20 8.25 -0.31
N LEU C 1085 27.73 8.31 -1.55
CA LEU C 1085 28.66 8.37 -2.66
C LEU C 1085 29.46 9.64 -2.63
N ILE C 1086 28.79 10.74 -2.32
CA ILE C 1086 29.43 12.02 -2.24
C ILE C 1086 30.47 12.07 -1.18
N LYS C 1087 30.17 11.45 -0.05
CA LYS C 1087 31.10 11.41 1.05
C LYS C 1087 32.38 10.73 0.66
N ALA C 1088 32.27 9.67 -0.13
CA ALA C 1088 33.48 9.01 -0.58
C ALA C 1088 34.31 9.92 -1.44
N GLY C 1089 33.64 10.65 -2.35
CA GLY C 1089 34.37 11.55 -3.19
C GLY C 1089 34.99 12.68 -2.41
N ALA C 1090 34.28 13.11 -1.36
CA ALA C 1090 34.79 14.17 -0.55
C ALA C 1090 36.08 13.80 0.11
N SER C 1091 36.16 12.56 0.60
CA SER C 1091 37.40 12.17 1.24
C SER C 1091 38.56 12.13 0.29
N ARG C 1092 38.29 11.79 -0.98
CA ARG C 1092 39.38 11.80 -1.94
C ARG C 1092 39.88 13.19 -2.19
N ALA C 1093 38.95 14.14 -2.25
CA ALA C 1093 39.33 15.51 -2.47
C ALA C 1093 40.13 16.06 -1.33
N ILE C 1094 39.78 15.65 -0.12
CA ILE C 1094 40.49 16.10 1.03
C ILE C 1094 41.90 15.60 1.06
N GLU C 1095 42.07 14.34 0.73
CA GLU C 1095 43.40 13.84 0.73
C GLU C 1095 44.24 14.50 -0.35
N LYS C 1096 43.65 14.74 -1.52
CA LYS C 1096 44.40 15.37 -2.59
C LYS C 1096 44.85 16.77 -2.28
N VAL C 1097 43.99 17.58 -1.67
CA VAL C 1097 44.43 18.92 -1.31
C VAL C 1097 45.51 18.88 -0.26
N ASN C 1098 45.52 17.84 0.57
CA ASN C 1098 46.54 17.77 1.58
C ASN C 1098 47.75 17.01 1.11
N GLU C 1099 47.76 16.64 -0.16
CA GLU C 1099 48.91 15.96 -0.66
C GLU C 1099 49.44 16.62 -1.88
N CYS C 1100 48.69 16.52 -2.98
CA CYS C 1100 49.16 17.06 -4.23
C CYS C 1100 49.30 18.58 -4.18
N VAL C 1101 48.48 19.25 -3.37
CA VAL C 1101 48.61 20.70 -3.32
C VAL C 1101 49.48 21.23 -2.20
N LYS C 1102 49.15 20.88 -0.97
CA LYS C 1102 49.92 21.37 0.19
C LYS C 1102 51.35 20.90 0.36
N SER C 1103 51.75 19.79 -0.26
CA SER C 1103 53.11 19.33 0.01
C SER C 1103 53.73 18.56 -1.13
N GLN C 1104 55.02 18.30 -1.02
CA GLN C 1104 55.68 17.48 -2.01
C GLN C 1104 55.08 16.10 -1.90
N SER C 1105 55.00 15.38 -3.01
CA SER C 1105 54.49 14.02 -2.91
C SER C 1105 55.54 12.98 -3.16
N PRO C 1106 55.77 12.11 -2.18
CA PRO C 1106 56.52 10.88 -2.35
C PRO C 1106 55.77 9.94 -3.25
N ARG C 1107 54.44 10.07 -3.24
CA ARG C 1107 53.62 9.22 -4.08
C ARG C 1107 53.93 9.56 -5.50
N ILE C 1108 53.87 8.57 -6.37
CA ILE C 1108 54.18 8.84 -7.76
C ILE C 1108 52.95 9.04 -8.61
N ASN C 1109 52.03 8.09 -8.59
CA ASN C 1109 50.83 8.30 -9.36
C ASN C 1109 49.65 8.75 -8.54
N PHE C 1110 49.86 9.04 -7.25
CA PHE C 1110 48.77 9.66 -6.53
C PHE C 1110 48.69 10.98 -7.24
N CYS C 1111 47.50 11.51 -7.48
CA CYS C 1111 47.43 12.74 -8.24
C CYS C 1111 47.98 12.33 -9.61
N GLY C 1112 47.26 11.42 -10.25
CA GLY C 1112 47.67 10.71 -11.47
C GLY C 1112 47.54 11.47 -12.78
N ASN C 1113 47.49 10.71 -13.87
CA ASN C 1113 47.50 11.24 -15.23
C ASN C 1113 48.77 12.01 -15.53
N GLY C 1114 49.90 11.37 -15.22
CA GLY C 1114 51.23 11.89 -15.46
C GLY C 1114 51.80 12.63 -14.26
N ASN C 1115 53.03 13.11 -14.42
CA ASN C 1115 53.78 13.81 -13.39
C ASN C 1115 53.19 15.17 -13.10
N HIS C 1116 53.17 15.59 -11.84
CA HIS C 1116 52.69 16.93 -11.55
C HIS C 1116 53.80 17.78 -11.03
N ILE C 1117 53.98 18.92 -11.66
CA ILE C 1117 54.97 19.85 -11.22
C ILE C 1117 54.34 20.73 -10.16
N LEU C 1118 53.18 21.23 -10.50
CA LEU C 1118 52.45 22.11 -9.62
C LEU C 1118 50.99 21.78 -9.52
N SER C 1119 50.41 21.87 -8.33
CA SER C 1119 48.97 21.74 -8.26
C SER C 1119 48.38 22.82 -7.38
N LEU C 1120 47.23 23.33 -7.80
CA LEU C 1120 46.50 24.38 -7.12
C LEU C 1120 45.04 24.01 -6.91
N VAL C 1121 44.40 24.63 -5.94
CA VAL C 1121 42.99 24.35 -5.70
C VAL C 1121 42.17 25.63 -5.69
N GLN C 1122 40.91 25.54 -6.08
CA GLN C 1122 40.07 26.71 -6.13
C GLN C 1122 38.61 26.40 -5.77
N ASN C 1123 37.91 27.40 -5.24
CA ASN C 1123 36.51 27.24 -4.90
C ASN C 1123 35.64 27.13 -6.16
N ALA C 1124 34.65 26.25 -6.12
CA ALA C 1124 33.71 26.07 -7.22
C ALA C 1124 32.39 25.70 -6.61
N PRO C 1125 31.26 25.81 -7.30
CA PRO C 1125 30.00 25.50 -6.71
C PRO C 1125 30.07 24.04 -6.38
N TYR C 1126 29.51 23.66 -5.25
CA TYR C 1126 29.41 22.27 -4.86
C TYR C 1126 30.74 21.52 -4.84
N GLY C 1127 31.87 22.21 -4.78
CA GLY C 1127 33.09 21.43 -4.83
C GLY C 1127 34.36 22.25 -4.84
N LEU C 1128 35.45 21.53 -5.02
CA LEU C 1128 36.76 22.11 -5.13
C LEU C 1128 37.22 21.93 -6.54
N LEU C 1129 37.99 22.84 -7.04
CA LEU C 1129 38.47 22.68 -8.38
C LEU C 1129 39.97 22.62 -8.34
N PHE C 1130 40.52 21.69 -9.07
CA PHE C 1130 41.96 21.60 -9.06
C PHE C 1130 42.56 21.99 -10.37
N ILE C 1131 43.78 22.48 -10.29
CA ILE C 1131 44.56 22.90 -11.42
C ILE C 1131 45.87 22.18 -11.39
N HIS C 1132 46.35 21.72 -12.53
CA HIS C 1132 47.63 21.07 -12.49
C HIS C 1132 48.50 21.53 -13.60
N PHE C 1133 49.80 21.41 -13.40
CA PHE C 1133 50.75 21.78 -14.42
C PHE C 1133 51.77 20.69 -14.60
N SER C 1134 52.05 20.35 -15.86
CA SER C 1134 53.03 19.33 -16.15
C SER C 1134 53.62 19.45 -17.54
#